data_8DWY
#
_entry.id   8DWY
#
_cell.length_a   1.00
_cell.length_b   1.00
_cell.length_c   1.00
_cell.angle_alpha   90.00
_cell.angle_beta   90.00
_cell.angle_gamma   90.00
#
_symmetry.space_group_name_H-M   'P 1'
#
loop_
_entity.id
_entity.type
_entity.pdbx_description
1 polymer 'E1 glycoprotein'
2 polymer 'E2 glycoprotein'
3 polymer 'Capsid protein'
4 polymer 'CHK-265 heavy chain'
5 polymer 'CHK-265 light chain'
6 non-polymer 2-acetamido-2-deoxy-beta-D-glucopyranose
#
loop_
_entity_poly.entity_id
_entity_poly.type
_entity_poly.pdbx_seq_one_letter_code
_entity_poly.pdbx_strand_id
1 'polypeptide(L)'
;YEHVTVIPNTVGVPYKTLVNRPGYSPMVLEMELQSVTLEPTLSLDYITCEYKTVIPSPYVKCCGTAECKDKSLPDYSCKV
FTGVYPFMWGGAYCFCDAENTQLSEAHVEKSESCKTEFASAYRAHTASASAKLRVLYQGNNITVAAYANGDHAVTVKDAK
FVVGPMSSAWTPFDNKIVVYKGDVYNMDYPPFGAGRPGQFGDIQSRTPESKDVYANTQLVLQRPAAGTVHVPYSQAPSGF
KYWLKERGASLQHTAPFGCQIATNPVRAVNCAVGNIPISIDIPDAAFTRVVDAPSVTDMSCEVPACTHSSDFGGVAIIKY
TASKKGKCAVHSMTNAVTIREADVEVEGNSQLQISFSTALASAEFRVQVCSTQVHCAAACHPPKDHIVNYPASHTTLGVQ
DISTTAMSWVQKITGGVGLIVAVAALILIVVLCVSFSRH
;
A,B,C,D
2 'polypeptide(L)'
;NFNVYKATRPYLAHCPDCGEGHSCHSPIALERIRNEATDGTLKIQVSLQIGIKTDDSHDWTKLRYMDSHTPADAERAGLL
VRTSAPCTITGTMGHFILARCPKGETLTVGFTDSRKISHTCTHPFHHEPPVIGRERFHSRPQHGKELPCSTYVQSTAATA
EEIEVHMPPDTPDRTLMTQQSGNVKITVNGQTVRYKCNCGGSNEGLTTTDKVINNCKIDQCHAAVTNHKNWQYNSPLVPR
NAELGDRKGKIHIPFPLANVTCRVPKARNPTVTYGKNQVTMLLYPDHPTLLSYRNMGQEPNYHEEWVTHKKEVTLTVPTE
GLEVTWGNNEPYKYWPQMSTNGTAHGHPHEIILYYYELYPTMTVVIVSVASFVLLSMVGTAVGMCVCARRRCITPYELTP
GATVPFLLSLLCCVRTTKA
;
M,N,O,P
3 'polypeptide(L)'
;NDCIFEVKHEGKVMGYACLVGDKVMKPAHVKGTIDNADLAKLAFKRSSKYDLECAQIPVHMKSDASKFTHEKPEGYYNWH
HGAVQYSGGRFTIPTGAGKPGDSGRPIFDNKGRVVAIVLGGANEGARTALSVVTWNKDIVTKITPEGAEEW
;
Q,R,S,T
4 'polypeptide(L)'
;QIQLVQSGREVKNPGETVKISCKASGYTFTEYPMLWVKQAPGKGFRWMGLIYTNTGEPTYAEEFKGRFVFSLEISASTAY
LQINNLTNEDTATYFCVRDYFISLDYWGQGTTLTVSS
;
H,V,X,Z
5 'polypeptide(L)'
;QAVVTQESALTTSPGETVTLTCRSNIGAVTSSNCANWVQEKPDHFFTGLIGDTNNRRSGVPARFSGSLIGDKAALTITGA
QTEDEAIYFCALWYNNLWVFGGGTKLTVL
;
L,U,W,Y
#
loop_
_chem_comp.id
_chem_comp.type
_chem_comp.name
_chem_comp.formula
NAG D-saccharide, beta linking 2-acetamido-2-deoxy-beta-D-glucopyranose 'C8 H15 N O6'
#
# COMPACT_ATOMS: atom_id res chain seq x y z
N TYR A 1 -64.14 37.24 54.90
CA TYR A 1 -62.80 37.46 55.45
C TYR A 1 -61.77 36.84 54.50
N GLU A 2 -60.82 37.65 54.05
CA GLU A 2 -59.85 37.25 53.04
C GLU A 2 -58.50 36.92 53.65
N HIS A 3 -57.77 36.05 52.97
CA HIS A 3 -56.48 35.56 53.42
C HIS A 3 -55.61 35.29 52.21
N VAL A 4 -54.34 35.71 52.28
CA VAL A 4 -53.41 35.58 51.16
C VAL A 4 -52.13 34.94 51.65
N THR A 5 -51.58 34.01 50.84
CA THR A 5 -50.38 33.27 51.18
C THR A 5 -49.54 33.05 49.92
N VAL A 6 -48.32 32.59 50.12
CA VAL A 6 -47.41 32.20 49.04
C VAL A 6 -46.81 30.85 49.38
N ILE A 7 -46.89 29.90 48.46
CA ILE A 7 -46.31 28.57 48.67
C ILE A 7 -45.36 28.23 47.53
N PRO A 8 -44.30 27.47 47.78
CA PRO A 8 -43.33 27.16 46.72
C PRO A 8 -43.85 26.08 45.77
N ASN A 9 -43.11 25.91 44.67
CA ASN A 9 -43.50 25.03 43.58
C ASN A 9 -42.72 23.72 43.68
N THR A 10 -43.13 22.88 44.63
CA THR A 10 -42.55 21.55 44.80
C THR A 10 -43.68 20.54 44.96
N VAL A 11 -43.70 19.53 44.11
CA VAL A 11 -44.78 18.56 44.07
C VAL A 11 -44.51 17.45 45.09
N GLY A 12 -45.50 17.16 45.92
CA GLY A 12 -45.42 16.08 46.87
C GLY A 12 -45.02 16.44 48.29
N VAL A 13 -45.09 17.71 48.66
CA VAL A 13 -44.73 18.15 50.01
C VAL A 13 -45.86 19.01 50.55
N PRO A 14 -46.46 18.66 51.68
CA PRO A 14 -47.54 19.49 52.24
C PRO A 14 -47.01 20.74 52.91
N TYR A 15 -47.89 21.74 53.00
CA TYR A 15 -47.58 23.00 53.65
C TYR A 15 -48.76 23.40 54.53
N LYS A 16 -48.49 24.25 55.52
CA LYS A 16 -49.50 24.66 56.48
C LYS A 16 -49.49 26.17 56.68
N THR A 17 -50.67 26.72 56.93
CA THR A 17 -50.87 28.15 57.13
C THR A 17 -51.85 28.38 58.26
N LEU A 18 -51.78 29.57 58.87
CA LEU A 18 -52.64 29.92 59.99
C LEU A 18 -53.54 31.08 59.61
N VAL A 19 -54.84 30.91 59.85
CA VAL A 19 -55.85 31.95 59.65
C VAL A 19 -56.49 32.25 60.99
N ASN A 20 -56.48 33.52 61.40
CA ASN A 20 -57.08 33.91 62.66
C ASN A 20 -57.66 35.31 62.58
N ARG A 21 -58.79 35.51 63.26
CA ARG A 21 -59.43 36.81 63.37
C ARG A 21 -59.69 37.03 64.86
N PRO A 22 -59.40 38.21 65.40
CA PRO A 22 -59.60 38.43 66.83
C PRO A 22 -61.06 38.19 67.23
N GLY A 23 -61.23 37.53 68.37
CA GLY A 23 -62.55 37.25 68.90
C GLY A 23 -63.07 35.84 68.66
N TYR A 24 -62.38 35.05 67.83
CA TYR A 24 -62.84 33.71 67.52
C TYR A 24 -61.65 32.74 67.56
N SER A 25 -61.97 31.46 67.57
CA SER A 25 -60.94 30.43 67.61
C SER A 25 -60.18 30.39 66.28
N PRO A 26 -58.87 30.13 66.31
CA PRO A 26 -58.10 30.04 65.08
C PRO A 26 -58.32 28.72 64.34
N MET A 27 -57.96 28.74 63.06
CA MET A 27 -58.07 27.58 62.18
C MET A 27 -56.74 27.37 61.47
N VAL A 28 -56.45 26.12 61.14
CA VAL A 28 -55.23 25.75 60.42
C VAL A 28 -55.60 24.92 59.20
N LEU A 29 -55.01 25.24 58.06
CA LEU A 29 -55.23 24.53 56.81
C LEU A 29 -53.95 23.87 56.33
N GLU A 30 -54.10 22.81 55.55
CA GLU A 30 -52.98 22.10 54.94
C GLU A 30 -53.27 21.88 53.46
N MET A 31 -52.26 22.11 52.63
CA MET A 31 -52.40 22.05 51.18
C MET A 31 -51.25 21.27 50.56
N GLU A 32 -51.54 20.57 49.47
CA GLU A 32 -50.54 19.79 48.75
C GLU A 32 -50.96 19.65 47.30
N LEU A 33 -50.05 19.97 46.38
CA LEU A 33 -50.37 20.02 44.96
C LEU A 33 -49.81 18.80 44.24
N GLN A 34 -50.45 18.43 43.13
CA GLN A 34 -50.21 17.15 42.50
C GLN A 34 -49.75 17.22 41.04
N SER A 35 -50.07 18.29 40.31
CA SER A 35 -49.59 18.41 38.94
C SER A 35 -49.68 19.85 38.47
N VAL A 36 -48.76 20.24 37.59
CA VAL A 36 -48.75 21.53 36.91
C VAL A 36 -48.42 21.30 35.45
N THR A 37 -49.18 21.91 34.54
CA THR A 37 -49.06 21.65 33.11
C THR A 37 -48.93 22.95 32.33
N LEU A 38 -48.06 22.95 31.33
CA LEU A 38 -47.88 24.07 30.42
C LEU A 38 -48.21 23.65 28.99
N GLU A 39 -48.77 24.59 28.22
CA GLU A 39 -49.23 24.28 26.87
C GLU A 39 -49.05 25.48 25.93
N PRO A 40 -48.14 25.40 24.98
CA PRO A 40 -47.89 26.53 24.08
C PRO A 40 -48.90 26.56 22.92
N THR A 41 -48.76 27.59 22.08
CA THR A 41 -49.60 27.79 20.90
C THR A 41 -48.76 27.56 19.65
N LEU A 42 -49.33 26.85 18.67
CA LEU A 42 -48.59 26.31 17.55
C LEU A 42 -49.13 26.78 16.22
N SER A 43 -48.24 26.85 15.22
CA SER A 43 -48.58 27.14 13.85
C SER A 43 -47.72 26.28 12.94
N LEU A 44 -48.26 25.94 11.77
CA LEU A 44 -47.65 24.98 10.88
C LEU A 44 -46.98 25.68 9.69
N ASP A 45 -45.79 25.20 9.32
CA ASP A 45 -45.08 25.70 8.15
C ASP A 45 -45.10 24.73 6.98
N TYR A 46 -44.63 23.49 7.17
CA TYR A 46 -44.69 22.49 6.11
C TYR A 46 -44.45 21.11 6.70
N ILE A 47 -44.70 20.09 5.87
CA ILE A 47 -44.48 18.69 6.23
C ILE A 47 -43.60 18.03 5.17
N THR A 48 -42.98 16.92 5.54
CA THR A 48 -42.01 16.24 4.69
C THR A 48 -42.17 14.74 4.78
N CYS A 49 -41.77 14.04 3.71
CA CYS A 49 -41.83 12.59 3.64
C CYS A 49 -40.95 12.12 2.49
N GLU A 50 -41.08 10.85 2.12
CA GLU A 50 -40.28 10.23 1.08
C GLU A 50 -40.84 10.55 -0.31
N TYR A 51 -40.06 10.22 -1.34
CA TYR A 51 -40.40 10.57 -2.71
C TYR A 51 -40.35 9.34 -3.61
N LYS A 52 -40.88 9.50 -4.82
CA LYS A 52 -40.99 8.43 -5.80
C LYS A 52 -40.52 8.92 -7.17
N THR A 53 -39.93 8.02 -7.95
CA THR A 53 -39.48 8.31 -9.31
C THR A 53 -40.29 7.49 -10.30
N VAL A 54 -40.77 8.15 -11.36
CA VAL A 54 -41.60 7.53 -12.38
C VAL A 54 -40.82 7.48 -13.69
N ILE A 55 -40.72 6.29 -14.26
CA ILE A 55 -39.95 6.08 -15.50
C ILE A 55 -40.81 5.35 -16.52
N PRO A 56 -41.23 5.99 -17.60
CA PRO A 56 -41.99 5.29 -18.65
C PRO A 56 -41.06 4.57 -19.62
N SER A 57 -41.68 3.77 -20.48
CA SER A 57 -40.92 2.90 -21.37
C SER A 57 -40.20 3.72 -22.44
N PRO A 58 -38.98 3.34 -22.81
CA PRO A 58 -38.22 4.11 -23.80
C PRO A 58 -38.80 3.97 -25.20
N TYR A 59 -38.41 4.90 -26.06
CA TYR A 59 -38.85 4.95 -27.45
C TYR A 59 -37.64 4.76 -28.35
N VAL A 60 -37.68 3.75 -29.20
CA VAL A 60 -36.58 3.42 -30.10
C VAL A 60 -37.03 3.66 -31.53
N LYS A 61 -36.35 4.57 -32.21
CA LYS A 61 -36.64 4.90 -33.60
C LYS A 61 -35.40 4.63 -34.43
N CYS A 62 -35.52 3.74 -35.41
CA CYS A 62 -34.39 3.33 -36.22
C CYS A 62 -34.45 3.98 -37.60
N CYS A 63 -33.27 4.24 -38.16
CA CYS A 63 -33.12 4.92 -39.44
C CYS A 63 -33.79 6.30 -39.41
N GLY A 64 -33.48 7.07 -38.37
CA GLY A 64 -34.07 8.38 -38.22
C GLY A 64 -33.48 9.14 -37.05
N THR A 65 -34.21 10.17 -36.62
CA THR A 65 -33.80 10.99 -35.49
C THR A 65 -35.04 11.47 -34.74
N ALA A 66 -35.00 11.36 -33.42
CA ALA A 66 -36.12 11.77 -32.57
C ALA A 66 -35.87 13.13 -31.93
N GLU A 67 -36.91 13.68 -31.33
CA GLU A 67 -36.82 14.92 -30.57
C GLU A 67 -37.93 14.95 -29.53
N CYS A 68 -37.70 15.72 -28.46
CA CYS A 68 -38.64 15.82 -27.36
C CYS A 68 -38.77 17.27 -26.93
N LYS A 69 -39.90 17.60 -26.31
CA LYS A 69 -40.23 18.94 -25.88
C LYS A 69 -40.21 19.04 -24.35
N ASP A 70 -40.25 20.28 -23.87
CA ASP A 70 -40.21 20.57 -22.44
C ASP A 70 -41.60 20.45 -21.82
N LYS A 71 -41.63 20.20 -20.52
CA LYS A 71 -42.87 20.14 -19.75
C LYS A 71 -42.66 20.84 -18.42
N SER A 72 -43.77 21.02 -17.69
CA SER A 72 -43.78 21.81 -16.47
C SER A 72 -43.76 20.95 -15.20
N LEU A 73 -43.63 19.63 -15.34
CA LEU A 73 -43.60 18.76 -14.18
C LEU A 73 -42.29 18.92 -13.40
N PRO A 74 -42.29 18.64 -12.11
CA PRO A 74 -41.07 18.81 -11.31
C PRO A 74 -39.94 17.89 -11.78
N ASP A 75 -38.73 18.45 -11.80
CA ASP A 75 -37.50 17.70 -12.09
C ASP A 75 -37.62 16.90 -13.40
N TYR A 76 -37.98 17.61 -14.47
CA TYR A 76 -38.13 17.00 -15.78
C TYR A 76 -36.77 16.93 -16.48
N SER A 77 -36.56 15.86 -17.24
CA SER A 77 -35.30 15.67 -17.96
C SER A 77 -35.54 14.89 -19.24
N CYS A 78 -34.80 15.23 -20.29
CA CYS A 78 -34.86 14.52 -21.56
C CYS A 78 -33.47 14.53 -22.21
N LYS A 79 -33.15 13.43 -22.89
CA LYS A 79 -31.91 13.33 -23.66
C LYS A 79 -32.10 12.37 -24.83
N VAL A 80 -31.25 12.53 -25.84
CA VAL A 80 -31.27 11.70 -27.04
C VAL A 80 -29.86 11.15 -27.27
N PHE A 81 -29.75 9.84 -27.47
CA PHE A 81 -28.48 9.18 -27.69
C PHE A 81 -28.42 8.59 -29.10
N THR A 82 -27.20 8.47 -29.64
CA THR A 82 -26.98 7.96 -30.98
C THR A 82 -26.04 6.76 -30.95
N GLY A 83 -26.21 5.88 -31.93
CA GLY A 83 -25.36 4.71 -32.06
C GLY A 83 -25.84 3.47 -31.36
N VAL A 84 -27.14 3.31 -31.17
CA VAL A 84 -27.68 2.18 -30.41
C VAL A 84 -27.99 1.02 -31.36
N TYR A 85 -28.01 -0.19 -30.79
CA TYR A 85 -28.28 -1.41 -31.54
C TYR A 85 -28.83 -2.47 -30.58
N PRO A 86 -30.12 -2.46 -30.31
CA PRO A 86 -30.67 -3.33 -29.25
C PRO A 86 -30.82 -4.78 -29.70
N PHE A 87 -31.01 -5.64 -28.71
CA PHE A 87 -31.23 -7.07 -28.92
C PHE A 87 -32.43 -7.53 -28.11
N MET A 88 -33.10 -8.58 -28.61
CA MET A 88 -34.15 -9.25 -27.86
C MET A 88 -33.89 -10.76 -27.87
N TRP A 89 -34.84 -11.55 -27.39
CA TRP A 89 -34.62 -12.98 -27.26
C TRP A 89 -34.66 -13.71 -28.59
N GLY A 90 -35.22 -13.08 -29.62
CA GLY A 90 -35.28 -13.72 -30.93
C GLY A 90 -34.30 -13.19 -31.95
N GLY A 91 -33.54 -12.15 -31.60
CA GLY A 91 -32.65 -11.52 -32.54
C GLY A 91 -32.70 -10.02 -32.40
N ALA A 92 -32.14 -9.33 -33.40
CA ALA A 92 -32.08 -7.88 -33.39
C ALA A 92 -33.48 -7.29 -33.54
N TYR A 93 -33.62 -6.03 -33.12
CA TYR A 93 -34.91 -5.37 -33.16
C TYR A 93 -35.21 -4.78 -34.54
N CYS A 94 -34.31 -3.95 -35.07
CA CYS A 94 -34.56 -3.21 -36.29
C CYS A 94 -33.48 -3.44 -37.33
N PHE A 95 -33.87 -3.32 -38.60
CA PHE A 95 -33.01 -3.68 -39.72
C PHE A 95 -31.76 -2.82 -39.78
N CYS A 96 -31.94 -1.49 -39.75
CA CYS A 96 -30.80 -0.59 -39.88
C CYS A 96 -29.79 -0.82 -38.76
N ASP A 97 -28.52 -0.92 -39.13
CA ASP A 97 -27.45 -1.16 -38.16
C ASP A 97 -26.79 0.13 -37.68
N ALA A 98 -27.29 1.28 -38.11
CA ALA A 98 -26.78 2.57 -37.67
C ALA A 98 -27.87 3.61 -37.85
N GLU A 99 -27.59 4.84 -37.41
CA GLU A 99 -28.55 5.94 -37.41
C GLU A 99 -29.79 5.63 -36.58
N ASN A 100 -29.58 4.95 -35.45
CA ASN A 100 -30.66 4.69 -34.50
C ASN A 100 -30.50 5.59 -33.28
N THR A 101 -31.63 5.89 -32.62
CA THR A 101 -31.66 6.84 -31.51
C THR A 101 -32.58 6.33 -30.42
N GLN A 102 -32.42 6.90 -29.22
CA GLN A 102 -33.22 6.54 -28.06
C GLN A 102 -33.63 7.81 -27.32
N LEU A 103 -34.79 7.73 -26.65
CA LEU A 103 -35.35 8.84 -25.87
C LEU A 103 -35.64 8.38 -24.46
N SER A 104 -35.24 9.18 -23.46
CA SER A 104 -35.43 8.86 -22.06
C SER A 104 -36.00 10.07 -21.31
N GLU A 105 -36.79 9.79 -20.28
CA GLU A 105 -37.40 10.84 -19.47
C GLU A 105 -37.77 10.29 -18.10
N ALA A 106 -37.90 11.20 -17.13
CA ALA A 106 -38.23 10.86 -15.76
C ALA A 106 -38.58 12.14 -14.99
N HIS A 107 -39.32 11.98 -13.90
CA HIS A 107 -39.69 13.11 -13.05
C HIS A 107 -40.03 12.57 -11.66
N VAL A 108 -40.32 13.49 -10.74
CA VAL A 108 -40.46 13.20 -9.32
C VAL A 108 -41.87 13.57 -8.87
N GLU A 109 -42.43 12.73 -7.99
CA GLU A 109 -43.78 12.90 -7.48
C GLU A 109 -43.75 12.63 -5.97
N LYS A 110 -44.92 12.67 -5.34
CA LYS A 110 -45.05 12.48 -3.90
C LYS A 110 -45.55 11.07 -3.62
N SER A 111 -44.93 10.41 -2.65
CA SER A 111 -45.24 9.01 -2.39
C SER A 111 -46.58 8.88 -1.67
N GLU A 112 -47.16 7.69 -1.77
CA GLU A 112 -48.49 7.46 -1.19
C GLU A 112 -48.45 7.26 0.32
N SER A 113 -47.36 6.70 0.84
CA SER A 113 -47.24 6.42 2.27
C SER A 113 -47.06 7.67 3.12
N CYS A 114 -47.13 8.87 2.54
CA CYS A 114 -47.00 10.09 3.32
C CYS A 114 -48.19 10.33 4.24
N LYS A 115 -49.25 9.54 4.12
CA LYS A 115 -50.40 9.64 5.02
C LYS A 115 -50.19 8.91 6.33
N THR A 116 -49.11 8.13 6.46
CA THR A 116 -48.81 7.44 7.71
C THR A 116 -47.44 7.79 8.28
N GLU A 117 -46.43 7.93 7.44
CA GLU A 117 -45.07 8.28 7.88
C GLU A 117 -44.76 9.70 7.44
N PHE A 118 -44.66 10.62 8.39
CA PHE A 118 -44.34 12.01 8.09
C PHE A 118 -43.86 12.70 9.36
N ALA A 119 -43.30 13.89 9.18
CA ALA A 119 -42.88 14.76 10.27
C ALA A 119 -43.30 16.19 9.96
N SER A 120 -43.48 16.99 11.02
CA SER A 120 -44.06 18.31 10.89
C SER A 120 -43.20 19.36 11.58
N ALA A 121 -43.27 20.59 11.06
CA ALA A 121 -42.51 21.72 11.56
C ALA A 121 -43.45 22.79 12.08
N TYR A 122 -43.12 23.36 13.24
CA TYR A 122 -44.05 24.22 13.97
C TYR A 122 -43.36 25.52 14.40
N ARG A 123 -44.15 26.40 15.01
CA ARG A 123 -43.70 27.63 15.62
C ARG A 123 -44.41 27.81 16.96
N ALA A 124 -43.68 28.25 17.98
CA ALA A 124 -44.18 28.26 19.35
C ALA A 124 -44.34 29.68 19.86
N HIS A 125 -45.26 29.85 20.81
CA HIS A 125 -45.62 31.16 21.34
C HIS A 125 -45.86 31.02 22.84
N THR A 126 -46.57 32.00 23.41
CA THR A 126 -46.84 32.03 24.84
C THR A 126 -47.75 30.87 25.25
N ALA A 127 -47.53 30.37 26.46
CA ALA A 127 -48.23 29.20 26.96
C ALA A 127 -49.18 29.56 28.10
N SER A 128 -50.14 28.67 28.34
CA SER A 128 -51.06 28.77 29.47
C SER A 128 -50.64 27.80 30.57
N ALA A 129 -51.36 27.84 31.69
CA ALA A 129 -50.99 27.03 32.84
C ALA A 129 -52.24 26.58 33.59
N SER A 130 -52.15 25.40 34.21
CA SER A 130 -53.23 24.85 35.01
C SER A 130 -52.62 23.94 36.08
N ALA A 131 -53.41 23.67 37.12
CA ALA A 131 -52.90 22.93 38.26
C ALA A 131 -54.05 22.24 38.99
N LYS A 132 -53.68 21.26 39.82
CA LYS A 132 -54.61 20.49 40.63
C LYS A 132 -54.12 20.44 42.07
N LEU A 133 -55.04 20.58 43.02
CA LEU A 133 -54.69 20.86 44.41
C LEU A 133 -55.53 20.01 45.35
N ARG A 134 -54.96 19.68 46.51
CA ARG A 134 -55.67 19.00 47.58
C ARG A 134 -55.61 19.84 48.84
N VAL A 135 -56.74 19.95 49.54
CA VAL A 135 -56.89 20.80 50.71
C VAL A 135 -57.58 20.00 51.82
N LEU A 136 -57.08 20.13 53.05
CA LEU A 136 -57.67 19.50 54.21
C LEU A 136 -58.47 20.58 54.96
N TYR A 137 -59.79 20.46 54.93
CA TYR A 137 -60.69 21.52 55.40
C TYR A 137 -61.72 20.90 56.34
N GLN A 138 -61.64 21.28 57.62
CA GLN A 138 -62.55 20.78 58.66
C GLN A 138 -62.52 19.26 58.79
N GLY A 139 -61.32 18.69 58.66
CA GLY A 139 -61.18 17.26 58.86
C GLY A 139 -61.54 16.40 57.68
N ASN A 140 -61.59 16.97 56.47
CA ASN A 140 -61.96 16.22 55.28
C ASN A 140 -61.03 16.58 54.14
N ASN A 141 -60.87 15.65 53.20
CA ASN A 141 -60.09 15.88 51.99
C ASN A 141 -61.02 16.28 50.86
N ILE A 142 -60.64 17.34 50.14
CA ILE A 142 -61.35 17.77 48.93
C ILE A 142 -60.33 18.14 47.86
N THR A 143 -60.77 18.10 46.61
CA THR A 143 -59.91 18.37 45.46
C THR A 143 -60.47 19.50 44.62
N VAL A 144 -59.59 20.36 44.12
CA VAL A 144 -59.97 21.51 43.30
C VAL A 144 -59.13 21.50 42.03
N ALA A 145 -59.67 22.15 41.00
CA ALA A 145 -59.02 22.21 39.69
C ALA A 145 -59.35 23.55 39.03
N ALA A 146 -58.32 24.27 38.59
CA ALA A 146 -58.52 25.62 38.11
C ALA A 146 -57.33 26.05 37.25
N TYR A 147 -57.51 27.15 36.53
CA TYR A 147 -56.45 27.73 35.72
C TYR A 147 -55.55 28.61 36.58
N ALA A 148 -54.27 28.66 36.21
CA ALA A 148 -53.27 29.36 37.00
C ALA A 148 -53.16 30.83 36.57
N ASN A 149 -54.29 31.53 36.68
CA ASN A 149 -54.32 32.98 36.59
C ASN A 149 -55.54 33.48 37.37
N GLY A 150 -55.68 34.78 37.44
CA GLY A 150 -56.72 35.38 38.26
C GLY A 150 -58.12 35.37 37.67
N ASP A 151 -58.35 34.55 36.65
CA ASP A 151 -59.61 34.58 35.91
C ASP A 151 -60.45 33.33 36.11
N HIS A 152 -60.27 32.63 37.23
CA HIS A 152 -61.09 31.46 37.51
C HIS A 152 -61.23 31.30 39.02
N ALA A 153 -62.43 30.93 39.45
CA ALA A 153 -62.73 30.74 40.87
C ALA A 153 -63.58 29.51 41.05
N VAL A 154 -63.26 28.71 42.07
CA VAL A 154 -63.92 27.43 42.32
C VAL A 154 -64.46 27.44 43.74
N THR A 155 -65.71 27.00 43.91
CA THR A 155 -66.37 26.98 45.21
C THR A 155 -66.55 25.54 45.68
N VAL A 156 -65.98 25.21 46.83
CA VAL A 156 -66.16 23.91 47.47
C VAL A 156 -66.49 24.16 48.93
N LYS A 157 -67.65 23.65 49.37
CA LYS A 157 -68.15 23.85 50.73
C LYS A 157 -68.19 25.33 51.10
N ASP A 158 -68.76 26.13 50.21
CA ASP A 158 -69.05 27.55 50.45
C ASP A 158 -67.78 28.38 50.64
N ALA A 159 -66.68 28.02 49.96
CA ALA A 159 -65.45 28.79 50.03
C ALA A 159 -64.87 28.92 48.62
N LYS A 160 -64.32 30.10 48.33
CA LYS A 160 -63.79 30.42 47.02
C LYS A 160 -62.27 30.36 47.03
N PHE A 161 -61.69 29.80 45.96
CA PHE A 161 -60.26 29.69 45.79
C PHE A 161 -59.84 30.33 44.49
N VAL A 162 -58.73 31.06 44.51
CA VAL A 162 -58.13 31.67 43.32
C VAL A 162 -56.63 31.42 43.36
N VAL A 163 -56.08 30.91 42.25
CA VAL A 163 -54.67 30.57 42.15
C VAL A 163 -54.05 31.33 40.99
N GLY A 164 -52.75 31.58 41.09
CA GLY A 164 -52.00 32.23 40.03
C GLY A 164 -51.92 33.73 40.24
N PRO A 165 -51.14 34.42 39.40
CA PRO A 165 -50.31 33.93 38.30
C PRO A 165 -48.95 33.41 38.75
N MET A 166 -48.23 32.71 37.89
CA MET A 166 -46.91 32.18 38.22
C MET A 166 -45.89 33.31 38.31
N SER A 167 -44.81 33.04 39.04
CA SER A 167 -43.76 34.03 39.27
C SER A 167 -42.67 34.02 38.22
N SER A 168 -42.65 33.05 37.31
CA SER A 168 -41.59 32.95 36.32
C SER A 168 -42.17 32.64 34.95
N ALA A 169 -41.44 33.02 33.91
CA ALA A 169 -41.86 32.85 32.53
C ALA A 169 -41.00 31.85 31.77
N TRP A 170 -40.29 30.98 32.49
CA TRP A 170 -39.38 30.03 31.87
C TRP A 170 -40.15 28.90 31.21
N THR A 171 -39.76 28.54 30.00
CA THR A 171 -40.32 27.42 29.27
C THR A 171 -39.22 26.64 28.59
N PRO A 172 -39.35 25.31 28.49
CA PRO A 172 -38.29 24.50 27.88
C PRO A 172 -38.31 24.49 26.36
N PHE A 173 -39.35 25.02 25.73
CA PHE A 173 -39.46 25.00 24.27
C PHE A 173 -38.82 26.23 23.66
N ASP A 174 -38.20 26.05 22.50
CA ASP A 174 -37.60 27.15 21.75
C ASP A 174 -38.63 27.66 20.74
N ASN A 175 -38.18 28.50 19.81
CA ASN A 175 -39.09 29.08 18.83
C ASN A 175 -39.46 28.09 17.73
N LYS A 176 -38.55 27.19 17.36
CA LYS A 176 -38.77 26.25 16.27
C LYS A 176 -38.62 24.83 16.79
N ILE A 177 -39.64 24.00 16.57
CA ILE A 177 -39.67 22.62 17.07
C ILE A 177 -40.11 21.69 15.95
N VAL A 178 -39.83 20.40 16.14
CA VAL A 178 -40.19 19.35 15.21
C VAL A 178 -40.81 18.19 15.99
N VAL A 179 -41.89 17.61 15.46
CA VAL A 179 -42.66 16.58 16.14
C VAL A 179 -42.69 15.32 15.29
N TYR A 180 -42.47 14.17 15.92
CA TYR A 180 -42.54 12.89 15.22
C TYR A 180 -42.96 11.80 16.22
N LYS A 181 -44.23 11.43 16.18
CA LYS A 181 -44.73 10.20 16.81
C LYS A 181 -44.33 10.10 18.28
N GLY A 182 -44.68 11.12 19.05
CA GLY A 182 -44.41 11.11 20.47
C GLY A 182 -43.09 11.72 20.89
N ASP A 183 -42.26 12.16 19.94
CA ASP A 183 -40.96 12.75 20.23
C ASP A 183 -40.93 14.21 19.76
N VAL A 184 -40.26 15.06 20.53
CA VAL A 184 -40.13 16.48 20.21
C VAL A 184 -38.65 16.84 20.21
N TYR A 185 -38.23 17.60 19.19
CA TYR A 185 -36.84 18.02 19.05
C TYR A 185 -36.78 19.53 18.82
N ASN A 186 -35.62 20.10 19.14
CA ASN A 186 -35.32 21.49 18.81
C ASN A 186 -34.39 21.51 17.60
N MET A 187 -34.85 22.13 16.51
CA MET A 187 -34.08 22.14 15.28
C MET A 187 -34.43 23.38 14.47
N ASP A 188 -33.40 24.00 13.88
CA ASP A 188 -33.54 25.22 13.08
C ASP A 188 -33.67 24.80 11.62
N TYR A 189 -34.90 24.54 11.18
CA TYR A 189 -35.15 24.00 9.86
C TYR A 189 -35.04 25.09 8.79
N PRO A 190 -34.71 24.72 7.54
CA PRO A 190 -34.62 25.71 6.48
C PRO A 190 -36.01 26.19 6.07
N PRO A 191 -36.11 27.39 5.52
CA PRO A 191 -37.42 27.94 5.15
C PRO A 191 -37.96 27.28 3.87
N PHE A 192 -39.22 27.61 3.58
CA PHE A 192 -39.88 27.04 2.41
C PHE A 192 -39.26 27.58 1.13
N GLY A 193 -38.85 26.67 0.25
CA GLY A 193 -38.21 27.04 -0.99
C GLY A 193 -36.70 27.17 -0.94
N ALA A 194 -36.06 26.69 0.12
CA ALA A 194 -34.61 26.77 0.28
C ALA A 194 -34.05 25.43 0.74
N GLY A 195 -34.47 24.36 0.07
CA GLY A 195 -34.05 23.03 0.45
C GLY A 195 -32.67 22.67 -0.07
N ARG A 196 -32.17 21.53 0.39
CA ARG A 196 -30.82 21.08 0.09
C ARG A 196 -30.86 19.67 -0.51
N PRO A 197 -29.87 19.34 -1.35
CA PRO A 197 -29.97 18.10 -2.12
C PRO A 197 -30.08 16.82 -1.30
N GLY A 198 -29.38 16.73 -0.17
CA GLY A 198 -29.34 15.47 0.54
C GLY A 198 -29.55 15.53 2.04
N GLN A 199 -30.23 16.56 2.52
CA GLN A 199 -30.44 16.76 3.94
C GLN A 199 -31.93 16.90 4.23
N PHE A 200 -32.26 17.26 5.48
CA PHE A 200 -33.64 17.44 5.88
C PHE A 200 -34.25 18.63 5.14
N GLY A 201 -35.35 18.37 4.43
CA GLY A 201 -36.04 19.40 3.70
C GLY A 201 -35.84 19.39 2.19
N ASP A 202 -35.47 18.25 1.61
CA ASP A 202 -35.30 18.20 0.16
C ASP A 202 -36.64 18.20 -0.57
N ILE A 203 -37.70 17.73 0.07
CA ILE A 203 -39.05 17.74 -0.50
C ILE A 203 -40.00 18.33 0.54
N GLN A 204 -40.80 19.31 0.11
CA GLN A 204 -41.61 20.10 1.02
C GLN A 204 -43.03 20.22 0.49
N SER A 205 -44.00 20.29 1.41
CA SER A 205 -45.39 20.45 1.06
C SER A 205 -46.13 21.13 2.21
N ARG A 206 -47.14 21.92 1.87
CA ARG A 206 -47.78 22.78 2.87
C ARG A 206 -48.83 22.05 3.69
N THR A 207 -49.48 21.02 3.14
CA THR A 207 -50.51 20.28 3.85
C THR A 207 -50.70 18.94 3.17
N PRO A 208 -51.14 17.91 3.89
CA PRO A 208 -51.30 16.59 3.26
C PRO A 208 -52.29 16.57 2.11
N GLU A 209 -53.16 17.58 1.99
CA GLU A 209 -54.14 17.60 0.92
C GLU A 209 -53.69 18.38 -0.31
N SER A 210 -52.53 19.04 -0.26
CA SER A 210 -52.13 19.91 -1.36
C SER A 210 -51.66 19.09 -2.56
N LYS A 211 -51.62 19.75 -3.72
CA LYS A 211 -51.15 19.13 -4.95
C LYS A 211 -49.81 19.66 -5.42
N ASP A 212 -49.40 20.85 -4.97
CA ASP A 212 -48.11 21.42 -5.36
C ASP A 212 -47.01 20.89 -4.44
N VAL A 213 -45.86 20.58 -5.02
CA VAL A 213 -44.75 20.00 -4.29
C VAL A 213 -43.45 20.66 -4.75
N TYR A 214 -42.53 20.87 -3.82
CA TYR A 214 -41.20 21.40 -4.09
C TYR A 214 -40.19 20.27 -3.96
N ALA A 215 -39.27 20.16 -4.92
CA ALA A 215 -38.29 19.08 -4.95
C ALA A 215 -36.97 19.61 -5.48
N ASN A 216 -35.88 19.26 -4.79
CA ASN A 216 -34.55 19.75 -5.15
C ASN A 216 -33.53 18.61 -5.07
N THR A 217 -33.89 17.47 -5.64
CA THR A 217 -32.93 16.38 -5.81
C THR A 217 -32.24 16.51 -7.17
N GLN A 218 -31.06 15.90 -7.26
CA GLN A 218 -30.31 15.87 -8.50
C GLN A 218 -30.70 14.66 -9.34
N LEU A 219 -30.85 14.86 -10.65
CA LEU A 219 -31.28 13.81 -11.55
C LEU A 219 -30.55 13.96 -12.86
N VAL A 220 -29.67 13.01 -13.18
CA VAL A 220 -28.85 13.04 -14.39
C VAL A 220 -29.01 11.70 -15.09
N LEU A 221 -29.29 11.74 -16.39
CA LEU A 221 -29.46 10.53 -17.19
C LEU A 221 -28.12 10.07 -17.75
N GLN A 222 -28.01 8.77 -17.99
CA GLN A 222 -26.75 8.15 -18.38
C GLN A 222 -26.96 7.26 -19.59
N ARG A 223 -25.84 6.90 -20.23
CA ARG A 223 -25.88 6.16 -21.48
C ARG A 223 -26.28 4.71 -21.23
N PRO A 224 -27.08 4.12 -22.12
CA PRO A 224 -27.41 2.70 -21.99
C PRO A 224 -26.23 1.82 -22.40
N ALA A 225 -26.23 0.60 -21.86
CA ALA A 225 -25.19 -0.37 -22.18
C ALA A 225 -25.46 -1.03 -23.53
N ALA A 226 -24.40 -1.59 -24.11
CA ALA A 226 -24.51 -2.19 -25.44
C ALA A 226 -25.31 -3.49 -25.39
N GLY A 227 -26.32 -3.57 -26.24
CA GLY A 227 -27.13 -4.77 -26.34
C GLY A 227 -28.25 -4.89 -25.34
N THR A 228 -28.50 -3.86 -24.53
CA THR A 228 -29.54 -3.89 -23.51
C THR A 228 -30.48 -2.71 -23.71
N VAL A 229 -31.76 -2.94 -23.43
CA VAL A 229 -32.77 -1.89 -23.41
C VAL A 229 -33.11 -1.59 -21.96
N HIS A 230 -32.62 -0.47 -21.44
CA HIS A 230 -32.91 -0.06 -20.07
C HIS A 230 -32.57 1.42 -19.91
N VAL A 231 -32.98 1.98 -18.78
CA VAL A 231 -32.86 3.41 -18.52
C VAL A 231 -32.11 3.66 -17.21
N PRO A 232 -30.79 3.80 -17.23
CA PRO A 232 -30.04 4.06 -15.99
C PRO A 232 -30.06 5.54 -15.64
N TYR A 233 -29.78 5.82 -14.36
CA TYR A 233 -29.78 7.18 -13.87
C TYR A 233 -28.97 7.25 -12.57
N SER A 234 -28.73 8.48 -12.11
CA SER A 234 -28.03 8.76 -10.88
C SER A 234 -28.77 9.84 -10.10
N GLN A 235 -28.88 9.65 -8.78
CA GLN A 235 -29.73 10.51 -7.97
C GLN A 235 -29.31 10.42 -6.51
N ALA A 236 -29.46 11.54 -5.79
CA ALA A 236 -29.18 11.58 -4.36
C ALA A 236 -30.30 10.88 -3.58
N PRO A 237 -29.96 10.11 -2.56
CA PRO A 237 -30.98 9.39 -1.79
C PRO A 237 -31.70 10.29 -0.80
N SER A 238 -32.74 9.71 -0.18
CA SER A 238 -33.67 10.48 0.63
C SER A 238 -33.00 11.02 1.89
N GLY A 239 -33.36 12.25 2.25
CA GLY A 239 -32.84 12.86 3.46
C GLY A 239 -33.66 12.53 4.69
N PHE A 240 -34.95 12.24 4.50
CA PHE A 240 -35.80 11.83 5.61
C PHE A 240 -35.34 10.50 6.19
N LYS A 241 -34.98 9.55 5.33
CA LYS A 241 -34.53 8.25 5.81
C LYS A 241 -33.25 8.35 6.63
N TYR A 242 -32.30 9.17 6.16
CA TYR A 242 -31.04 9.33 6.88
C TYR A 242 -31.26 9.93 8.26
N TRP A 243 -32.16 10.90 8.37
CA TRP A 243 -32.40 11.58 9.65
C TRP A 243 -32.92 10.62 10.71
N LEU A 244 -33.63 9.57 10.31
CA LEU A 244 -34.18 8.63 11.28
C LEU A 244 -33.08 7.86 12.00
N LYS A 245 -31.94 7.67 11.37
CA LYS A 245 -30.83 6.93 11.96
C LYS A 245 -29.83 7.80 12.69
N GLU A 246 -29.99 9.13 12.67
CA GLU A 246 -28.97 10.03 13.22
C GLU A 246 -29.57 11.13 14.09
N ARG A 247 -30.75 10.93 14.67
CA ARG A 247 -31.45 12.06 15.28
C ARG A 247 -31.03 12.34 16.71
N GLY A 248 -30.55 11.35 17.45
CA GLY A 248 -30.13 11.58 18.82
C GLY A 248 -31.28 11.55 19.82
N ALA A 249 -30.97 12.05 21.02
CA ALA A 249 -31.90 11.99 22.13
C ALA A 249 -32.92 13.12 22.07
N SER A 250 -34.10 12.86 22.63
CA SER A 250 -35.19 13.82 22.64
C SER A 250 -35.17 14.65 23.92
N LEU A 251 -36.08 15.63 23.99
CA LEU A 251 -36.12 16.55 25.12
C LEU A 251 -36.49 15.84 26.42
N GLN A 252 -37.22 14.73 26.34
CA GLN A 252 -37.60 14.00 27.54
C GLN A 252 -36.40 13.45 28.30
N HIS A 253 -35.24 13.36 27.64
CA HIS A 253 -34.03 12.85 28.28
C HIS A 253 -32.96 13.91 28.48
N THR A 254 -33.14 15.13 27.95
CA THR A 254 -32.13 16.17 28.04
C THR A 254 -32.61 17.45 28.71
N ALA A 255 -33.90 17.54 29.05
CA ALA A 255 -34.42 18.79 29.59
C ALA A 255 -33.92 19.02 31.01
N PRO A 256 -33.75 20.27 31.42
CA PRO A 256 -33.39 20.58 32.81
C PRO A 256 -34.61 20.70 33.70
N PHE A 257 -34.34 20.84 35.00
CA PHE A 257 -35.33 21.00 36.06
C PHE A 257 -36.26 19.80 36.23
N GLY A 258 -35.97 18.68 35.56
CA GLY A 258 -36.75 17.47 35.77
C GLY A 258 -38.08 17.42 35.07
N CYS A 259 -38.22 18.14 33.94
CA CYS A 259 -39.50 18.19 33.25
C CYS A 259 -39.78 16.88 32.53
N GLN A 260 -41.06 16.71 32.15
CA GLN A 260 -41.50 15.57 31.35
C GLN A 260 -42.33 16.09 30.17
N ILE A 261 -42.33 15.34 29.08
CA ILE A 261 -42.90 15.79 27.82
C ILE A 261 -43.93 14.78 27.31
N ALA A 262 -45.05 15.30 26.83
CA ALA A 262 -46.06 14.52 26.14
C ALA A 262 -46.53 15.33 24.92
N THR A 263 -47.10 14.64 23.94
CA THR A 263 -47.15 15.19 22.59
C THR A 263 -48.54 15.36 21.99
N ASN A 264 -49.60 14.83 22.60
CA ASN A 264 -50.94 14.92 22.03
C ASN A 264 -51.92 15.44 23.06
N PRO A 265 -52.05 16.77 23.21
CA PRO A 265 -51.25 17.83 22.57
C PRO A 265 -49.89 18.01 23.24
N VAL A 266 -49.05 18.89 22.71
CA VAL A 266 -47.71 19.07 23.27
C VAL A 266 -47.81 19.74 24.64
N ARG A 267 -47.20 19.13 25.65
CA ARG A 267 -47.27 19.63 27.02
C ARG A 267 -45.92 19.46 27.71
N ALA A 268 -45.79 20.10 28.87
CA ALA A 268 -44.68 19.87 29.78
C ALA A 268 -45.22 19.86 31.20
N VAL A 269 -44.85 18.86 31.98
CA VAL A 269 -45.42 18.65 33.31
C VAL A 269 -44.31 18.60 34.35
N ASN A 270 -44.59 19.18 35.52
CA ASN A 270 -43.76 19.06 36.72
C ASN A 270 -42.35 19.64 36.53
N CYS A 271 -42.32 20.94 36.24
CA CYS A 271 -41.08 21.71 36.25
C CYS A 271 -41.06 22.58 37.51
N ALA A 272 -39.97 22.50 38.27
CA ALA A 272 -39.89 23.12 39.59
C ALA A 272 -39.13 24.45 39.50
N VAL A 273 -39.85 25.51 39.17
CA VAL A 273 -39.31 26.87 39.16
C VAL A 273 -40.37 27.80 39.74
N GLY A 274 -39.93 28.75 40.57
CA GLY A 274 -40.80 29.82 41.02
C GLY A 274 -41.67 29.45 42.21
N ASN A 275 -42.74 30.22 42.39
CA ASN A 275 -43.70 29.98 43.46
C ASN A 275 -45.07 30.50 43.02
N ILE A 276 -46.10 30.13 43.79
CA ILE A 276 -47.49 30.35 43.41
C ILE A 276 -48.23 31.03 44.56
N PRO A 277 -48.87 32.17 44.34
CA PRO A 277 -49.74 32.75 45.36
C PRO A 277 -51.16 32.17 45.33
N ILE A 278 -51.79 32.18 46.49
CA ILE A 278 -53.13 31.62 46.68
C ILE A 278 -53.94 32.58 47.53
N SER A 279 -55.23 32.71 47.23
CA SER A 279 -56.15 33.53 48.01
C SER A 279 -57.39 32.72 48.35
N ILE A 280 -57.93 32.93 49.56
CA ILE A 280 -59.05 32.17 50.08
C ILE A 280 -60.08 33.14 50.65
N ASP A 281 -61.35 32.76 50.54
CA ASP A 281 -62.45 33.52 51.12
C ASP A 281 -63.33 32.57 51.92
N ILE A 282 -63.61 32.93 53.18
CA ILE A 282 -64.37 32.08 54.09
C ILE A 282 -65.59 32.84 54.56
N PRO A 283 -66.76 32.21 54.63
CA PRO A 283 -67.95 32.89 55.16
C PRO A 283 -67.85 33.09 56.66
N ASP A 284 -68.71 33.97 57.17
CA ASP A 284 -68.66 34.32 58.58
C ASP A 284 -69.31 33.28 59.48
N ALA A 285 -70.23 32.47 58.96
CA ALA A 285 -70.97 31.50 59.75
C ALA A 285 -70.12 30.31 60.19
N ALA A 286 -68.87 30.21 59.74
CA ALA A 286 -68.03 29.05 60.04
C ALA A 286 -67.18 29.23 61.28
N PHE A 287 -67.23 30.39 61.93
CA PHE A 287 -66.40 30.67 63.10
C PHE A 287 -67.16 30.42 64.38
N THR A 288 -66.41 30.12 65.45
CA THR A 288 -66.96 29.87 66.77
C THR A 288 -66.34 30.85 67.76
N ARG A 289 -67.16 31.36 68.67
CA ARG A 289 -66.71 32.37 69.62
C ARG A 289 -65.81 31.75 70.68
N VAL A 290 -64.96 32.60 71.27
CA VAL A 290 -63.96 32.12 72.21
C VAL A 290 -64.58 31.67 73.53
N VAL A 291 -65.77 32.18 73.87
CA VAL A 291 -66.43 31.76 75.09
C VAL A 291 -66.94 30.33 75.00
N ASP A 292 -67.10 29.79 73.79
CA ASP A 292 -67.59 28.44 73.61
C ASP A 292 -66.49 27.41 73.41
N ALA A 293 -65.27 27.82 73.04
CA ALA A 293 -64.19 26.89 72.83
C ALA A 293 -63.52 26.53 74.15
N PRO A 294 -62.92 25.34 74.25
CA PRO A 294 -62.14 24.98 75.43
C PRO A 294 -60.87 25.82 75.54
N SER A 295 -60.35 25.91 76.76
CA SER A 295 -59.15 26.68 77.03
C SER A 295 -58.16 25.84 77.86
N VAL A 296 -56.88 26.14 77.68
CA VAL A 296 -55.79 25.41 78.34
C VAL A 296 -54.91 26.43 79.06
N THR A 297 -54.57 26.15 80.31
CA THR A 297 -53.99 27.17 81.18
C THR A 297 -52.57 26.88 81.64
N ASP A 298 -52.25 25.65 82.03
CA ASP A 298 -50.95 25.33 82.59
C ASP A 298 -50.21 24.39 81.65
N MET A 299 -48.97 24.76 81.31
CA MET A 299 -48.23 24.05 80.27
C MET A 299 -46.76 23.93 80.64
N SER A 300 -46.13 22.88 80.12
CA SER A 300 -44.69 22.65 80.27
C SER A 300 -44.24 21.75 79.13
N CYS A 301 -42.94 21.79 78.85
CA CYS A 301 -42.38 21.09 77.70
C CYS A 301 -41.14 20.31 78.10
N GLU A 302 -40.96 19.13 77.49
CA GLU A 302 -39.75 18.35 77.67
C GLU A 302 -39.58 17.44 76.46
N VAL A 303 -38.37 17.42 75.91
CA VAL A 303 -38.08 16.71 74.67
C VAL A 303 -36.97 15.68 74.90
N PRO A 304 -37.28 14.38 74.83
CA PRO A 304 -36.26 13.36 75.17
C PRO A 304 -35.36 12.92 74.02
N ALA A 305 -35.71 13.18 72.77
CA ALA A 305 -34.90 12.70 71.66
C ALA A 305 -34.94 13.65 70.49
N CYS A 306 -33.82 13.74 69.77
CA CYS A 306 -33.72 14.55 68.57
C CYS A 306 -32.65 13.98 67.65
N THR A 307 -32.99 13.84 66.37
CA THR A 307 -32.04 13.48 65.32
C THR A 307 -32.43 14.22 64.06
N HIS A 308 -31.52 15.06 63.55
CA HIS A 308 -31.87 16.01 62.49
C HIS A 308 -31.60 15.37 61.14
N SER A 309 -32.51 14.48 60.74
CA SER A 309 -32.47 13.80 59.46
C SER A 309 -33.56 14.37 58.54
N SER A 310 -33.69 13.77 57.36
CA SER A 310 -34.64 14.24 56.38
C SER A 310 -36.07 13.77 56.64
N ASP A 311 -36.25 12.82 57.55
CA ASP A 311 -37.57 12.41 58.00
C ASP A 311 -37.85 12.98 59.38
N PHE A 312 -39.00 12.63 59.95
CA PHE A 312 -39.47 13.18 61.22
C PHE A 312 -38.76 12.46 62.35
N GLY A 313 -37.75 13.11 62.93
CA GLY A 313 -36.92 12.47 63.94
C GLY A 313 -36.95 13.06 65.33
N GLY A 314 -38.06 13.68 65.73
CA GLY A 314 -38.18 14.25 67.06
C GLY A 314 -39.50 13.91 67.71
N VAL A 315 -39.51 13.98 69.04
CA VAL A 315 -40.70 13.72 69.84
C VAL A 315 -40.68 14.64 71.05
N ALA A 316 -41.86 15.14 71.44
CA ALA A 316 -42.00 16.03 72.59
C ALA A 316 -43.25 15.69 73.38
N ILE A 317 -43.21 15.98 74.68
CA ILE A 317 -44.32 15.70 75.59
C ILE A 317 -44.69 16.98 76.33
N ILE A 318 -45.99 17.28 76.38
CA ILE A 318 -46.49 18.54 76.92
C ILE A 318 -47.60 18.25 77.92
N LYS A 319 -47.57 18.91 79.07
CA LYS A 319 -48.60 18.78 80.09
C LYS A 319 -49.61 19.92 79.95
N TYR A 320 -50.85 19.64 80.34
CA TYR A 320 -51.90 20.64 80.21
C TYR A 320 -53.06 20.30 81.14
N THR A 321 -53.90 21.31 81.38
CA THR A 321 -55.18 21.14 82.06
C THR A 321 -56.24 21.90 81.28
N ALA A 322 -57.35 21.23 80.97
CA ALA A 322 -58.34 21.72 80.03
C ALA A 322 -59.70 21.91 80.72
N SER A 323 -60.52 22.79 80.14
CA SER A 323 -61.78 23.18 80.75
C SER A 323 -62.90 22.19 80.42
N LYS A 324 -62.92 21.67 79.20
CA LYS A 324 -63.95 20.72 78.80
C LYS A 324 -63.49 19.99 77.54
N LYS A 325 -64.30 19.02 77.12
CA LYS A 325 -63.95 18.18 75.98
C LYS A 325 -64.11 18.95 74.67
N GLY A 326 -63.23 18.68 73.72
CA GLY A 326 -63.29 19.34 72.43
C GLY A 326 -62.02 19.12 71.64
N LYS A 327 -61.78 20.01 70.68
CA LYS A 327 -60.57 19.97 69.86
C LYS A 327 -59.94 21.36 69.82
N CYS A 328 -58.65 21.40 69.47
CA CYS A 328 -57.91 22.65 69.39
C CYS A 328 -56.83 22.49 68.33
N ALA A 329 -56.30 23.62 67.86
CA ALA A 329 -55.32 23.63 66.79
C ALA A 329 -53.90 23.79 67.30
N VAL A 330 -52.95 23.20 66.55
CA VAL A 330 -51.54 23.18 66.89
C VAL A 330 -50.75 23.80 65.73
N HIS A 331 -49.81 24.68 66.06
CA HIS A 331 -49.03 25.39 65.05
C HIS A 331 -47.71 25.85 65.64
N SER A 332 -46.68 25.90 64.80
CA SER A 332 -45.35 26.35 65.16
C SER A 332 -45.12 27.80 64.75
N MET A 333 -44.29 28.50 65.53
CA MET A 333 -44.05 29.93 65.33
C MET A 333 -42.66 30.22 64.79
N THR A 334 -41.94 29.22 64.31
CA THR A 334 -40.61 29.41 63.75
C THR A 334 -40.52 28.68 62.42
N ASN A 335 -39.59 29.12 61.57
CA ASN A 335 -39.49 28.62 60.21
C ASN A 335 -38.59 27.40 60.09
N ALA A 336 -37.74 27.12 61.07
CA ALA A 336 -36.82 26.00 61.01
C ALA A 336 -37.38 24.70 61.58
N VAL A 337 -38.60 24.71 62.11
CA VAL A 337 -39.22 23.51 62.67
C VAL A 337 -40.60 23.35 62.04
N THR A 338 -40.87 22.15 61.53
CA THR A 338 -42.16 21.81 60.95
C THR A 338 -42.82 20.71 61.75
N ILE A 339 -44.14 20.83 61.96
CA ILE A 339 -44.91 19.91 62.78
C ILE A 339 -45.90 19.16 61.89
N ARG A 340 -45.99 17.84 62.09
CA ARG A 340 -46.90 17.01 61.28
C ARG A 340 -48.36 17.19 61.69
N GLU A 341 -48.64 17.18 62.99
CA GLU A 341 -50.02 17.20 63.46
C GLU A 341 -50.66 18.56 63.23
N ALA A 342 -51.97 18.53 62.96
CA ALA A 342 -52.76 19.72 62.73
C ALA A 342 -53.80 19.98 63.82
N ASP A 343 -54.31 18.94 64.48
CA ASP A 343 -55.25 19.10 65.57
C ASP A 343 -55.13 17.94 66.55
N VAL A 344 -55.58 18.18 67.77
CA VAL A 344 -55.48 17.22 68.86
C VAL A 344 -56.81 17.19 69.62
N GLU A 345 -56.97 16.18 70.48
CA GLU A 345 -58.13 16.05 71.33
C GLU A 345 -57.69 16.17 72.79
N VAL A 346 -58.42 16.97 73.57
CA VAL A 346 -58.01 17.32 74.92
C VAL A 346 -59.15 17.07 75.89
N GLU A 347 -58.78 16.70 77.12
CA GLU A 347 -59.75 16.48 78.20
C GLU A 347 -59.04 16.31 79.54
N GLY A 348 -59.54 16.99 80.58
CA GLY A 348 -59.08 16.72 81.92
C GLY A 348 -57.62 17.10 82.15
N ASN A 349 -56.88 16.19 82.77
CA ASN A 349 -55.49 16.40 83.16
C ASN A 349 -54.66 15.26 82.59
N SER A 350 -53.91 15.54 81.53
CA SER A 350 -53.13 14.51 80.84
C SER A 350 -52.01 15.19 80.04
N GLN A 351 -51.47 14.46 79.06
CA GLN A 351 -50.36 14.96 78.25
C GLN A 351 -50.55 14.49 76.81
N LEU A 352 -49.89 15.19 75.88
CA LEU A 352 -49.98 14.90 74.47
C LEU A 352 -48.59 14.79 73.85
N GLN A 353 -48.53 14.15 72.68
CA GLN A 353 -47.28 13.85 71.99
C GLN A 353 -47.33 14.39 70.57
N ILE A 354 -46.26 15.05 70.13
CA ILE A 354 -46.13 15.58 68.78
C ILE A 354 -44.74 15.26 68.24
N SER A 355 -44.59 15.37 66.93
CA SER A 355 -43.34 15.05 66.25
C SER A 355 -43.00 16.13 65.24
N PHE A 356 -41.69 16.26 64.95
CA PHE A 356 -41.20 17.35 64.13
C PHE A 356 -39.89 16.93 63.45
N SER A 357 -39.47 17.75 62.48
CA SER A 357 -38.19 17.58 61.81
C SER A 357 -37.50 18.94 61.70
N THR A 358 -36.17 18.91 61.71
CA THR A 358 -35.38 20.14 61.73
C THR A 358 -33.98 19.86 61.21
N ALA A 359 -33.24 20.92 60.93
CA ALA A 359 -31.88 20.84 60.45
C ALA A 359 -30.87 21.54 61.35
N LEU A 360 -31.30 22.09 62.48
CA LEU A 360 -30.43 22.82 63.37
C LEU A 360 -29.64 21.87 64.27
N ALA A 361 -28.48 22.35 64.73
CA ALA A 361 -27.71 21.61 65.73
C ALA A 361 -28.20 21.88 67.15
N SER A 362 -28.76 23.06 67.39
CA SER A 362 -29.38 23.39 68.67
C SER A 362 -30.78 23.90 68.38
N ALA A 363 -31.78 23.24 68.98
CA ALA A 363 -33.18 23.52 68.65
C ALA A 363 -33.79 24.41 69.73
N GLU A 364 -34.38 25.51 69.30
CA GLU A 364 -35.18 26.37 70.16
C GLU A 364 -36.38 26.85 69.34
N PHE A 365 -37.58 26.74 69.91
CA PHE A 365 -38.77 27.08 69.15
C PHE A 365 -39.94 27.30 70.11
N ARG A 366 -41.02 27.83 69.56
CA ARG A 366 -42.26 28.09 70.29
C ARG A 366 -43.39 27.31 69.64
N VAL A 367 -44.35 26.90 70.46
CA VAL A 367 -45.49 26.09 70.02
C VAL A 367 -46.74 26.69 70.62
N GLN A 368 -47.80 26.77 69.82
CA GLN A 368 -49.06 27.34 70.24
C GLN A 368 -50.13 26.26 70.20
N VAL A 369 -50.89 26.15 71.28
CA VAL A 369 -51.99 25.19 71.36
C VAL A 369 -53.21 25.94 71.84
N CYS A 370 -54.16 26.20 70.93
CA CYS A 370 -55.43 26.81 71.26
C CYS A 370 -55.24 28.15 72.00
N SER A 371 -54.39 29.00 71.43
CA SER A 371 -54.14 30.37 71.90
C SER A 371 -53.41 30.41 73.25
N THR A 372 -52.34 29.64 73.35
CA THR A 372 -51.37 29.78 74.44
C THR A 372 -50.03 29.23 73.97
N GLN A 373 -48.94 29.69 74.60
CA GLN A 373 -47.60 29.48 74.07
C GLN A 373 -46.68 28.88 75.11
N VAL A 374 -45.73 28.06 74.64
CA VAL A 374 -44.75 27.35 75.48
C VAL A 374 -43.40 27.38 74.77
N HIS A 375 -42.35 27.04 75.53
CA HIS A 375 -40.96 27.14 75.07
C HIS A 375 -40.23 25.83 75.28
N CYS A 376 -39.54 25.34 74.25
CA CYS A 376 -38.84 24.06 74.28
C CYS A 376 -37.42 24.23 73.75
N ALA A 377 -36.50 23.40 74.25
CA ALA A 377 -35.09 23.48 73.84
C ALA A 377 -34.37 22.17 74.14
N ALA A 378 -33.40 21.84 73.29
CA ALA A 378 -32.64 20.58 73.40
C ALA A 378 -31.46 20.62 72.43
N ALA A 379 -30.69 19.53 72.43
CA ALA A 379 -29.55 19.33 71.54
C ALA A 379 -29.81 18.11 70.65
N CYS A 380 -29.16 18.09 69.48
CA CYS A 380 -29.45 17.11 68.44
C CYS A 380 -28.16 16.52 67.88
N HIS A 381 -28.27 15.33 67.32
CA HIS A 381 -27.15 14.52 66.88
C HIS A 381 -27.32 14.11 65.42
N PRO A 382 -26.23 13.77 64.74
CA PRO A 382 -26.30 13.52 63.28
C PRO A 382 -26.63 12.06 62.97
N PRO A 383 -27.11 11.79 61.74
CA PRO A 383 -27.45 10.40 61.36
C PRO A 383 -26.29 9.65 60.70
N LYS A 384 -26.54 8.40 60.29
CA LYS A 384 -25.50 7.51 59.79
C LYS A 384 -25.84 6.85 58.46
N ASP A 385 -26.87 7.31 57.76
CA ASP A 385 -27.23 6.79 56.44
C ASP A 385 -26.89 7.81 55.37
N HIS A 386 -26.24 7.35 54.30
CA HIS A 386 -25.67 8.26 53.32
C HIS A 386 -26.68 8.73 52.29
N ILE A 387 -27.49 7.82 51.74
CA ILE A 387 -28.36 8.13 50.61
C ILE A 387 -29.76 7.59 50.88
N VAL A 388 -30.77 8.38 50.53
CA VAL A 388 -32.17 8.02 50.70
C VAL A 388 -32.90 8.29 49.38
N ASN A 389 -34.18 7.91 49.35
CA ASN A 389 -34.96 7.92 48.12
C ASN A 389 -36.16 8.85 48.20
N TYR A 390 -36.05 9.95 48.94
CA TYR A 390 -37.14 10.92 49.03
C TYR A 390 -36.56 12.28 49.41
N PRO A 391 -37.21 13.37 49.03
CA PRO A 391 -36.67 14.69 49.30
C PRO A 391 -36.92 15.14 50.73
N ALA A 392 -36.28 16.25 51.09
CA ALA A 392 -36.31 16.77 52.45
C ALA A 392 -37.66 17.45 52.74
N SER A 393 -37.98 17.52 54.04
CA SER A 393 -39.22 18.14 54.49
C SER A 393 -38.97 19.37 55.37
N HIS A 394 -37.79 19.98 55.27
CA HIS A 394 -37.47 21.18 56.03
C HIS A 394 -36.64 22.12 55.18
N THR A 395 -36.55 23.37 55.62
CA THR A 395 -35.81 24.40 54.90
C THR A 395 -34.31 24.32 55.21
N THR A 396 -33.54 25.15 54.53
CA THR A 396 -32.09 25.14 54.64
C THR A 396 -31.64 26.06 55.78
N LEU A 397 -30.33 26.08 56.01
CA LEU A 397 -29.73 26.82 57.11
C LEU A 397 -29.00 28.05 56.59
N GLY A 398 -28.91 29.08 57.44
CA GLY A 398 -28.23 30.31 57.12
C GLY A 398 -26.93 30.47 57.89
N VAL A 399 -26.31 31.64 57.69
CA VAL A 399 -24.99 31.89 58.27
C VAL A 399 -25.08 32.06 59.79
N GLN A 400 -26.16 32.65 60.28
CA GLN A 400 -26.26 32.97 61.71
C GLN A 400 -26.66 31.79 62.57
N ASP A 401 -27.03 30.65 61.98
CA ASP A 401 -27.49 29.50 62.74
C ASP A 401 -26.31 28.58 63.04
N ILE A 402 -25.72 28.74 64.22
CA ILE A 402 -24.60 27.93 64.69
C ILE A 402 -24.89 27.46 66.10
N SER A 403 -24.08 26.51 66.57
CA SER A 403 -24.28 25.94 67.89
C SER A 403 -23.99 26.96 68.98
N THR A 404 -24.56 26.72 70.16
CA THR A 404 -24.32 27.59 71.31
C THR A 404 -22.87 27.53 71.77
N THR A 405 -22.26 26.34 71.75
CA THR A 405 -20.88 26.21 72.20
C THR A 405 -19.93 26.94 71.25
N ALA A 406 -20.16 26.83 69.94
CA ALA A 406 -19.29 27.51 68.98
C ALA A 406 -19.37 29.02 69.12
N MET A 407 -20.59 29.55 69.33
CA MET A 407 -20.75 30.98 69.55
C MET A 407 -20.05 31.45 70.82
N SER A 408 -20.03 30.60 71.85
CA SER A 408 -19.38 30.97 73.11
C SER A 408 -17.89 31.16 72.93
N TRP A 409 -17.25 30.33 72.10
CA TRP A 409 -15.81 30.46 71.89
C TRP A 409 -15.47 31.70 71.05
N VAL A 410 -16.37 32.11 70.16
CA VAL A 410 -16.08 33.27 69.32
C VAL A 410 -16.01 34.54 70.16
N GLN A 411 -16.92 34.68 71.13
CA GLN A 411 -16.93 35.87 71.98
C GLN A 411 -15.63 36.00 72.77
N LYS A 412 -15.14 34.90 73.32
CA LYS A 412 -13.96 34.96 74.19
C LYS A 412 -12.73 35.40 73.41
N ILE A 413 -12.53 34.85 72.22
CA ILE A 413 -11.31 35.15 71.46
C ILE A 413 -11.34 36.58 70.95
N THR A 414 -12.50 37.05 70.47
CA THR A 414 -12.60 38.41 69.98
C THR A 414 -12.44 39.43 71.11
N GLY A 415 -13.00 39.15 72.27
CA GLY A 415 -12.92 40.11 73.37
C GLY A 415 -11.50 40.29 73.89
N GLY A 416 -10.74 39.20 74.00
CA GLY A 416 -9.38 39.29 74.51
C GLY A 416 -8.49 40.16 73.64
N VAL A 417 -8.65 40.07 72.32
CA VAL A 417 -7.88 40.92 71.41
C VAL A 417 -8.29 42.38 71.57
N GLY A 418 -9.59 42.65 71.66
CA GLY A 418 -10.05 44.02 71.79
C GLY A 418 -9.57 44.72 73.03
N LEU A 419 -9.43 43.97 74.13
CA LEU A 419 -8.92 44.57 75.37
C LEU A 419 -7.48 45.02 75.23
N ILE A 420 -6.66 44.22 74.54
CA ILE A 420 -5.24 44.54 74.41
C ILE A 420 -5.05 45.82 73.60
N VAL A 421 -5.92 46.07 72.62
CA VAL A 421 -5.81 47.28 71.83
C VAL A 421 -6.23 48.50 72.66
N ALA A 422 -7.29 48.36 73.45
CA ALA A 422 -7.82 49.50 74.20
C ALA A 422 -6.81 50.00 75.23
N VAL A 423 -6.13 49.09 75.93
CA VAL A 423 -5.14 49.50 76.92
C VAL A 423 -4.00 50.24 76.25
N ALA A 424 -3.57 49.78 75.07
CA ALA A 424 -2.50 50.46 74.35
C ALA A 424 -2.92 51.88 73.96
N ALA A 425 -4.16 52.05 73.53
CA ALA A 425 -4.63 53.38 73.13
C ALA A 425 -4.73 54.33 74.33
N LEU A 426 -5.05 53.80 75.50
CA LEU A 426 -5.11 54.64 76.70
C LEU A 426 -3.74 55.19 77.05
N ILE A 427 -2.70 54.37 76.92
CA ILE A 427 -1.35 54.82 77.25
C ILE A 427 -0.91 55.95 76.31
N LEU A 428 -1.30 55.86 75.04
CA LEU A 428 -0.87 56.88 74.08
C LEU A 428 -1.51 58.23 74.37
N ILE A 429 -2.78 58.24 74.79
CA ILE A 429 -3.49 59.50 74.96
C ILE A 429 -2.95 60.28 76.13
N VAL A 430 -2.68 59.61 77.25
CA VAL A 430 -2.19 60.31 78.44
C VAL A 430 -0.82 60.91 78.19
N VAL A 431 0.07 60.17 77.51
CA VAL A 431 1.42 60.66 77.29
C VAL A 431 1.42 61.81 76.29
N LEU A 432 0.56 61.73 75.28
CA LEU A 432 0.49 62.80 74.29
C LEU A 432 -0.14 64.06 74.88
N CYS A 433 -1.11 63.91 75.79
CA CYS A 433 -1.74 65.08 76.39
C CYS A 433 -0.80 65.78 77.36
N VAL A 434 -0.14 65.01 78.23
CA VAL A 434 0.73 65.63 79.23
C VAL A 434 1.94 66.28 78.56
N SER A 435 2.42 65.73 77.44
CA SER A 435 3.51 66.38 76.71
C SER A 435 3.08 67.72 76.16
N PHE A 436 1.85 67.82 75.66
CA PHE A 436 1.41 69.04 74.99
C PHE A 436 1.26 70.20 75.98
N SER A 437 0.65 69.94 77.12
CA SER A 437 0.39 71.00 78.10
C SER A 437 1.65 71.42 78.84
N ARG A 438 2.61 70.52 78.99
CA ARG A 438 3.81 70.83 79.77
C ARG A 438 4.60 71.96 79.13
N HIS A 439 4.68 71.99 77.80
CA HIS A 439 5.45 73.03 77.12
C HIS A 439 4.76 74.38 77.23
N TYR B 1 36.53 -42.64 57.05
CA TYR B 1 37.00 -41.26 57.02
C TYR B 1 35.92 -40.34 56.47
N GLU B 2 35.53 -39.34 57.24
CA GLU B 2 34.41 -38.46 56.89
C GLU B 2 34.90 -37.30 56.04
N HIS B 3 34.03 -36.84 55.13
CA HIS B 3 34.30 -35.70 54.28
C HIS B 3 33.03 -34.89 54.09
N VAL B 4 33.16 -33.56 54.17
CA VAL B 4 32.04 -32.64 54.07
C VAL B 4 32.33 -31.64 52.95
N THR B 5 31.31 -31.38 52.13
CA THR B 5 31.43 -30.45 51.01
C THR B 5 30.16 -29.61 50.95
N VAL B 6 30.12 -28.65 50.03
CA VAL B 6 28.92 -27.88 49.72
C VAL B 6 28.77 -27.83 48.20
N ILE B 7 27.54 -27.99 47.73
CA ILE B 7 27.22 -28.06 46.30
C ILE B 7 26.20 -26.98 45.99
N PRO B 8 26.44 -26.12 45.00
CA PRO B 8 25.40 -25.16 44.60
C PRO B 8 24.22 -25.84 43.94
N ASN B 9 23.06 -25.20 44.05
CA ASN B 9 21.79 -25.80 43.63
C ASN B 9 21.48 -25.43 42.18
N THR B 10 22.23 -26.05 41.27
CA THR B 10 22.04 -25.87 39.83
C THR B 10 21.99 -27.25 39.18
N VAL B 11 20.89 -27.54 38.50
CA VAL B 11 20.68 -28.85 37.89
C VAL B 11 21.39 -28.91 36.54
N GLY B 12 22.15 -29.98 36.32
CA GLY B 12 22.79 -30.21 35.04
C GLY B 12 24.24 -29.78 34.91
N VAL B 13 24.94 -29.53 36.03
CA VAL B 13 26.32 -29.10 35.99
C VAL B 13 27.12 -29.93 36.99
N PRO B 14 28.17 -30.63 36.56
CA PRO B 14 28.96 -31.44 37.50
C PRO B 14 29.97 -30.60 38.27
N TYR B 15 30.33 -31.12 39.44
CA TYR B 15 31.32 -30.48 40.30
C TYR B 15 32.27 -31.53 40.85
N LYS B 16 33.48 -31.09 41.19
CA LYS B 16 34.56 -31.97 41.60
C LYS B 16 35.14 -31.51 42.93
N THR B 17 35.59 -32.47 43.73
CA THR B 17 36.12 -32.19 45.06
C THR B 17 37.34 -33.06 45.30
N LEU B 18 38.19 -32.60 46.22
CA LEU B 18 39.46 -33.25 46.53
C LEU B 18 39.39 -33.89 47.90
N VAL B 19 39.77 -35.17 47.96
CA VAL B 19 39.83 -35.92 49.21
C VAL B 19 41.29 -36.26 49.46
N ASN B 20 41.81 -35.84 50.61
CA ASN B 20 43.20 -36.10 50.95
C ASN B 20 43.28 -36.58 52.39
N ARG B 21 44.16 -37.55 52.62
CA ARG B 21 44.37 -38.16 53.92
C ARG B 21 45.88 -38.31 54.09
N PRO B 22 46.42 -37.92 55.24
CA PRO B 22 47.87 -38.05 55.45
C PRO B 22 48.33 -39.49 55.30
N GLY B 23 49.41 -39.68 54.55
CA GLY B 23 49.95 -41.00 54.30
C GLY B 23 49.39 -41.73 53.10
N TYR B 24 48.50 -41.13 52.33
CA TYR B 24 47.87 -41.83 51.21
C TYR B 24 47.81 -40.92 50.00
N SER B 25 47.58 -41.52 48.84
CA SER B 25 47.46 -40.77 47.60
C SER B 25 46.12 -40.05 47.53
N PRO B 26 46.08 -38.86 46.92
CA PRO B 26 44.82 -38.12 46.80
C PRO B 26 43.82 -38.85 45.91
N MET B 27 42.55 -38.60 46.19
CA MET B 27 41.44 -39.18 45.44
C MET B 27 40.49 -38.07 45.01
N VAL B 28 39.79 -38.30 43.90
CA VAL B 28 38.90 -37.30 43.31
C VAL B 28 37.52 -37.91 43.11
N LEU B 29 36.49 -37.21 43.55
CA LEU B 29 35.10 -37.61 43.36
C LEU B 29 34.36 -36.57 42.53
N GLU B 30 33.32 -37.01 41.82
CA GLU B 30 32.51 -36.14 40.99
C GLU B 30 31.04 -36.36 41.32
N MET B 31 30.29 -35.27 41.40
CA MET B 31 28.89 -35.32 41.81
C MET B 31 28.03 -34.49 40.87
N GLU B 32 26.79 -34.93 40.69
CA GLU B 32 25.81 -34.22 39.88
C GLU B 32 24.41 -34.59 40.36
N LEU B 33 23.50 -33.62 40.30
CA LEU B 33 22.13 -33.80 40.79
C LEU B 33 21.14 -33.60 39.66
N GLN B 34 20.03 -34.34 39.71
CA GLN B 34 19.07 -34.40 38.62
C GLN B 34 17.72 -33.77 38.93
N SER B 35 17.28 -33.78 40.18
CA SER B 35 15.95 -33.25 40.49
C SER B 35 15.85 -32.89 41.95
N VAL B 36 15.07 -31.84 42.23
CA VAL B 36 14.72 -31.41 43.58
C VAL B 36 13.23 -31.13 43.63
N THR B 37 12.55 -31.61 44.66
CA THR B 37 11.09 -31.55 44.75
C THR B 37 10.67 -30.99 46.10
N LEU B 38 9.69 -30.08 46.07
CA LEU B 38 9.04 -29.57 47.27
C LEU B 38 7.57 -29.97 47.26
N GLU B 39 7.02 -30.22 48.44
CA GLU B 39 5.65 -30.69 48.55
C GLU B 39 4.98 -30.17 49.83
N PRO B 40 3.97 -29.32 49.71
CA PRO B 40 3.33 -28.76 50.90
C PRO B 40 2.26 -29.70 51.46
N THR B 41 1.74 -29.32 52.62
CA THR B 41 0.64 -30.02 53.28
C THR B 41 -0.63 -29.19 53.16
N LEU B 42 -1.73 -29.84 52.80
CA LEU B 42 -2.95 -29.16 52.41
C LEU B 42 -4.12 -29.59 53.30
N SER B 43 -5.07 -28.67 53.47
CA SER B 43 -6.28 -28.91 54.24
C SER B 43 -7.46 -28.26 53.53
N LEU B 44 -8.57 -28.99 53.42
CA LEU B 44 -9.67 -28.61 52.56
C LEU B 44 -10.66 -27.70 53.29
N ASP B 45 -11.23 -26.74 52.57
CA ASP B 45 -12.20 -25.81 53.14
C ASP B 45 -13.59 -25.95 52.54
N TYR B 46 -13.74 -25.79 51.22
CA TYR B 46 -15.04 -25.97 50.59
C TYR B 46 -14.85 -26.07 49.08
N ILE B 47 -15.95 -26.43 48.40
CA ILE B 47 -15.99 -26.53 46.94
C ILE B 47 -17.19 -25.74 46.43
N THR B 48 -17.16 -25.44 45.13
CA THR B 48 -18.24 -24.72 44.47
C THR B 48 -18.61 -25.41 43.16
N CYS B 49 -19.86 -25.20 42.74
CA CYS B 49 -20.33 -25.67 41.44
C CYS B 49 -21.55 -24.84 41.04
N GLU B 50 -22.27 -25.31 40.02
CA GLU B 50 -23.44 -24.62 39.48
C GLU B 50 -24.68 -24.96 40.30
N TYR B 51 -25.77 -24.24 40.04
CA TYR B 51 -27.00 -24.39 40.81
C TYR B 51 -28.18 -24.69 39.89
N LYS B 52 -29.27 -25.14 40.50
CA LYS B 52 -30.51 -25.46 39.82
C LYS B 52 -31.69 -24.85 40.57
N THR B 53 -32.71 -24.45 39.82
CA THR B 53 -33.90 -23.81 40.38
C THR B 53 -35.13 -24.68 40.12
N VAL B 54 -35.98 -24.81 41.13
CA VAL B 54 -37.12 -25.73 41.11
C VAL B 54 -38.40 -24.92 41.21
N ILE B 55 -39.29 -25.11 40.23
CA ILE B 55 -40.56 -24.40 40.17
C ILE B 55 -41.68 -25.41 40.00
N PRO B 56 -42.60 -25.55 40.96
CA PRO B 56 -43.76 -26.43 40.76
C PRO B 56 -44.93 -25.70 40.10
N SER B 57 -46.01 -26.43 39.84
CA SER B 57 -47.14 -25.85 39.12
C SER B 57 -47.88 -24.86 40.01
N PRO B 58 -48.40 -23.77 39.44
CA PRO B 58 -49.09 -22.77 40.26
C PRO B 58 -50.50 -23.20 40.63
N TYR B 59 -51.03 -22.53 41.66
CA TYR B 59 -52.36 -22.81 42.19
C TYR B 59 -53.26 -21.62 41.89
N VAL B 60 -54.28 -21.86 41.08
CA VAL B 60 -55.19 -20.80 40.61
C VAL B 60 -56.55 -21.04 41.26
N LYS B 61 -56.96 -20.14 42.14
CA LYS B 61 -58.21 -20.29 42.87
C LYS B 61 -59.13 -19.14 42.50
N CYS B 62 -60.30 -19.47 41.98
CA CYS B 62 -61.29 -18.50 41.54
C CYS B 62 -62.41 -18.38 42.56
N CYS B 63 -62.85 -17.15 42.79
CA CYS B 63 -63.84 -16.80 43.81
C CYS B 63 -63.36 -17.27 45.18
N GLY B 64 -62.17 -16.81 45.55
CA GLY B 64 -61.58 -17.15 46.83
C GLY B 64 -60.28 -16.39 47.02
N THR B 65 -59.69 -16.56 48.20
CA THR B 65 -58.39 -15.99 48.52
C THR B 65 -57.49 -17.06 49.08
N ALA B 66 -56.24 -17.11 48.58
CA ALA B 66 -55.29 -18.11 49.03
C ALA B 66 -54.35 -17.51 50.08
N GLU B 67 -53.56 -18.39 50.70
CA GLU B 67 -52.58 -17.98 51.70
C GLU B 67 -51.51 -19.05 51.79
N CYS B 68 -50.26 -18.62 51.99
CA CYS B 68 -49.12 -19.54 52.02
C CYS B 68 -48.35 -19.41 53.33
N LYS B 69 -47.68 -20.50 53.70
CA LYS B 69 -46.92 -20.60 54.94
C LYS B 69 -45.43 -20.63 54.63
N ASP B 70 -44.63 -20.53 55.70
CA ASP B 70 -43.18 -20.47 55.59
C ASP B 70 -42.56 -21.86 55.67
N LYS B 71 -41.37 -21.99 55.10
CA LYS B 71 -40.61 -23.23 55.10
C LYS B 71 -39.13 -22.91 55.28
N SER B 72 -38.35 -23.96 55.55
CA SER B 72 -36.94 -23.81 55.89
C SER B 72 -36.00 -24.06 54.71
N LEU B 73 -36.53 -24.32 53.53
CA LEU B 73 -35.69 -24.65 52.39
C LEU B 73 -34.88 -23.42 51.96
N PRO B 74 -33.74 -23.63 51.30
CA PRO B 74 -32.88 -22.49 50.92
C PRO B 74 -33.56 -21.58 49.91
N ASP B 75 -33.44 -20.27 50.16
CA ASP B 75 -33.90 -19.22 49.24
C ASP B 75 -35.38 -19.39 48.87
N TYR B 76 -36.22 -19.53 49.88
CA TYR B 76 -37.65 -19.73 49.67
C TYR B 76 -38.36 -18.40 49.50
N SER B 77 -39.38 -18.40 48.63
CA SER B 77 -40.17 -17.20 48.38
C SER B 77 -41.60 -17.58 48.03
N CYS B 78 -42.56 -16.81 48.52
CA CYS B 78 -43.96 -16.97 48.14
C CYS B 78 -44.60 -15.60 47.98
N LYS B 79 -45.60 -15.51 47.10
CA LYS B 79 -46.33 -14.27 46.91
C LYS B 79 -47.71 -14.60 46.34
N VAL B 80 -48.65 -13.67 46.55
CA VAL B 80 -50.04 -13.84 46.12
C VAL B 80 -50.44 -12.65 45.27
N PHE B 81 -51.05 -12.93 44.11
CA PHE B 81 -51.49 -11.91 43.18
C PHE B 81 -53.00 -11.96 43.02
N THR B 82 -53.60 -10.82 42.69
CA THR B 82 -55.04 -10.69 42.58
C THR B 82 -55.43 -10.14 41.22
N GLY B 83 -56.62 -10.54 40.74
CA GLY B 83 -57.16 -10.01 39.51
C GLY B 83 -56.80 -10.77 38.25
N VAL B 84 -56.71 -12.09 38.33
CA VAL B 84 -56.26 -12.91 37.21
C VAL B 84 -57.47 -13.44 36.46
N TYR B 85 -57.23 -13.89 35.22
CA TYR B 85 -58.25 -14.44 34.34
C TYR B 85 -57.61 -15.33 33.29
N PRO B 86 -57.23 -16.56 33.63
CA PRO B 86 -56.45 -17.38 32.70
C PRO B 86 -57.29 -17.90 31.53
N PHE B 87 -56.58 -18.32 30.50
CA PHE B 87 -57.17 -18.91 29.29
C PHE B 87 -56.46 -20.20 28.95
N MET B 88 -57.22 -21.15 28.43
CA MET B 88 -56.68 -22.40 27.88
C MET B 88 -57.16 -22.56 26.45
N TRP B 89 -56.83 -23.70 25.84
CA TRP B 89 -57.13 -23.88 24.42
C TRP B 89 -58.61 -24.02 24.14
N GLY B 90 -59.43 -24.28 25.16
CA GLY B 90 -60.85 -24.39 24.96
C GLY B 90 -61.68 -23.22 25.46
N GLY B 91 -61.08 -22.33 26.23
CA GLY B 91 -61.80 -21.20 26.78
C GLY B 91 -61.32 -20.90 28.19
N ALA B 92 -62.09 -20.05 28.87
CA ALA B 92 -61.75 -19.59 30.21
C ALA B 92 -61.76 -20.76 31.19
N TYR B 93 -61.05 -20.58 32.30
CA TYR B 93 -60.84 -21.71 33.20
C TYR B 93 -62.01 -21.92 34.14
N CYS B 94 -62.52 -20.86 34.77
CA CYS B 94 -63.67 -20.98 35.65
C CYS B 94 -64.61 -19.78 35.49
N PHE B 95 -65.81 -19.95 36.03
CA PHE B 95 -66.93 -19.04 35.75
C PHE B 95 -66.69 -17.63 36.30
N CYS B 96 -66.18 -17.50 37.53
CA CYS B 96 -66.15 -16.21 38.19
C CYS B 96 -65.30 -15.20 37.43
N ASP B 97 -65.78 -13.96 37.38
CA ASP B 97 -65.16 -12.88 36.63
C ASP B 97 -64.30 -11.96 37.49
N ALA B 98 -64.21 -12.22 38.79
CA ALA B 98 -63.43 -11.37 39.69
C ALA B 98 -63.14 -12.15 40.97
N GLU B 99 -62.25 -11.58 41.78
CA GLU B 99 -61.82 -12.17 43.04
C GLU B 99 -61.11 -13.51 42.83
N ASN B 100 -60.37 -13.64 41.74
CA ASN B 100 -59.50 -14.78 41.51
C ASN B 100 -58.08 -14.47 41.95
N THR B 101 -57.36 -15.50 42.37
CA THR B 101 -56.01 -15.34 42.92
C THR B 101 -55.07 -16.37 42.31
N GLN B 102 -53.77 -16.13 42.50
CA GLN B 102 -52.73 -17.04 42.05
C GLN B 102 -51.61 -17.08 43.09
N LEU B 103 -51.07 -18.27 43.33
CA LEU B 103 -50.00 -18.48 44.29
C LEU B 103 -48.78 -19.06 43.59
N SER B 104 -47.60 -18.52 43.91
CA SER B 104 -46.35 -18.93 43.29
C SER B 104 -45.30 -19.20 44.36
N GLU B 105 -44.39 -20.13 44.06
CA GLU B 105 -43.30 -20.44 44.97
C GLU B 105 -42.14 -21.06 44.20
N ALA B 106 -40.95 -20.95 44.78
CA ALA B 106 -39.73 -21.50 44.18
C ALA B 106 -38.64 -21.54 45.24
N HIS B 107 -37.58 -22.31 44.96
CA HIS B 107 -36.40 -22.35 45.82
C HIS B 107 -35.21 -22.87 45.01
N VAL B 108 -34.05 -22.93 45.66
CA VAL B 108 -32.77 -23.17 45.01
C VAL B 108 -32.15 -24.44 45.57
N GLU B 109 -31.50 -25.22 44.69
CA GLU B 109 -30.93 -26.50 45.06
C GLU B 109 -29.55 -26.61 44.39
N LYS B 110 -28.95 -27.80 44.48
CA LYS B 110 -27.61 -28.06 43.95
C LYS B 110 -27.68 -29.03 42.79
N SER B 111 -26.90 -28.75 41.74
CA SER B 111 -26.96 -29.55 40.53
C SER B 111 -26.23 -30.87 40.71
N GLU B 112 -26.62 -31.85 39.88
CA GLU B 112 -26.03 -33.19 39.97
C GLU B 112 -24.62 -33.23 39.38
N SER B 113 -24.31 -32.35 38.43
CA SER B 113 -23.00 -32.34 37.80
C SER B 113 -21.87 -31.89 38.73
N CYS B 114 -22.16 -31.63 40.00
CA CYS B 114 -21.10 -31.26 40.94
C CYS B 114 -20.15 -32.41 41.24
N LYS B 115 -20.47 -33.62 40.80
CA LYS B 115 -19.58 -34.77 41.01
C LYS B 115 -18.48 -34.88 39.96
N THR B 116 -18.51 -34.06 38.91
CA THR B 116 -17.46 -34.08 37.89
C THR B 116 -16.80 -32.73 37.68
N GLU B 117 -17.58 -31.64 37.62
CA GLU B 117 -17.07 -30.31 37.37
C GLU B 117 -17.14 -29.52 38.67
N PHE B 118 -15.99 -29.28 39.30
CA PHE B 118 -15.94 -28.51 40.54
C PHE B 118 -14.54 -27.96 40.74
N ALA B 119 -14.44 -26.99 41.64
CA ALA B 119 -13.19 -26.38 42.04
C ALA B 119 -13.04 -26.46 43.54
N SER B 120 -11.80 -26.56 44.00
CA SER B 120 -11.51 -26.82 45.41
C SER B 120 -10.61 -25.74 45.98
N ALA B 121 -10.86 -25.38 47.24
CA ALA B 121 -10.13 -24.32 47.93
C ALA B 121 -9.36 -24.92 49.10
N TYR B 122 -8.05 -24.64 49.17
CA TYR B 122 -7.13 -25.31 50.07
C TYR B 122 -6.42 -24.30 50.96
N ARG B 123 -5.74 -24.83 51.98
CA ARG B 123 -4.89 -24.05 52.88
C ARG B 123 -3.55 -24.75 53.00
N ALA B 124 -2.46 -23.99 52.90
CA ALA B 124 -1.12 -24.55 52.78
C ALA B 124 -0.29 -24.30 54.04
N HIS B 125 0.73 -25.12 54.21
CA HIS B 125 1.62 -25.06 55.37
C HIS B 125 3.04 -25.33 54.90
N THR B 126 3.93 -25.66 55.83
CA THR B 126 5.34 -25.86 55.52
C THR B 126 5.53 -27.13 54.69
N ALA B 127 6.50 -27.07 53.77
CA ALA B 127 6.75 -28.14 52.81
C ALA B 127 8.03 -28.91 53.15
N SER B 128 8.11 -30.13 52.63
CA SER B 128 9.27 -30.99 52.75
C SER B 128 10.05 -31.02 51.44
N ALA B 129 11.20 -31.71 51.45
CA ALA B 129 12.08 -31.71 50.30
C ALA B 129 12.66 -33.11 50.07
N SER B 130 12.96 -33.41 48.82
CA SER B 130 13.57 -34.67 48.44
C SER B 130 14.45 -34.45 47.20
N ALA B 131 15.38 -35.37 46.98
CA ALA B 131 16.39 -35.18 45.93
C ALA B 131 16.90 -36.53 45.45
N LYS B 132 17.53 -36.51 44.28
CA LYS B 132 18.14 -37.69 43.68
C LYS B 132 19.47 -37.30 43.04
N LEU B 133 20.47 -38.18 43.15
CA LEU B 133 21.86 -37.83 42.86
C LEU B 133 22.52 -38.91 42.02
N ARG B 134 23.59 -38.51 41.33
CA ARG B 134 24.48 -39.43 40.62
C ARG B 134 25.91 -39.18 41.08
N VAL B 135 26.60 -40.25 41.48
CA VAL B 135 27.94 -40.14 42.06
C VAL B 135 28.87 -41.09 41.33
N LEU B 136 30.07 -40.61 41.00
CA LEU B 136 31.09 -41.39 40.30
C LEU B 136 32.09 -41.89 41.33
N TYR B 137 32.15 -43.21 41.51
CA TYR B 137 32.87 -43.82 42.62
C TYR B 137 33.74 -44.95 42.08
N GLN B 138 35.04 -44.71 42.00
CA GLN B 138 36.02 -45.71 41.54
C GLN B 138 35.68 -46.22 40.15
N GLY B 139 35.36 -45.29 39.24
CA GLY B 139 35.14 -45.67 37.86
C GLY B 139 33.76 -46.21 37.53
N ASN B 140 32.79 -46.08 38.44
CA ASN B 140 31.44 -46.57 38.21
C ASN B 140 30.43 -45.50 38.56
N ASN B 141 29.28 -45.54 37.88
CA ASN B 141 28.18 -44.64 38.17
C ASN B 141 27.21 -45.33 39.13
N ILE B 142 26.81 -44.62 40.19
CA ILE B 142 25.81 -45.11 41.12
C ILE B 142 24.77 -44.01 41.32
N THR B 143 23.58 -44.42 41.74
CA THR B 143 22.47 -43.52 41.98
C THR B 143 22.02 -43.65 43.43
N VAL B 144 21.72 -42.52 44.07
CA VAL B 144 21.21 -42.50 45.43
C VAL B 144 19.97 -41.62 45.48
N ALA B 145 19.11 -41.90 46.46
CA ALA B 145 17.87 -41.15 46.66
C ALA B 145 17.59 -41.05 48.15
N ALA B 146 17.35 -39.84 48.64
CA ALA B 146 17.23 -39.62 50.08
C ALA B 146 16.47 -38.32 50.32
N TYR B 147 16.04 -38.15 51.57
CA TYR B 147 15.36 -36.94 52.00
C TYR B 147 16.37 -35.84 52.31
N ALA B 148 15.93 -34.60 52.16
CA ALA B 148 16.80 -33.44 52.33
C ALA B 148 16.68 -32.87 53.73
N ASN B 149 17.03 -33.70 54.72
CA ASN B 149 17.26 -33.24 56.08
C ASN B 149 18.28 -34.17 56.73
N GLY B 150 18.83 -33.73 57.85
CA GLY B 150 19.93 -34.43 58.46
C GLY B 150 19.59 -35.67 59.24
N ASP B 151 18.32 -36.09 59.24
CA ASP B 151 17.86 -37.19 60.07
C ASP B 151 17.63 -38.48 59.28
N HIS B 152 18.30 -38.64 58.15
CA HIS B 152 18.12 -39.83 57.32
C HIS B 152 19.44 -40.19 56.65
N ALA B 153 19.76 -41.48 56.63
CA ALA B 153 21.00 -41.97 56.06
C ALA B 153 20.74 -43.21 55.23
N VAL B 154 21.41 -43.30 54.08
CA VAL B 154 21.29 -44.43 53.16
C VAL B 154 22.69 -44.89 52.78
N THR B 155 22.81 -46.19 52.52
CA THR B 155 24.10 -46.80 52.20
C THR B 155 24.02 -47.53 50.86
N VAL B 156 24.95 -47.22 49.97
CA VAL B 156 25.08 -47.90 48.68
C VAL B 156 26.54 -48.29 48.50
N LYS B 157 26.80 -49.58 48.34
CA LYS B 157 28.15 -50.12 48.17
C LYS B 157 29.08 -49.70 49.30
N ASP B 158 28.61 -49.88 50.54
CA ASP B 158 29.38 -49.70 51.76
C ASP B 158 29.81 -48.25 51.98
N ALA B 159 29.11 -47.29 51.40
CA ALA B 159 29.34 -45.87 51.63
C ALA B 159 28.06 -45.23 52.16
N LYS B 160 28.19 -44.44 53.23
CA LYS B 160 27.07 -43.78 53.86
C LYS B 160 26.92 -42.36 53.32
N PHE B 161 25.68 -41.98 53.00
CA PHE B 161 25.38 -40.64 52.49
C PHE B 161 24.36 -39.96 53.39
N VAL B 162 24.61 -38.68 53.67
CA VAL B 162 23.68 -37.83 54.42
C VAL B 162 23.57 -36.50 53.70
N VAL B 163 22.35 -36.08 53.38
CA VAL B 163 22.11 -34.92 52.54
C VAL B 163 21.11 -34.01 53.23
N GLY B 164 21.37 -32.70 53.18
CA GLY B 164 20.51 -31.71 53.79
C GLY B 164 21.05 -31.23 55.12
N PRO B 165 20.41 -30.21 55.72
CA PRO B 165 19.21 -29.48 55.29
C PRO B 165 19.49 -28.36 54.30
N MET B 166 18.45 -27.80 53.68
CA MET B 166 18.60 -26.73 52.71
C MET B 166 18.89 -25.40 53.41
N SER B 167 19.43 -24.46 52.63
CA SER B 167 19.85 -23.17 53.17
C SER B 167 18.79 -22.08 53.05
N SER B 168 17.72 -22.31 52.30
CA SER B 168 16.69 -21.30 52.12
C SER B 168 15.31 -21.92 52.23
N ALA B 169 14.36 -21.13 52.74
CA ALA B 169 12.99 -21.58 52.98
C ALA B 169 12.00 -20.93 52.03
N TRP B 170 12.46 -20.49 50.86
CA TRP B 170 11.59 -19.81 49.92
C TRP B 170 10.70 -20.81 49.18
N THR B 171 9.41 -20.51 49.10
CA THR B 171 8.44 -21.33 48.40
C THR B 171 7.52 -20.44 47.59
N PRO B 172 7.05 -20.90 46.44
CA PRO B 172 6.22 -20.05 45.56
C PRO B 172 4.74 -20.04 45.89
N PHE B 173 4.30 -20.77 46.92
CA PHE B 173 2.89 -20.84 47.28
C PHE B 173 2.58 -19.92 48.45
N ASP B 174 1.40 -19.30 48.40
CA ASP B 174 0.91 -18.46 49.48
C ASP B 174 0.06 -19.30 50.44
N ASN B 175 -0.67 -18.64 51.34
CA ASN B 175 -1.47 -19.34 52.33
C ASN B 175 -2.75 -19.93 51.74
N LYS B 176 -3.35 -19.26 50.76
CA LYS B 176 -4.59 -19.72 50.14
C LYS B 176 -4.37 -19.93 48.65
N ILE B 177 -4.75 -21.10 48.15
CA ILE B 177 -4.64 -21.43 46.73
C ILE B 177 -5.92 -22.12 46.27
N VAL B 178 -6.14 -22.12 44.95
CA VAL B 178 -7.29 -22.77 44.32
C VAL B 178 -6.79 -23.69 43.23
N VAL B 179 -7.43 -24.85 43.09
CA VAL B 179 -6.99 -25.91 42.18
C VAL B 179 -8.16 -26.29 41.28
N TYR B 180 -7.87 -26.49 39.99
CA TYR B 180 -8.89 -26.91 39.03
C TYR B 180 -8.22 -27.64 37.88
N LYS B 181 -8.36 -28.97 37.86
CA LYS B 181 -8.04 -29.80 36.69
C LYS B 181 -6.64 -29.57 36.17
N GLY B 182 -5.66 -29.52 37.07
CA GLY B 182 -4.28 -29.39 36.68
C GLY B 182 -3.72 -27.98 36.70
N ASP B 183 -4.51 -26.99 37.13
CA ASP B 183 -4.04 -25.62 37.27
C ASP B 183 -4.11 -25.20 38.74
N VAL B 184 -3.18 -24.32 39.13
CA VAL B 184 -3.11 -23.81 40.49
C VAL B 184 -3.01 -22.29 40.43
N TYR B 185 -3.83 -21.61 41.23
CA TYR B 185 -3.87 -20.16 41.26
C TYR B 185 -3.71 -19.67 42.70
N ASN B 186 -3.30 -18.41 42.83
CA ASN B 186 -3.28 -17.71 44.11
C ASN B 186 -4.48 -16.77 44.18
N MET B 187 -5.28 -16.92 45.24
CA MET B 187 -6.53 -16.17 45.33
C MET B 187 -6.96 -16.08 46.78
N ASP B 188 -7.51 -14.93 47.15
CA ASP B 188 -8.01 -14.67 48.51
C ASP B 188 -9.53 -14.87 48.48
N TYR B 189 -9.96 -16.10 48.71
CA TYR B 189 -11.37 -16.44 48.61
C TYR B 189 -12.14 -15.95 49.83
N PRO B 190 -13.44 -15.70 49.67
CA PRO B 190 -14.26 -15.20 50.80
C PRO B 190 -14.48 -16.28 51.84
N PRO B 191 -14.74 -15.88 53.09
CA PRO B 191 -14.95 -16.88 54.15
C PRO B 191 -16.26 -17.64 53.98
N PHE B 192 -16.32 -18.80 54.63
CA PHE B 192 -17.50 -19.64 54.56
C PHE B 192 -18.71 -18.94 55.16
N GLY B 193 -19.79 -18.86 54.39
CA GLY B 193 -20.99 -18.19 54.84
C GLY B 193 -21.07 -16.71 54.53
N ALA B 194 -20.23 -16.20 53.64
CA ALA B 194 -20.23 -14.78 53.29
C ALA B 194 -20.08 -14.59 51.78
N GLY B 195 -20.91 -15.27 51.01
CA GLY B 195 -20.84 -15.16 49.57
C GLY B 195 -21.42 -13.85 49.05
N ARG B 196 -21.34 -13.70 47.73
CA ARG B 196 -21.89 -12.53 47.04
C ARG B 196 -22.70 -12.97 45.84
N PRO B 197 -23.70 -12.18 45.44
CA PRO B 197 -24.69 -12.68 44.46
C PRO B 197 -24.12 -13.10 43.12
N GLY B 198 -23.09 -12.43 42.61
CA GLY B 198 -22.66 -12.73 41.26
C GLY B 198 -21.18 -12.98 41.05
N GLN B 199 -20.49 -13.44 42.08
CA GLN B 199 -19.04 -13.62 42.03
C GLN B 199 -18.68 -15.02 42.54
N PHE B 200 -17.38 -15.28 42.62
CA PHE B 200 -16.88 -16.56 43.09
C PHE B 200 -17.33 -16.82 44.52
N GLY B 201 -17.98 -17.96 44.73
CA GLY B 201 -18.41 -18.37 46.04
C GLY B 201 -19.83 -18.04 46.42
N ASP B 202 -20.76 -18.01 45.46
CA ASP B 202 -22.16 -17.77 45.79
C ASP B 202 -22.86 -19.02 46.33
N ILE B 203 -22.33 -20.21 46.04
CA ILE B 203 -22.87 -21.46 46.56
C ILE B 203 -21.70 -22.30 47.07
N GLN B 204 -21.84 -22.83 48.28
CA GLN B 204 -20.73 -23.46 48.98
C GLN B 204 -21.18 -24.77 49.62
N SER B 205 -20.25 -25.70 49.74
CA SER B 205 -20.49 -26.98 50.41
C SER B 205 -19.18 -27.54 50.90
N ARG B 206 -19.26 -28.38 51.94
CA ARG B 206 -18.06 -28.87 52.61
C ARG B 206 -17.41 -30.04 51.85
N THR B 207 -18.21 -30.94 51.29
CA THR B 207 -17.68 -32.12 50.63
C THR B 207 -18.62 -32.46 49.48
N PRO B 208 -18.13 -33.08 48.40
CA PRO B 208 -19.01 -33.36 47.25
C PRO B 208 -20.16 -34.30 47.55
N GLU B 209 -20.11 -35.06 48.65
CA GLU B 209 -21.18 -35.97 49.02
C GLU B 209 -22.14 -35.39 50.05
N SER B 210 -21.92 -34.16 50.48
CA SER B 210 -22.70 -33.59 51.57
C SER B 210 -24.09 -33.18 51.08
N LYS B 211 -25.00 -33.00 52.03
CA LYS B 211 -26.37 -32.61 51.74
C LYS B 211 -26.69 -31.16 52.06
N ASP B 212 -25.92 -30.53 52.95
CA ASP B 212 -26.18 -29.14 53.30
C ASP B 212 -25.54 -28.19 52.29
N VAL B 213 -26.29 -27.17 51.90
CA VAL B 213 -25.85 -26.19 50.92
C VAL B 213 -26.14 -24.79 51.44
N TYR B 214 -25.30 -23.83 51.04
CA TYR B 214 -25.53 -22.42 51.30
C TYR B 214 -25.67 -21.69 49.97
N ALA B 215 -26.66 -20.79 49.88
CA ALA B 215 -26.98 -20.10 48.64
C ALA B 215 -27.29 -18.64 48.94
N ASN B 216 -26.78 -17.75 48.10
CA ASN B 216 -26.97 -16.31 48.28
C ASN B 216 -27.20 -15.61 46.95
N THR B 217 -28.11 -16.17 46.14
CA THR B 217 -28.57 -15.47 44.95
C THR B 217 -29.76 -14.58 45.29
N GLN B 218 -30.04 -13.63 44.39
CA GLN B 218 -31.22 -12.78 44.51
C GLN B 218 -32.36 -13.41 43.70
N LEU B 219 -33.53 -13.52 44.33
CA LEU B 219 -34.69 -14.13 43.68
C LEU B 219 -35.93 -13.33 44.04
N VAL B 220 -36.59 -12.76 43.04
CA VAL B 220 -37.82 -11.98 43.21
C VAL B 220 -38.82 -12.41 42.15
N LEU B 221 -40.07 -12.56 42.55
CA LEU B 221 -41.13 -12.98 41.65
C LEU B 221 -41.85 -11.78 41.06
N GLN B 222 -42.44 -11.98 39.88
CA GLN B 222 -43.06 -10.91 39.12
C GLN B 222 -44.47 -11.30 38.72
N ARG B 223 -45.25 -10.30 38.34
CA ARG B 223 -46.67 -10.48 38.05
C ARG B 223 -46.86 -11.18 36.71
N PRO B 224 -47.72 -12.18 36.62
CA PRO B 224 -47.95 -12.85 35.33
C PRO B 224 -48.68 -11.97 34.34
N ALA B 225 -48.47 -12.26 33.06
CA ALA B 225 -49.07 -11.48 31.99
C ALA B 225 -50.55 -11.84 31.83
N ALA B 226 -51.27 -10.96 31.14
CA ALA B 226 -52.72 -11.09 31.02
C ALA B 226 -53.08 -12.25 30.10
N GLY B 227 -53.86 -13.20 30.62
CA GLY B 227 -54.34 -14.31 29.82
C GLY B 227 -53.40 -15.50 29.69
N THR B 228 -52.30 -15.52 30.43
CA THR B 228 -51.32 -16.60 30.31
C THR B 228 -51.05 -17.18 31.69
N VAL B 229 -50.78 -18.48 31.71
CA VAL B 229 -50.40 -19.20 32.93
C VAL B 229 -48.91 -19.50 32.85
N HIS B 230 -48.12 -18.81 33.68
CA HIS B 230 -46.69 -19.03 33.75
C HIS B 230 -46.17 -18.41 35.04
N VAL B 231 -44.89 -18.64 35.32
CA VAL B 231 -44.26 -18.19 36.57
C VAL B 231 -42.97 -17.45 36.25
N PRO B 232 -43.01 -16.14 35.98
CA PRO B 232 -41.78 -15.40 35.69
C PRO B 232 -41.04 -15.01 36.96
N TYR B 233 -39.75 -14.77 36.81
CA TYR B 233 -38.88 -14.46 37.94
C TYR B 233 -37.65 -13.71 37.45
N SER B 234 -36.90 -13.16 38.40
CA SER B 234 -35.64 -12.47 38.13
C SER B 234 -34.57 -12.98 39.07
N GLN B 235 -33.36 -13.16 38.54
CA GLN B 235 -32.29 -13.78 39.30
C GLN B 235 -30.94 -13.39 38.70
N ALA B 236 -29.93 -13.31 39.56
CA ALA B 236 -28.56 -13.04 39.14
C ALA B 236 -27.94 -14.31 38.56
N PRO B 237 -27.13 -14.19 37.50
CA PRO B 237 -26.56 -15.37 36.85
C PRO B 237 -25.41 -15.96 37.67
N SER B 238 -24.98 -17.14 37.23
CA SER B 238 -24.02 -17.94 38.00
C SER B 238 -22.64 -17.30 37.98
N GLY B 239 -21.94 -17.44 39.10
CA GLY B 239 -20.60 -16.90 39.24
C GLY B 239 -19.51 -17.88 38.90
N PHE B 240 -19.81 -19.18 38.94
CA PHE B 240 -18.85 -20.18 38.50
C PHE B 240 -18.62 -20.12 37.00
N LYS B 241 -19.67 -19.85 36.22
CA LYS B 241 -19.53 -19.80 34.77
C LYS B 241 -18.75 -18.57 34.32
N TYR B 242 -18.93 -17.43 35.01
CA TYR B 242 -18.19 -16.23 34.67
C TYR B 242 -16.70 -16.41 34.90
N TRP B 243 -16.33 -17.09 35.99
CA TRP B 243 -14.92 -17.23 36.35
C TRP B 243 -14.13 -18.01 35.31
N LEU B 244 -14.75 -19.00 34.66
CA LEU B 244 -14.03 -19.84 33.71
C LEU B 244 -13.62 -19.09 32.46
N LYS B 245 -14.31 -18.00 32.10
CA LYS B 245 -14.02 -17.28 30.88
C LYS B 245 -13.01 -16.14 31.06
N GLU B 246 -12.71 -15.74 32.29
CA GLU B 246 -11.86 -14.58 32.51
C GLU B 246 -10.88 -14.81 33.66
N ARG B 247 -10.37 -16.04 33.78
CA ARG B 247 -9.55 -16.37 34.95
C ARG B 247 -8.08 -16.00 34.79
N GLY B 248 -7.56 -15.96 33.57
CA GLY B 248 -6.17 -15.57 33.38
C GLY B 248 -5.18 -16.71 33.48
N ALA B 249 -3.92 -16.32 33.51
CA ALA B 249 -2.81 -17.27 33.46
C ALA B 249 -2.51 -17.85 34.85
N SER B 250 -1.96 -19.06 34.86
CA SER B 250 -1.69 -19.79 36.08
C SER B 250 -0.23 -19.63 36.51
N LEU B 251 0.16 -20.37 37.55
CA LEU B 251 1.50 -20.23 38.13
C LEU B 251 2.58 -20.79 37.21
N GLN B 252 2.26 -21.77 36.38
CA GLN B 252 3.26 -22.40 35.53
C GLN B 252 3.88 -21.42 34.55
N HIS B 253 3.15 -20.36 34.20
CA HIS B 253 3.62 -19.39 33.22
C HIS B 253 4.11 -18.09 33.85
N THR B 254 4.01 -17.93 35.17
CA THR B 254 4.36 -16.68 35.82
C THR B 254 5.29 -16.82 37.02
N ALA B 255 5.59 -18.04 37.47
CA ALA B 255 6.41 -18.19 38.67
C ALA B 255 7.86 -17.79 38.39
N PRO B 256 8.56 -17.27 39.39
CA PRO B 256 9.96 -16.89 39.21
C PRO B 256 10.91 -18.07 39.48
N PHE B 257 12.19 -17.81 39.21
CA PHE B 257 13.29 -18.75 39.42
C PHE B 257 13.15 -20.02 38.56
N GLY B 258 12.32 -19.98 37.52
CA GLY B 258 12.24 -21.10 36.60
C GLY B 258 11.47 -22.30 37.10
N CYS B 259 10.61 -22.14 38.10
CA CYS B 259 9.94 -23.28 38.70
C CYS B 259 8.90 -23.88 37.76
N GLN B 260 8.63 -25.16 37.95
CA GLN B 260 7.57 -25.88 37.25
C GLN B 260 6.63 -26.51 38.26
N ILE B 261 5.35 -26.64 37.88
CA ILE B 261 4.30 -27.04 38.80
C ILE B 261 3.57 -28.26 38.26
N ALA B 262 3.27 -29.20 39.17
CA ALA B 262 2.40 -30.34 38.89
C ALA B 262 1.36 -30.41 40.00
N THR B 263 0.27 -31.13 39.75
CA THR B 263 -0.93 -30.98 40.56
C THR B 263 -1.44 -32.25 41.24
N ASN B 264 -0.93 -33.43 40.89
CA ASN B 264 -1.44 -34.68 41.46
C ASN B 264 -0.27 -35.53 41.96
N PRO B 265 0.19 -35.29 43.20
CA PRO B 265 -0.19 -34.22 44.13
C PRO B 265 0.49 -32.91 43.79
N VAL B 266 0.19 -31.82 44.51
CA VAL B 266 0.74 -30.51 44.18
C VAL B 266 2.23 -30.50 44.52
N ARG B 267 3.05 -30.09 43.55
CA ARG B 267 4.49 -30.17 43.69
C ARG B 267 5.15 -28.97 43.01
N ALA B 268 6.42 -28.76 43.33
CA ALA B 268 7.27 -27.81 42.65
C ALA B 268 8.61 -28.47 42.36
N VAL B 269 9.06 -28.38 41.11
CA VAL B 269 10.29 -29.07 40.68
C VAL B 269 11.26 -28.05 40.09
N ASN B 270 12.54 -28.25 40.39
CA ASN B 270 13.65 -27.54 39.76
C ASN B 270 13.57 -26.03 39.98
N CYS B 271 13.56 -25.63 41.24
CA CYS B 271 13.72 -24.23 41.64
C CYS B 271 15.15 -24.01 42.11
N ALA B 272 15.82 -23.01 41.55
CA ALA B 272 17.25 -22.80 41.74
C ALA B 272 17.48 -21.70 42.78
N VAL B 273 17.53 -22.08 44.05
CA VAL B 273 17.87 -21.16 45.13
C VAL B 273 18.81 -21.87 46.10
N GLY B 274 19.84 -21.16 46.56
CA GLY B 274 20.66 -21.63 47.67
C GLY B 274 21.66 -22.70 47.29
N ASN B 275 22.08 -23.45 48.31
CA ASN B 275 23.05 -24.52 48.14
C ASN B 275 22.72 -25.65 49.11
N ILE B 276 23.37 -26.80 48.91
CA ILE B 276 23.05 -28.02 49.62
C ILE B 276 24.32 -28.63 50.18
N PRO B 277 24.41 -28.85 51.49
CA PRO B 277 25.58 -29.56 52.05
C PRO B 277 25.43 -31.07 52.02
N ILE B 278 26.55 -31.75 51.78
CA ILE B 278 26.60 -33.21 51.69
C ILE B 278 27.77 -33.71 52.52
N SER B 279 27.58 -34.86 53.17
CA SER B 279 28.62 -35.51 53.95
C SER B 279 28.70 -36.98 53.56
N ILE B 280 29.92 -37.50 53.46
CA ILE B 280 30.17 -38.83 52.92
C ILE B 280 31.22 -39.53 53.78
N ASP B 281 31.05 -40.84 53.95
CA ASP B 281 31.94 -41.66 54.78
C ASP B 281 32.53 -42.76 53.92
N ILE B 282 33.85 -42.85 53.89
CA ILE B 282 34.58 -43.74 53.00
C ILE B 282 35.31 -44.77 53.86
N PRO B 283 35.24 -46.06 53.54
CA PRO B 283 35.95 -47.06 54.32
C PRO B 283 37.44 -47.07 54.03
N ASP B 284 38.19 -47.73 54.92
CA ASP B 284 39.64 -47.74 54.85
C ASP B 284 40.20 -48.70 53.81
N ALA B 285 39.41 -49.68 53.37
CA ALA B 285 39.87 -50.65 52.38
C ALA B 285 40.05 -50.07 50.99
N ALA B 286 39.58 -48.86 50.74
CA ALA B 286 39.59 -48.29 49.39
C ALA B 286 40.81 -47.43 49.11
N PHE B 287 41.71 -47.24 50.06
CA PHE B 287 42.84 -46.35 49.88
C PHE B 287 44.09 -47.13 49.50
N THR B 288 45.09 -46.41 48.98
CA THR B 288 46.37 -46.99 48.59
C THR B 288 47.51 -46.18 49.20
N ARG B 289 48.54 -46.88 49.65
CA ARG B 289 49.68 -46.24 50.31
C ARG B 289 50.52 -45.43 49.31
N VAL B 290 51.22 -44.43 49.83
CA VAL B 290 52.06 -43.58 48.98
C VAL B 290 53.23 -44.36 48.42
N VAL B 291 53.80 -45.27 49.22
CA VAL B 291 54.95 -46.04 48.78
C VAL B 291 54.61 -46.98 47.62
N ASP B 292 53.33 -47.29 47.44
CA ASP B 292 52.92 -48.18 46.35
C ASP B 292 52.51 -47.44 45.09
N ALA B 293 52.20 -46.15 45.18
CA ALA B 293 51.81 -45.40 44.00
C ALA B 293 53.03 -45.02 43.17
N PRO B 294 52.87 -44.92 41.84
CA PRO B 294 53.99 -44.49 40.99
C PRO B 294 54.30 -43.02 41.18
N SER B 295 55.54 -42.66 40.85
CA SER B 295 56.04 -41.30 40.99
C SER B 295 56.49 -40.76 39.64
N VAL B 296 56.42 -39.44 39.50
CA VAL B 296 56.76 -38.73 38.26
C VAL B 296 57.68 -37.57 38.61
N THR B 297 58.69 -37.34 37.77
CA THR B 297 59.83 -36.52 38.18
C THR B 297 60.06 -35.27 37.33
N ASP B 298 59.87 -35.34 36.01
CA ASP B 298 60.15 -34.20 35.14
C ASP B 298 59.00 -33.97 34.19
N MET B 299 58.55 -32.72 34.08
CA MET B 299 57.35 -32.41 33.31
C MET B 299 57.48 -31.03 32.66
N SER B 300 56.68 -30.82 31.62
CA SER B 300 56.62 -29.55 30.92
C SER B 300 55.19 -29.34 30.42
N CYS B 301 54.88 -28.10 30.00
CA CYS B 301 53.53 -27.74 29.59
C CYS B 301 53.56 -26.89 28.33
N GLU B 302 52.59 -27.14 27.44
CA GLU B 302 52.48 -26.41 26.18
C GLU B 302 51.00 -26.29 25.82
N VAL B 303 50.60 -25.12 25.34
CA VAL B 303 49.19 -24.81 25.05
C VAL B 303 49.06 -24.32 23.61
N PRO B 304 48.67 -25.17 22.67
CA PRO B 304 48.58 -24.72 21.27
C PRO B 304 47.31 -23.96 20.90
N ALA B 305 46.26 -23.98 21.73
CA ALA B 305 45.01 -23.32 21.33
C ALA B 305 44.19 -22.98 22.56
N CYS B 306 43.43 -21.89 22.45
CA CYS B 306 42.55 -21.44 23.53
C CYS B 306 41.50 -20.50 22.98
N THR B 307 40.26 -20.65 23.47
CA THR B 307 39.17 -19.74 23.15
C THR B 307 38.18 -19.75 24.31
N HIS B 308 37.93 -18.59 24.90
CA HIS B 308 37.16 -18.52 26.15
C HIS B 308 35.66 -18.46 25.84
N SER B 309 35.14 -19.61 25.44
CA SER B 309 33.73 -19.78 25.15
C SER B 309 33.04 -20.48 26.32
N SER B 310 31.72 -20.66 26.19
CA SER B 310 30.96 -21.33 27.24
C SER B 310 31.15 -22.85 27.23
N ASP B 311 31.75 -23.40 26.18
CA ASP B 311 32.12 -24.80 26.12
C ASP B 311 33.60 -24.95 26.46
N PHE B 312 34.10 -26.18 26.34
CA PHE B 312 35.51 -26.46 26.62
C PHE B 312 36.33 -26.08 25.40
N GLY B 313 37.00 -24.93 25.47
CA GLY B 313 37.72 -24.38 24.33
C GLY B 313 39.22 -24.34 24.44
N GLY B 314 39.83 -25.29 25.15
CA GLY B 314 41.26 -25.34 25.27
C GLY B 314 41.77 -26.76 25.28
N VAL B 315 43.06 -26.90 24.97
CA VAL B 315 43.74 -28.20 24.99
C VAL B 315 45.18 -27.98 25.44
N ALA B 316 45.70 -28.95 26.20
CA ALA B 316 47.03 -28.85 26.78
C ALA B 316 47.74 -30.19 26.65
N ILE B 317 49.08 -30.13 26.63
CA ILE B 317 49.91 -31.32 26.47
C ILE B 317 51.00 -31.30 27.54
N ILE B 318 51.18 -32.43 28.22
CA ILE B 318 52.11 -32.55 29.34
C ILE B 318 53.01 -33.76 29.10
N LYS B 319 54.31 -33.57 29.29
CA LYS B 319 55.29 -34.64 29.18
C LYS B 319 55.69 -35.12 30.57
N TYR B 320 55.96 -36.43 30.69
CA TYR B 320 56.22 -37.01 32.00
C TYR B 320 57.14 -38.20 31.87
N THR B 321 57.79 -38.54 32.99
CA THR B 321 58.59 -39.75 33.13
C THR B 321 58.16 -40.47 34.39
N ALA B 322 57.87 -41.76 34.27
CA ALA B 322 57.23 -42.52 35.34
C ALA B 322 58.08 -43.72 35.73
N SER B 323 58.00 -44.09 37.02
CA SER B 323 58.79 -45.21 37.53
C SER B 323 58.16 -46.56 37.23
N LYS B 324 56.84 -46.65 37.18
CA LYS B 324 56.17 -47.91 36.89
C LYS B 324 54.74 -47.63 36.45
N LYS B 325 54.06 -48.71 36.06
CA LYS B 325 52.71 -48.63 35.54
C LYS B 325 51.70 -48.51 36.67
N GLY B 326 50.68 -47.67 36.47
CA GLY B 326 49.70 -47.44 37.51
C GLY B 326 48.69 -46.40 37.08
N LYS B 327 47.88 -45.96 38.05
CA LYS B 327 46.86 -44.96 37.84
C LYS B 327 47.09 -43.75 38.74
N CYS B 328 46.61 -42.59 38.27
CA CYS B 328 46.82 -41.33 38.95
C CYS B 328 45.62 -40.41 38.71
N ALA B 329 45.50 -39.42 39.60
CA ALA B 329 44.40 -38.46 39.56
C ALA B 329 44.94 -37.08 39.17
N VAL B 330 44.07 -36.28 38.56
CA VAL B 330 44.40 -34.92 38.13
C VAL B 330 43.51 -33.95 38.88
N HIS B 331 44.01 -32.73 39.08
CA HIS B 331 43.28 -31.72 39.83
C HIS B 331 43.93 -30.37 39.60
N SER B 332 43.10 -29.33 39.58
CA SER B 332 43.55 -27.96 39.35
C SER B 332 43.71 -27.22 40.67
N MET B 333 44.63 -26.25 40.68
CA MET B 333 44.94 -25.44 41.85
C MET B 333 44.46 -24.01 41.72
N THR B 334 43.58 -23.73 40.76
CA THR B 334 43.02 -22.40 40.57
C THR B 334 41.50 -22.53 40.53
N ASN B 335 40.81 -21.40 40.72
CA ASN B 335 39.36 -21.40 40.78
C ASN B 335 38.70 -20.99 39.46
N ALA B 336 39.41 -20.28 38.60
CA ALA B 336 38.83 -19.78 37.35
C ALA B 336 38.93 -20.78 36.20
N VAL B 337 39.61 -21.91 36.39
CA VAL B 337 39.83 -22.90 35.34
C VAL B 337 39.37 -24.25 35.84
N THR B 338 38.56 -24.93 35.03
CA THR B 338 37.97 -26.21 35.38
C THR B 338 38.41 -27.29 34.40
N ILE B 339 38.60 -28.50 34.90
CA ILE B 339 39.18 -29.60 34.13
C ILE B 339 38.17 -30.75 34.06
N ARG B 340 38.04 -31.35 32.88
CA ARG B 340 37.05 -32.40 32.68
C ARG B 340 37.53 -33.74 33.20
N GLU B 341 38.78 -34.10 32.93
CA GLU B 341 39.27 -35.45 33.25
C GLU B 341 39.41 -35.64 34.75
N ALA B 342 39.19 -36.87 35.20
CA ALA B 342 39.33 -37.24 36.60
C ALA B 342 40.53 -38.12 36.90
N ASP B 343 40.88 -39.05 36.01
CA ASP B 343 42.01 -39.93 36.22
C ASP B 343 42.65 -40.30 34.89
N VAL B 344 43.94 -40.63 34.92
CA VAL B 344 44.70 -40.98 33.73
C VAL B 344 45.53 -42.22 34.02
N GLU B 345 46.06 -42.81 32.96
CA GLU B 345 46.91 -43.99 33.01
C GLU B 345 48.31 -43.62 32.54
N VAL B 346 49.33 -44.02 33.29
CA VAL B 346 50.70 -43.56 33.08
C VAL B 346 51.62 -44.76 32.86
N GLU B 347 52.61 -44.58 31.99
CA GLU B 347 53.61 -45.60 31.73
C GLU B 347 54.82 -45.03 31.00
N GLY B 348 56.02 -45.28 31.52
CA GLY B 348 57.24 -45.00 30.77
C GLY B 348 57.41 -43.53 30.46
N ASN B 349 57.76 -43.23 29.21
CA ASN B 349 57.97 -41.86 28.73
C ASN B 349 57.00 -41.59 27.59
N SER B 350 56.01 -40.75 27.84
CA SER B 350 55.02 -40.41 26.83
C SER B 350 54.38 -39.08 27.23
N GLN B 351 53.24 -38.75 26.63
CA GLN B 351 52.56 -37.50 26.91
C GLN B 351 51.05 -37.75 26.97
N LEU B 352 50.35 -36.86 27.67
CA LEU B 352 48.91 -36.94 27.83
C LEU B 352 48.28 -35.62 27.40
N GLN B 353 46.96 -35.68 27.16
CA GLN B 353 46.21 -34.56 26.62
C GLN B 353 44.97 -34.33 27.47
N ILE B 354 44.73 -33.08 27.86
CA ILE B 354 43.59 -32.70 28.68
C ILE B 354 42.90 -31.48 28.06
N SER B 355 41.69 -31.21 28.54
CA SER B 355 40.90 -30.07 28.07
C SER B 355 40.41 -29.25 29.26
N PHE B 356 40.12 -27.98 28.99
CA PHE B 356 39.73 -27.05 30.04
C PHE B 356 38.84 -25.97 29.46
N SER B 357 38.23 -25.18 30.34
CA SER B 357 37.44 -24.02 29.96
C SER B 357 37.64 -22.91 30.99
N THR B 358 37.60 -21.67 30.51
CA THR B 358 37.87 -20.52 31.38
C THR B 358 37.36 -19.25 30.70
N ALA B 359 37.32 -18.17 31.47
CA ALA B 359 36.81 -16.89 31.01
C ALA B 359 37.87 -15.79 31.00
N LEU B 360 39.11 -16.11 31.33
CA LEU B 360 40.16 -15.09 31.41
C LEU B 360 40.69 -14.76 30.01
N ALA B 361 41.17 -13.53 29.87
CA ALA B 361 41.84 -13.13 28.63
C ALA B 361 43.25 -13.68 28.54
N SER B 362 43.91 -13.89 29.68
CA SER B 362 45.25 -14.46 29.73
C SER B 362 45.26 -15.53 30.82
N ALA B 363 45.58 -16.77 30.43
CA ALA B 363 45.46 -17.91 31.33
C ALA B 363 46.78 -18.17 32.04
N GLU B 364 46.69 -18.51 33.32
CA GLU B 364 47.85 -18.94 34.09
C GLU B 364 47.36 -19.75 35.28
N PHE B 365 47.77 -21.01 35.36
CA PHE B 365 47.24 -21.91 36.38
C PHE B 365 48.27 -23.02 36.64
N ARG B 366 47.97 -23.82 37.66
CA ARG B 366 48.83 -24.91 38.09
C ARG B 366 48.04 -26.22 38.08
N VAL B 367 48.74 -27.31 37.77
CA VAL B 367 48.13 -28.63 37.63
C VAL B 367 48.92 -29.64 38.45
N GLN B 368 48.22 -30.50 39.18
CA GLN B 368 48.83 -31.50 40.05
C GLN B 368 48.53 -32.90 39.54
N VAL B 369 49.57 -33.72 39.41
CA VAL B 369 49.46 -35.10 38.94
C VAL B 369 50.31 -35.99 39.85
N CYS B 370 49.66 -36.64 40.82
CA CYS B 370 50.34 -37.54 41.76
C CYS B 370 51.54 -36.87 42.43
N SER B 371 51.23 -35.82 43.19
CA SER B 371 52.17 -35.18 44.13
C SER B 371 53.26 -34.36 43.45
N THR B 372 52.98 -33.79 42.28
CA THR B 372 53.90 -32.83 41.68
C THR B 372 53.10 -31.78 40.93
N GLN B 373 53.75 -30.67 40.59
CA GLN B 373 53.07 -29.50 40.08
C GLN B 373 53.78 -28.94 38.84
N VAL B 374 53.01 -28.24 38.02
CA VAL B 374 53.45 -27.72 36.73
C VAL B 374 52.80 -26.35 36.53
N HIS B 375 53.48 -25.48 35.79
CA HIS B 375 53.01 -24.13 35.50
C HIS B 375 52.75 -23.98 34.01
N CYS B 376 51.56 -23.46 33.66
CA CYS B 376 51.16 -23.27 32.27
C CYS B 376 50.72 -21.82 32.05
N ALA B 377 50.86 -21.36 30.82
CA ALA B 377 50.48 -20.00 30.45
C ALA B 377 50.25 -19.92 28.96
N ALA B 378 49.32 -19.06 28.56
CA ALA B 378 48.96 -18.88 27.15
C ALA B 378 48.03 -17.68 27.02
N ALA B 379 47.68 -17.35 25.78
CA ALA B 379 46.75 -16.27 25.45
C ALA B 379 45.54 -16.83 24.72
N CYS B 380 44.40 -16.18 24.88
CA CYS B 380 43.13 -16.72 24.40
C CYS B 380 42.37 -15.67 23.58
N HIS B 381 41.58 -16.16 22.62
CA HIS B 381 40.82 -15.36 21.68
C HIS B 381 39.33 -15.37 22.04
N PRO B 382 38.57 -14.38 21.59
CA PRO B 382 37.13 -14.34 21.87
C PRO B 382 36.34 -15.13 20.85
N PRO B 383 35.10 -15.51 21.17
CA PRO B 383 34.27 -16.25 20.20
C PRO B 383 33.53 -15.35 19.24
N LYS B 384 32.77 -15.93 18.31
CA LYS B 384 32.09 -15.17 17.27
C LYS B 384 30.59 -15.40 17.22
N ASP B 385 30.02 -16.24 18.08
CA ASP B 385 28.58 -16.49 18.10
C ASP B 385 27.93 -15.71 19.23
N HIS B 386 26.71 -15.22 18.98
CA HIS B 386 26.04 -14.31 19.89
C HIS B 386 25.25 -15.04 20.98
N ILE B 387 24.46 -16.05 20.62
CA ILE B 387 23.53 -16.69 21.55
C ILE B 387 23.65 -18.21 21.42
N VAL B 388 23.60 -18.89 22.56
CA VAL B 388 23.66 -20.34 22.63
C VAL B 388 22.47 -20.85 23.43
N ASN B 389 22.35 -22.18 23.52
CA ASN B 389 21.19 -22.83 24.11
C ASN B 389 21.52 -23.59 25.40
N TYR B 390 22.63 -23.26 26.06
CA TYR B 390 23.01 -23.97 27.29
C TYR B 390 23.79 -23.01 28.18
N PRO B 391 23.80 -23.26 29.49
CA PRO B 391 24.47 -22.34 30.41
C PRO B 391 25.98 -22.57 30.46
N ALA B 392 26.66 -21.63 31.09
CA ALA B 392 28.11 -21.67 31.19
C ALA B 392 28.56 -22.71 32.22
N SER B 393 29.78 -23.21 32.03
CA SER B 393 30.36 -24.21 32.92
C SER B 393 31.63 -23.71 33.61
N HIS B 394 31.75 -22.40 33.80
CA HIS B 394 32.86 -21.82 34.54
C HIS B 394 32.34 -20.66 35.38
N THR B 395 33.22 -20.16 36.25
CA THR B 395 32.84 -19.14 37.22
C THR B 395 33.04 -17.74 36.65
N THR B 396 32.58 -16.74 37.39
CA THR B 396 32.68 -15.36 37.00
C THR B 396 33.97 -14.74 37.56
N LEU B 397 34.44 -13.70 36.90
CA LEU B 397 35.73 -13.08 37.21
C LEU B 397 35.55 -11.79 38.00
N GLY B 398 36.61 -11.40 38.70
CA GLY B 398 36.58 -10.26 39.58
C GLY B 398 37.42 -9.10 39.08
N VAL B 399 37.61 -8.12 39.97
CA VAL B 399 38.29 -6.89 39.58
C VAL B 399 39.80 -7.06 39.52
N GLN B 400 40.36 -8.05 40.21
CA GLN B 400 41.80 -8.28 40.19
C GLN B 400 42.28 -9.05 38.97
N ASP B 401 41.36 -9.55 38.14
CA ASP B 401 41.73 -10.27 36.92
C ASP B 401 41.80 -9.28 35.77
N ILE B 402 43.00 -9.06 35.26
CA ILE B 402 43.24 -8.11 34.18
C ILE B 402 44.35 -8.67 33.29
N SER B 403 44.32 -8.28 32.01
CA SER B 403 45.30 -8.76 31.05
C SER B 403 46.70 -8.28 31.42
N THR B 404 47.70 -9.09 31.04
CA THR B 404 49.09 -8.73 31.33
C THR B 404 49.50 -7.46 30.59
N THR B 405 49.09 -7.31 29.34
CA THR B 405 49.42 -6.11 28.59
C THR B 405 48.80 -4.87 29.23
N ALA B 406 47.56 -4.99 29.71
CA ALA B 406 46.90 -3.86 30.34
C ALA B 406 47.58 -3.48 31.65
N MET B 407 48.01 -4.47 32.44
CA MET B 407 48.61 -4.19 33.74
C MET B 407 49.94 -3.45 33.61
N SER B 408 50.69 -3.73 32.53
CA SER B 408 51.98 -3.06 32.35
C SER B 408 51.81 -1.56 32.17
N TRP B 409 50.82 -1.14 31.38
CA TRP B 409 50.62 0.28 31.14
C TRP B 409 50.25 1.04 32.41
N VAL B 410 49.54 0.38 33.34
CA VAL B 410 49.15 1.03 34.57
C VAL B 410 50.37 1.41 35.40
N GLN B 411 51.34 0.49 35.50
CA GLN B 411 52.53 0.76 36.30
C GLN B 411 53.36 1.91 35.72
N LYS B 412 53.45 1.98 34.39
CA LYS B 412 54.20 3.06 33.76
C LYS B 412 53.61 4.42 34.09
N ILE B 413 52.29 4.56 33.98
CA ILE B 413 51.64 5.85 34.17
C ILE B 413 51.72 6.26 35.64
N THR B 414 51.35 5.36 36.55
CA THR B 414 51.36 5.69 37.97
C THR B 414 52.76 6.01 38.45
N GLY B 415 53.74 5.20 38.08
CA GLY B 415 55.11 5.42 38.54
C GLY B 415 55.69 6.72 37.99
N GLY B 416 55.35 7.07 36.75
CA GLY B 416 55.90 8.28 36.17
C GLY B 416 55.47 9.54 36.91
N VAL B 417 54.18 9.64 37.23
CA VAL B 417 53.69 10.79 37.98
C VAL B 417 54.30 10.79 39.37
N GLY B 418 54.48 9.61 39.97
CA GLY B 418 55.06 9.52 41.30
C GLY B 418 56.47 10.06 41.37
N LEU B 419 57.24 9.93 40.28
CA LEU B 419 58.59 10.44 40.27
C LEU B 419 58.61 11.96 40.32
N ILE B 420 57.69 12.62 39.62
CA ILE B 420 57.66 14.07 39.59
C ILE B 420 57.31 14.62 40.98
N VAL B 421 56.33 14.01 41.65
CA VAL B 421 55.98 14.44 43.00
C VAL B 421 57.16 14.21 43.95
N ALA B 422 57.88 13.10 43.75
CA ALA B 422 59.00 12.79 44.64
C ALA B 422 60.12 13.80 44.53
N VAL B 423 60.49 14.19 43.31
CA VAL B 423 61.66 15.06 43.14
C VAL B 423 61.35 16.47 43.64
N ALA B 424 60.14 16.96 43.42
CA ALA B 424 59.78 18.29 43.87
C ALA B 424 59.80 18.39 45.39
N ALA B 425 59.38 17.32 46.07
CA ALA B 425 59.38 17.32 47.53
C ALA B 425 60.78 17.38 48.10
N LEU B 426 61.76 16.77 47.41
CA LEU B 426 63.13 16.78 47.89
C LEU B 426 63.70 18.20 47.89
N ILE B 427 63.37 18.98 46.86
CA ILE B 427 63.85 20.37 46.78
C ILE B 427 63.34 21.18 47.96
N LEU B 428 62.06 21.02 48.29
CA LEU B 428 61.45 21.83 49.34
C LEU B 428 62.10 21.59 50.70
N ILE B 429 62.40 20.33 51.02
CA ILE B 429 62.91 20.00 52.34
C ILE B 429 64.32 20.55 52.54
N VAL B 430 65.15 20.49 51.50
CA VAL B 430 66.51 21.03 51.61
C VAL B 430 66.47 22.53 51.83
N VAL B 431 65.58 23.24 51.14
CA VAL B 431 65.49 24.69 51.31
C VAL B 431 65.06 25.04 52.73
N LEU B 432 64.10 24.29 53.28
CA LEU B 432 63.61 24.59 54.62
C LEU B 432 64.67 24.31 55.68
N CYS B 433 65.52 23.31 55.46
CA CYS B 433 66.53 22.96 56.47
C CYS B 433 67.61 24.03 56.57
N VAL B 434 68.07 24.56 55.43
CA VAL B 434 69.14 25.55 55.48
C VAL B 434 68.66 26.84 56.13
N SER B 435 67.40 27.22 55.91
CA SER B 435 66.87 28.44 56.49
C SER B 435 66.84 28.36 58.01
N PHE B 436 66.48 27.19 58.54
CA PHE B 436 66.45 27.01 60.00
C PHE B 436 67.83 27.21 60.61
N SER B 437 68.86 26.66 59.97
CA SER B 437 70.22 26.75 60.53
C SER B 437 70.82 28.13 60.29
N ARG B 438 70.52 28.75 59.16
CA ARG B 438 71.15 30.03 58.83
C ARG B 438 70.79 31.13 59.82
N HIS B 439 69.53 31.15 60.27
CA HIS B 439 69.10 32.16 61.21
C HIS B 439 69.52 31.80 62.64
N TYR C 1 14.29 30.08 -46.13
CA TYR C 1 14.24 31.06 -45.06
C TYR C 1 13.97 30.38 -43.72
N GLU C 2 14.91 30.54 -42.78
CA GLU C 2 14.88 29.82 -41.51
C GLU C 2 14.30 30.70 -40.41
N HIS C 3 13.57 30.06 -39.50
CA HIS C 3 12.95 30.73 -38.36
C HIS C 3 13.00 29.81 -37.15
N VAL C 4 13.36 30.36 -36.00
CA VAL C 4 13.54 29.59 -34.77
C VAL C 4 12.64 30.16 -33.68
N THR C 5 12.00 29.28 -32.92
CA THR C 5 11.12 29.66 -31.83
C THR C 5 11.31 28.70 -30.67
N VAL C 6 10.75 29.08 -29.52
CA VAL C 6 10.79 28.25 -28.31
C VAL C 6 9.41 28.26 -27.68
N ILE C 7 8.88 27.08 -27.36
CA ILE C 7 7.55 26.97 -26.76
C ILE C 7 7.64 26.16 -25.46
N PRO C 8 6.89 26.53 -24.42
CA PRO C 8 6.91 25.74 -23.18
C PRO C 8 6.16 24.44 -23.34
N ASN C 9 6.51 23.48 -22.48
CA ASN C 9 5.99 22.12 -22.56
C ASN C 9 4.69 22.01 -21.75
N THR C 10 3.62 22.56 -22.33
CA THR C 10 2.28 22.45 -21.74
C THR C 10 1.31 22.04 -22.83
N VAL C 11 0.45 21.09 -22.53
CA VAL C 11 -0.47 20.51 -23.50
C VAL C 11 -1.80 21.27 -23.47
N GLY C 12 -2.30 21.61 -24.65
CA GLY C 12 -3.65 22.16 -24.77
C GLY C 12 -3.76 23.66 -24.76
N VAL C 13 -2.67 24.41 -24.97
CA VAL C 13 -2.72 25.86 -25.03
C VAL C 13 -2.01 26.33 -26.30
N PRO C 14 -2.67 27.06 -27.19
CA PRO C 14 -2.03 27.48 -28.43
C PRO C 14 -1.07 28.64 -28.22
N TYR C 15 -0.13 28.76 -29.16
CA TYR C 15 0.87 29.82 -29.14
C TYR C 15 0.99 30.42 -30.53
N LYS C 16 1.48 31.65 -30.58
CA LYS C 16 1.61 32.39 -31.83
C LYS C 16 2.99 33.00 -31.97
N THR C 17 3.46 33.11 -33.21
CA THR C 17 4.76 33.69 -33.52
C THR C 17 4.64 34.52 -34.79
N LEU C 18 5.55 35.47 -34.94
CA LEU C 18 5.52 36.43 -36.04
C LEU C 18 6.71 36.24 -36.95
N VAL C 19 6.47 36.19 -38.25
CA VAL C 19 7.50 36.07 -39.26
C VAL C 19 7.47 37.34 -40.12
N ASN C 20 8.60 38.04 -40.18
CA ASN C 20 8.68 39.33 -40.85
C ASN C 20 9.88 39.32 -41.78
N ARG C 21 9.64 39.46 -43.08
CA ARG C 21 10.68 39.38 -44.09
C ARG C 21 10.59 40.62 -44.98
N PRO C 22 11.65 41.41 -45.10
CA PRO C 22 11.56 42.65 -45.88
C PRO C 22 11.23 42.37 -47.34
N GLY C 23 10.36 43.22 -47.90
CA GLY C 23 9.86 43.03 -49.24
C GLY C 23 8.54 42.30 -49.34
N TYR C 24 8.07 41.69 -48.25
CA TYR C 24 6.85 40.90 -48.26
C TYR C 24 6.01 41.24 -47.04
N SER C 25 4.73 40.86 -47.09
CA SER C 25 3.81 41.11 -45.99
C SER C 25 4.04 40.15 -44.83
N PRO C 26 3.80 40.61 -43.60
CA PRO C 26 4.00 39.72 -42.44
C PRO C 26 2.96 38.60 -42.39
N MET C 27 3.37 37.50 -41.76
CA MET C 27 2.56 36.29 -41.68
C MET C 27 2.65 35.72 -40.27
N VAL C 28 1.52 35.23 -39.74
CA VAL C 28 1.40 34.81 -38.35
C VAL C 28 1.01 33.33 -38.32
N LEU C 29 1.71 32.57 -37.48
CA LEU C 29 1.52 31.13 -37.36
C LEU C 29 0.99 30.77 -35.97
N GLU C 30 0.36 29.59 -35.88
CA GLU C 30 -0.21 29.11 -34.64
C GLU C 30 0.08 27.62 -34.47
N MET C 31 0.47 27.23 -33.26
CA MET C 31 0.89 25.86 -32.98
C MET C 31 0.29 25.38 -31.67
N GLU C 32 0.05 24.07 -31.57
CA GLU C 32 -0.55 23.48 -30.39
C GLU C 32 -0.06 22.05 -30.22
N LEU C 33 0.21 21.67 -28.97
CA LEU C 33 0.84 20.40 -28.64
C LEU C 33 -0.21 19.41 -28.15
N GLN C 34 -0.09 18.16 -28.60
CA GLN C 34 -1.10 17.15 -28.31
C GLN C 34 -0.60 15.94 -27.51
N SER C 35 0.68 15.58 -27.60
CA SER C 35 1.19 14.48 -26.79
C SER C 35 2.71 14.50 -26.76
N VAL C 36 3.26 14.02 -25.64
CA VAL C 36 4.70 13.79 -25.48
C VAL C 36 4.88 12.46 -24.75
N THR C 37 5.80 11.63 -25.23
CA THR C 37 5.97 10.28 -24.72
C THR C 37 7.44 9.98 -24.46
N LEU C 38 7.72 9.27 -23.36
CA LEU C 38 9.05 8.80 -23.01
C LEU C 38 9.04 7.29 -22.85
N GLU C 39 10.13 6.64 -23.29
CA GLU C 39 10.18 5.17 -23.29
C GLU C 39 11.60 4.68 -23.01
N PRO C 40 11.81 3.94 -21.91
CA PRO C 40 13.17 3.51 -21.55
C PRO C 40 13.60 2.21 -22.21
N THR C 41 14.84 1.79 -21.93
CA THR C 41 15.38 0.53 -22.43
C THR C 41 15.45 -0.46 -21.27
N LEU C 42 14.99 -1.68 -21.52
CA LEU C 42 14.80 -2.68 -20.48
C LEU C 42 15.59 -3.95 -20.77
N SER C 43 15.98 -4.64 -19.70
CA SER C 43 16.58 -5.97 -19.78
C SER C 43 16.06 -6.82 -18.63
N LEU C 44 15.86 -8.11 -18.89
CA LEU C 44 15.20 -9.00 -17.94
C LEU C 44 16.21 -9.71 -17.04
N ASP C 45 15.79 -9.98 -15.80
CA ASP C 45 16.66 -10.64 -14.82
C ASP C 45 16.13 -12.01 -14.41
N TYR C 46 14.92 -12.11 -13.89
CA TYR C 46 14.33 -13.40 -13.53
C TYR C 46 12.82 -13.20 -13.29
N ILE C 47 12.13 -14.31 -13.05
CA ILE C 47 10.70 -14.34 -12.80
C ILE C 47 10.41 -15.17 -11.55
N THR C 48 9.21 -15.01 -11.02
CA THR C 48 8.78 -15.74 -9.83
C THR C 48 7.34 -16.20 -9.99
N CYS C 49 7.00 -17.30 -9.33
CA CYS C 49 5.63 -17.83 -9.30
C CYS C 49 5.49 -18.76 -8.10
N GLU C 50 4.41 -19.53 -8.06
CA GLU C 50 4.16 -20.46 -6.98
C GLU C 50 5.00 -21.74 -7.15
N TYR C 51 4.98 -22.58 -6.12
CA TYR C 51 5.69 -23.85 -6.12
C TYR C 51 4.74 -24.99 -5.77
N LYS C 52 5.22 -26.21 -5.98
CA LYS C 52 4.45 -27.42 -5.71
C LYS C 52 5.33 -28.44 -5.00
N THR C 53 4.72 -29.26 -4.15
CA THR C 53 5.42 -30.30 -3.40
C THR C 53 4.98 -31.68 -3.89
N VAL C 54 5.94 -32.59 -4.04
CA VAL C 54 5.70 -33.93 -4.55
C VAL C 54 6.03 -34.93 -3.46
N ILE C 55 5.08 -35.83 -3.15
CA ILE C 55 5.27 -36.84 -2.12
C ILE C 55 4.74 -38.18 -2.62
N PRO C 56 5.60 -39.20 -2.75
CA PRO C 56 5.11 -40.53 -3.16
C PRO C 56 4.66 -41.38 -1.99
N SER C 57 4.26 -42.62 -2.27
CA SER C 57 3.73 -43.50 -1.24
C SER C 57 4.84 -43.91 -0.27
N PRO C 58 4.54 -44.02 1.02
CA PRO C 58 5.55 -44.46 1.98
C PRO C 58 5.85 -45.95 1.84
N TYR C 59 7.00 -46.35 2.36
CA TYR C 59 7.47 -47.73 2.32
C TYR C 59 7.51 -48.28 3.73
N VAL C 60 6.78 -49.36 3.97
CA VAL C 60 6.72 -50.00 5.29
C VAL C 60 7.39 -51.36 5.19
N LYS C 61 8.46 -51.54 5.97
CA LYS C 61 9.20 -52.78 6.03
C LYS C 61 9.18 -53.30 7.46
N CYS C 62 8.59 -54.47 7.66
CA CYS C 62 8.45 -55.04 8.99
C CYS C 62 9.44 -56.17 9.21
N CYS C 63 9.97 -56.25 10.44
CA CYS C 63 11.00 -57.21 10.81
C CYS C 63 12.27 -56.98 10.00
N GLY C 64 12.72 -55.72 9.97
CA GLY C 64 13.89 -55.35 9.21
C GLY C 64 14.25 -53.90 9.46
N THR C 65 15.36 -53.47 8.87
CA THR C 65 15.81 -52.09 8.92
C THR C 65 16.04 -51.58 7.51
N ALA C 66 15.56 -50.36 7.23
CA ALA C 66 15.66 -49.75 5.91
C ALA C 66 16.71 -48.63 5.92
N GLU C 67 17.08 -48.19 4.72
CA GLU C 67 18.08 -47.15 4.53
C GLU C 67 17.82 -46.46 3.20
N CYS C 68 18.38 -45.26 3.04
CA CYS C 68 18.12 -44.45 1.85
C CYS C 68 19.39 -43.76 1.39
N LYS C 69 19.38 -43.35 0.12
CA LYS C 69 20.51 -42.72 -0.55
C LYS C 69 20.16 -41.29 -0.93
N ASP C 70 21.17 -40.55 -1.37
CA ASP C 70 21.03 -39.14 -1.71
C ASP C 70 20.72 -38.94 -3.18
N LYS C 71 20.11 -37.79 -3.48
CA LYS C 71 19.78 -37.39 -4.84
C LYS C 71 20.05 -35.89 -4.99
N SER C 72 20.03 -35.43 -6.24
CA SER C 72 20.41 -34.06 -6.56
C SER C 72 19.22 -33.12 -6.74
N LEU C 73 18.00 -33.59 -6.53
CA LEU C 73 16.83 -32.75 -6.75
C LEU C 73 16.76 -31.65 -5.71
N PRO C 74 16.11 -30.52 -6.03
CA PRO C 74 16.03 -29.41 -5.08
C PRO C 74 15.27 -29.79 -3.81
N ASP C 75 15.81 -29.37 -2.68
CA ASP C 75 15.19 -29.56 -1.35
C ASP C 75 14.79 -31.01 -1.12
N TYR C 76 15.76 -31.90 -1.20
CA TYR C 76 15.54 -33.32 -0.96
C TYR C 76 15.74 -33.65 0.52
N SER C 77 14.96 -34.61 1.01
CA SER C 77 15.07 -35.03 2.40
C SER C 77 14.62 -36.49 2.54
N CYS C 78 15.28 -37.21 3.45
CA CYS C 78 14.91 -38.58 3.77
C CYS C 78 15.13 -38.83 5.26
N LYS C 79 14.25 -39.62 5.87
CA LYS C 79 14.35 -39.96 7.28
C LYS C 79 13.82 -41.37 7.50
N VAL C 80 14.22 -41.95 8.64
CA VAL C 80 13.88 -43.32 9.00
C VAL C 80 13.37 -43.34 10.43
N PHE C 81 12.18 -43.91 10.62
CA PHE C 81 11.53 -43.96 11.93
C PHE C 81 11.34 -45.40 12.37
N THR C 82 11.43 -45.63 13.68
CA THR C 82 11.44 -46.96 14.25
C THR C 82 10.26 -47.17 15.19
N GLY C 83 9.79 -48.41 15.28
CA GLY C 83 8.76 -48.76 16.24
C GLY C 83 7.33 -48.50 15.80
N VAL C 84 7.01 -48.72 14.53
CA VAL C 84 5.70 -48.40 14.00
C VAL C 84 4.84 -49.66 13.96
N TYR C 85 3.53 -49.46 13.84
CA TYR C 85 2.55 -50.54 13.87
C TYR C 85 1.26 -50.12 13.18
N PRO C 86 1.20 -50.17 11.86
CA PRO C 86 0.07 -49.59 11.14
C PRO C 86 -1.19 -50.47 11.22
N PHE C 87 -2.31 -49.86 10.84
CA PHE C 87 -3.59 -50.53 10.74
C PHE C 87 -4.26 -50.21 9.41
N MET C 88 -5.08 -51.14 8.94
CA MET C 88 -5.91 -50.92 7.75
C MET C 88 -7.35 -51.26 8.05
N TRP C 89 -8.21 -51.23 7.03
CA TRP C 89 -9.63 -51.46 7.25
C TRP C 89 -9.93 -52.91 7.62
N GLY C 90 -9.03 -53.84 7.31
CA GLY C 90 -9.29 -55.24 7.57
C GLY C 90 -8.53 -55.82 8.75
N GLY C 91 -7.60 -55.05 9.32
CA GLY C 91 -6.78 -55.53 10.40
C GLY C 91 -5.36 -55.04 10.26
N ALA C 92 -4.48 -55.60 11.10
CA ALA C 92 -3.08 -55.21 11.10
C ALA C 92 -2.41 -55.58 9.78
N TYR C 93 -1.39 -54.80 9.42
CA TYR C 93 -0.73 -54.98 8.12
C TYR C 93 0.27 -56.12 8.16
N CYS C 94 1.24 -56.05 9.07
CA CYS C 94 2.33 -57.01 9.12
C CYS C 94 2.35 -57.76 10.44
N PHE C 95 2.90 -58.98 10.39
CA PHE C 95 2.84 -59.90 11.53
C PHE C 95 3.63 -59.36 12.72
N CYS C 96 4.87 -58.94 12.49
CA CYS C 96 5.81 -58.69 13.58
C CYS C 96 5.29 -57.59 14.50
N ASP C 97 5.51 -57.76 15.80
CA ASP C 97 4.99 -56.85 16.82
C ASP C 97 6.00 -55.76 17.16
N ALA C 98 7.21 -55.84 16.61
CA ALA C 98 8.20 -54.77 16.75
C ALA C 98 9.21 -54.93 15.62
N GLU C 99 10.25 -54.11 15.67
CA GLU C 99 11.32 -54.07 14.66
C GLU C 99 10.77 -53.75 13.27
N ASN C 100 9.75 -52.90 13.21
CA ASN C 100 9.26 -52.36 11.95
C ASN C 100 9.84 -50.97 11.71
N THR C 101 9.88 -50.58 10.44
CA THR C 101 10.47 -49.31 10.04
C THR C 101 9.65 -48.70 8.92
N GLN C 102 9.74 -47.37 8.80
CA GLN C 102 9.08 -46.61 7.75
C GLN C 102 10.06 -45.61 7.14
N LEU C 103 9.98 -45.45 5.82
CA LEU C 103 10.83 -44.53 5.07
C LEU C 103 9.95 -43.50 4.35
N SER C 104 10.39 -42.24 4.35
CA SER C 104 9.64 -41.16 3.72
C SER C 104 10.59 -40.19 3.03
N GLU C 105 10.10 -39.55 1.96
CA GLU C 105 10.90 -38.63 1.19
C GLU C 105 10.00 -37.66 0.43
N ALA C 106 10.55 -36.50 0.08
CA ALA C 106 9.83 -35.47 -0.66
C ALA C 106 10.82 -34.49 -1.27
N HIS C 107 10.36 -33.76 -2.29
CA HIS C 107 11.16 -32.71 -2.91
C HIS C 107 10.24 -31.67 -3.54
N VAL C 108 10.83 -30.59 -4.01
CA VAL C 108 10.12 -29.38 -4.43
C VAL C 108 10.31 -29.17 -5.93
N GLU C 109 9.24 -28.76 -6.61
CA GLU C 109 9.25 -28.53 -8.04
C GLU C 109 8.69 -27.16 -8.39
N LYS C 110 8.40 -26.93 -9.69
CA LYS C 110 7.81 -25.69 -10.17
C LYS C 110 6.43 -25.96 -10.72
N SER C 111 5.49 -25.06 -10.41
CA SER C 111 4.09 -25.29 -10.75
C SER C 111 3.84 -25.02 -12.25
N GLU C 112 2.76 -25.64 -12.75
CA GLU C 112 2.42 -25.51 -14.16
C GLU C 112 1.77 -24.16 -14.49
N SER C 113 1.04 -23.59 -13.54
CA SER C 113 0.33 -22.33 -13.75
C SER C 113 1.25 -21.12 -13.91
N CYS C 114 2.57 -21.31 -13.88
CA CYS C 114 3.50 -20.19 -13.99
C CYS C 114 3.48 -19.52 -15.35
N LYS C 115 2.86 -20.13 -16.36
CA LYS C 115 2.80 -19.52 -17.68
C LYS C 115 1.71 -18.46 -17.81
N THR C 116 0.82 -18.35 -16.82
CA THR C 116 -0.23 -17.34 -16.84
C THR C 116 -0.14 -16.34 -15.70
N GLU C 117 0.33 -16.76 -14.52
CA GLU C 117 0.43 -15.90 -13.35
C GLU C 117 1.90 -15.79 -12.96
N PHE C 118 2.51 -14.64 -13.25
CA PHE C 118 3.92 -14.43 -12.90
C PHE C 118 4.21 -12.94 -12.84
N ALA C 119 5.34 -12.62 -12.22
CA ALA C 119 5.85 -11.25 -12.14
C ALA C 119 7.29 -11.24 -12.64
N SER C 120 7.73 -10.07 -13.12
CA SER C 120 9.00 -9.97 -13.82
C SER C 120 9.82 -8.80 -13.29
N ALA C 121 11.14 -8.98 -13.25
CA ALA C 121 12.08 -7.99 -12.77
C ALA C 121 12.93 -7.46 -13.93
N TYR C 122 13.22 -6.17 -13.91
CA TYR C 122 13.91 -5.51 -15.01
C TYR C 122 14.99 -4.57 -14.47
N ARG C 123 15.83 -4.11 -15.39
CA ARG C 123 16.74 -2.99 -15.17
C ARG C 123 16.51 -1.95 -16.25
N ALA C 124 16.58 -0.67 -15.88
CA ALA C 124 16.23 0.42 -16.76
C ALA C 124 17.45 1.27 -17.12
N HIS C 125 17.41 1.84 -18.32
CA HIS C 125 18.47 2.72 -18.81
C HIS C 125 17.89 4.00 -19.39
N THR C 126 18.70 4.77 -20.11
CA THR C 126 18.27 6.07 -20.64
C THR C 126 17.14 5.89 -21.64
N ALA C 127 16.23 6.87 -21.65
CA ALA C 127 15.01 6.82 -22.44
C ALA C 127 15.10 7.73 -23.67
N SER C 128 14.19 7.53 -24.60
CA SER C 128 14.03 8.34 -25.80
C SER C 128 12.77 9.20 -25.67
N ALA C 129 12.47 9.95 -26.73
CA ALA C 129 11.37 10.90 -26.71
C ALA C 129 10.69 10.97 -28.07
N SER C 130 9.41 11.34 -28.06
CA SER C 130 8.63 11.55 -29.27
C SER C 130 7.53 12.56 -28.99
N ALA C 131 6.95 13.11 -30.05
CA ALA C 131 6.02 14.22 -29.91
C ALA C 131 5.05 14.26 -31.09
N LYS C 132 3.95 14.99 -30.90
CA LYS C 132 2.91 15.15 -31.90
C LYS C 132 2.40 16.59 -31.86
N LEU C 133 2.24 17.19 -33.04
CA LEU C 133 1.98 18.62 -33.15
C LEU C 133 0.85 18.89 -34.14
N ARG C 134 0.20 20.03 -33.97
CA ARG C 134 -0.80 20.53 -34.91
C ARG C 134 -0.45 21.97 -35.26
N VAL C 135 -0.43 22.29 -36.56
CA VAL C 135 -0.01 23.60 -37.04
C VAL C 135 -1.06 24.13 -38.01
N LEU C 136 -1.38 25.41 -37.89
CA LEU C 136 -2.29 26.11 -38.79
C LEU C 136 -1.45 26.80 -39.87
N TYR C 137 -1.57 26.33 -41.10
CA TYR C 137 -0.67 26.74 -42.17
C TYR C 137 -1.48 27.04 -43.42
N GLN C 138 -1.40 28.28 -43.89
CA GLN C 138 -2.05 28.72 -45.14
C GLN C 138 -3.57 28.53 -45.09
N GLY C 139 -4.17 28.67 -43.92
CA GLY C 139 -5.61 28.55 -43.79
C GLY C 139 -6.12 27.14 -43.62
N ASN C 140 -5.26 26.16 -43.32
CA ASN C 140 -5.68 24.79 -43.12
C ASN C 140 -4.90 24.20 -41.95
N ASN C 141 -5.42 23.09 -41.43
CA ASN C 141 -4.76 22.36 -40.36
C ASN C 141 -3.96 21.20 -40.94
N ILE C 142 -2.73 21.02 -40.43
CA ILE C 142 -1.91 19.88 -40.77
C ILE C 142 -1.33 19.32 -39.48
N THR C 143 -0.88 18.07 -39.55
CA THR C 143 -0.30 17.38 -38.40
C THR C 143 1.08 16.82 -38.75
N VAL C 144 1.98 16.87 -37.77
CA VAL C 144 3.34 16.37 -37.93
C VAL C 144 3.67 15.46 -36.75
N ALA C 145 4.58 14.51 -36.97
CA ALA C 145 4.97 13.56 -35.95
C ALA C 145 6.45 13.22 -36.14
N ALA C 146 7.23 13.38 -35.07
CA ALA C 146 8.67 13.29 -35.20
C ALA C 146 9.30 12.96 -33.85
N TYR C 147 10.56 12.55 -33.90
CA TYR C 147 11.36 12.31 -32.70
C TYR C 147 11.90 13.61 -32.16
N ALA C 148 12.04 13.67 -30.84
CA ALA C 148 12.44 14.91 -30.16
C ALA C 148 13.97 14.91 -29.96
N ASN C 149 14.67 15.00 -31.08
CA ASN C 149 16.10 15.29 -31.08
C ASN C 149 16.44 15.89 -32.44
N GLY C 150 17.70 16.30 -32.59
CA GLY C 150 18.11 16.97 -33.81
C GLY C 150 18.40 16.05 -34.98
N ASP C 151 17.96 14.79 -34.88
CA ASP C 151 18.30 13.76 -35.87
C ASP C 151 17.08 13.27 -36.63
N HIS C 152 16.12 14.15 -36.92
CA HIS C 152 14.94 13.76 -37.66
C HIS C 152 14.34 14.97 -38.35
N ALA C 153 13.88 14.80 -39.58
CA ALA C 153 13.21 15.85 -40.32
C ALA C 153 12.04 15.27 -41.10
N VAL C 154 10.92 15.98 -41.10
CA VAL C 154 9.73 15.58 -41.85
C VAL C 154 9.32 16.72 -42.76
N THR C 155 8.67 16.36 -43.88
CA THR C 155 8.27 17.34 -44.89
C THR C 155 6.78 17.18 -45.16
N VAL C 156 6.02 18.24 -44.85
CA VAL C 156 4.59 18.30 -45.15
C VAL C 156 4.32 19.60 -45.88
N LYS C 157 3.78 19.50 -47.10
CA LYS C 157 3.48 20.67 -47.94
C LYS C 157 4.72 21.55 -48.15
N ASP C 158 5.82 20.89 -48.52
CA ASP C 158 7.07 21.54 -48.91
C ASP C 158 7.74 22.30 -47.78
N ALA C 159 7.43 21.97 -46.52
CA ALA C 159 8.04 22.62 -45.37
C ALA C 159 8.73 21.58 -44.49
N LYS C 160 9.91 21.94 -43.98
CA LYS C 160 10.69 21.07 -43.12
C LYS C 160 10.48 21.44 -41.66
N PHE C 161 10.40 20.43 -40.80
CA PHE C 161 10.28 20.63 -39.36
C PHE C 161 11.35 19.82 -38.64
N VAL C 162 11.97 20.44 -37.64
CA VAL C 162 12.93 19.78 -36.76
C VAL C 162 12.54 20.10 -35.32
N VAL C 163 12.38 19.06 -34.50
CA VAL C 163 11.91 19.21 -33.13
C VAL C 163 12.97 18.66 -32.18
N GLY C 164 13.30 19.44 -31.15
CA GLY C 164 14.19 18.98 -30.11
C GLY C 164 15.56 19.61 -30.19
N PRO C 165 16.46 19.25 -29.26
CA PRO C 165 16.29 18.33 -28.13
C PRO C 165 15.63 18.98 -26.91
N MET C 166 15.28 18.19 -25.91
CA MET C 166 14.59 18.69 -24.74
C MET C 166 15.58 19.32 -23.75
N SER C 167 15.05 20.18 -22.89
CA SER C 167 15.86 20.94 -21.94
C SER C 167 16.02 20.26 -20.59
N SER C 168 15.37 19.12 -20.35
CA SER C 168 15.47 18.43 -19.08
C SER C 168 15.57 16.93 -19.30
N ALA C 169 16.26 16.26 -18.37
CA ALA C 169 16.49 14.82 -18.44
C ALA C 169 15.81 14.07 -17.30
N TRP C 170 14.77 14.66 -16.71
CA TRP C 170 14.10 14.02 -15.57
C TRP C 170 13.24 12.86 -16.04
N THR C 171 13.34 11.74 -15.31
CA THR C 171 12.55 10.55 -15.57
C THR C 171 12.00 10.00 -14.27
N PRO C 172 10.81 9.41 -14.29
CA PRO C 172 10.20 8.92 -13.04
C PRO C 172 10.65 7.53 -12.61
N PHE C 173 11.41 6.81 -13.42
CA PHE C 173 11.82 5.46 -13.11
C PHE C 173 13.20 5.42 -12.46
N ASP C 174 13.41 4.44 -11.59
CA ASP C 174 14.70 4.18 -10.97
C ASP C 174 15.46 3.13 -11.79
N ASN C 175 16.52 2.59 -11.20
CA ASN C 175 17.30 1.55 -11.88
C ASN C 175 16.58 0.21 -11.90
N LYS C 176 15.74 -0.08 -10.90
CA LYS C 176 15.07 -1.36 -10.79
C LYS C 176 13.57 -1.17 -10.69
N ILE C 177 12.82 -1.91 -11.50
CA ILE C 177 11.36 -1.88 -11.51
C ILE C 177 10.83 -3.31 -11.56
N VAL C 178 9.57 -3.48 -11.17
CA VAL C 178 8.88 -4.76 -11.21
C VAL C 178 7.49 -4.54 -11.80
N VAL C 179 7.09 -5.41 -12.72
CA VAL C 179 5.91 -5.22 -13.55
C VAL C 179 4.94 -6.37 -13.32
N TYR C 180 3.64 -6.07 -13.27
CA TYR C 180 2.61 -7.09 -13.09
C TYR C 180 1.29 -6.57 -13.62
N LYS C 181 0.92 -7.00 -14.84
CA LYS C 181 -0.42 -6.81 -15.40
C LYS C 181 -0.89 -5.36 -15.32
N GLY C 182 -0.08 -4.45 -15.84
CA GLY C 182 -0.47 -3.06 -15.94
C GLY C 182 -0.01 -2.17 -14.79
N ASP C 183 0.70 -2.71 -13.81
CA ASP C 183 1.20 -1.93 -12.69
C ASP C 183 2.71 -1.97 -12.65
N VAL C 184 3.33 -0.85 -12.29
CA VAL C 184 4.77 -0.74 -12.17
C VAL C 184 5.10 -0.24 -10.77
N TYR C 185 6.05 -0.90 -10.11
CA TYR C 185 6.50 -0.53 -8.78
C TYR C 185 8.00 -0.34 -8.78
N ASN C 186 8.49 0.45 -7.83
CA ASN C 186 9.91 0.62 -7.58
C ASN C 186 10.30 -0.26 -6.39
N MET C 187 11.25 -1.17 -6.61
CA MET C 187 11.58 -2.16 -5.60
C MET C 187 13.04 -2.60 -5.79
N ASP C 188 13.68 -2.90 -4.67
CA ASP C 188 15.07 -3.36 -4.64
C ASP C 188 15.07 -4.85 -4.34
N TYR C 189 14.93 -5.67 -5.38
CA TYR C 189 14.76 -7.10 -5.20
C TYR C 189 16.09 -7.76 -4.84
N PRO C 190 16.04 -8.91 -4.17
CA PRO C 190 17.28 -9.59 -3.74
C PRO C 190 18.01 -10.19 -4.93
N PRO C 191 19.32 -10.41 -4.81
CA PRO C 191 20.09 -10.92 -5.93
C PRO C 191 19.77 -12.38 -6.24
N PHE C 192 20.18 -12.80 -7.43
CA PHE C 192 19.94 -14.17 -7.88
C PHE C 192 20.78 -15.14 -7.07
N GLY C 193 20.12 -16.14 -6.49
CA GLY C 193 20.79 -17.08 -5.62
C GLY C 193 20.84 -16.70 -4.15
N ALA C 194 20.10 -15.69 -3.73
CA ALA C 194 20.13 -15.22 -2.34
C ALA C 194 18.72 -14.92 -1.85
N GLY C 195 17.81 -15.87 -2.03
CA GLY C 195 16.43 -15.69 -1.61
C GLY C 195 16.26 -15.82 -0.10
N ARG C 196 15.01 -15.68 0.33
CA ARG C 196 14.64 -15.80 1.73
C ARG C 196 13.45 -16.73 1.88
N PRO C 197 13.31 -17.38 3.04
CA PRO C 197 12.28 -18.41 3.19
C PRO C 197 10.84 -17.91 3.11
N GLY C 198 10.58 -16.64 3.37
CA GLY C 198 9.19 -16.20 3.39
C GLY C 198 8.87 -14.85 2.79
N GLN C 199 9.74 -14.36 1.90
CA GLN C 199 9.53 -13.06 1.27
C GLN C 199 9.51 -13.21 -0.25
N PHE C 200 9.43 -12.07 -0.93
CA PHE C 200 9.45 -12.05 -2.40
C PHE C 200 10.77 -12.57 -2.91
N GLY C 201 10.71 -13.62 -3.74
CA GLY C 201 11.88 -14.20 -4.33
C GLY C 201 12.37 -15.49 -3.72
N ASP C 202 11.49 -16.27 -3.07
CA ASP C 202 11.91 -17.55 -2.52
C ASP C 202 12.19 -18.57 -3.62
N ILE C 203 11.49 -18.47 -4.75
CA ILE C 203 11.72 -19.32 -5.91
C ILE C 203 12.02 -18.44 -7.11
N GLN C 204 12.97 -18.85 -7.94
CA GLN C 204 13.46 -18.02 -9.03
C GLN C 204 13.75 -18.88 -10.26
N SER C 205 13.63 -18.25 -11.43
CA SER C 205 14.02 -18.88 -12.69
C SER C 205 14.32 -17.76 -13.70
N ARG C 206 15.03 -18.13 -14.76
CA ARG C 206 15.50 -17.13 -15.72
C ARG C 206 14.49 -16.81 -16.81
N THR C 207 13.63 -17.75 -17.18
CA THR C 207 12.64 -17.52 -18.22
C THR C 207 11.50 -18.50 -17.99
N PRO C 208 10.28 -18.19 -18.44
CA PRO C 208 9.14 -19.09 -18.18
C PRO C 208 9.31 -20.49 -18.75
N GLU C 209 10.23 -20.69 -19.70
CA GLU C 209 10.42 -21.99 -20.33
C GLU C 209 11.69 -22.69 -19.87
N SER C 210 12.36 -22.19 -18.85
CA SER C 210 13.59 -22.83 -18.38
C SER C 210 13.28 -24.08 -17.55
N LYS C 211 14.31 -24.91 -17.38
CA LYS C 211 14.22 -26.13 -16.61
C LYS C 211 14.97 -26.06 -15.28
N ASP C 212 15.77 -25.02 -15.06
CA ASP C 212 16.54 -24.87 -13.83
C ASP C 212 15.77 -24.01 -12.84
N VAL C 213 15.66 -24.47 -11.60
CA VAL C 213 14.86 -23.82 -10.58
C VAL C 213 15.68 -23.72 -9.30
N TYR C 214 15.62 -22.57 -8.64
CA TYR C 214 16.25 -22.34 -7.36
C TYR C 214 15.17 -22.13 -6.29
N ALA C 215 15.34 -22.78 -5.14
CA ALA C 215 14.34 -22.75 -4.08
C ALA C 215 15.01 -22.74 -2.72
N ASN C 216 14.51 -21.90 -1.82
CA ASN C 216 15.04 -21.78 -0.47
C ASN C 216 13.90 -21.72 0.55
N THR C 217 12.98 -22.68 0.44
CA THR C 217 11.98 -22.89 1.49
C THR C 217 12.48 -23.96 2.47
N GLN C 218 11.87 -23.97 3.65
CA GLN C 218 12.24 -24.91 4.69
C GLN C 218 11.34 -26.14 4.64
N LEU C 219 11.95 -27.32 4.76
CA LEU C 219 11.20 -28.57 4.69
C LEU C 219 11.76 -29.52 5.74
N VAL C 220 10.94 -29.85 6.74
CA VAL C 220 11.31 -30.76 7.81
C VAL C 220 10.22 -31.82 7.95
N LEU C 221 10.62 -33.08 7.99
CA LEU C 221 9.68 -34.17 8.15
C LEU C 221 9.44 -34.46 9.63
N GLN C 222 8.30 -35.11 9.92
CA GLN C 222 7.88 -35.34 11.29
C GLN C 222 7.44 -36.78 11.46
N ARG C 223 7.33 -37.20 12.73
CA ARG C 223 7.02 -38.58 13.07
C ARG C 223 5.53 -38.85 12.88
N PRO C 224 5.17 -40.00 12.27
CA PRO C 224 3.76 -40.30 12.06
C PRO C 224 3.07 -40.71 13.36
N ALA C 225 1.75 -40.49 13.39
CA ALA C 225 0.95 -40.82 14.56
C ALA C 225 0.70 -42.32 14.63
N ALA C 226 0.26 -42.77 15.80
CA ALA C 226 0.09 -44.20 16.04
C ALA C 226 -1.12 -44.73 15.30
N GLY C 227 -0.92 -45.83 14.57
CA GLY C 227 -2.00 -46.52 13.91
C GLY C 227 -2.45 -45.96 12.58
N THR C 228 -1.74 -44.98 12.02
CA THR C 228 -2.12 -44.35 10.77
C THR C 228 -0.95 -44.40 9.80
N VAL C 229 -1.28 -44.31 8.51
CA VAL C 229 -0.29 -44.26 7.44
C VAL C 229 -0.44 -42.92 6.74
N HIS C 230 0.54 -42.04 6.93
CA HIS C 230 0.54 -40.73 6.30
C HIS C 230 1.93 -40.12 6.44
N VAL C 231 2.15 -39.02 5.74
CA VAL C 231 3.46 -38.37 5.69
C VAL C 231 3.33 -36.89 6.04
N PRO C 232 3.45 -36.52 7.32
CA PRO C 232 3.37 -35.11 7.69
C PRO C 232 4.69 -34.38 7.45
N TYR C 233 4.60 -33.05 7.36
CA TYR C 233 5.77 -32.21 7.14
C TYR C 233 5.48 -30.81 7.65
N SER C 234 6.52 -29.99 7.68
CA SER C 234 6.44 -28.59 8.08
C SER C 234 7.17 -27.73 7.05
N GLN C 235 6.54 -26.64 6.64
CA GLN C 235 7.07 -25.83 5.54
C GLN C 235 6.52 -24.41 5.64
N ALA C 236 7.36 -23.45 5.29
CA ALA C 236 6.94 -22.06 5.26
C ALA C 236 6.02 -21.81 4.07
N PRO C 237 5.01 -20.96 4.20
CA PRO C 237 4.06 -20.74 3.11
C PRO C 237 4.67 -19.87 2.01
N SER C 238 3.93 -19.77 0.91
CA SER C 238 4.42 -19.11 -0.29
C SER C 238 4.55 -17.60 -0.06
N GLY C 239 5.54 -17.00 -0.72
CA GLY C 239 5.79 -15.59 -0.59
C GLY C 239 5.18 -14.74 -1.67
N PHE C 240 4.91 -15.34 -2.84
CA PHE C 240 4.29 -14.59 -3.93
C PHE C 240 2.82 -14.30 -3.64
N LYS C 241 2.14 -15.19 -2.93
CA LYS C 241 0.75 -14.92 -2.53
C LYS C 241 0.68 -13.75 -1.57
N TYR C 242 1.61 -13.67 -0.61
CA TYR C 242 1.57 -12.60 0.38
C TYR C 242 1.76 -11.23 -0.25
N TRP C 243 2.62 -11.13 -1.26
CA TRP C 243 2.89 -9.84 -1.88
C TRP C 243 1.66 -9.29 -2.59
N LEU C 244 0.82 -10.15 -3.16
CA LEU C 244 -0.37 -9.67 -3.86
C LEU C 244 -1.35 -9.02 -2.90
N LYS C 245 -1.35 -9.43 -1.63
CA LYS C 245 -2.23 -8.87 -0.63
C LYS C 245 -1.64 -7.67 0.09
N GLU C 246 -0.36 -7.35 -0.12
CA GLU C 246 0.30 -6.29 0.64
C GLU C 246 1.15 -5.38 -0.23
N ARG C 247 0.79 -5.22 -1.51
CA ARG C 247 1.70 -4.50 -2.41
C ARG C 247 1.52 -2.98 -2.36
N GLY C 248 0.34 -2.49 -2.01
CA GLY C 248 0.16 -1.05 -1.90
C GLY C 248 -0.14 -0.38 -3.23
N ALA C 249 0.03 0.94 -3.24
CA ALA C 249 -0.32 1.77 -4.38
C ALA C 249 0.79 1.79 -5.42
N SER C 250 0.40 1.91 -6.69
CA SER C 250 1.33 1.85 -7.80
C SER C 250 1.80 3.25 -8.19
N LEU C 251 2.57 3.34 -9.27
CA LEU C 251 3.17 4.61 -9.68
C LEU C 251 2.15 5.57 -10.27
N GLN C 252 1.10 5.06 -10.91
CA GLN C 252 0.12 5.93 -11.54
C GLN C 252 -0.56 6.85 -10.54
N HIS C 253 -0.62 6.44 -9.27
CA HIS C 253 -1.30 7.21 -8.24
C HIS C 253 -0.35 7.99 -7.34
N THR C 254 0.96 7.81 -7.47
CA THR C 254 1.93 8.47 -6.61
C THR C 254 2.95 9.32 -7.36
N ALA C 255 3.02 9.24 -8.68
CA ALA C 255 4.09 9.90 -9.42
C ALA C 255 3.91 11.42 -9.41
N PRO C 256 5.01 12.16 -9.37
CA PRO C 256 4.92 13.62 -9.39
C PRO C 256 4.74 14.16 -10.81
N PHE C 257 4.46 15.47 -10.87
CA PHE C 257 4.25 16.25 -12.08
C PHE C 257 3.01 15.85 -12.87
N GLY C 258 2.19 14.94 -12.35
CA GLY C 258 0.96 14.57 -13.03
C GLY C 258 1.12 13.61 -14.19
N CYS C 259 2.15 12.76 -14.16
CA CYS C 259 2.40 11.85 -15.26
C CYS C 259 1.37 10.73 -15.30
N GLN C 260 1.19 10.17 -16.49
CA GLN C 260 0.39 8.96 -16.71
C GLN C 260 1.32 7.82 -17.11
N ILE C 261 0.86 6.59 -16.89
CA ILE C 261 1.71 5.41 -17.07
C ILE C 261 0.92 4.29 -17.73
N ALA C 262 1.51 3.67 -18.75
CA ALA C 262 0.99 2.48 -19.40
C ALA C 262 2.13 1.49 -19.56
N THR C 263 1.80 0.22 -19.80
CA THR C 263 2.76 -0.85 -19.56
C THR C 263 3.04 -1.76 -20.75
N ASN C 264 2.43 -1.54 -21.91
CA ASN C 264 2.62 -2.42 -23.06
C ASN C 264 2.82 -1.62 -24.33
N PRO C 265 4.06 -1.15 -24.58
CA PRO C 265 5.27 -1.23 -23.74
C PRO C 265 5.25 -0.19 -22.62
N VAL C 266 6.24 -0.24 -21.72
CA VAL C 266 6.25 0.69 -20.59
C VAL C 266 6.56 2.09 -21.08
N ARG C 267 5.66 3.03 -20.77
CA ARG C 267 5.81 4.41 -21.23
C ARG C 267 5.31 5.36 -20.14
N ALA C 268 5.74 6.61 -20.25
CA ALA C 268 5.19 7.71 -19.46
C ALA C 268 4.69 8.79 -20.40
N VAL C 269 3.51 9.34 -20.10
CA VAL C 269 2.81 10.25 -21.00
C VAL C 269 2.52 11.55 -20.28
N ASN C 270 2.84 12.67 -20.95
CA ASN C 270 2.40 14.01 -20.56
C ASN C 270 2.92 14.42 -19.18
N CYS C 271 4.25 14.55 -19.11
CA CYS C 271 4.92 15.10 -17.94
C CYS C 271 5.37 16.52 -18.28
N ALA C 272 5.07 17.47 -17.39
CA ALA C 272 5.24 18.89 -17.67
C ALA C 272 6.54 19.40 -17.05
N VAL C 273 7.64 19.27 -17.79
CA VAL C 273 8.92 19.87 -17.42
C VAL C 273 9.57 20.45 -18.67
N GLY C 274 10.11 21.65 -18.55
CA GLY C 274 11.02 22.18 -19.55
C GLY C 274 10.33 22.89 -20.71
N ASN C 275 11.06 22.97 -21.82
CA ASN C 275 10.58 23.59 -23.05
C ASN C 275 11.28 22.94 -24.23
N ILE C 276 10.68 23.12 -25.41
CA ILE C 276 11.12 22.46 -26.63
C ILE C 276 11.39 23.49 -27.72
N PRO C 277 12.59 23.53 -28.30
CA PRO C 277 12.82 24.40 -29.46
C PRO C 277 12.33 23.75 -30.76
N ILE C 278 12.04 24.60 -31.73
CA ILE C 278 11.47 24.18 -33.01
C ILE C 278 12.11 25.01 -34.12
N SER C 279 12.39 24.38 -35.27
CA SER C 279 12.93 25.04 -36.44
C SER C 279 12.08 24.72 -37.65
N ILE C 280 11.83 25.74 -38.49
CA ILE C 280 10.90 25.62 -39.60
C ILE C 280 11.47 26.35 -40.81
N ASP C 281 11.24 25.79 -42.00
CA ASP C 281 11.73 26.35 -43.26
C ASP C 281 10.55 26.54 -44.20
N ILE C 282 10.43 27.73 -44.77
CA ILE C 282 9.27 28.15 -45.55
C ILE C 282 9.73 28.43 -46.97
N PRO C 283 9.05 27.91 -47.99
CA PRO C 283 9.45 28.19 -49.37
C PRO C 283 9.07 29.61 -49.78
N ASP C 284 9.68 30.05 -50.90
CA ASP C 284 9.46 31.41 -51.38
C ASP C 284 8.10 31.60 -52.04
N ALA C 285 7.43 30.51 -52.42
CA ALA C 285 6.15 30.62 -53.12
C ALA C 285 4.98 30.95 -52.20
N ALA C 286 5.20 30.99 -50.89
CA ALA C 286 4.10 31.17 -49.95
C ALA C 286 3.85 32.61 -49.55
N PHE C 287 4.70 33.55 -49.98
CA PHE C 287 4.61 34.94 -49.54
C PHE C 287 3.84 35.79 -50.56
N THR C 288 3.43 36.97 -50.11
CA THR C 288 2.73 37.95 -50.93
C THR C 288 3.51 39.25 -50.92
N ARG C 289 3.63 39.88 -52.09
CA ARG C 289 4.39 41.11 -52.20
C ARG C 289 3.63 42.29 -51.60
N VAL C 290 4.38 43.25 -51.06
CA VAL C 290 3.78 44.36 -50.33
C VAL C 290 2.96 45.26 -51.24
N VAL C 291 3.30 45.31 -52.53
CA VAL C 291 2.55 46.16 -53.45
C VAL C 291 1.14 45.62 -53.66
N ASP C 292 0.94 44.31 -53.52
CA ASP C 292 -0.36 43.71 -53.76
C ASP C 292 -1.27 43.69 -52.54
N ALA C 293 -0.71 43.80 -51.34
CA ALA C 293 -1.53 43.83 -50.14
C ALA C 293 -2.23 45.18 -50.00
N PRO C 294 -3.44 45.20 -49.42
CA PRO C 294 -4.13 46.47 -49.19
C PRO C 294 -3.46 47.28 -48.10
N SER C 295 -3.74 48.58 -48.12
CA SER C 295 -3.21 49.52 -47.15
C SER C 295 -4.34 50.12 -46.31
N VAL C 296 -4.00 50.52 -45.09
CA VAL C 296 -4.95 51.08 -44.13
C VAL C 296 -4.43 52.44 -43.69
N THR C 297 -5.32 53.43 -43.64
CA THR C 297 -4.92 54.83 -43.50
C THR C 297 -5.33 55.48 -42.19
N ASP C 298 -6.48 55.13 -41.63
CA ASP C 298 -6.98 55.79 -40.42
C ASP C 298 -7.44 54.74 -39.42
N MET C 299 -7.11 54.95 -38.15
CA MET C 299 -7.33 53.94 -37.12
C MET C 299 -7.90 54.59 -35.86
N SER C 300 -8.69 53.81 -35.13
CA SER C 300 -9.30 54.25 -33.88
C SER C 300 -9.60 52.99 -33.05
N CYS C 301 -9.76 53.20 -31.75
CA CYS C 301 -9.97 52.08 -30.83
C CYS C 301 -10.96 52.47 -29.73
N GLU C 302 -11.86 51.55 -29.41
CA GLU C 302 -12.84 51.75 -28.35
C GLU C 302 -13.15 50.39 -27.72
N VAL C 303 -13.16 50.35 -26.39
CA VAL C 303 -13.33 49.12 -25.62
C VAL C 303 -14.51 49.27 -24.66
N PRO C 304 -15.57 48.48 -24.82
CA PRO C 304 -16.76 48.65 -23.97
C PRO C 304 -16.84 47.79 -22.72
N ALA C 305 -16.02 46.74 -22.58
CA ALA C 305 -16.13 45.87 -21.41
C ALA C 305 -14.80 45.18 -21.16
N CYS C 306 -14.52 44.90 -19.88
CA CYS C 306 -13.29 44.20 -19.50
C CYS C 306 -13.47 43.55 -18.14
N THR C 307 -13.16 42.26 -18.05
CA THR C 307 -13.09 41.53 -16.78
C THR C 307 -11.92 40.56 -16.87
N HIS C 308 -10.95 40.71 -15.96
CA HIS C 308 -9.69 39.99 -16.08
C HIS C 308 -9.79 38.61 -15.43
N SER C 309 -10.48 37.72 -16.13
CA SER C 309 -10.68 36.34 -15.71
C SER C 309 -9.75 35.43 -16.50
N SER C 310 -9.81 34.13 -16.19
CA SER C 310 -8.96 33.15 -16.82
C SER C 310 -9.41 32.78 -18.24
N ASP C 311 -10.60 33.21 -18.65
CA ASP C 311 -11.08 33.01 -20.01
C ASP C 311 -10.96 34.31 -20.79
N PHE C 312 -11.46 34.30 -22.02
CA PHE C 312 -11.39 35.46 -22.91
C PHE C 312 -12.51 36.43 -22.53
N GLY C 313 -12.15 37.48 -21.81
CA GLY C 313 -13.15 38.37 -21.23
C GLY C 313 -13.03 39.82 -21.67
N GLY C 314 -12.65 40.05 -22.92
CA GLY C 314 -12.56 41.39 -23.45
C GLY C 314 -13.21 41.50 -24.81
N VAL C 315 -13.56 42.73 -25.17
CA VAL C 315 -14.11 43.05 -26.47
C VAL C 315 -13.59 44.42 -26.91
N ALA C 316 -13.26 44.55 -28.19
CA ALA C 316 -12.73 45.80 -28.73
C ALA C 316 -13.31 46.05 -30.11
N ILE C 317 -13.42 47.33 -30.46
CA ILE C 317 -13.98 47.76 -31.74
C ILE C 317 -13.01 48.73 -32.41
N ILE C 318 -12.68 48.45 -33.67
CA ILE C 318 -11.67 49.21 -34.41
C ILE C 318 -12.26 49.67 -35.74
N LYS C 319 -12.03 50.93 -36.08
CA LYS C 319 -12.49 51.52 -37.33
C LYS C 319 -11.30 51.73 -38.27
N TYR C 320 -11.56 51.65 -39.58
CA TYR C 320 -10.48 51.65 -40.55
C TYR C 320 -11.01 52.15 -41.90
N THR C 321 -10.06 52.47 -42.78
CA THR C 321 -10.32 52.78 -44.17
C THR C 321 -9.33 52.02 -45.03
N ALA C 322 -9.84 51.22 -45.98
CA ALA C 322 -9.02 50.29 -46.74
C ALA C 322 -9.07 50.60 -48.23
N SER C 323 -7.96 50.36 -48.91
CA SER C 323 -7.84 50.71 -50.32
C SER C 323 -8.54 49.71 -51.23
N LYS C 324 -8.43 48.41 -50.91
CA LYS C 324 -9.09 47.38 -51.70
C LYS C 324 -9.20 46.12 -50.86
N LYS C 325 -10.05 45.20 -51.31
CA LYS C 325 -10.40 44.04 -50.49
C LYS C 325 -9.26 43.02 -50.48
N GLY C 326 -9.12 42.35 -49.35
CA GLY C 326 -8.04 41.40 -49.17
C GLY C 326 -8.00 40.88 -47.75
N LYS C 327 -6.89 40.24 -47.42
CA LYS C 327 -6.63 39.67 -46.10
C LYS C 327 -5.55 40.46 -45.36
N CYS C 328 -5.58 40.33 -44.03
CA CYS C 328 -4.65 40.99 -43.14
C CYS C 328 -4.47 40.17 -41.88
N ALA C 329 -3.32 40.37 -41.25
CA ALA C 329 -2.95 39.69 -40.01
C ALA C 329 -3.11 40.65 -38.84
N VAL C 330 -3.35 40.08 -37.66
CA VAL C 330 -3.44 40.84 -36.42
C VAL C 330 -2.45 40.26 -35.43
N HIS C 331 -1.80 41.14 -34.67
CA HIS C 331 -0.79 40.69 -33.73
C HIS C 331 -0.65 41.72 -32.61
N SER C 332 -0.37 41.23 -31.41
CA SER C 332 -0.19 42.06 -30.24
C SER C 332 1.28 42.42 -30.06
N MET C 333 1.53 43.63 -29.58
CA MET C 333 2.89 44.13 -29.39
C MET C 333 3.29 44.18 -27.93
N THR C 334 2.48 43.61 -27.04
CA THR C 334 2.80 43.50 -25.62
C THR C 334 2.70 42.04 -25.22
N ASN C 335 3.37 41.68 -24.13
CA ASN C 335 3.43 40.31 -23.69
C ASN C 335 2.30 39.93 -22.73
N ALA C 336 1.65 40.91 -22.11
CA ALA C 336 0.63 40.65 -21.11
C ALA C 336 -0.76 40.45 -21.69
N VAL C 337 -0.95 40.61 -22.99
CA VAL C 337 -2.26 40.49 -23.63
C VAL C 337 -2.17 39.52 -24.80
N THR C 338 -3.15 38.62 -24.89
CA THR C 338 -3.23 37.65 -25.97
C THR C 338 -4.51 37.85 -26.77
N ILE C 339 -4.42 37.66 -28.09
CA ILE C 339 -5.55 37.86 -29.00
C ILE C 339 -5.84 36.54 -29.69
N ARG C 340 -7.13 36.21 -29.83
CA ARG C 340 -7.51 34.90 -30.35
C ARG C 340 -7.38 34.83 -31.88
N GLU C 341 -7.96 35.79 -32.59
CA GLU C 341 -8.03 35.70 -34.04
C GLU C 341 -6.65 35.89 -34.67
N ALA C 342 -6.46 35.24 -35.82
CA ALA C 342 -5.23 35.31 -36.58
C ALA C 342 -5.34 36.14 -37.84
N ASP C 343 -6.48 36.09 -38.53
CA ASP C 343 -6.67 36.83 -39.78
C ASP C 343 -8.04 37.49 -39.80
N VAL C 344 -8.15 38.58 -40.57
CA VAL C 344 -9.38 39.34 -40.70
C VAL C 344 -9.55 39.71 -42.17
N GLU C 345 -10.78 40.06 -42.53
CA GLU C 345 -11.13 40.47 -43.89
C GLU C 345 -11.57 41.93 -43.88
N VAL C 346 -11.08 42.70 -44.85
CA VAL C 346 -11.29 44.15 -44.89
C VAL C 346 -11.84 44.54 -46.25
N GLU C 347 -12.72 45.54 -46.25
CA GLU C 347 -13.27 46.10 -47.48
C GLU C 347 -13.88 47.47 -47.18
N GLY C 348 -13.58 48.44 -48.04
CA GLY C 348 -14.25 49.73 -47.98
C GLY C 348 -14.02 50.46 -46.67
N ASN C 349 -15.11 50.99 -46.12
CA ASN C 349 -15.09 51.76 -44.87
C ASN C 349 -16.07 51.11 -43.90
N SER C 350 -15.54 50.45 -42.87
CA SER C 350 -16.36 49.66 -41.96
C SER C 350 -15.61 49.50 -40.64
N GLN C 351 -16.02 48.53 -39.82
CA GLN C 351 -15.40 48.27 -38.54
C GLN C 351 -15.35 46.77 -38.28
N LEU C 352 -14.40 46.37 -37.44
CA LEU C 352 -14.21 44.96 -37.08
C LEU C 352 -14.10 44.82 -35.57
N GLN C 353 -14.34 43.60 -35.09
CA GLN C 353 -14.44 43.31 -33.66
C GLN C 353 -13.52 42.14 -33.30
N ILE C 354 -12.82 42.27 -32.17
CA ILE C 354 -11.90 41.26 -31.68
C ILE C 354 -12.13 41.05 -30.19
N SER C 355 -11.51 40.00 -29.64
CA SER C 355 -11.59 39.66 -28.23
C SER C 355 -10.20 39.29 -27.72
N PHE C 356 -10.00 39.48 -26.41
CA PHE C 356 -8.66 39.32 -25.83
C PHE C 356 -8.77 38.87 -24.39
N SER C 357 -7.63 38.52 -23.81
CA SER C 357 -7.53 38.07 -22.43
C SER C 357 -6.30 38.69 -21.78
N THR C 358 -6.41 39.02 -20.49
CA THR C 358 -5.32 39.71 -19.81
C THR C 358 -5.50 39.56 -18.30
N ALA C 359 -4.40 39.75 -17.57
CA ALA C 359 -4.40 39.71 -16.12
C ALA C 359 -4.07 41.06 -15.48
N LEU C 360 -3.90 42.11 -16.27
CA LEU C 360 -3.58 43.43 -15.74
C LEU C 360 -4.83 44.13 -15.23
N ALA C 361 -4.65 44.93 -14.17
CA ALA C 361 -5.77 45.71 -13.65
C ALA C 361 -6.07 46.92 -14.52
N SER C 362 -5.05 47.56 -15.06
CA SER C 362 -5.20 48.67 -15.99
C SER C 362 -4.53 48.30 -17.30
N ALA C 363 -5.27 48.39 -18.40
CA ALA C 363 -4.86 47.83 -19.67
C ALA C 363 -4.35 48.93 -20.59
N GLU C 364 -3.21 48.68 -21.24
CA GLU C 364 -2.65 49.58 -22.23
C GLU C 364 -1.78 48.77 -23.17
N PHE C 365 -2.13 48.74 -24.45
CA PHE C 365 -1.46 47.86 -25.41
C PHE C 365 -1.66 48.40 -26.82
N ARG C 366 -0.90 47.83 -27.76
CA ARG C 366 -0.94 48.22 -29.17
C ARG C 366 -1.32 47.03 -30.03
N VAL C 367 -1.93 47.32 -31.18
CA VAL C 367 -2.36 46.31 -32.14
C VAL C 367 -1.85 46.68 -33.53
N GLN C 368 -1.28 45.70 -34.23
CA GLN C 368 -0.77 45.88 -35.58
C GLN C 368 -1.67 45.20 -36.61
N VAL C 369 -2.11 45.94 -37.62
CA VAL C 369 -2.93 45.42 -38.71
C VAL C 369 -2.29 45.90 -40.01
N CYS C 370 -1.53 45.01 -40.66
CA CYS C 370 -0.94 45.28 -41.98
C CYS C 370 -0.10 46.56 -42.00
N SER C 371 0.87 46.62 -41.08
CA SER C 371 1.87 47.70 -41.02
C SER C 371 1.26 49.03 -40.56
N THR C 372 0.44 48.98 -39.52
CA THR C 372 -0.04 50.19 -38.87
C THR C 372 -0.26 49.89 -37.39
N GLN C 373 -0.31 50.95 -36.58
CA GLN C 373 -0.37 50.82 -35.13
C GLN C 373 -1.54 51.64 -34.59
N VAL C 374 -2.11 51.14 -33.49
CA VAL C 374 -3.24 51.80 -32.84
C VAL C 374 -3.10 51.59 -31.33
N HIS C 375 -3.61 52.54 -30.55
CA HIS C 375 -3.44 52.57 -29.11
C HIS C 375 -4.79 52.44 -28.41
N CYS C 376 -4.85 51.57 -27.40
CA CYS C 376 -6.07 51.30 -26.66
C CYS C 376 -5.79 51.37 -25.17
N ALA C 377 -6.82 51.68 -24.39
CA ALA C 377 -6.69 51.76 -22.93
C ALA C 377 -8.06 51.55 -22.29
N ALA C 378 -8.04 51.02 -21.06
CA ALA C 378 -9.29 50.70 -20.37
C ALA C 378 -9.01 50.43 -18.89
N ALA C 379 -10.09 50.25 -18.14
CA ALA C 379 -10.06 49.85 -16.74
C ALA C 379 -10.91 48.59 -16.58
N CYS C 380 -10.43 47.65 -15.78
CA CYS C 380 -11.01 46.32 -15.72
C CYS C 380 -11.46 45.97 -14.31
N HIS C 381 -12.50 45.12 -14.21
CA HIS C 381 -13.11 44.68 -12.96
C HIS C 381 -12.80 43.20 -12.69
N PRO C 382 -12.81 42.78 -11.43
CA PRO C 382 -12.46 41.40 -11.10
C PRO C 382 -13.65 40.46 -11.25
N PRO C 383 -13.41 39.14 -11.26
CA PRO C 383 -14.52 38.18 -11.43
C PRO C 383 -15.15 37.79 -10.09
N LYS C 384 -16.09 36.85 -10.12
CA LYS C 384 -16.87 36.51 -8.93
C LYS C 384 -16.86 35.03 -8.57
N ASP C 385 -16.36 34.14 -9.43
CA ASP C 385 -16.27 32.73 -9.12
C ASP C 385 -14.89 32.38 -8.60
N HIS C 386 -14.83 31.36 -7.74
CA HIS C 386 -13.59 31.02 -7.06
C HIS C 386 -12.75 29.97 -7.79
N ILE C 387 -13.37 28.92 -8.32
CA ILE C 387 -12.63 27.76 -8.82
C ILE C 387 -13.18 27.35 -10.17
N VAL C 388 -12.27 27.00 -11.10
CA VAL C 388 -12.61 26.59 -12.45
C VAL C 388 -11.96 25.24 -12.72
N ASN C 389 -12.13 24.75 -13.96
CA ASN C 389 -11.66 23.42 -14.35
C ASN C 389 -10.70 23.47 -15.54
N TYR C 390 -9.98 24.58 -15.72
CA TYR C 390 -9.04 24.68 -16.83
C TYR C 390 -7.96 25.68 -16.47
N PRO C 391 -6.75 25.54 -17.02
CA PRO C 391 -5.66 26.46 -16.69
C PRO C 391 -5.85 27.81 -17.37
N ALA C 392 -5.06 28.78 -16.91
CA ALA C 392 -5.13 30.13 -17.44
C ALA C 392 -4.52 30.18 -18.84
N SER C 393 -4.99 31.16 -19.62
CA SER C 393 -4.50 31.38 -20.98
C SER C 393 -3.71 32.69 -21.10
N HIS C 394 -3.08 33.13 -20.02
CA HIS C 394 -2.29 34.34 -20.05
C HIS C 394 -1.09 34.19 -19.12
N THR C 395 -0.11 35.07 -19.29
CA THR C 395 1.12 35.02 -18.52
C THR C 395 0.97 35.75 -17.20
N THR C 396 1.92 35.50 -16.29
CA THR C 396 1.91 36.14 -14.99
C THR C 396 2.45 37.56 -15.08
N LEU C 397 2.30 38.31 -14.00
CA LEU C 397 2.68 39.71 -13.96
C LEU C 397 3.89 39.92 -13.04
N GLY C 398 4.58 41.03 -13.28
CA GLY C 398 5.77 41.37 -12.54
C GLY C 398 5.56 42.52 -11.57
N VAL C 399 6.67 42.97 -10.99
CA VAL C 399 6.60 43.99 -9.95
C VAL C 399 6.36 45.39 -10.54
N GLN C 400 6.67 45.59 -11.81
CA GLN C 400 6.49 46.89 -12.44
C GLN C 400 5.06 47.14 -12.89
N ASP C 401 4.18 46.15 -12.81
CA ASP C 401 2.79 46.29 -13.24
C ASP C 401 1.96 46.79 -12.06
N ILE C 402 1.52 48.04 -12.13
CA ILE C 402 0.78 48.67 -11.05
C ILE C 402 -0.29 49.57 -11.68
N SER C 403 -1.46 49.64 -11.03
CA SER C 403 -2.56 50.44 -11.53
C SER C 403 -2.18 51.92 -11.61
N THR C 404 -2.83 52.63 -12.52
CA THR C 404 -2.46 54.02 -12.78
C THR C 404 -2.70 54.90 -11.56
N THR C 405 -3.80 54.66 -10.84
CA THR C 405 -4.09 55.47 -9.65
C THR C 405 -3.02 55.26 -8.58
N ALA C 406 -2.58 54.02 -8.39
CA ALA C 406 -1.60 53.74 -7.32
C ALA C 406 -0.25 54.38 -7.63
N MET C 407 0.11 54.46 -8.92
CA MET C 407 1.40 55.06 -9.29
C MET C 407 1.44 56.55 -8.94
N SER C 408 0.31 57.24 -9.06
CA SER C 408 0.30 58.68 -8.79
C SER C 408 0.61 58.98 -7.32
N TRP C 409 0.05 58.19 -6.40
CA TRP C 409 0.25 58.45 -4.98
C TRP C 409 1.71 58.27 -4.57
N VAL C 410 2.39 57.25 -5.11
CA VAL C 410 3.79 57.03 -4.75
C VAL C 410 4.65 58.20 -5.22
N GLN C 411 4.41 58.72 -6.42
CA GLN C 411 5.18 59.84 -6.93
C GLN C 411 5.01 61.07 -6.05
N LYS C 412 3.78 61.35 -5.61
CA LYS C 412 3.54 62.53 -4.79
C LYS C 412 4.26 62.45 -3.45
N ILE C 413 4.21 61.28 -2.80
CA ILE C 413 4.81 61.14 -1.47
C ILE C 413 6.32 61.22 -1.56
N THR C 414 6.92 60.49 -2.52
CA THR C 414 8.37 60.51 -2.66
C THR C 414 8.88 61.90 -3.03
N GLY C 415 8.15 62.60 -3.91
CA GLY C 415 8.55 63.95 -4.27
C GLY C 415 8.45 64.93 -3.12
N GLY C 416 7.38 64.83 -2.33
CA GLY C 416 7.20 65.75 -1.22
C GLY C 416 8.28 65.63 -0.17
N VAL C 417 8.62 64.40 0.21
CA VAL C 417 9.68 64.21 1.21
C VAL C 417 11.03 64.63 0.65
N GLY C 418 11.28 64.36 -0.63
CA GLY C 418 12.55 64.74 -1.22
C GLY C 418 12.79 66.24 -1.24
N LEU C 419 11.73 67.03 -1.36
CA LEU C 419 11.88 68.48 -1.42
C LEU C 419 12.41 69.03 -0.11
N ILE C 420 11.97 68.48 1.02
CA ILE C 420 12.39 68.97 2.32
C ILE C 420 13.90 68.79 2.50
N VAL C 421 14.42 67.64 2.09
CA VAL C 421 15.86 67.40 2.17
C VAL C 421 16.61 68.36 1.27
N ALA C 422 16.06 68.65 0.10
CA ALA C 422 16.74 69.53 -0.86
C ALA C 422 16.90 70.94 -0.29
N VAL C 423 15.83 71.48 0.29
CA VAL C 423 15.88 72.85 0.79
C VAL C 423 16.81 72.95 2.00
N ALA C 424 16.84 71.90 2.84
CA ALA C 424 17.74 71.90 3.98
C ALA C 424 19.20 71.91 3.56
N ALA C 425 19.53 71.22 2.46
CA ALA C 425 20.92 71.10 2.04
C ALA C 425 21.50 72.43 1.59
N LEU C 426 20.69 73.27 0.94
CA LEU C 426 21.18 74.55 0.44
C LEU C 426 21.53 75.49 1.58
N ILE C 427 20.74 75.48 2.65
CA ILE C 427 20.99 76.37 3.79
C ILE C 427 22.34 76.06 4.42
N LEU C 428 22.64 74.78 4.62
CA LEU C 428 23.88 74.40 5.29
C LEU C 428 25.11 74.82 4.49
N ILE C 429 25.03 74.77 3.16
CA ILE C 429 26.18 75.10 2.33
C ILE C 429 26.50 76.59 2.40
N VAL C 430 25.45 77.42 2.41
CA VAL C 430 25.67 78.87 2.48
C VAL C 430 26.37 79.25 3.77
N VAL C 431 25.92 78.69 4.90
CA VAL C 431 26.53 79.01 6.18
C VAL C 431 28.00 78.58 6.22
N LEU C 432 28.29 77.38 5.71
CA LEU C 432 29.65 76.85 5.78
C LEU C 432 30.62 77.69 4.97
N CYS C 433 30.16 78.31 3.88
CA CYS C 433 31.03 79.14 3.07
C CYS C 433 31.43 80.41 3.81
N VAL C 434 30.50 81.02 4.54
CA VAL C 434 30.80 82.28 5.23
C VAL C 434 31.80 82.05 6.35
N SER C 435 31.69 80.92 7.06
CA SER C 435 32.64 80.62 8.12
C SER C 435 34.05 80.43 7.56
N PHE C 436 34.17 79.70 6.45
CA PHE C 436 35.48 79.44 5.86
C PHE C 436 36.15 80.72 5.41
N SER C 437 35.40 81.62 4.78
CA SER C 437 35.98 82.82 4.19
C SER C 437 36.35 83.86 5.25
N ARG C 438 35.51 84.00 6.28
CA ARG C 438 35.65 85.13 7.20
C ARG C 438 36.93 85.03 8.02
N HIS C 439 37.32 83.83 8.42
CA HIS C 439 38.50 83.64 9.25
C HIS C 439 39.78 84.08 8.56
N TYR D 1 32.64 -19.11 7.08
CA TYR D 1 33.68 -18.10 7.19
C TYR D 1 33.75 -17.27 5.91
N GLU D 2 33.82 -15.95 6.07
CA GLU D 2 33.82 -15.02 4.95
C GLU D 2 35.21 -14.43 4.74
N HIS D 3 35.63 -14.36 3.48
CA HIS D 3 36.95 -13.89 3.10
C HIS D 3 36.83 -12.99 1.88
N VAL D 4 37.59 -11.90 1.88
CA VAL D 4 37.52 -10.90 0.82
C VAL D 4 38.93 -10.63 0.29
N THR D 5 39.05 -10.47 -1.03
CA THR D 5 40.34 -10.24 -1.67
C THR D 5 40.13 -9.38 -2.91
N VAL D 6 41.24 -8.85 -3.44
CA VAL D 6 41.23 -8.01 -4.62
C VAL D 6 42.29 -8.53 -5.60
N ILE D 7 41.92 -8.62 -6.87
CA ILE D 7 42.78 -9.21 -7.90
C ILE D 7 42.95 -8.23 -9.06
N PRO D 8 44.17 -7.97 -9.52
CA PRO D 8 44.35 -7.07 -10.68
C PRO D 8 43.86 -7.70 -11.97
N ASN D 9 43.54 -6.84 -12.93
CA ASN D 9 42.90 -7.25 -14.18
C ASN D 9 43.98 -7.61 -15.20
N THR D 10 44.58 -8.79 -15.02
CA THR D 10 45.58 -9.30 -15.94
C THR D 10 45.30 -10.77 -16.21
N VAL D 11 45.33 -11.16 -17.48
CA VAL D 11 45.04 -12.53 -17.90
C VAL D 11 46.36 -13.29 -18.03
N GLY D 12 46.41 -14.47 -17.42
CA GLY D 12 47.56 -15.35 -17.55
C GLY D 12 48.57 -15.30 -16.43
N VAL D 13 48.25 -14.71 -15.28
CA VAL D 13 49.14 -14.64 -14.14
C VAL D 13 48.41 -15.17 -12.90
N PRO D 14 48.88 -16.24 -12.28
CA PRO D 14 48.21 -16.74 -11.08
C PRO D 14 48.52 -15.90 -9.85
N TYR D 15 47.61 -15.96 -8.88
CA TYR D 15 47.73 -15.22 -7.63
C TYR D 15 47.33 -16.13 -6.47
N LYS D 16 47.82 -15.79 -5.28
CA LYS D 16 47.60 -16.59 -4.09
C LYS D 16 47.13 -15.72 -2.94
N THR D 17 46.37 -16.33 -2.03
CA THR D 17 45.86 -15.67 -0.84
C THR D 17 45.94 -16.63 0.34
N LEU D 18 45.92 -16.07 1.55
CA LEU D 18 46.02 -16.83 2.78
C LEU D 18 44.74 -16.71 3.59
N VAL D 19 44.27 -17.83 4.13
CA VAL D 19 43.11 -17.87 5.01
C VAL D 19 43.60 -18.28 6.40
N ASN D 20 43.30 -17.44 7.40
CA ASN D 20 43.77 -17.66 8.76
C ASN D 20 42.59 -17.61 9.71
N ARG D 21 42.34 -18.71 10.41
CA ARG D 21 41.20 -18.83 11.32
C ARG D 21 41.72 -19.37 12.65
N PRO D 22 41.48 -18.67 13.76
CA PRO D 22 42.01 -19.13 15.05
C PRO D 22 41.51 -20.53 15.40
N GLY D 23 42.43 -21.34 15.94
CA GLY D 23 42.12 -22.70 16.32
C GLY D 23 42.33 -23.74 15.24
N TYR D 24 42.61 -23.33 14.01
CA TYR D 24 42.73 -24.26 12.89
C TYR D 24 44.00 -23.96 12.10
N SER D 25 44.40 -24.92 11.27
CA SER D 25 45.58 -24.75 10.44
C SER D 25 45.29 -23.79 9.28
N PRO D 26 46.30 -23.08 8.79
CA PRO D 26 46.08 -22.14 7.70
C PRO D 26 45.87 -22.83 6.37
N MET D 27 45.27 -22.09 5.43
CA MET D 27 44.89 -22.59 4.12
C MET D 27 45.31 -21.58 3.06
N VAL D 28 45.67 -22.09 1.88
CA VAL D 28 46.12 -21.26 0.77
C VAL D 28 45.33 -21.61 -0.48
N LEU D 29 44.82 -20.59 -1.16
CA LEU D 29 44.07 -20.73 -2.39
C LEU D 29 44.83 -20.09 -3.55
N GLU D 30 44.61 -20.61 -4.75
CA GLU D 30 45.24 -20.10 -5.97
C GLU D 30 44.17 -19.78 -7.00
N MET D 31 44.26 -18.60 -7.59
CA MET D 31 43.23 -18.10 -8.52
C MET D 31 43.89 -17.55 -9.78
N GLU D 32 43.18 -17.67 -10.90
CA GLU D 32 43.69 -17.23 -12.19
C GLU D 32 42.53 -16.89 -13.11
N LEU D 33 42.68 -15.81 -13.87
CA LEU D 33 41.63 -15.27 -14.73
C LEU D 33 41.86 -15.73 -16.17
N GLN D 34 40.78 -16.08 -16.85
CA GLN D 34 40.85 -16.59 -18.21
C GLN D 34 40.22 -15.70 -19.27
N SER D 35 39.11 -15.02 -18.97
CA SER D 35 38.51 -14.14 -19.97
C SER D 35 37.60 -13.13 -19.29
N VAL D 36 37.52 -11.94 -19.89
CA VAL D 36 36.58 -10.89 -19.50
C VAL D 36 35.96 -10.31 -20.75
N THR D 37 34.64 -10.11 -20.72
CA THR D 37 33.88 -9.68 -21.90
C THR D 37 32.99 -8.49 -21.55
N LEU D 38 32.91 -7.53 -22.47
CA LEU D 38 32.01 -6.39 -22.36
C LEU D 38 31.04 -6.39 -23.54
N GLU D 39 29.79 -6.00 -23.29
CA GLU D 39 28.75 -6.04 -24.32
C GLU D 39 27.75 -4.90 -24.16
N PRO D 40 27.68 -3.99 -25.12
CA PRO D 40 26.75 -2.86 -25.01
C PRO D 40 25.35 -3.20 -25.51
N THR D 41 24.45 -2.24 -25.33
CA THR D 41 23.06 -2.34 -25.78
C THR D 41 22.87 -1.43 -26.99
N LEU D 42 22.23 -1.96 -28.03
CA LEU D 42 22.21 -1.33 -29.34
C LEU D 42 20.79 -1.04 -29.80
N SER D 43 20.66 -0.05 -30.67
CA SER D 43 19.39 0.34 -31.27
C SER D 43 19.63 0.77 -32.72
N LEU D 44 18.72 0.39 -33.60
CA LEU D 44 18.90 0.60 -35.04
C LEU D 44 18.30 1.93 -35.48
N ASP D 45 18.95 2.56 -36.47
CA ASP D 45 18.50 3.84 -36.99
C ASP D 45 18.06 3.76 -38.45
N TYR D 46 18.95 3.37 -39.37
CA TYR D 46 18.59 3.18 -40.77
C TYR D 46 19.71 2.42 -41.47
N ILE D 47 19.43 2.01 -42.71
CA ILE D 47 20.36 1.23 -43.52
C ILE D 47 20.50 1.86 -44.90
N THR D 48 21.58 1.50 -45.59
CA THR D 48 21.91 2.07 -46.90
C THR D 48 22.34 0.96 -47.85
N CYS D 49 22.17 1.22 -49.15
CA CYS D 49 22.62 0.32 -50.20
C CYS D 49 22.69 1.09 -51.52
N GLU D 50 22.85 0.36 -52.62
CA GLU D 50 22.97 0.94 -53.96
C GLU D 50 21.58 1.12 -54.58
N TYR D 51 21.53 1.88 -55.68
CA TYR D 51 20.27 2.30 -56.28
C TYR D 51 20.21 1.90 -57.75
N LYS D 52 19.03 2.11 -58.34
CA LYS D 52 18.76 1.77 -59.74
C LYS D 52 17.96 2.90 -60.37
N THR D 53 18.17 3.10 -61.68
CA THR D 53 17.48 4.14 -62.43
C THR D 53 16.57 3.51 -63.48
N VAL D 54 15.36 4.06 -63.62
CA VAL D 54 14.33 3.52 -64.48
C VAL D 54 13.99 4.53 -65.57
N ILE D 55 14.06 4.10 -66.82
CA ILE D 55 13.78 4.97 -67.97
C ILE D 55 12.86 4.24 -68.95
N PRO D 56 11.59 4.63 -69.06
CA PRO D 56 10.70 4.03 -70.05
C PRO D 56 10.94 4.61 -71.43
N SER D 57 10.23 4.06 -72.41
CA SER D 57 10.44 4.41 -73.80
C SER D 57 10.06 5.86 -74.07
N PRO D 58 10.77 6.54 -74.97
CA PRO D 58 10.38 7.90 -75.34
C PRO D 58 9.13 7.92 -76.20
N TYR D 59 8.53 9.11 -76.28
CA TYR D 59 7.32 9.35 -77.07
C TYR D 59 7.67 10.40 -78.12
N VAL D 60 7.61 9.99 -79.39
CA VAL D 60 7.88 10.88 -80.50
C VAL D 60 6.55 11.16 -81.18
N LYS D 61 6.13 12.42 -81.14
CA LYS D 61 4.82 12.84 -81.65
C LYS D 61 5.06 13.85 -82.75
N CYS D 62 4.60 13.52 -83.95
CA CYS D 62 4.91 14.29 -85.14
C CYS D 62 3.70 15.10 -85.58
N CYS D 63 3.99 16.29 -86.10
CA CYS D 63 2.98 17.23 -86.55
C CYS D 63 2.06 17.63 -85.39
N GLY D 64 2.65 17.96 -84.25
CA GLY D 64 1.86 18.34 -83.10
C GLY D 64 2.72 18.78 -81.93
N THR D 65 2.05 19.12 -80.84
CA THR D 65 2.68 19.47 -79.56
C THR D 65 2.13 18.57 -78.46
N ALA D 66 3.02 18.08 -77.59
CA ALA D 66 2.65 17.18 -76.51
C ALA D 66 2.80 17.87 -75.16
N GLU D 67 2.35 17.19 -74.10
CA GLU D 67 2.45 17.69 -72.74
C GLU D 67 2.47 16.52 -71.76
N CYS D 68 2.97 16.79 -70.56
CA CYS D 68 3.12 15.76 -69.53
C CYS D 68 2.69 16.31 -68.18
N LYS D 69 2.31 15.41 -67.28
CA LYS D 69 1.75 15.75 -65.97
C LYS D 69 2.69 15.32 -64.85
N ASP D 70 2.34 15.74 -63.64
CA ASP D 70 3.14 15.49 -62.45
C ASP D 70 2.72 14.20 -61.75
N LYS D 71 3.66 13.61 -61.00
CA LYS D 71 3.45 12.38 -60.26
C LYS D 71 4.20 12.48 -58.93
N SER D 72 4.05 11.44 -58.10
CA SER D 72 4.60 11.44 -56.75
C SER D 72 5.84 10.57 -56.58
N LEU D 73 6.37 9.99 -57.65
CA LEU D 73 7.51 9.10 -57.51
C LEU D 73 8.77 9.90 -57.16
N PRO D 74 9.71 9.27 -56.45
CA PRO D 74 10.94 9.99 -56.05
C PRO D 74 11.77 10.43 -57.26
N ASP D 75 12.30 11.64 -57.17
CA ASP D 75 13.18 12.21 -58.18
C ASP D 75 12.57 12.16 -59.59
N TYR D 76 11.32 12.62 -59.69
CA TYR D 76 10.62 12.63 -60.95
C TYR D 76 11.03 13.85 -61.77
N SER D 77 11.03 13.69 -63.10
CA SER D 77 11.42 14.77 -64.00
C SER D 77 10.74 14.59 -65.35
N CYS D 78 10.41 15.73 -65.98
CA CYS D 78 9.85 15.75 -67.32
C CYS D 78 10.39 16.95 -68.09
N LYS D 79 10.47 16.81 -69.41
CA LYS D 79 10.82 17.91 -70.29
C LYS D 79 10.29 17.61 -71.69
N VAL D 80 10.08 18.68 -72.46
CA VAL D 80 9.58 18.59 -73.83
C VAL D 80 10.53 19.36 -74.75
N PHE D 81 10.95 18.72 -75.84
CA PHE D 81 11.90 19.28 -76.78
C PHE D 81 11.24 19.47 -78.14
N THR D 82 11.77 20.41 -78.93
CA THR D 82 11.24 20.74 -80.24
C THR D 82 12.32 20.68 -81.29
N GLY D 83 11.92 20.44 -82.54
CA GLY D 83 12.85 20.43 -83.65
C GLY D 83 13.53 19.12 -83.94
N VAL D 84 12.87 17.99 -83.67
CA VAL D 84 13.49 16.68 -83.83
C VAL D 84 13.14 16.12 -85.21
N TYR D 85 13.98 15.21 -85.69
CA TYR D 85 13.78 14.56 -86.99
C TYR D 85 14.45 13.20 -86.96
N PRO D 86 13.87 12.23 -86.25
CA PRO D 86 14.56 10.96 -86.02
C PRO D 86 14.62 10.07 -87.26
N PHE D 87 15.56 9.12 -87.22
CA PHE D 87 15.78 8.17 -88.30
C PHE D 87 15.72 6.74 -87.77
N MET D 88 15.43 5.81 -88.67
CA MET D 88 15.49 4.38 -88.37
C MET D 88 16.23 3.64 -89.46
N TRP D 89 16.18 2.31 -89.44
CA TRP D 89 16.99 1.53 -90.37
C TRP D 89 16.42 1.50 -91.78
N GLY D 90 15.15 1.84 -91.96
CA GLY D 90 14.55 1.85 -93.27
C GLY D 90 14.28 3.23 -93.86
N GLY D 91 14.53 4.28 -93.09
CA GLY D 91 14.26 5.63 -93.54
C GLY D 91 13.66 6.48 -92.44
N ALA D 92 13.29 7.70 -92.79
CA ALA D 92 12.75 8.64 -91.83
C ALA D 92 11.43 8.15 -91.26
N TYR D 93 11.15 8.56 -90.01
CA TYR D 93 10.02 8.00 -89.29
C TYR D 93 8.70 8.64 -89.69
N CYS D 94 8.61 9.98 -89.60
CA CYS D 94 7.37 10.68 -89.87
C CYS D 94 7.53 11.76 -90.95
N PHE D 95 6.40 12.09 -91.58
CA PHE D 95 6.41 12.91 -92.79
C PHE D 95 6.85 14.35 -92.52
N CYS D 96 6.25 15.01 -91.53
CA CYS D 96 6.46 16.45 -91.35
C CYS D 96 7.93 16.77 -91.13
N ASP D 97 8.37 17.89 -91.69
CA ASP D 97 9.76 18.31 -91.67
C ASP D 97 9.97 19.30 -90.51
N ALA D 98 8.93 19.54 -89.72
CA ALA D 98 9.01 20.41 -88.55
C ALA D 98 7.79 20.16 -87.69
N GLU D 99 7.72 20.88 -86.57
CA GLU D 99 6.59 20.81 -85.62
C GLU D 99 6.47 19.42 -84.99
N ASN D 100 7.61 18.80 -84.72
CA ASN D 100 7.67 17.53 -84.00
C ASN D 100 8.23 17.75 -82.61
N THR D 101 7.87 16.86 -81.68
CA THR D 101 8.28 16.99 -80.28
C THR D 101 8.72 15.62 -79.74
N GLN D 102 9.38 15.65 -78.59
CA GLN D 102 9.80 14.44 -77.90
C GLN D 102 9.61 14.62 -76.40
N LEU D 103 9.17 13.56 -75.72
CA LEU D 103 8.95 13.57 -74.28
C LEU D 103 9.78 12.47 -73.62
N SER D 104 10.33 12.77 -72.45
CA SER D 104 11.15 11.82 -71.71
C SER D 104 10.91 11.98 -70.21
N GLU D 105 11.09 10.89 -69.47
CA GLU D 105 10.89 10.90 -68.03
C GLU D 105 11.71 9.79 -67.38
N ALA D 106 11.98 9.95 -66.09
CA ALA D 106 12.75 8.97 -65.33
C ALA D 106 12.52 9.20 -63.84
N HIS D 107 12.79 8.15 -63.05
CA HIS D 107 12.69 8.23 -61.60
C HIS D 107 13.63 7.18 -61.00
N VAL D 108 13.72 7.18 -59.67
CA VAL D 108 14.74 6.43 -58.94
C VAL D 108 14.06 5.45 -57.99
N GLU D 109 14.64 4.26 -57.87
CA GLU D 109 14.11 3.20 -57.00
C GLU D 109 15.21 2.57 -56.15
N LYS D 110 14.90 1.46 -55.51
CA LYS D 110 15.83 0.73 -54.65
C LYS D 110 16.22 -0.58 -55.32
N SER D 111 17.53 -0.84 -55.36
CA SER D 111 18.02 -2.01 -56.08
C SER D 111 17.64 -3.30 -55.34
N GLU D 112 17.63 -4.40 -56.09
CA GLU D 112 17.23 -5.67 -55.53
C GLU D 112 18.27 -6.25 -54.59
N SER D 113 19.55 -5.99 -54.85
CA SER D 113 20.64 -6.57 -54.07
C SER D 113 20.77 -5.98 -52.68
N CYS D 114 19.86 -5.12 -52.24
CA CYS D 114 19.95 -4.55 -50.89
C CYS D 114 19.72 -5.58 -49.80
N LYS D 115 19.24 -6.77 -50.16
CA LYS D 115 19.01 -7.83 -49.19
C LYS D 115 20.27 -8.63 -48.85
N THR D 116 21.38 -8.38 -49.54
CA THR D 116 22.64 -9.06 -49.28
C THR D 116 23.78 -8.11 -48.97
N GLU D 117 23.90 -7.00 -49.70
CA GLU D 117 24.96 -6.03 -49.49
C GLU D 117 24.34 -4.77 -48.89
N PHE D 118 24.60 -4.53 -47.61
CA PHE D 118 24.07 -3.35 -46.93
C PHE D 118 24.94 -3.02 -45.73
N ALA D 119 24.76 -1.81 -45.21
CA ALA D 119 25.42 -1.34 -44.00
C ALA D 119 24.36 -0.82 -43.03
N SER D 120 24.66 -0.89 -41.74
CA SER D 120 23.69 -0.58 -40.70
C SER D 120 24.27 0.43 -39.72
N ALA D 121 23.44 1.39 -39.32
CA ALA D 121 23.81 2.44 -38.39
C ALA D 121 23.12 2.21 -37.06
N TYR D 122 23.87 2.27 -35.97
CA TYR D 122 23.38 1.93 -34.64
C TYR D 122 23.58 3.08 -33.67
N ARG D 123 22.95 2.96 -32.52
CA ARG D 123 23.14 3.87 -31.39
C ARG D 123 23.45 3.04 -30.15
N ALA D 124 24.48 3.42 -29.40
CA ALA D 124 25.02 2.60 -28.33
C ALA D 124 24.75 3.21 -26.96
N HIS D 125 24.67 2.35 -25.96
CA HIS D 125 24.40 2.74 -24.58
C HIS D 125 25.33 1.95 -23.66
N THR D 126 25.02 1.93 -22.37
CA THR D 126 25.91 1.33 -21.38
C THR D 126 26.02 -0.18 -21.57
N ALA D 127 27.17 -0.72 -21.17
CA ALA D 127 27.50 -2.12 -21.37
C ALA D 127 27.50 -2.89 -20.06
N SER D 128 27.37 -4.22 -20.19
CA SER D 128 27.48 -5.15 -19.08
C SER D 128 28.82 -5.88 -19.15
N ALA D 129 29.03 -6.82 -18.23
CA ALA D 129 30.32 -7.50 -18.12
C ALA D 129 30.13 -8.93 -17.64
N SER D 130 31.08 -9.80 -17.98
CA SER D 130 31.09 -11.18 -17.54
C SER D 130 32.53 -11.65 -17.37
N ALA D 131 32.71 -12.74 -16.62
CA ALA D 131 34.05 -13.20 -16.28
C ALA D 131 34.03 -14.71 -16.03
N LYS D 132 35.22 -15.31 -16.09
CA LYS D 132 35.38 -16.75 -15.91
C LYS D 132 36.72 -17.02 -15.22
N LEU D 133 36.72 -17.93 -14.25
CA LEU D 133 37.86 -18.16 -13.37
C LEU D 133 38.18 -19.64 -13.25
N ARG D 134 39.41 -19.91 -12.82
CA ARG D 134 39.86 -21.24 -12.41
C ARG D 134 40.42 -21.14 -11.00
N VAL D 135 40.00 -22.05 -10.12
CA VAL D 135 40.38 -22.01 -8.71
C VAL D 135 40.89 -23.39 -8.30
N LEU D 136 42.01 -23.41 -7.58
CA LEU D 136 42.57 -24.66 -7.04
C LEU D 136 42.03 -24.82 -5.63
N TYR D 137 41.22 -25.87 -5.42
CA TYR D 137 40.45 -26.03 -4.19
C TYR D 137 40.60 -27.47 -3.72
N GLN D 138 41.37 -27.66 -2.64
CA GLN D 138 41.60 -28.97 -2.04
C GLN D 138 42.17 -29.96 -3.04
N GLY D 139 43.14 -29.52 -3.82
CA GLY D 139 43.85 -30.41 -4.73
C GLY D 139 43.18 -30.69 -6.05
N ASN D 140 42.14 -29.95 -6.42
CA ASN D 140 41.44 -30.15 -7.67
C ASN D 140 41.14 -28.81 -8.32
N ASN D 141 40.96 -28.84 -9.64
CA ASN D 141 40.62 -27.65 -10.41
C ASN D 141 39.11 -27.57 -10.58
N ILE D 142 38.54 -26.39 -10.32
CA ILE D 142 37.13 -26.12 -10.57
C ILE D 142 37.02 -24.79 -11.31
N THR D 143 35.92 -24.62 -12.02
CA THR D 143 35.68 -23.44 -12.84
C THR D 143 34.37 -22.77 -12.43
N VAL D 144 34.36 -21.44 -12.50
CA VAL D 144 33.18 -20.65 -12.17
C VAL D 144 32.90 -19.68 -13.31
N ALA D 145 31.62 -19.31 -13.45
CA ALA D 145 31.19 -18.39 -14.50
C ALA D 145 30.07 -17.53 -13.94
N ALA D 146 30.22 -16.21 -14.02
CA ALA D 146 29.26 -15.31 -13.41
C ALA D 146 29.44 -13.91 -14.01
N TYR D 147 28.43 -13.07 -13.77
CA TYR D 147 28.46 -11.69 -14.22
C TYR D 147 29.30 -10.84 -13.28
N ALA D 148 29.95 -9.83 -13.85
CA ALA D 148 30.88 -9.00 -13.10
C ALA D 148 30.17 -7.83 -12.42
N ASN D 149 29.15 -8.16 -11.64
CA ASN D 149 28.50 -7.21 -10.75
C ASN D 149 28.00 -7.98 -9.54
N GLY D 150 27.59 -7.24 -8.51
CA GLY D 150 27.28 -7.84 -7.23
C GLY D 150 25.93 -8.52 -7.11
N ASP D 151 25.23 -8.74 -8.22
CA ASP D 151 23.87 -9.28 -8.19
C ASP D 151 23.79 -10.72 -8.66
N HIS D 152 24.89 -11.46 -8.60
CA HIS D 152 24.89 -12.86 -9.01
C HIS D 152 25.71 -13.69 -8.02
N ALA D 153 25.22 -14.89 -7.73
CA ALA D 153 25.90 -15.82 -6.84
C ALA D 153 25.82 -17.23 -7.41
N VAL D 154 26.93 -17.96 -7.32
CA VAL D 154 27.00 -19.33 -7.82
C VAL D 154 27.55 -20.22 -6.71
N THR D 155 27.21 -21.51 -6.78
CA THR D 155 27.62 -22.47 -5.76
C THR D 155 28.19 -23.70 -6.46
N VAL D 156 29.45 -24.02 -6.15
CA VAL D 156 30.13 -25.21 -6.67
C VAL D 156 30.78 -25.92 -5.49
N LYS D 157 30.39 -27.18 -5.27
CA LYS D 157 30.93 -28.02 -4.21
C LYS D 157 30.80 -27.35 -2.84
N ASP D 158 29.60 -26.84 -2.57
CA ASP D 158 29.20 -26.28 -1.28
C ASP D 158 29.93 -25.00 -0.93
N ALA D 159 30.47 -24.29 -1.92
CA ALA D 159 31.10 -23.00 -1.70
C ALA D 159 30.45 -21.96 -2.61
N LYS D 160 30.22 -20.77 -2.07
CA LYS D 160 29.50 -19.71 -2.76
C LYS D 160 30.46 -18.59 -3.13
N PHE D 161 30.38 -18.12 -4.36
CA PHE D 161 31.25 -17.07 -4.88
C PHE D 161 30.43 -15.89 -5.39
N VAL D 162 30.90 -14.68 -5.12
CA VAL D 162 30.32 -13.45 -5.63
C VAL D 162 31.45 -12.58 -6.16
N VAL D 163 31.31 -12.10 -7.39
CA VAL D 163 32.36 -11.34 -8.07
C VAL D 163 31.83 -9.98 -8.48
N GLY D 164 32.74 -9.02 -8.59
CA GLY D 164 32.41 -7.69 -9.04
C GLY D 164 32.05 -6.77 -7.88
N PRO D 165 31.77 -5.49 -8.17
CA PRO D 165 31.78 -4.81 -9.48
C PRO D 165 33.16 -4.30 -9.88
N MET D 166 33.31 -3.85 -11.12
CA MET D 166 34.58 -3.39 -11.64
C MET D 166 34.91 -1.99 -11.14
N SER D 167 36.19 -1.64 -11.21
CA SER D 167 36.68 -0.36 -10.70
C SER D 167 36.67 0.74 -11.75
N SER D 168 36.43 0.43 -13.03
CA SER D 168 36.51 1.43 -14.09
C SER D 168 35.34 1.28 -15.03
N ALA D 169 34.96 2.38 -15.67
CA ALA D 169 33.85 2.42 -16.61
C ALA D 169 34.30 2.74 -18.03
N TRP D 170 35.57 2.51 -18.34
CA TRP D 170 36.10 2.81 -19.66
C TRP D 170 35.59 1.82 -20.70
N THR D 171 35.20 2.34 -21.85
CA THR D 171 34.72 1.53 -22.96
C THR D 171 35.28 2.08 -24.27
N PRO D 172 35.51 1.23 -25.26
CA PRO D 172 36.08 1.70 -26.53
C PRO D 172 35.08 2.17 -27.57
N PHE D 173 33.78 2.17 -27.26
CA PHE D 173 32.75 2.56 -28.22
C PHE D 173 32.23 3.96 -27.92
N ASP D 174 31.92 4.70 -28.97
CA ASP D 174 31.30 6.01 -28.84
C ASP D 174 29.78 5.87 -28.95
N ASN D 175 29.08 7.00 -29.07
CA ASN D 175 27.63 6.96 -29.14
C ASN D 175 27.13 6.40 -30.46
N LYS D 176 27.86 6.61 -31.55
CA LYS D 176 27.43 6.22 -32.88
C LYS D 176 28.47 5.29 -33.49
N ILE D 177 28.01 4.15 -34.01
CA ILE D 177 28.88 3.16 -34.64
C ILE D 177 28.25 2.68 -35.94
N VAL D 178 29.08 2.06 -36.78
CA VAL D 178 28.67 1.50 -38.07
C VAL D 178 29.27 0.10 -38.20
N VAL D 179 28.47 -0.84 -38.69
CA VAL D 179 28.86 -2.25 -38.76
C VAL D 179 28.70 -2.74 -40.19
N TYR D 180 29.69 -3.50 -40.68
CA TYR D 180 29.62 -4.08 -42.02
C TYR D 180 30.50 -5.34 -42.04
N LYS D 181 29.86 -6.51 -42.00
CA LYS D 181 30.49 -7.80 -42.26
C LYS D 181 31.75 -8.03 -41.42
N GLY D 182 31.67 -7.71 -40.14
CA GLY D 182 32.75 -8.02 -39.22
C GLY D 182 33.67 -6.89 -38.85
N ASP D 183 33.40 -5.67 -39.33
CA ASP D 183 34.20 -4.51 -38.95
C ASP D 183 33.30 -3.47 -38.29
N VAL D 184 33.84 -2.78 -37.29
CA VAL D 184 33.12 -1.74 -36.56
C VAL D 184 33.90 -0.44 -36.70
N TYR D 185 33.18 0.64 -37.02
CA TYR D 185 33.78 1.95 -37.21
C TYR D 185 33.12 2.98 -36.31
N ASN D 186 33.86 4.03 -35.98
CA ASN D 186 33.32 5.19 -35.28
C ASN D 186 33.09 6.30 -36.29
N MET D 187 31.84 6.72 -36.46
CA MET D 187 31.48 7.66 -37.51
C MET D 187 30.29 8.48 -37.07
N ASP D 188 30.25 9.74 -37.52
CA ASP D 188 29.14 10.65 -37.27
C ASP D 188 28.30 10.72 -38.54
N TYR D 189 27.30 9.83 -38.63
CA TYR D 189 26.50 9.75 -39.84
C TYR D 189 25.46 10.87 -39.88
N PRO D 190 25.02 11.27 -41.08
CA PRO D 190 24.13 12.43 -41.19
C PRO D 190 22.73 12.12 -40.70
N PRO D 191 21.95 13.14 -40.38
CA PRO D 191 20.58 12.90 -39.89
C PRO D 191 19.69 12.27 -40.95
N PHE D 192 18.68 11.54 -40.48
CA PHE D 192 17.69 10.95 -41.37
C PHE D 192 16.88 12.06 -42.04
N GLY D 193 16.75 11.97 -43.36
CA GLY D 193 16.05 12.99 -44.12
C GLY D 193 16.89 14.19 -44.50
N ALA D 194 18.21 14.13 -44.31
CA ALA D 194 19.10 15.24 -44.63
C ALA D 194 20.35 14.72 -45.34
N GLY D 195 20.16 13.95 -46.41
CA GLY D 195 21.25 13.35 -47.12
C GLY D 195 22.01 14.34 -48.00
N ARG D 196 23.08 13.83 -48.61
CA ARG D 196 23.96 14.63 -49.46
C ARG D 196 24.16 13.94 -50.80
N PRO D 197 24.45 14.71 -51.85
CA PRO D 197 24.42 14.14 -53.20
C PRO D 197 25.56 13.18 -53.53
N GLY D 198 26.69 13.23 -52.82
CA GLY D 198 27.78 12.35 -53.20
C GLY D 198 28.52 11.67 -52.07
N GLN D 199 27.92 11.61 -50.89
CA GLN D 199 28.58 11.05 -49.72
C GLN D 199 27.73 9.93 -49.12
N PHE D 200 28.21 9.39 -48.01
CA PHE D 200 27.50 8.33 -47.29
C PHE D 200 26.14 8.81 -46.81
N GLY D 201 25.08 8.20 -47.31
CA GLY D 201 23.75 8.54 -46.88
C GLY D 201 22.87 9.22 -47.91
N ASP D 202 23.08 8.93 -49.20
CA ASP D 202 22.20 9.48 -50.22
C ASP D 202 20.91 8.69 -50.36
N ILE D 203 20.94 7.39 -50.08
CA ILE D 203 19.77 6.53 -50.07
C ILE D 203 19.57 6.03 -48.64
N GLN D 204 18.35 6.18 -48.13
CA GLN D 204 18.05 5.80 -46.76
C GLN D 204 16.75 4.99 -46.70
N SER D 205 16.73 3.98 -45.83
CA SER D 205 15.54 3.20 -45.57
C SER D 205 15.59 2.68 -44.14
N ARG D 206 14.41 2.38 -43.60
CA ARG D 206 14.27 2.03 -42.20
C ARG D 206 14.44 0.53 -41.92
N THR D 207 14.23 -0.32 -42.92
CA THR D 207 14.28 -1.77 -42.73
C THR D 207 14.43 -2.41 -44.11
N PRO D 208 15.17 -3.52 -44.21
CA PRO D 208 15.36 -4.15 -45.53
C PRO D 208 14.08 -4.61 -46.20
N GLU D 209 12.97 -4.67 -45.48
CA GLU D 209 11.69 -5.09 -46.04
C GLU D 209 10.72 -3.94 -46.26
N SER D 210 11.12 -2.71 -45.96
CA SER D 210 10.21 -1.59 -46.02
C SER D 210 10.08 -1.07 -47.46
N LYS D 211 9.05 -0.24 -47.67
CA LYS D 211 8.73 0.27 -49.00
C LYS D 211 9.03 1.76 -49.19
N ASP D 212 9.33 2.50 -48.12
CA ASP D 212 9.59 3.92 -48.23
C ASP D 212 11.08 4.17 -48.43
N VAL D 213 11.41 5.01 -49.40
CA VAL D 213 12.79 5.32 -49.76
C VAL D 213 12.96 6.82 -49.89
N TYR D 214 14.07 7.34 -49.37
CA TYR D 214 14.45 8.74 -49.53
C TYR D 214 15.69 8.82 -50.41
N ALA D 215 15.66 9.69 -51.42
CA ALA D 215 16.75 9.83 -52.37
C ALA D 215 17.06 11.31 -52.60
N ASN D 216 18.36 11.63 -52.66
CA ASN D 216 18.82 13.00 -52.89
C ASN D 216 19.97 13.00 -53.90
N THR D 217 19.79 12.27 -55.00
CA THR D 217 20.74 12.29 -56.10
C THR D 217 20.27 13.27 -57.18
N GLN D 218 21.24 13.93 -57.82
CA GLN D 218 20.93 14.92 -58.83
C GLN D 218 20.63 14.23 -60.16
N LEU D 219 19.61 14.73 -60.86
CA LEU D 219 19.19 14.13 -62.12
C LEU D 219 18.67 15.22 -63.04
N VAL D 220 19.35 15.42 -64.16
CA VAL D 220 18.98 16.43 -65.15
C VAL D 220 18.96 15.78 -66.53
N LEU D 221 17.91 16.05 -67.31
CA LEU D 221 17.78 15.51 -68.65
C LEU D 221 18.42 16.47 -69.66
N GLN D 222 18.94 15.89 -70.74
CA GLN D 222 19.67 16.64 -71.75
C GLN D 222 19.09 16.36 -73.13
N ARG D 223 19.53 17.16 -74.10
CA ARG D 223 18.93 17.19 -75.43
C ARG D 223 19.44 16.03 -76.28
N PRO D 224 18.56 15.35 -77.01
CA PRO D 224 18.99 14.25 -77.87
C PRO D 224 19.81 14.75 -79.05
N ALA D 225 20.77 13.93 -79.46
CA ALA D 225 21.59 14.24 -80.62
C ALA D 225 20.80 14.07 -81.90
N ALA D 226 21.26 14.73 -82.96
CA ALA D 226 20.53 14.77 -84.22
C ALA D 226 20.54 13.40 -84.89
N GLY D 227 19.35 12.94 -85.28
CA GLY D 227 19.25 11.69 -86.02
C GLY D 227 19.28 10.43 -85.19
N THR D 228 19.09 10.52 -83.88
CA THR D 228 19.15 9.35 -83.00
C THR D 228 17.97 9.38 -82.03
N VAL D 229 17.57 8.21 -81.57
CA VAL D 229 16.55 8.06 -80.54
C VAL D 229 17.24 7.47 -79.31
N HIS D 230 17.31 8.25 -78.24
CA HIS D 230 17.86 7.81 -76.96
C HIS D 230 17.52 8.85 -75.91
N VAL D 231 17.78 8.50 -74.65
CA VAL D 231 17.43 9.36 -73.52
C VAL D 231 18.65 9.60 -72.65
N PRO D 232 19.42 10.67 -72.89
CA PRO D 232 20.60 10.94 -72.08
C PRO D 232 20.27 11.71 -70.81
N TYR D 233 21.17 11.62 -69.84
CA TYR D 233 20.96 12.25 -68.54
C TYR D 233 22.29 12.44 -67.84
N SER D 234 22.25 13.14 -66.70
CA SER D 234 23.41 13.43 -65.89
C SER D 234 23.07 13.19 -64.42
N GLN D 235 23.99 12.59 -63.68
CA GLN D 235 23.68 12.14 -62.33
C GLN D 235 24.96 11.94 -61.54
N ALA D 236 24.88 12.21 -60.24
CA ALA D 236 26.00 11.96 -59.33
C ALA D 236 26.13 10.47 -59.07
N PRO D 237 27.34 9.90 -59.10
CA PRO D 237 27.49 8.46 -58.88
C PRO D 237 27.27 8.09 -57.43
N SER D 238 27.12 6.78 -57.20
CA SER D 238 26.71 6.26 -55.90
C SER D 238 27.75 6.57 -54.83
N GLY D 239 27.26 6.81 -53.62
CA GLY D 239 28.11 7.11 -52.49
C GLY D 239 28.54 5.90 -51.69
N PHE D 240 27.76 4.83 -51.75
CA PHE D 240 28.10 3.60 -51.04
C PHE D 240 29.33 2.94 -51.65
N LYS D 241 29.43 2.92 -52.98
CA LYS D 241 30.59 2.33 -53.64
C LYS D 241 31.86 3.11 -53.32
N TYR D 242 31.77 4.44 -53.24
CA TYR D 242 32.94 5.25 -52.94
C TYR D 242 33.47 4.97 -51.54
N TRP D 243 32.57 4.76 -50.57
CA TRP D 243 32.99 4.51 -49.20
C TRP D 243 33.79 3.23 -49.07
N LEU D 244 33.50 2.23 -49.90
CA LEU D 244 34.20 0.96 -49.79
C LEU D 244 35.67 1.06 -50.16
N LYS D 245 36.02 1.95 -51.08
CA LYS D 245 37.40 2.05 -51.55
C LYS D 245 38.29 2.94 -50.68
N GLU D 246 37.72 3.72 -49.77
CA GLU D 246 38.54 4.63 -48.97
C GLU D 246 38.06 4.68 -47.52
N ARG D 247 37.62 3.54 -46.97
CA ARG D 247 37.04 3.57 -45.64
C ARG D 247 38.10 3.57 -44.55
N GLY D 248 39.31 3.11 -44.83
CA GLY D 248 40.39 3.17 -43.86
C GLY D 248 40.42 1.97 -42.93
N ALA D 249 41.23 2.12 -41.89
CA ALA D 249 41.49 1.03 -40.96
C ALA D 249 40.32 0.83 -40.00
N SER D 250 40.19 -0.39 -39.51
CA SER D 250 39.09 -0.78 -38.65
C SER D 250 39.40 -0.46 -37.19
N LEU D 251 38.46 -0.79 -36.31
CA LEU D 251 38.63 -0.51 -34.89
C LEU D 251 39.53 -1.53 -34.20
N GLN D 252 39.66 -2.74 -34.75
CA GLN D 252 40.50 -3.76 -34.13
C GLN D 252 41.97 -3.36 -34.16
N HIS D 253 42.41 -2.73 -35.24
CA HIS D 253 43.81 -2.40 -35.43
C HIS D 253 44.21 -1.07 -34.79
N THR D 254 43.27 -0.31 -34.26
CA THR D 254 43.57 1.01 -33.72
C THR D 254 43.18 1.20 -32.25
N ALA D 255 42.48 0.26 -31.64
CA ALA D 255 41.99 0.47 -30.29
C ALA D 255 43.12 0.41 -29.27
N PRO D 256 42.99 1.11 -28.14
CA PRO D 256 44.03 1.08 -27.11
C PRO D 256 43.80 -0.03 -26.10
N PHE D 257 44.80 -0.21 -25.23
CA PHE D 257 44.84 -1.21 -24.16
C PHE D 257 44.83 -2.64 -24.67
N GLY D 258 44.98 -2.85 -25.98
CA GLY D 258 45.09 -4.21 -26.50
C GLY D 258 43.80 -4.97 -26.61
N CYS D 259 42.67 -4.29 -26.78
CA CYS D 259 41.38 -4.97 -26.86
C CYS D 259 41.20 -5.64 -28.22
N GLN D 260 40.38 -6.68 -28.24
CA GLN D 260 39.96 -7.35 -29.46
C GLN D 260 38.48 -7.13 -29.71
N ILE D 261 38.08 -7.15 -30.97
CA ILE D 261 36.73 -6.78 -31.38
C ILE D 261 36.11 -7.89 -32.21
N ALA D 262 34.86 -8.24 -31.89
CA ALA D 262 34.05 -9.17 -32.67
C ALA D 262 32.67 -8.56 -32.82
N THR D 263 31.90 -9.08 -33.78
CA THR D 263 30.73 -8.35 -34.25
C THR D 263 29.40 -9.09 -34.14
N ASN D 264 29.39 -10.41 -33.91
CA ASN D 264 28.16 -11.20 -33.96
C ASN D 264 28.02 -12.04 -32.70
N PRO D 265 27.54 -11.47 -31.60
CA PRO D 265 27.17 -10.06 -31.37
C PRO D 265 28.38 -9.17 -31.10
N VAL D 266 28.18 -7.85 -31.04
CA VAL D 266 29.30 -6.93 -30.87
C VAL D 266 29.86 -7.04 -29.46
N ARG D 267 31.16 -7.29 -29.35
CA ARG D 267 31.81 -7.51 -28.06
C ARG D 267 33.20 -6.91 -28.08
N ALA D 268 33.77 -6.76 -26.88
CA ALA D 268 35.18 -6.44 -26.70
C ALA D 268 35.75 -7.31 -25.60
N VAL D 269 36.88 -7.96 -25.86
CA VAL D 269 37.42 -8.99 -24.97
C VAL D 269 38.84 -8.64 -24.56
N ASN D 270 39.16 -8.91 -23.30
CA ASN D 270 40.52 -8.86 -22.76
C ASN D 270 41.13 -7.45 -22.82
N CYS D 271 40.44 -6.50 -22.18
CA CYS D 271 40.97 -5.17 -21.96
C CYS D 271 41.55 -5.09 -20.55
N ALA D 272 42.75 -4.53 -20.43
CA ALA D 272 43.49 -4.55 -19.17
C ALA D 272 43.41 -3.19 -18.48
N VAL D 273 42.32 -2.99 -17.73
CA VAL D 273 42.12 -1.80 -16.92
C VAL D 273 41.54 -2.20 -15.57
N GLY D 274 42.05 -1.59 -14.51
CA GLY D 274 41.41 -1.69 -13.19
C GLY D 274 41.74 -2.97 -12.43
N ASN D 275 40.84 -3.32 -11.51
CA ASN D 275 40.97 -4.53 -10.72
C ASN D 275 39.58 -4.99 -10.29
N ILE D 276 39.50 -6.24 -9.82
CA ILE D 276 38.24 -6.91 -9.55
C ILE D 276 38.25 -7.47 -8.13
N PRO D 277 37.28 -7.13 -7.29
CA PRO D 277 37.17 -7.77 -5.97
C PRO D 277 36.38 -9.06 -6.00
N ILE D 278 36.73 -9.95 -5.07
CA ILE D 278 36.17 -11.30 -5.02
C ILE D 278 35.85 -11.64 -3.55
N SER D 279 34.72 -12.32 -3.34
CA SER D 279 34.31 -12.75 -2.01
C SER D 279 33.91 -14.21 -2.05
N ILE D 280 34.30 -14.97 -1.02
CA ILE D 280 34.15 -16.42 -0.99
C ILE D 280 33.72 -16.85 0.41
N ASP D 281 32.85 -17.85 0.48
CA ASP D 281 32.35 -18.41 1.74
C ASP D 281 32.76 -19.87 1.82
N ILE D 282 33.47 -20.22 2.88
CA ILE D 282 34.04 -21.56 3.06
C ILE D 282 33.30 -22.25 4.19
N PRO D 283 32.85 -23.49 4.03
CA PRO D 283 32.15 -24.19 5.11
C PRO D 283 33.12 -24.69 6.18
N ASP D 284 32.53 -25.18 7.27
CA ASP D 284 33.30 -25.58 8.45
C ASP D 284 33.93 -26.96 8.31
N ALA D 285 33.40 -27.82 7.45
CA ALA D 285 33.93 -29.18 7.30
C ALA D 285 35.22 -29.24 6.50
N ALA D 286 35.68 -28.12 5.93
CA ALA D 286 36.88 -28.09 5.12
C ALA D 286 38.16 -27.83 5.92
N PHE D 287 38.04 -27.55 7.22
CA PHE D 287 39.19 -27.18 8.04
C PHE D 287 39.72 -28.37 8.82
N THR D 288 40.96 -28.25 9.28
CA THR D 288 41.63 -29.27 10.07
C THR D 288 42.17 -28.65 11.35
N ARG D 289 42.01 -29.37 12.47
CA ARG D 289 42.41 -28.84 13.77
C ARG D 289 43.93 -28.83 13.89
N VAL D 290 44.41 -28.01 14.83
CA VAL D 290 45.84 -27.85 15.04
C VAL D 290 46.46 -29.13 15.60
N VAL D 291 45.74 -29.81 16.51
CA VAL D 291 46.30 -30.96 17.19
C VAL D 291 46.49 -32.15 16.26
N ASP D 292 45.74 -32.20 15.15
CA ASP D 292 45.87 -33.30 14.21
C ASP D 292 46.96 -33.08 13.17
N ALA D 293 47.34 -31.83 12.91
CA ALA D 293 48.39 -31.54 11.96
C ALA D 293 49.77 -31.83 12.57
N PRO D 294 50.75 -32.15 11.73
CA PRO D 294 52.11 -32.38 12.25
C PRO D 294 52.78 -31.08 12.69
N SER D 295 53.84 -31.25 13.47
CA SER D 295 54.63 -30.12 13.95
C SER D 295 56.09 -30.28 13.50
N VAL D 296 56.73 -29.15 13.24
CA VAL D 296 58.11 -29.10 12.74
C VAL D 296 58.91 -28.17 13.66
N THR D 297 60.09 -28.63 14.08
CA THR D 297 60.77 -28.04 15.22
C THR D 297 62.12 -27.42 14.92
N ASP D 298 62.83 -27.83 13.87
CA ASP D 298 64.15 -27.29 13.58
C ASP D 298 64.30 -27.04 12.09
N MET D 299 64.89 -25.89 11.74
CA MET D 299 64.94 -25.46 10.35
C MET D 299 66.24 -24.70 10.06
N SER D 300 66.62 -24.72 8.79
CA SER D 300 67.73 -23.94 8.27
C SER D 300 67.52 -23.74 6.78
N CYS D 301 68.19 -22.73 6.23
CA CYS D 301 67.98 -22.32 4.84
C CYS D 301 69.31 -22.11 4.13
N GLU D 302 69.31 -22.40 2.83
CA GLU D 302 70.49 -22.19 2.00
C GLU D 302 70.03 -21.94 0.56
N VAL D 303 70.71 -21.01 -0.11
CA VAL D 303 70.32 -20.59 -1.46
C VAL D 303 71.53 -20.73 -2.40
N PRO D 304 71.59 -21.78 -3.21
CA PRO D 304 72.76 -21.98 -4.07
C PRO D 304 72.77 -21.17 -5.36
N ALA D 305 71.65 -20.60 -5.80
CA ALA D 305 71.63 -19.90 -7.08
C ALA D 305 70.51 -18.88 -7.13
N CYS D 306 70.78 -17.74 -7.74
CA CYS D 306 69.77 -16.70 -7.96
C CYS D 306 70.08 -15.91 -9.22
N THR D 307 69.04 -15.64 -10.01
CA THR D 307 69.14 -14.77 -11.17
C THR D 307 67.77 -14.12 -11.40
N HIS D 308 67.74 -12.79 -11.39
CA HIS D 308 66.47 -12.06 -11.36
C HIS D 308 65.96 -11.78 -12.78
N SER D 309 65.48 -12.84 -13.41
CA SER D 309 64.87 -12.76 -14.72
C SER D 309 63.35 -12.72 -14.57
N SER D 310 62.64 -12.76 -15.70
CA SER D 310 61.19 -12.71 -15.70
C SER D 310 60.54 -14.07 -15.47
N ASP D 311 61.32 -15.15 -15.47
CA ASP D 311 60.83 -16.48 -15.14
C ASP D 311 61.29 -16.86 -13.73
N PHE D 312 61.06 -18.10 -13.35
CA PHE D 312 61.40 -18.60 -12.02
C PHE D 312 62.88 -18.95 -11.99
N GLY D 313 63.71 -18.03 -11.52
CA GLY D 313 65.15 -18.20 -11.54
C GLY D 313 65.82 -18.42 -10.20
N GLY D 314 65.14 -19.07 -9.26
CA GLY D 314 65.71 -19.29 -7.94
C GLY D 314 65.47 -20.71 -7.47
N VAL D 315 66.28 -21.11 -6.49
CA VAL D 315 66.20 -22.45 -5.89
C VAL D 315 66.66 -22.35 -4.44
N ALA D 316 65.99 -23.11 -3.56
CA ALA D 316 66.27 -23.06 -2.13
C ALA D 316 66.11 -24.45 -1.53
N ILE D 317 66.80 -24.69 -0.42
CA ILE D 317 66.80 -25.97 0.27
C ILE D 317 66.59 -25.70 1.76
N ILE D 318 65.65 -26.44 2.36
CA ILE D 318 65.28 -26.26 3.76
C ILE D 318 65.31 -27.61 4.46
N LYS D 319 65.93 -27.65 5.65
CA LYS D 319 65.98 -28.85 6.47
C LYS D 319 64.98 -28.74 7.60
N TYR D 320 64.42 -29.88 8.01
CA TYR D 320 63.35 -29.87 9.00
C TYR D 320 63.32 -31.18 9.77
N THR D 321 62.70 -31.14 10.94
CA THR D 321 62.44 -32.32 11.76
C THR D 321 60.96 -32.33 12.12
N ALA D 322 60.28 -33.40 11.74
CA ALA D 322 58.83 -33.49 11.85
C ALA D 322 58.43 -34.58 12.85
N SER D 323 57.23 -34.41 13.41
CA SER D 323 56.74 -35.33 14.44
C SER D 323 56.00 -36.53 13.88
N LYS D 324 55.22 -36.34 12.81
CA LYS D 324 54.48 -37.44 12.21
C LYS D 324 54.11 -37.07 10.78
N LYS D 325 53.71 -38.08 10.02
CA LYS D 325 53.44 -37.92 8.59
C LYS D 325 52.17 -37.10 8.37
N GLY D 326 52.21 -36.23 7.38
CA GLY D 326 51.07 -35.38 7.09
C GLY D 326 51.36 -34.40 5.99
N LYS D 327 50.52 -33.36 5.92
CA LYS D 327 50.61 -32.34 4.90
C LYS D 327 50.75 -30.96 5.52
N CYS D 328 51.30 -30.03 4.76
CA CYS D 328 51.58 -28.67 5.21
C CYS D 328 51.52 -27.71 4.05
N ALA D 329 51.41 -26.43 4.39
CA ALA D 329 51.32 -25.33 3.44
C ALA D 329 52.58 -24.50 3.48
N VAL D 330 52.89 -23.84 2.36
CA VAL D 330 54.05 -22.96 2.24
C VAL D 330 53.56 -21.61 1.77
N HIS D 331 54.04 -20.55 2.43
CA HIS D 331 53.62 -19.20 2.08
C HIS D 331 54.77 -18.24 2.36
N SER D 332 54.86 -17.20 1.52
CA SER D 332 55.87 -16.17 1.65
C SER D 332 55.33 -14.99 2.46
N MET D 333 56.21 -14.36 3.23
CA MET D 333 55.84 -13.28 4.13
C MET D 333 56.25 -11.91 3.61
N THR D 334 56.67 -11.81 2.36
CA THR D 334 57.09 -10.55 1.76
C THR D 334 56.45 -10.41 0.39
N ASN D 335 56.35 -9.16 -0.06
CA ASN D 335 55.59 -8.84 -1.26
C ASN D 335 56.43 -8.91 -2.53
N ALA D 336 57.75 -8.85 -2.43
CA ALA D 336 58.61 -8.82 -3.61
C ALA D 336 59.05 -10.19 -4.09
N VAL D 337 58.64 -11.27 -3.42
CA VAL D 337 59.07 -12.61 -3.76
C VAL D 337 57.86 -13.53 -3.86
N THR D 338 57.84 -14.38 -4.89
CA THR D 338 56.73 -15.27 -5.17
C THR D 338 57.22 -16.72 -5.18
N ILE D 339 56.43 -17.62 -4.60
CA ILE D 339 56.77 -19.03 -4.47
C ILE D 339 55.75 -19.85 -5.22
N ARG D 340 56.22 -20.78 -6.06
CA ARG D 340 55.30 -21.49 -6.95
C ARG D 340 54.48 -22.55 -6.22
N GLU D 341 55.13 -23.36 -5.39
CA GLU D 341 54.45 -24.49 -4.77
C GLU D 341 53.44 -24.04 -3.73
N ALA D 342 52.35 -24.81 -3.61
CA ALA D 342 51.28 -24.52 -2.66
C ALA D 342 51.28 -25.40 -1.43
N ASP D 343 51.71 -26.67 -1.55
CA ASP D 343 51.73 -27.56 -0.40
C ASP D 343 52.77 -28.64 -0.62
N VAL D 344 53.20 -29.27 0.48
CA VAL D 344 54.25 -30.26 0.48
C VAL D 344 53.87 -31.39 1.43
N GLU D 345 54.67 -32.46 1.41
CA GLU D 345 54.51 -33.60 2.31
C GLU D 345 55.78 -33.78 3.12
N VAL D 346 55.62 -33.85 4.45
CA VAL D 346 56.74 -33.90 5.37
C VAL D 346 56.72 -35.22 6.13
N GLU D 347 57.91 -35.73 6.44
CA GLU D 347 58.03 -36.96 7.21
C GLU D 347 59.47 -37.13 7.67
N GLY D 348 59.63 -37.56 8.92
CA GLY D 348 60.94 -37.99 9.40
C GLY D 348 61.93 -36.86 9.53
N ASN D 349 63.15 -37.09 9.02
CA ASN D 349 64.25 -36.13 9.06
C ASN D 349 64.83 -36.02 7.65
N SER D 350 64.50 -34.97 6.93
CA SER D 350 64.80 -34.88 5.51
C SER D 350 64.83 -33.41 5.11
N GLN D 351 64.74 -33.15 3.80
CA GLN D 351 64.81 -31.80 3.25
C GLN D 351 63.82 -31.67 2.10
N LEU D 352 63.49 -30.42 1.77
CA LEU D 352 62.57 -30.11 0.68
C LEU D 352 63.11 -28.94 -0.12
N GLN D 353 62.63 -28.84 -1.37
CA GLN D 353 63.16 -27.91 -2.35
C GLN D 353 62.05 -27.09 -2.99
N ILE D 354 62.28 -25.79 -3.14
CA ILE D 354 61.31 -24.85 -3.68
C ILE D 354 62.01 -23.89 -4.64
N SER D 355 61.20 -23.09 -5.34
CA SER D 355 61.70 -22.15 -6.34
C SER D 355 60.95 -20.82 -6.22
N PHE D 356 61.60 -19.73 -6.65
CA PHE D 356 61.03 -18.41 -6.48
C PHE D 356 61.56 -17.48 -7.57
N SER D 357 60.87 -16.34 -7.72
CA SER D 357 61.26 -15.30 -8.66
C SER D 357 61.11 -13.93 -7.99
N THR D 358 62.02 -13.01 -8.29
CA THR D 358 62.06 -11.73 -7.61
C THR D 358 62.83 -10.72 -8.47
N ALA D 359 62.70 -9.45 -8.11
CA ALA D 359 63.32 -8.37 -8.84
C ALA D 359 64.43 -7.66 -8.06
N LEU D 360 64.80 -8.15 -6.88
CA LEU D 360 65.75 -7.47 -6.02
C LEU D 360 67.18 -7.85 -6.37
N ALA D 361 68.10 -6.90 -6.15
CA ALA D 361 69.52 -7.18 -6.31
C ALA D 361 70.08 -7.96 -5.11
N SER D 362 69.50 -7.76 -3.93
CA SER D 362 69.88 -8.49 -2.73
C SER D 362 68.61 -9.04 -2.09
N ALA D 363 68.56 -10.35 -1.91
CA ALA D 363 67.34 -11.05 -1.53
C ALA D 363 67.34 -11.32 -0.03
N GLU D 364 66.29 -10.86 0.65
CA GLU D 364 66.03 -11.23 2.05
C GLU D 364 64.53 -11.41 2.22
N PHE D 365 64.12 -12.56 2.75
CA PHE D 365 62.71 -12.88 2.89
C PHE D 365 62.54 -14.00 3.91
N ARG D 366 61.30 -14.19 4.35
CA ARG D 366 60.95 -15.18 5.35
C ARG D 366 59.91 -16.15 4.79
N VAL D 367 60.00 -17.41 5.21
CA VAL D 367 59.11 -18.48 4.73
C VAL D 367 58.45 -19.14 5.93
N GLN D 368 57.14 -19.37 5.82
CA GLN D 368 56.36 -20.00 6.89
C GLN D 368 55.89 -21.38 6.46
N VAL D 369 56.19 -22.39 7.27
CA VAL D 369 55.79 -23.78 7.03
C VAL D 369 55.11 -24.30 8.30
N CYS D 370 53.78 -24.40 8.28
CA CYS D 370 52.99 -24.93 9.38
C CYS D 370 53.32 -24.26 10.72
N SER D 371 53.11 -22.94 10.74
CA SER D 371 53.15 -22.10 11.93
C SER D 371 54.56 -21.83 12.47
N THR D 372 55.58 -21.92 11.63
CA THR D 372 56.93 -21.56 12.04
C THR D 372 57.65 -20.88 10.88
N GLN D 373 58.69 -20.12 11.21
CA GLN D 373 59.32 -19.20 10.28
C GLN D 373 60.82 -19.40 10.24
N VAL D 374 61.42 -19.10 9.08
CA VAL D 374 62.85 -19.23 8.84
C VAL D 374 63.31 -18.05 8.01
N HIS D 375 64.62 -17.80 8.03
CA HIS D 375 65.21 -16.65 7.37
C HIS D 375 66.19 -17.10 6.29
N CYS D 376 66.08 -16.50 5.09
CA CYS D 376 66.95 -16.81 3.97
C CYS D 376 67.54 -15.51 3.42
N ALA D 377 68.71 -15.63 2.79
CA ALA D 377 69.39 -14.49 2.19
C ALA D 377 70.42 -14.97 1.18
N ALA D 378 70.58 -14.20 0.10
CA ALA D 378 71.51 -14.53 -0.96
C ALA D 378 71.70 -13.32 -1.85
N ALA D 379 72.63 -13.44 -2.82
CA ALA D 379 72.92 -12.41 -3.79
C ALA D 379 72.54 -12.89 -5.18
N CYS D 380 72.17 -11.95 -6.05
CA CYS D 380 71.57 -12.28 -7.33
C CYS D 380 72.27 -11.55 -8.48
N HIS D 381 72.29 -12.18 -9.64
CA HIS D 381 72.97 -11.73 -10.85
C HIS D 381 71.97 -11.34 -11.93
N PRO D 382 72.38 -10.53 -12.89
CA PRO D 382 71.47 -10.11 -13.96
C PRO D 382 71.53 -11.04 -15.15
N PRO D 383 70.50 -11.04 -16.02
CA PRO D 383 70.47 -11.98 -17.15
C PRO D 383 71.16 -11.44 -18.39
N LYS D 384 71.07 -12.19 -19.50
CA LYS D 384 71.77 -11.83 -20.72
C LYS D 384 70.88 -11.61 -21.93
N ASP D 385 69.66 -12.10 -21.94
CA ASP D 385 68.76 -11.92 -23.07
C ASP D 385 68.00 -10.60 -22.95
N HIS D 386 67.80 -9.93 -24.08
CA HIS D 386 67.21 -8.61 -24.09
C HIS D 386 65.69 -8.61 -24.15
N ILE D 387 65.08 -9.49 -24.95
CA ILE D 387 63.65 -9.43 -25.24
C ILE D 387 63.06 -10.83 -25.11
N VAL D 388 61.86 -10.90 -24.51
CA VAL D 388 61.15 -12.15 -24.30
C VAL D 388 59.71 -11.98 -24.78
N ASN D 389 58.93 -13.07 -24.73
CA ASN D 389 57.61 -13.13 -25.34
C ASN D 389 56.49 -13.31 -24.32
N TYR D 390 56.74 -13.02 -23.05
CA TYR D 390 55.72 -13.21 -22.02
C TYR D 390 55.92 -12.16 -20.93
N PRO D 391 54.85 -11.77 -20.24
CA PRO D 391 54.97 -10.72 -19.22
C PRO D 391 55.62 -11.22 -17.94
N ALA D 392 55.98 -10.26 -17.10
CA ALA D 392 56.65 -10.56 -15.84
C ALA D 392 55.71 -11.24 -14.86
N SER D 393 56.30 -12.00 -13.94
CA SER D 393 55.55 -12.70 -12.89
C SER D 393 55.81 -12.15 -11.50
N HIS D 394 56.40 -10.97 -11.38
CA HIS D 394 56.69 -10.36 -10.09
C HIS D 394 56.35 -8.89 -10.14
N THR D 395 56.28 -8.27 -8.96
CA THR D 395 55.86 -6.88 -8.83
C THR D 395 57.05 -5.95 -9.00
N THR D 396 56.76 -4.65 -9.15
CA THR D 396 57.76 -3.63 -9.40
C THR D 396 58.43 -3.25 -8.08
N LEU D 397 59.46 -2.41 -8.15
CA LEU D 397 60.26 -2.04 -6.99
C LEU D 397 59.93 -0.62 -6.53
N GLY D 398 60.29 -0.34 -5.28
CA GLY D 398 60.16 0.98 -4.71
C GLY D 398 61.50 1.65 -4.47
N VAL D 399 61.43 2.80 -3.80
CA VAL D 399 62.64 3.57 -3.53
C VAL D 399 63.45 2.99 -2.37
N GLN D 400 62.83 2.25 -1.47
CA GLN D 400 63.53 1.69 -0.32
C GLN D 400 64.36 0.46 -0.65
N ASP D 401 64.19 -0.12 -1.84
CA ASP D 401 64.88 -1.34 -2.22
C ASP D 401 66.21 -0.97 -2.85
N ILE D 402 67.29 -1.13 -2.09
CA ILE D 402 68.64 -0.79 -2.54
C ILE D 402 69.59 -1.84 -1.99
N SER D 403 70.60 -2.19 -2.80
CA SER D 403 71.55 -3.24 -2.40
C SER D 403 72.24 -2.88 -1.09
N THR D 404 72.67 -3.92 -0.37
CA THR D 404 73.27 -3.72 0.94
C THR D 404 74.56 -2.92 0.86
N THR D 405 75.37 -3.17 -0.18
CA THR D 405 76.63 -2.44 -0.31
C THR D 405 76.38 -0.96 -0.57
N ALA D 406 75.33 -0.63 -1.32
CA ALA D 406 75.03 0.77 -1.59
C ALA D 406 74.52 1.48 -0.33
N MET D 407 73.77 0.76 0.51
CA MET D 407 73.27 1.37 1.75
C MET D 407 74.39 1.68 2.72
N SER D 408 75.43 0.85 2.74
CA SER D 408 76.57 1.10 3.62
C SER D 408 77.26 2.41 3.27
N TRP D 409 77.43 2.69 1.97
CA TRP D 409 78.16 3.87 1.56
C TRP D 409 77.42 5.16 1.93
N VAL D 410 76.09 5.13 1.85
CA VAL D 410 75.30 6.31 2.20
C VAL D 410 75.48 6.66 3.68
N GLN D 411 75.57 5.65 4.53
CA GLN D 411 75.62 5.90 5.97
C GLN D 411 76.94 6.56 6.38
N LYS D 412 78.05 6.15 5.78
CA LYS D 412 79.34 6.74 6.13
C LYS D 412 79.42 8.20 5.70
N ILE D 413 78.97 8.51 4.48
CA ILE D 413 79.06 9.88 3.98
C ILE D 413 78.13 10.80 4.77
N THR D 414 76.90 10.37 5.00
CA THR D 414 75.94 11.20 5.73
C THR D 414 76.37 11.40 7.18
N GLY D 415 76.79 10.31 7.84
CA GLY D 415 77.18 10.42 9.24
C GLY D 415 78.40 11.30 9.45
N GLY D 416 79.39 11.18 8.56
CA GLY D 416 80.60 11.97 8.71
C GLY D 416 80.35 13.46 8.60
N VAL D 417 79.54 13.86 7.61
CA VAL D 417 79.23 15.28 7.44
C VAL D 417 78.50 15.83 8.66
N GLY D 418 77.57 15.04 9.21
CA GLY D 418 76.82 15.49 10.37
C GLY D 418 77.69 15.75 11.58
N LEU D 419 78.83 15.05 11.69
CA LEU D 419 79.72 15.26 12.81
C LEU D 419 80.35 16.65 12.78
N ILE D 420 80.73 17.11 11.59
CA ILE D 420 81.40 18.41 11.46
C ILE D 420 80.46 19.53 11.92
N VAL D 421 79.18 19.43 11.58
CA VAL D 421 78.20 20.40 12.06
C VAL D 421 78.05 20.30 13.58
N ALA D 422 78.00 19.07 14.10
CA ALA D 422 77.73 18.88 15.53
C ALA D 422 78.83 19.48 16.39
N VAL D 423 80.10 19.26 16.02
CA VAL D 423 81.21 19.75 16.84
C VAL D 423 81.30 21.27 16.76
N ALA D 424 81.01 21.84 15.60
CA ALA D 424 81.10 23.29 15.42
C ALA D 424 80.08 24.02 16.28
N ALA D 425 78.88 23.46 16.40
CA ALA D 425 77.82 24.14 17.14
C ALA D 425 78.11 24.22 18.62
N LEU D 426 78.77 23.21 19.19
CA LEU D 426 79.10 23.22 20.60
C LEU D 426 80.06 24.36 20.94
N ILE D 427 80.98 24.67 20.03
CA ILE D 427 81.92 25.76 20.27
C ILE D 427 81.17 27.08 20.39
N LEU D 428 80.17 27.30 19.53
CA LEU D 428 79.44 28.57 19.56
C LEU D 428 78.65 28.72 20.84
N ILE D 429 78.05 27.65 21.34
CA ILE D 429 77.22 27.74 22.54
C ILE D 429 78.07 28.10 23.76
N VAL D 430 79.23 27.44 23.90
CA VAL D 430 80.09 27.71 25.05
C VAL D 430 80.62 29.13 25.01
N VAL D 431 81.08 29.58 23.83
CA VAL D 431 81.65 30.92 23.73
C VAL D 431 80.60 32.00 23.97
N LEU D 432 79.33 31.71 23.65
CA LEU D 432 78.26 32.65 23.94
C LEU D 432 77.95 32.72 25.43
N CYS D 433 78.05 31.57 26.12
CA CYS D 433 77.75 31.55 27.55
C CYS D 433 78.76 32.36 28.36
N VAL D 434 80.05 32.24 28.00
CA VAL D 434 81.08 32.96 28.75
C VAL D 434 80.91 34.46 28.60
N SER D 435 80.59 34.92 27.38
CA SER D 435 80.39 36.35 27.16
C SER D 435 79.21 36.89 27.94
N PHE D 436 78.14 36.11 28.05
CA PHE D 436 76.98 36.53 28.82
C PHE D 436 77.33 36.68 30.29
N SER D 437 78.09 35.73 30.85
CA SER D 437 78.45 35.80 32.26
C SER D 437 79.44 36.92 32.53
N ARG D 438 80.39 37.13 31.62
CA ARG D 438 81.47 38.08 31.87
C ARG D 438 80.94 39.50 32.03
N HIS D 439 79.90 39.86 31.27
CA HIS D 439 79.34 41.20 31.33
C HIS D 439 78.70 41.49 32.68
N ASN E 1 -61.20 -8.67 -6.12
CA ASN E 1 -61.61 -9.61 -7.15
C ASN E 1 -60.57 -9.68 -8.26
N PHE E 2 -60.62 -10.74 -9.05
CA PHE E 2 -59.64 -10.98 -10.11
C PHE E 2 -60.13 -10.55 -11.49
N ASN E 3 -61.24 -9.82 -11.56
CA ASN E 3 -61.78 -9.42 -12.86
C ASN E 3 -60.85 -8.49 -13.61
N VAL E 4 -59.91 -7.83 -12.91
CA VAL E 4 -59.04 -6.86 -13.55
C VAL E 4 -57.93 -7.49 -14.38
N TYR E 5 -57.73 -8.80 -14.28
CA TYR E 5 -56.67 -9.51 -14.98
C TYR E 5 -57.16 -10.25 -16.21
N LYS E 6 -58.35 -9.94 -16.70
CA LYS E 6 -59.05 -10.83 -17.63
C LYS E 6 -58.35 -10.90 -18.99
N ALA E 7 -57.91 -9.76 -19.52
CA ALA E 7 -57.36 -9.69 -20.87
C ALA E 7 -55.87 -9.36 -20.91
N THR E 8 -55.09 -9.77 -19.90
CA THR E 8 -53.67 -9.48 -19.86
C THR E 8 -52.84 -10.72 -20.20
N ARG E 9 -51.52 -10.55 -20.18
CA ARG E 9 -50.59 -11.63 -20.51
C ARG E 9 -49.24 -11.33 -19.89
N PRO E 10 -48.46 -12.35 -19.55
CA PRO E 10 -47.10 -12.15 -19.03
C PRO E 10 -46.12 -11.82 -20.16
N TYR E 11 -44.85 -11.63 -19.77
CA TYR E 11 -43.82 -11.21 -20.72
C TYR E 11 -42.45 -11.68 -20.23
N LEU E 12 -41.46 -11.53 -21.11
CA LEU E 12 -40.06 -11.87 -20.83
C LEU E 12 -39.22 -10.60 -20.76
N ALA E 13 -38.08 -10.69 -20.07
CA ALA E 13 -37.26 -9.52 -19.83
C ALA E 13 -35.82 -9.96 -19.53
N HIS E 14 -34.98 -8.99 -19.16
CA HIS E 14 -33.55 -9.18 -18.95
C HIS E 14 -33.24 -9.43 -17.48
N CYS E 15 -32.28 -10.33 -17.23
CA CYS E 15 -31.79 -10.62 -15.89
C CYS E 15 -30.27 -10.59 -15.87
N PRO E 16 -29.65 -9.95 -14.87
CA PRO E 16 -28.19 -9.78 -14.89
C PRO E 16 -27.39 -11.00 -14.49
N ASP E 17 -27.98 -11.97 -13.79
CA ASP E 17 -27.26 -13.17 -13.36
C ASP E 17 -28.25 -14.31 -13.27
N CYS E 18 -27.98 -15.41 -13.98
CA CYS E 18 -28.92 -16.51 -14.12
C CYS E 18 -28.38 -17.80 -13.51
N GLY E 19 -27.49 -17.70 -12.53
CA GLY E 19 -27.06 -18.86 -11.78
C GLY E 19 -25.58 -19.18 -11.86
N GLU E 20 -24.95 -18.94 -13.01
CA GLU E 20 -23.57 -19.33 -13.23
C GLU E 20 -22.64 -18.15 -13.47
N GLY E 21 -23.14 -16.93 -13.45
CA GLY E 21 -22.34 -15.77 -13.77
C GLY E 21 -22.50 -15.22 -15.17
N HIS E 22 -23.64 -15.45 -15.81
CA HIS E 22 -23.89 -14.94 -17.15
C HIS E 22 -25.33 -14.43 -17.22
N SER E 23 -25.56 -13.52 -18.15
CA SER E 23 -26.87 -12.91 -18.32
C SER E 23 -27.72 -13.75 -19.27
N CYS E 24 -29.04 -13.59 -19.14
CA CYS E 24 -29.98 -14.37 -19.94
C CYS E 24 -31.31 -13.63 -19.99
N HIS E 25 -32.22 -14.18 -20.80
CA HIS E 25 -33.61 -13.73 -20.86
C HIS E 25 -34.49 -14.79 -20.20
N SER E 26 -35.23 -14.39 -19.18
CA SER E 26 -35.90 -15.36 -18.32
C SER E 26 -37.37 -15.03 -18.16
N PRO E 27 -38.21 -16.06 -18.00
CA PRO E 27 -39.64 -15.80 -17.74
C PRO E 27 -39.92 -15.17 -16.39
N ILE E 28 -38.97 -15.16 -15.47
CA ILE E 28 -39.14 -14.51 -14.17
C ILE E 28 -38.05 -13.46 -14.01
N ALA E 29 -38.48 -12.22 -13.75
CA ALA E 29 -37.59 -11.07 -13.71
C ALA E 29 -38.06 -10.14 -12.62
N LEU E 30 -37.16 -9.29 -12.14
CA LEU E 30 -37.38 -8.52 -10.93
C LEU E 30 -37.63 -7.05 -11.23
N GLU E 31 -38.59 -6.47 -10.53
CA GLU E 31 -38.85 -5.04 -10.46
C GLU E 31 -38.44 -4.55 -9.07
N ARG E 32 -38.79 -3.29 -8.78
CA ARG E 32 -38.31 -2.66 -7.55
C ARG E 32 -38.82 -3.39 -6.32
N ILE E 33 -38.07 -3.24 -5.23
CA ILE E 33 -38.38 -3.83 -3.93
C ILE E 33 -38.71 -2.71 -2.96
N ARG E 34 -39.84 -2.85 -2.25
CA ARG E 34 -40.34 -1.82 -1.35
C ARG E 34 -40.17 -2.28 0.09
N ASN E 35 -39.64 -1.40 0.94
CA ASN E 35 -39.37 -1.72 2.33
C ASN E 35 -39.74 -0.55 3.24
N GLU E 36 -40.96 -0.04 3.08
CA GLU E 36 -41.38 1.13 3.83
C GLU E 36 -41.88 0.82 5.24
N ALA E 37 -42.11 -0.44 5.57
CA ALA E 37 -42.68 -0.79 6.86
C ALA E 37 -41.59 -0.89 7.93
N THR E 38 -41.99 -0.67 9.18
CA THR E 38 -41.08 -0.68 10.31
C THR E 38 -40.98 -2.03 11.01
N ASP E 39 -41.77 -3.01 10.58
CA ASP E 39 -41.67 -4.37 11.14
C ASP E 39 -40.73 -5.27 10.37
N GLY E 40 -40.28 -4.86 9.18
CA GLY E 40 -39.37 -5.66 8.40
C GLY E 40 -40.04 -6.63 7.44
N THR E 41 -41.13 -6.19 6.81
CA THR E 41 -41.80 -6.98 5.78
C THR E 41 -41.51 -6.39 4.42
N LEU E 42 -41.30 -7.26 3.43
CA LEU E 42 -40.91 -6.85 2.09
C LEU E 42 -42.03 -7.11 1.09
N LYS E 43 -42.03 -6.33 0.01
CA LYS E 43 -42.99 -6.49 -1.08
C LYS E 43 -42.23 -6.51 -2.40
N ILE E 44 -42.56 -7.49 -3.25
CA ILE E 44 -41.79 -7.79 -4.45
C ILE E 44 -42.72 -7.81 -5.65
N GLN E 45 -42.20 -7.39 -6.81
CA GLN E 45 -42.92 -7.42 -8.07
C GLN E 45 -42.13 -8.23 -9.09
N VAL E 46 -42.80 -9.15 -9.77
CA VAL E 46 -42.17 -10.05 -10.73
C VAL E 46 -42.92 -10.00 -12.05
N SER E 47 -42.53 -10.85 -13.00
CA SER E 47 -43.07 -10.80 -14.36
C SER E 47 -44.08 -11.90 -14.68
N LEU E 48 -44.38 -12.78 -13.74
CA LEU E 48 -45.40 -13.81 -13.94
C LEU E 48 -46.61 -13.53 -13.06
N GLN E 49 -47.68 -14.30 -13.30
CA GLN E 49 -48.97 -14.11 -12.64
C GLN E 49 -49.33 -15.37 -11.87
N ILE E 50 -49.74 -15.18 -10.62
CA ILE E 50 -49.96 -16.27 -9.67
C ILE E 50 -51.45 -16.31 -9.32
N GLY E 51 -52.04 -17.51 -9.40
CA GLY E 51 -53.39 -17.73 -8.95
C GLY E 51 -54.46 -17.73 -10.03
N ILE E 52 -54.10 -17.46 -11.28
CA ILE E 52 -55.06 -17.39 -12.37
C ILE E 52 -54.63 -18.36 -13.46
N LYS E 53 -55.60 -19.06 -14.04
CA LYS E 53 -55.33 -20.06 -15.06
C LYS E 53 -55.35 -19.43 -16.45
N THR E 54 -55.13 -20.26 -17.47
CA THR E 54 -55.02 -19.80 -18.85
C THR E 54 -56.36 -19.58 -19.53
N ASP E 55 -57.47 -20.00 -18.92
CA ASP E 55 -58.80 -19.78 -19.45
C ASP E 55 -59.57 -18.72 -18.68
N ASP E 56 -58.87 -17.90 -17.88
CA ASP E 56 -59.46 -16.82 -17.10
C ASP E 56 -60.42 -17.35 -16.05
N SER E 57 -59.91 -18.19 -15.16
CA SER E 57 -60.65 -18.63 -13.98
C SER E 57 -59.72 -18.60 -12.77
N HIS E 58 -60.32 -18.59 -11.59
CA HIS E 58 -59.56 -18.48 -10.35
C HIS E 58 -59.29 -19.86 -9.78
N ASP E 59 -58.02 -20.15 -9.51
CA ASP E 59 -57.62 -21.41 -8.88
C ASP E 59 -56.30 -21.17 -8.16
N TRP E 60 -56.29 -21.39 -6.84
CA TRP E 60 -55.16 -20.99 -6.01
C TRP E 60 -54.02 -21.99 -6.01
N THR E 61 -54.11 -23.08 -6.77
CA THR E 61 -53.05 -24.06 -6.85
C THR E 61 -52.23 -23.95 -8.13
N LYS E 62 -52.45 -22.92 -8.93
CA LYS E 62 -51.87 -22.83 -10.26
C LYS E 62 -51.28 -21.44 -10.50
N LEU E 63 -50.34 -21.39 -11.44
CA LEU E 63 -49.79 -20.14 -11.94
C LEU E 63 -49.54 -20.29 -13.44
N ARG E 64 -49.55 -19.16 -14.14
CA ARG E 64 -49.33 -19.16 -15.58
C ARG E 64 -48.17 -18.24 -15.93
N TYR E 65 -47.37 -18.67 -16.91
CA TYR E 65 -46.17 -17.97 -17.32
C TYR E 65 -46.09 -17.97 -18.84
N MET E 66 -45.21 -17.16 -19.39
CA MET E 66 -45.11 -16.94 -20.82
C MET E 66 -44.03 -17.85 -21.41
N ASP E 67 -44.45 -18.79 -22.25
CA ASP E 67 -43.53 -19.57 -23.06
C ASP E 67 -43.34 -18.81 -24.39
N SER E 68 -42.63 -19.43 -25.34
CA SER E 68 -42.40 -18.77 -26.62
C SER E 68 -43.71 -18.68 -27.40
N HIS E 69 -44.23 -17.46 -27.52
CA HIS E 69 -45.44 -17.12 -28.28
C HIS E 69 -46.74 -17.66 -27.67
N THR E 70 -46.70 -18.27 -26.49
CA THR E 70 -47.94 -18.77 -25.90
C THR E 70 -47.77 -19.03 -24.41
N PRO E 71 -48.74 -18.65 -23.58
CA PRO E 71 -48.68 -18.98 -22.15
C PRO E 71 -49.01 -20.43 -21.88
N ALA E 72 -48.67 -20.86 -20.66
CA ALA E 72 -48.91 -22.24 -20.22
C ALA E 72 -49.04 -22.24 -18.70
N ASP E 73 -49.34 -23.42 -18.15
CA ASP E 73 -49.64 -23.59 -16.73
C ASP E 73 -48.50 -24.30 -16.01
N ALA E 74 -48.45 -24.11 -14.70
CA ALA E 74 -47.42 -24.71 -13.86
C ALA E 74 -47.91 -24.76 -12.42
N GLU E 75 -47.15 -25.47 -11.58
CA GLU E 75 -47.52 -25.70 -10.20
C GLU E 75 -47.04 -24.57 -9.29
N ARG E 76 -47.79 -24.35 -8.21
CA ARG E 76 -47.41 -23.33 -7.23
C ARG E 76 -46.40 -23.82 -6.22
N ALA E 77 -46.32 -25.14 -5.99
CA ALA E 77 -45.47 -25.68 -4.93
C ALA E 77 -43.99 -25.44 -5.16
N GLY E 78 -43.58 -25.06 -6.37
CA GLY E 78 -42.20 -24.81 -6.67
C GLY E 78 -41.70 -23.40 -6.47
N LEU E 79 -42.51 -22.50 -5.92
CA LEU E 79 -42.10 -21.12 -5.75
C LEU E 79 -41.29 -20.97 -4.46
N LEU E 80 -40.12 -20.34 -4.58
CA LEU E 80 -39.24 -20.15 -3.42
C LEU E 80 -38.60 -18.77 -3.48
N VAL E 81 -38.33 -18.22 -2.31
CA VAL E 81 -37.68 -16.92 -2.15
C VAL E 81 -36.65 -17.04 -1.05
N ARG E 82 -35.41 -16.60 -1.33
CA ARG E 82 -34.32 -16.83 -0.39
C ARG E 82 -33.30 -15.70 -0.46
N THR E 83 -32.89 -15.22 0.71
CA THR E 83 -31.72 -14.37 0.87
C THR E 83 -30.92 -14.90 2.06
N SER E 84 -29.69 -15.31 1.80
CA SER E 84 -28.95 -16.13 2.76
C SER E 84 -29.79 -17.36 3.09
N ALA E 85 -30.21 -17.50 4.34
CA ALA E 85 -31.10 -18.59 4.72
C ALA E 85 -32.47 -18.40 4.06
N PRO E 86 -33.27 -19.46 3.96
CA PRO E 86 -34.58 -19.34 3.30
C PRO E 86 -35.55 -18.44 4.04
N CYS E 87 -36.46 -17.84 3.27
CA CYS E 87 -37.52 -16.99 3.80
C CYS E 87 -38.85 -17.74 3.83
N THR E 88 -39.90 -17.02 4.23
CA THR E 88 -41.24 -17.57 4.43
C THR E 88 -42.26 -16.68 3.74
N ILE E 89 -43.14 -17.29 2.95
CA ILE E 89 -44.09 -16.55 2.13
C ILE E 89 -45.41 -16.44 2.88
N THR E 90 -45.97 -15.22 2.93
CA THR E 90 -47.20 -14.97 3.67
C THR E 90 -48.42 -14.70 2.81
N GLY E 91 -48.24 -14.31 1.54
CA GLY E 91 -49.39 -14.08 0.68
C GLY E 91 -49.04 -13.63 -0.73
N THR E 92 -49.82 -14.07 -1.72
CA THR E 92 -49.54 -13.79 -3.11
C THR E 92 -50.83 -13.39 -3.82
N MET E 93 -50.68 -12.52 -4.83
CA MET E 93 -51.78 -12.20 -5.75
C MET E 93 -51.18 -11.52 -6.97
N GLY E 94 -51.40 -12.10 -8.14
CA GLY E 94 -50.97 -11.46 -9.38
C GLY E 94 -49.47 -11.34 -9.45
N HIS E 95 -48.98 -10.11 -9.52
CA HIS E 95 -47.56 -9.82 -9.70
C HIS E 95 -46.79 -9.71 -8.39
N PHE E 96 -47.45 -9.82 -7.24
CA PHE E 96 -46.88 -9.35 -5.98
C PHE E 96 -46.77 -10.48 -4.96
N ILE E 97 -45.79 -10.34 -4.06
CA ILE E 97 -45.46 -11.34 -3.05
C ILE E 97 -45.14 -10.61 -1.74
N LEU E 98 -45.46 -11.26 -0.62
CA LEU E 98 -45.05 -10.81 0.70
C LEU E 98 -44.14 -11.87 1.33
N ALA E 99 -43.14 -11.42 2.09
CA ALA E 99 -42.17 -12.34 2.66
C ALA E 99 -41.57 -11.76 3.93
N ARG E 100 -41.03 -12.65 4.76
CA ARG E 100 -40.21 -12.30 5.90
C ARG E 100 -38.88 -13.02 5.77
N CYS E 101 -37.78 -12.32 6.05
CA CYS E 101 -36.47 -12.76 5.63
C CYS E 101 -35.44 -12.44 6.69
N PRO E 102 -34.35 -13.19 6.74
CA PRO E 102 -33.20 -12.83 7.57
C PRO E 102 -32.36 -11.73 6.89
N LYS E 103 -31.33 -11.29 7.59
CA LYS E 103 -30.43 -10.28 7.07
C LYS E 103 -29.47 -10.88 6.04
N GLY E 104 -29.02 -10.04 5.11
CA GLY E 104 -28.19 -10.52 4.03
C GLY E 104 -27.83 -9.39 3.08
N GLU E 105 -27.24 -9.77 1.94
CA GLU E 105 -26.79 -8.80 0.95
C GLU E 105 -27.27 -9.10 -0.47
N THR E 106 -28.15 -10.10 -0.66
CA THR E 106 -28.65 -10.45 -1.99
C THR E 106 -30.12 -10.84 -1.88
N LEU E 107 -30.72 -11.15 -3.02
CA LEU E 107 -32.08 -11.67 -3.06
C LEU E 107 -32.25 -12.51 -4.33
N THR E 108 -32.96 -13.62 -4.21
CA THR E 108 -33.10 -14.58 -5.29
C THR E 108 -34.53 -15.09 -5.36
N VAL E 109 -34.99 -15.35 -6.60
CA VAL E 109 -36.30 -15.96 -6.85
C VAL E 109 -36.11 -17.13 -7.82
N GLY E 110 -37.09 -18.04 -7.81
CA GLY E 110 -37.02 -19.19 -8.68
C GLY E 110 -38.32 -19.98 -8.67
N PHE E 111 -38.43 -20.90 -9.63
CA PHE E 111 -39.60 -21.76 -9.78
C PHE E 111 -39.23 -22.92 -10.71
N THR E 112 -40.19 -23.82 -10.93
CA THR E 112 -40.01 -25.02 -11.72
C THR E 112 -40.98 -25.05 -12.89
N ASP E 113 -40.50 -25.50 -14.05
CA ASP E 113 -41.23 -25.43 -15.30
C ASP E 113 -42.16 -26.63 -15.46
N SER E 114 -42.84 -26.69 -16.61
CA SER E 114 -43.73 -27.80 -16.95
C SER E 114 -43.03 -28.94 -17.68
N ARG E 115 -41.73 -28.82 -17.93
CA ARG E 115 -40.92 -29.93 -18.43
C ARG E 115 -39.79 -30.27 -17.48
N LYS E 116 -39.91 -29.87 -16.21
CA LYS E 116 -38.92 -30.16 -15.16
C LYS E 116 -37.60 -29.46 -15.43
N ILE E 117 -37.63 -28.11 -15.45
CA ILE E 117 -36.43 -27.29 -15.56
C ILE E 117 -36.61 -26.10 -14.63
N SER E 118 -35.53 -25.68 -13.98
CA SER E 118 -35.56 -24.61 -13.00
C SER E 118 -34.96 -23.32 -13.55
N HIS E 119 -35.41 -22.19 -13.00
CA HIS E 119 -34.95 -20.87 -13.40
C HIS E 119 -34.73 -20.02 -12.16
N THR E 120 -33.74 -19.13 -12.23
CA THR E 120 -33.39 -18.26 -11.12
C THR E 120 -33.00 -16.87 -11.64
N CYS E 121 -32.97 -15.90 -10.74
CA CYS E 121 -32.46 -14.57 -11.03
C CYS E 121 -32.06 -13.91 -9.72
N THR E 122 -30.93 -13.18 -9.74
CA THR E 122 -30.33 -12.62 -8.53
C THR E 122 -30.05 -11.13 -8.71
N HIS E 123 -30.34 -10.35 -7.68
CA HIS E 123 -30.11 -8.91 -7.63
C HIS E 123 -29.44 -8.53 -6.32
N PRO E 124 -28.63 -7.48 -6.33
CA PRO E 124 -28.06 -6.97 -5.07
C PRO E 124 -29.08 -6.17 -4.27
N PHE E 125 -28.85 -6.15 -2.96
CA PHE E 125 -29.78 -5.53 -2.01
C PHE E 125 -29.10 -5.47 -0.65
N HIS E 126 -29.59 -4.57 0.20
CA HIS E 126 -29.03 -4.37 1.53
C HIS E 126 -30.16 -4.35 2.54
N HIS E 127 -30.18 -5.32 3.45
CA HIS E 127 -31.31 -5.57 4.33
C HIS E 127 -30.87 -5.45 5.78
N GLU E 128 -31.51 -4.54 6.52
CA GLU E 128 -31.22 -4.32 7.93
C GLU E 128 -32.42 -3.67 8.59
N PRO E 129 -33.24 -4.44 9.31
CA PRO E 129 -34.45 -3.86 9.91
C PRO E 129 -34.09 -2.85 10.97
N PRO E 130 -34.96 -1.88 11.24
CA PRO E 130 -34.66 -0.85 12.23
C PRO E 130 -34.80 -1.38 13.65
N VAL E 131 -34.45 -0.52 14.61
CA VAL E 131 -34.44 -0.87 16.03
C VAL E 131 -35.55 -0.07 16.72
N ILE E 132 -36.38 -0.78 17.48
CA ILE E 132 -37.50 -0.19 18.19
C ILE E 132 -37.23 -0.30 19.68
N GLY E 133 -37.21 0.84 20.37
CA GLY E 133 -36.93 0.85 21.79
C GLY E 133 -35.46 1.13 22.06
N ARG E 134 -35.02 0.69 23.25
CA ARG E 134 -33.67 0.94 23.72
C ARG E 134 -32.87 -0.34 23.93
N GLU E 135 -33.29 -1.45 23.33
CA GLU E 135 -32.53 -2.69 23.36
C GLU E 135 -32.60 -3.37 22.00
N ARG E 136 -31.55 -4.10 21.66
CA ARG E 136 -31.49 -4.89 20.44
C ARG E 136 -31.75 -6.36 20.79
N PHE E 137 -32.77 -6.94 20.17
CA PHE E 137 -33.24 -8.27 20.54
C PHE E 137 -33.51 -9.07 19.27
N HIS E 138 -33.50 -10.39 19.42
CA HIS E 138 -33.50 -11.30 18.27
C HIS E 138 -34.79 -12.08 18.08
N SER E 139 -35.65 -12.18 19.10
CA SER E 139 -36.90 -12.90 18.95
C SER E 139 -37.93 -12.36 19.94
N ARG E 140 -39.17 -12.77 19.74
CA ARG E 140 -40.29 -12.24 20.51
C ARG E 140 -40.32 -12.87 21.90
N PRO E 141 -40.38 -12.07 22.97
CA PRO E 141 -40.33 -12.65 24.31
C PRO E 141 -41.69 -13.01 24.89
N GLN E 142 -41.69 -13.53 26.12
CA GLN E 142 -42.91 -13.95 26.80
C GLN E 142 -43.36 -12.96 27.86
N HIS E 143 -42.46 -12.08 28.32
CA HIS E 143 -42.76 -11.09 29.34
C HIS E 143 -42.18 -9.75 28.88
N GLY E 144 -43.05 -8.76 28.70
CA GLY E 144 -42.60 -7.51 28.10
C GLY E 144 -43.57 -6.35 28.13
N LYS E 145 -43.41 -5.45 27.16
CA LYS E 145 -44.09 -4.17 27.11
C LYS E 145 -44.44 -3.88 25.65
N GLU E 146 -45.42 -3.01 25.43
CA GLU E 146 -45.94 -2.76 24.09
C GLU E 146 -45.64 -1.33 23.65
N LEU E 147 -45.13 -1.20 22.44
CA LEU E 147 -44.78 0.07 21.80
C LEU E 147 -45.29 0.05 20.36
N PRO E 148 -45.54 1.22 19.78
CA PRO E 148 -46.12 1.26 18.44
C PRO E 148 -45.08 1.00 17.35
N CYS E 149 -45.58 0.51 16.22
CA CYS E 149 -44.82 0.25 15.00
C CYS E 149 -45.85 0.08 13.89
N SER E 150 -45.45 -0.32 12.69
CA SER E 150 -46.42 -0.44 11.59
C SER E 150 -46.10 -1.66 10.72
N THR E 151 -47.08 -2.10 9.94
CA THR E 151 -46.96 -3.33 9.17
C THR E 151 -47.78 -3.24 7.89
N TYR E 152 -47.78 -4.33 7.13
CA TYR E 152 -48.64 -4.53 5.98
C TYR E 152 -49.85 -5.38 6.36
N VAL E 153 -50.94 -5.22 5.59
CA VAL E 153 -52.22 -5.84 5.90
C VAL E 153 -52.60 -6.81 4.79
N GLN E 154 -53.07 -8.00 5.18
CA GLN E 154 -53.42 -9.06 4.23
C GLN E 154 -54.85 -8.86 3.74
N SER E 155 -54.99 -8.03 2.71
CA SER E 155 -56.29 -7.79 2.10
C SER E 155 -56.10 -7.54 0.61
N THR E 156 -57.12 -7.89 -0.17
CA THR E 156 -57.08 -7.77 -1.63
C THR E 156 -58.15 -6.81 -2.17
N ALA E 157 -58.66 -5.93 -1.33
CA ALA E 157 -59.68 -4.98 -1.79
C ALA E 157 -59.05 -3.85 -2.60
N ALA E 158 -59.91 -3.06 -3.23
CA ALA E 158 -59.44 -1.97 -4.08
C ALA E 158 -58.81 -0.87 -3.26
N THR E 159 -57.72 -0.31 -3.78
CA THR E 159 -56.98 0.77 -3.11
C THR E 159 -56.85 1.99 -4.01
N ALA E 160 -55.97 2.92 -3.62
CA ALA E 160 -55.78 4.16 -4.35
C ALA E 160 -54.51 4.21 -5.18
N GLU E 161 -53.70 3.15 -5.17
CA GLU E 161 -52.51 3.05 -6.01
C GLU E 161 -52.87 2.23 -7.25
N GLU E 162 -52.44 2.71 -8.42
CA GLU E 162 -52.82 2.07 -9.67
C GLU E 162 -51.64 2.05 -10.63
N ILE E 163 -51.65 1.05 -11.53
CA ILE E 163 -50.68 0.93 -12.61
C ILE E 163 -51.45 0.70 -13.92
N GLU E 164 -50.77 0.98 -15.03
CA GLU E 164 -51.41 1.02 -16.34
C GLU E 164 -51.00 -0.17 -17.21
N VAL E 165 -51.77 -0.39 -18.27
CA VAL E 165 -51.50 -1.43 -19.26
C VAL E 165 -51.66 -0.83 -20.65
N HIS E 166 -50.81 -1.27 -21.59
CA HIS E 166 -50.73 -0.72 -22.94
C HIS E 166 -50.70 -1.87 -23.94
N MET E 167 -50.54 -1.51 -25.23
CA MET E 167 -50.49 -2.39 -26.39
C MET E 167 -49.08 -2.91 -26.62
N PRO E 168 -48.91 -4.21 -26.86
CA PRO E 168 -47.57 -4.80 -26.94
C PRO E 168 -46.88 -4.46 -28.24
N PRO E 169 -45.54 -4.52 -28.26
CA PRO E 169 -44.81 -4.29 -29.52
C PRO E 169 -44.62 -5.56 -30.34
N ASP E 170 -43.88 -5.46 -31.43
CA ASP E 170 -43.62 -6.60 -32.30
C ASP E 170 -42.48 -7.45 -31.75
N THR E 171 -42.46 -8.73 -32.16
CA THR E 171 -41.49 -9.69 -31.68
C THR E 171 -40.66 -10.21 -32.85
N PRO E 172 -39.35 -9.92 -32.90
CA PRO E 172 -38.51 -10.46 -33.98
C PRO E 172 -38.08 -11.89 -33.68
N ASP E 173 -38.49 -12.83 -34.54
CA ASP E 173 -38.02 -14.21 -34.48
C ASP E 173 -37.30 -14.54 -35.78
N ARG E 174 -36.04 -14.95 -35.66
CA ARG E 174 -35.25 -15.30 -36.84
C ARG E 174 -35.59 -16.67 -37.40
N THR E 175 -36.01 -17.61 -36.53
CA THR E 175 -36.14 -19.01 -36.93
C THR E 175 -37.11 -19.20 -38.10
N LEU E 176 -38.11 -18.33 -38.23
CA LEU E 176 -39.12 -18.48 -39.27
C LEU E 176 -38.50 -18.58 -40.66
N MET E 177 -37.52 -17.74 -40.96
CA MET E 177 -36.84 -17.79 -42.25
C MET E 177 -35.94 -19.02 -42.35
N THR E 178 -35.89 -19.60 -43.54
CA THR E 178 -34.98 -20.69 -43.86
C THR E 178 -34.19 -20.33 -45.12
N GLN E 179 -33.28 -21.22 -45.51
CA GLN E 179 -32.48 -21.04 -46.71
C GLN E 179 -32.59 -22.27 -47.60
N GLN E 180 -32.95 -22.04 -48.87
CA GLN E 180 -32.99 -23.08 -49.88
C GLN E 180 -32.12 -22.65 -51.05
N SER E 181 -32.18 -23.42 -52.14
CA SER E 181 -31.32 -23.19 -53.30
C SER E 181 -31.69 -21.85 -53.93
N GLY E 182 -30.87 -20.83 -53.68
CA GLY E 182 -31.05 -19.54 -54.31
C GLY E 182 -32.32 -18.81 -53.94
N ASN E 183 -33.03 -19.25 -52.90
CA ASN E 183 -34.29 -18.63 -52.54
C ASN E 183 -34.49 -18.72 -51.02
N VAL E 184 -35.36 -17.86 -50.52
CA VAL E 184 -35.67 -17.77 -49.10
C VAL E 184 -37.15 -18.04 -48.92
N LYS E 185 -37.48 -18.87 -47.93
CA LYS E 185 -38.85 -19.25 -47.65
C LYS E 185 -39.22 -18.76 -46.26
N ILE E 186 -40.38 -18.13 -46.13
CA ILE E 186 -40.88 -17.61 -44.86
C ILE E 186 -42.07 -18.45 -44.44
N THR E 187 -42.02 -18.97 -43.22
CA THR E 187 -43.08 -19.81 -42.67
C THR E 187 -43.98 -18.99 -41.75
N VAL E 188 -45.29 -19.18 -41.91
CA VAL E 188 -46.27 -18.39 -41.16
C VAL E 188 -46.62 -19.05 -39.84
N ASN E 189 -47.00 -20.33 -39.87
CA ASN E 189 -47.39 -21.09 -38.67
C ASN E 189 -48.57 -20.44 -37.95
N GLY E 190 -49.50 -19.88 -38.72
CA GLY E 190 -50.77 -19.42 -38.18
C GLY E 190 -50.79 -18.00 -37.64
N GLN E 191 -49.71 -17.24 -37.80
CA GLN E 191 -49.63 -15.89 -37.26
C GLN E 191 -49.25 -14.90 -38.35
N THR E 192 -49.71 -13.67 -38.20
CA THR E 192 -49.39 -12.62 -39.17
C THR E 192 -47.92 -12.23 -39.06
N VAL E 193 -47.29 -12.02 -40.21
CA VAL E 193 -45.85 -11.77 -40.28
C VAL E 193 -45.60 -10.54 -41.14
N ARG E 194 -44.67 -9.70 -40.69
CA ARG E 194 -44.20 -8.55 -41.45
C ARG E 194 -42.76 -8.79 -41.86
N TYR E 195 -42.43 -8.43 -43.11
CA TYR E 195 -41.14 -8.78 -43.67
C TYR E 195 -40.59 -7.61 -44.47
N LYS E 196 -39.27 -7.60 -44.64
CA LYS E 196 -38.59 -6.63 -45.49
C LYS E 196 -37.26 -7.21 -45.91
N CYS E 197 -36.97 -7.20 -47.21
CA CYS E 197 -35.71 -7.68 -47.74
C CYS E 197 -35.09 -6.62 -48.64
N ASN E 198 -33.77 -6.52 -48.59
CA ASN E 198 -33.03 -5.50 -49.34
C ASN E 198 -32.56 -5.99 -50.70
N CYS E 199 -32.65 -7.29 -50.97
CA CYS E 199 -32.18 -7.84 -52.22
C CYS E 199 -33.12 -7.45 -53.36
N GLY E 200 -32.53 -7.08 -54.50
CA GLY E 200 -33.33 -6.73 -55.67
C GLY E 200 -34.20 -5.52 -55.48
N GLY E 201 -33.66 -4.46 -54.89
CA GLY E 201 -34.44 -3.26 -54.63
C GLY E 201 -35.05 -3.26 -53.26
N SER E 202 -36.35 -3.56 -53.17
CA SER E 202 -37.05 -3.61 -51.89
C SER E 202 -38.34 -4.38 -52.06
N ASN E 203 -38.74 -5.08 -51.00
CA ASN E 203 -40.00 -5.83 -50.98
C ASN E 203 -40.57 -5.73 -49.57
N GLU E 204 -41.77 -5.16 -49.45
CA GLU E 204 -42.39 -4.92 -48.16
C GLU E 204 -43.85 -5.32 -48.21
N GLY E 205 -44.40 -5.70 -47.07
CA GLY E 205 -45.82 -6.00 -47.00
C GLY E 205 -46.11 -6.95 -45.85
N LEU E 206 -47.37 -7.39 -45.80
CA LEU E 206 -47.85 -8.34 -44.82
C LEU E 206 -48.31 -9.61 -45.51
N THR E 207 -48.43 -10.69 -44.74
CA THR E 207 -48.78 -11.98 -45.31
C THR E 207 -49.50 -12.83 -44.26
N THR E 208 -50.25 -13.81 -44.75
CA THR E 208 -50.88 -14.81 -43.91
C THR E 208 -50.61 -16.25 -44.37
N THR E 209 -50.08 -16.43 -45.58
CA THR E 209 -49.76 -17.75 -46.15
C THR E 209 -48.29 -17.79 -46.58
N ASP E 210 -47.86 -19.00 -46.93
CA ASP E 210 -46.47 -19.23 -47.29
C ASP E 210 -46.09 -18.38 -48.51
N LYS E 211 -44.84 -17.93 -48.53
CA LYS E 211 -44.37 -17.05 -49.59
C LYS E 211 -42.91 -17.33 -49.89
N VAL E 212 -42.50 -17.07 -51.13
CA VAL E 212 -41.15 -17.33 -51.62
C VAL E 212 -40.59 -16.08 -52.28
N ILE E 213 -39.32 -15.79 -52.01
CA ILE E 213 -38.62 -14.65 -52.58
C ILE E 213 -37.45 -15.18 -53.41
N ASN E 214 -37.31 -14.66 -54.63
CA ASN E 214 -36.34 -15.17 -55.59
C ASN E 214 -35.07 -14.32 -55.61
N ASN E 215 -33.93 -15.00 -55.78
CA ASN E 215 -32.62 -14.35 -55.91
C ASN E 215 -32.26 -13.58 -54.64
N CYS E 216 -32.20 -14.29 -53.52
CA CYS E 216 -31.90 -13.67 -52.25
C CYS E 216 -31.28 -14.69 -51.30
N LYS E 217 -30.40 -14.21 -50.43
CA LYS E 217 -29.77 -15.02 -49.40
C LYS E 217 -30.61 -14.99 -48.13
N ILE E 218 -30.25 -15.85 -47.17
CA ILE E 218 -30.91 -15.86 -45.88
C ILE E 218 -30.69 -14.52 -45.17
N ASP E 219 -29.49 -13.96 -45.29
CA ASP E 219 -29.23 -12.60 -44.82
C ASP E 219 -30.01 -11.59 -45.68
N GLN E 220 -29.91 -10.32 -45.29
CA GLN E 220 -30.62 -9.23 -45.95
C GLN E 220 -32.14 -9.42 -45.92
N CYS E 221 -32.66 -10.05 -44.86
CA CYS E 221 -34.10 -10.17 -44.67
C CYS E 221 -34.42 -10.09 -43.19
N HIS E 222 -35.65 -9.66 -42.90
CA HIS E 222 -36.09 -9.44 -41.53
C HIS E 222 -37.55 -9.90 -41.39
N ALA E 223 -37.90 -10.46 -40.24
CA ALA E 223 -39.27 -10.91 -40.00
C ALA E 223 -39.66 -10.65 -38.55
N ALA E 224 -40.97 -10.53 -38.33
CA ALA E 224 -41.52 -10.21 -37.01
C ALA E 224 -42.99 -10.58 -36.98
N VAL E 225 -43.51 -10.77 -35.77
CA VAL E 225 -44.92 -11.08 -35.54
C VAL E 225 -45.61 -9.81 -35.05
N THR E 226 -46.67 -9.39 -35.75
CA THR E 226 -47.12 -8.00 -35.68
C THR E 226 -48.59 -7.80 -35.34
N ASN E 227 -49.34 -8.85 -34.97
CA ASN E 227 -50.72 -8.68 -34.54
C ASN E 227 -50.92 -9.30 -33.17
N HIS E 228 -51.58 -8.56 -32.27
CA HIS E 228 -51.84 -9.04 -30.93
C HIS E 228 -53.25 -8.68 -30.51
N LYS E 229 -53.78 -9.43 -29.52
CA LYS E 229 -55.13 -9.26 -29.04
C LYS E 229 -55.21 -9.04 -27.53
N ASN E 230 -54.08 -8.80 -26.87
CA ASN E 230 -54.05 -8.64 -25.42
C ASN E 230 -53.20 -7.42 -25.05
N TRP E 231 -53.32 -7.00 -23.79
CA TRP E 231 -52.60 -5.85 -23.26
C TRP E 231 -51.56 -6.30 -22.25
N GLN E 232 -50.58 -5.43 -22.02
CA GLN E 232 -49.43 -5.78 -21.19
C GLN E 232 -48.87 -4.54 -20.52
N TYR E 233 -48.26 -4.73 -19.35
CA TYR E 233 -47.68 -3.63 -18.59
C TYR E 233 -46.49 -3.04 -19.31
N ASN E 234 -46.30 -1.72 -19.14
CA ASN E 234 -45.28 -0.97 -19.88
C ASN E 234 -44.01 -0.86 -19.05
N SER E 235 -43.23 -1.95 -19.05
CA SER E 235 -42.01 -1.98 -18.27
C SER E 235 -40.95 -1.08 -18.89
N PRO E 236 -40.05 -0.52 -18.07
CA PRO E 236 -38.91 0.23 -18.62
C PRO E 236 -37.86 -0.65 -19.29
N LEU E 237 -38.17 -1.94 -19.46
CA LEU E 237 -37.28 -2.87 -20.17
C LEU E 237 -37.85 -3.33 -21.50
N VAL E 238 -38.94 -2.71 -21.97
CA VAL E 238 -39.57 -3.13 -23.22
C VAL E 238 -39.83 -1.89 -24.09
N PRO E 239 -39.47 -1.91 -25.37
CA PRO E 239 -39.58 -0.70 -26.19
C PRO E 239 -41.02 -0.34 -26.49
N ARG E 240 -41.22 0.95 -26.77
CA ARG E 240 -42.55 1.51 -26.93
C ARG E 240 -43.14 1.13 -28.28
N ASN E 241 -44.48 1.08 -28.33
CA ASN E 241 -45.18 0.76 -29.57
C ASN E 241 -45.09 1.91 -30.56
N ALA E 242 -45.34 3.13 -30.10
CA ALA E 242 -45.34 4.30 -30.97
C ALA E 242 -44.99 5.53 -30.13
N GLU E 243 -44.80 6.66 -30.83
CA GLU E 243 -44.34 7.87 -30.16
C GLU E 243 -45.28 8.31 -29.05
N LEU E 244 -46.57 8.02 -29.19
CA LEU E 244 -47.56 8.29 -28.15
C LEU E 244 -48.22 6.98 -27.73
N GLY E 245 -48.28 6.74 -26.42
CA GLY E 245 -48.83 5.50 -25.93
C GLY E 245 -50.34 5.43 -26.03
N ASP E 246 -50.86 4.22 -26.08
CA ASP E 246 -52.29 3.94 -26.13
C ASP E 246 -52.69 3.21 -24.86
N ARG E 247 -53.40 3.89 -23.97
CA ARG E 247 -53.90 3.27 -22.75
C ARG E 247 -55.08 2.35 -23.06
N LYS E 248 -55.17 1.26 -22.31
CA LYS E 248 -56.31 0.35 -22.43
C LYS E 248 -57.00 0.10 -21.10
N GLY E 249 -56.30 0.24 -19.99
CA GLY E 249 -56.89 -0.02 -18.69
C GLY E 249 -55.87 0.10 -17.58
N LYS E 250 -56.32 -0.24 -16.38
CA LYS E 250 -55.48 -0.10 -15.19
C LYS E 250 -55.86 -1.13 -14.14
N ILE E 251 -54.88 -1.50 -13.31
CA ILE E 251 -55.07 -2.45 -12.21
C ILE E 251 -54.45 -1.87 -10.95
N HIS E 252 -54.90 -2.37 -9.80
CA HIS E 252 -54.57 -1.78 -8.50
C HIS E 252 -53.54 -2.61 -7.76
N ILE E 253 -52.91 -1.97 -6.78
CA ILE E 253 -51.87 -2.59 -5.96
C ILE E 253 -52.48 -2.94 -4.59
N PRO E 254 -52.46 -4.20 -4.17
CA PRO E 254 -53.05 -4.56 -2.87
C PRO E 254 -52.11 -4.29 -1.70
N PHE E 255 -52.53 -4.72 -0.49
CA PHE E 255 -51.76 -4.66 0.75
C PHE E 255 -51.40 -3.24 1.18
N PRO E 256 -52.34 -2.48 1.71
CA PRO E 256 -52.03 -1.15 2.24
C PRO E 256 -51.41 -1.24 3.64
N LEU E 257 -51.08 -0.07 4.19
CA LEU E 257 -50.45 0.06 5.50
C LEU E 257 -51.48 0.35 6.59
N ALA E 258 -51.03 0.22 7.85
CA ALA E 258 -51.88 0.45 9.01
C ALA E 258 -51.01 0.62 10.24
N ASN E 259 -51.65 0.99 11.35
CA ASN E 259 -51.02 1.09 12.66
C ASN E 259 -51.31 -0.18 13.46
N VAL E 260 -50.31 -0.65 14.19
CA VAL E 260 -50.44 -1.79 15.09
C VAL E 260 -49.64 -1.51 16.36
N THR E 261 -49.59 -2.50 17.25
CA THR E 261 -48.73 -2.43 18.42
C THR E 261 -47.86 -3.67 18.44
N CYS E 262 -46.60 -3.47 18.80
CA CYS E 262 -45.59 -4.51 18.88
C CYS E 262 -44.75 -4.44 20.15
N ARG E 263 -44.14 -5.59 20.47
CA ARG E 263 -43.66 -5.92 21.80
C ARG E 263 -42.13 -5.92 21.94
N VAL E 264 -41.67 -5.45 23.11
CA VAL E 264 -40.24 -5.34 23.45
C VAL E 264 -39.96 -5.96 24.83
N PRO E 265 -38.72 -6.45 25.09
CA PRO E 265 -38.40 -7.05 26.39
C PRO E 265 -37.94 -6.05 27.47
N LYS E 266 -37.65 -6.55 28.68
CA LYS E 266 -37.14 -5.74 29.77
C LYS E 266 -35.99 -6.47 30.47
N ALA E 267 -35.10 -5.70 31.11
CA ALA E 267 -33.84 -6.21 31.61
C ALA E 267 -33.92 -6.60 33.09
N ARG E 268 -32.83 -7.17 33.60
CA ARG E 268 -32.71 -7.61 34.98
C ARG E 268 -32.41 -6.42 35.91
N ASN E 269 -32.53 -6.68 37.22
CA ASN E 269 -32.20 -5.69 38.24
C ASN E 269 -30.71 -5.68 38.53
N PRO E 270 -30.14 -4.51 38.83
CA PRO E 270 -28.72 -4.46 39.23
C PRO E 270 -28.51 -4.61 40.73
N THR E 271 -27.25 -4.62 41.16
CA THR E 271 -26.87 -4.72 42.56
C THR E 271 -26.26 -3.40 43.00
N VAL E 272 -26.78 -2.83 44.08
CA VAL E 272 -26.48 -1.46 44.48
C VAL E 272 -25.88 -1.46 45.89
N THR E 273 -24.77 -0.75 46.05
CA THR E 273 -24.17 -0.49 47.35
C THR E 273 -23.91 1.01 47.46
N TYR E 274 -23.90 1.51 48.69
CA TYR E 274 -23.84 2.94 48.95
C TYR E 274 -22.52 3.33 49.58
N GLY E 275 -22.14 4.59 49.33
CA GLY E 275 -20.98 5.21 49.95
C GLY E 275 -21.28 6.68 50.15
N LYS E 276 -20.29 7.47 50.55
CA LYS E 276 -20.53 8.90 50.72
C LYS E 276 -20.54 9.58 49.36
N ASN E 277 -21.70 10.15 49.00
CA ASN E 277 -21.86 10.91 47.76
C ASN E 277 -21.51 10.10 46.52
N GLN E 278 -21.78 8.79 46.52
CA GLN E 278 -21.58 8.00 45.33
C GLN E 278 -22.40 6.72 45.39
N VAL E 279 -22.69 6.17 44.21
CA VAL E 279 -23.46 4.94 44.05
C VAL E 279 -22.67 3.99 43.16
N THR E 280 -22.68 2.71 43.51
CA THR E 280 -21.99 1.68 42.74
C THR E 280 -22.99 0.65 42.25
N MET E 281 -22.90 0.30 40.97
CA MET E 281 -23.83 -0.64 40.33
C MET E 281 -23.07 -1.73 39.60
N LEU E 282 -23.59 -2.95 39.69
CA LEU E 282 -23.08 -4.09 38.94
C LEU E 282 -24.15 -4.56 37.97
N LEU E 283 -23.81 -4.64 36.69
CA LEU E 283 -24.78 -4.84 35.62
C LEU E 283 -24.53 -6.15 34.89
N TYR E 284 -25.60 -6.87 34.58
CA TYR E 284 -25.55 -8.18 33.93
C TYR E 284 -26.35 -8.14 32.64
N PRO E 285 -25.72 -7.93 31.49
CA PRO E 285 -26.46 -7.85 30.23
C PRO E 285 -26.59 -9.18 29.52
N ASP E 286 -27.65 -9.29 28.72
CA ASP E 286 -27.85 -10.39 27.80
C ASP E 286 -27.71 -9.99 26.34
N HIS E 287 -27.96 -8.72 26.03
CA HIS E 287 -27.77 -8.15 24.70
C HIS E 287 -27.53 -6.65 24.88
N PRO E 288 -27.00 -5.98 23.86
CA PRO E 288 -26.63 -4.57 24.03
C PRO E 288 -27.78 -3.72 24.57
N THR E 289 -27.45 -2.89 25.56
CA THR E 289 -28.42 -2.07 26.27
C THR E 289 -27.83 -0.68 26.49
N LEU E 290 -28.71 0.30 26.67
CA LEU E 290 -28.33 1.69 26.76
C LEU E 290 -28.46 2.21 28.19
N LEU E 291 -27.47 2.98 28.63
CA LEU E 291 -27.45 3.57 29.96
C LEU E 291 -27.26 5.07 29.85
N SER E 292 -28.04 5.84 30.60
CA SER E 292 -27.95 7.28 30.58
C SER E 292 -28.37 7.85 31.93
N TYR E 293 -27.90 9.05 32.23
CA TYR E 293 -28.21 9.71 33.49
C TYR E 293 -28.07 11.22 33.32
N ARG E 294 -28.79 11.96 34.14
CA ARG E 294 -28.78 13.42 34.07
C ARG E 294 -28.95 14.01 35.46
N ASN E 295 -28.49 15.26 35.60
CA ASN E 295 -28.57 15.98 36.87
C ASN E 295 -29.86 16.78 36.92
N MET E 296 -30.50 16.79 38.08
CA MET E 296 -31.69 17.59 38.28
C MET E 296 -31.27 18.96 38.81
N GLY E 297 -32.00 19.99 38.39
CA GLY E 297 -31.59 21.35 38.62
C GLY E 297 -31.41 22.12 37.31
N GLN E 298 -30.42 23.02 37.31
CA GLN E 298 -30.25 23.96 36.21
C GLN E 298 -29.22 23.49 35.17
N GLU E 299 -28.31 22.59 35.53
CA GLU E 299 -27.33 22.07 34.58
C GLU E 299 -27.50 20.56 34.45
N PRO E 300 -27.90 20.04 33.28
CA PRO E 300 -28.17 18.61 33.17
C PRO E 300 -26.94 17.71 33.18
N ASN E 301 -25.93 18.03 32.36
CA ASN E 301 -24.74 17.20 32.18
C ASN E 301 -25.13 15.77 31.75
N TYR E 302 -25.67 15.71 30.53
CA TYR E 302 -26.14 14.45 29.98
C TYR E 302 -24.98 13.55 29.54
N HIS E 303 -25.13 12.24 29.77
CA HIS E 303 -24.12 11.26 29.39
C HIS E 303 -24.81 10.01 28.86
N GLU E 304 -24.05 9.19 28.14
CA GLU E 304 -24.63 8.09 27.37
C GLU E 304 -23.54 7.08 27.03
N GLU E 305 -23.90 5.79 27.04
CA GLU E 305 -22.99 4.74 26.61
C GLU E 305 -23.77 3.45 26.38
N TRP E 306 -23.21 2.59 25.52
CA TRP E 306 -23.75 1.26 25.25
C TRP E 306 -22.95 0.22 26.04
N VAL E 307 -23.65 -0.78 26.57
CA VAL E 307 -23.04 -1.82 27.38
C VAL E 307 -23.25 -3.16 26.69
N THR E 308 -22.16 -3.91 26.51
CA THR E 308 -22.22 -5.20 25.83
C THR E 308 -21.76 -6.38 26.69
N HIS E 309 -21.21 -6.15 27.87
CA HIS E 309 -20.77 -7.23 28.74
C HIS E 309 -20.75 -6.73 30.18
N LYS E 310 -20.33 -7.60 31.09
CA LYS E 310 -20.37 -7.30 32.52
C LYS E 310 -19.46 -6.11 32.84
N LYS E 311 -19.96 -5.22 33.71
CA LYS E 311 -19.27 -3.98 34.00
C LYS E 311 -19.62 -3.50 35.41
N GLU E 312 -18.80 -2.59 35.92
CA GLU E 312 -19.06 -1.90 37.17
C GLU E 312 -18.80 -0.41 36.98
N VAL E 313 -19.71 0.42 37.48
CA VAL E 313 -19.63 1.87 37.30
C VAL E 313 -19.81 2.57 38.63
N THR E 314 -19.30 3.80 38.71
CA THR E 314 -19.40 4.63 39.90
C THR E 314 -19.79 6.03 39.48
N LEU E 315 -20.77 6.61 40.18
CA LEU E 315 -21.32 7.92 39.85
C LEU E 315 -21.41 8.76 41.11
N THR E 316 -21.44 10.09 40.92
CA THR E 316 -21.53 11.03 42.02
C THR E 316 -22.94 11.60 42.13
N VAL E 317 -23.37 11.86 43.36
CA VAL E 317 -24.72 12.32 43.66
C VAL E 317 -24.61 13.75 44.19
N PRO E 318 -25.02 14.76 43.42
CA PRO E 318 -24.93 16.13 43.91
C PRO E 318 -26.05 16.50 44.87
N THR E 319 -26.14 17.78 45.21
CA THR E 319 -27.12 18.23 46.21
C THR E 319 -28.55 18.10 45.69
N GLU E 320 -28.77 18.42 44.42
CA GLU E 320 -30.12 18.48 43.87
C GLU E 320 -30.67 17.12 43.45
N GLY E 321 -29.84 16.10 43.33
CA GLY E 321 -30.30 14.75 43.04
C GLY E 321 -29.83 14.27 41.68
N LEU E 322 -30.04 12.97 41.47
CA LEU E 322 -29.62 12.30 40.24
C LEU E 322 -30.72 11.37 39.76
N GLU E 323 -30.85 11.24 38.44
CA GLU E 323 -31.82 10.36 37.81
C GLU E 323 -31.10 9.40 36.88
N VAL E 324 -31.43 8.11 36.97
CA VAL E 324 -30.74 7.06 36.24
C VAL E 324 -31.78 6.19 35.55
N THR E 325 -31.51 5.83 34.29
CA THR E 325 -32.42 5.02 33.49
C THR E 325 -31.62 3.91 32.82
N TRP E 326 -32.12 2.67 32.90
CA TRP E 326 -31.48 1.53 32.28
C TRP E 326 -32.51 0.70 31.54
N GLY E 327 -32.25 0.44 30.27
CA GLY E 327 -33.14 -0.41 29.49
C GLY E 327 -34.48 0.25 29.25
N ASN E 328 -35.53 -0.58 29.22
CA ASN E 328 -36.90 -0.11 29.04
C ASN E 328 -37.66 -0.01 30.37
N ASN E 329 -36.93 0.10 31.49
CA ASN E 329 -37.55 0.21 32.79
C ASN E 329 -37.84 1.68 33.13
N GLU E 330 -38.38 1.90 34.35
CA GLU E 330 -38.64 3.22 34.89
C GLU E 330 -37.39 3.76 35.59
N PRO E 331 -37.24 5.07 35.65
CA PRO E 331 -36.02 5.65 36.22
C PRO E 331 -35.99 5.57 37.74
N TYR E 332 -34.77 5.61 38.26
CA TYR E 332 -34.50 5.64 39.70
C TYR E 332 -34.10 7.06 40.10
N LYS E 333 -34.23 7.34 41.40
CA LYS E 333 -33.94 8.66 41.92
C LYS E 333 -33.21 8.54 43.25
N TYR E 334 -32.20 9.39 43.45
CA TYR E 334 -31.39 9.37 44.66
C TYR E 334 -31.16 10.79 45.16
N TRP E 335 -31.10 10.94 46.48
CA TRP E 335 -30.79 12.19 47.16
C TRP E 335 -29.76 11.95 48.25
N PRO E 336 -28.94 12.94 48.56
CA PRO E 336 -27.96 12.81 49.64
C PRO E 336 -28.54 13.17 51.00
N GLN E 337 -27.80 12.79 52.04
CA GLN E 337 -28.19 13.04 53.42
C GLN E 337 -26.97 13.50 54.20
N MET E 338 -27.22 14.20 55.31
CA MET E 338 -26.13 14.73 56.12
C MET E 338 -25.52 13.65 56.99
N SER E 339 -24.19 13.62 57.05
CA SER E 339 -23.46 12.64 57.85
C SER E 339 -22.04 13.14 58.05
N THR E 340 -21.48 12.91 59.23
CA THR E 340 -20.16 13.41 59.57
C THR E 340 -19.60 12.58 60.71
N ASN E 341 -18.28 12.73 60.95
CA ASN E 341 -17.60 12.03 62.01
C ASN E 341 -17.19 12.94 63.16
N GLY E 342 -17.30 14.26 63.01
CA GLY E 342 -17.04 15.18 64.08
C GLY E 342 -18.25 15.36 64.97
N THR E 343 -18.20 16.42 65.77
CA THR E 343 -19.32 16.76 66.65
C THR E 343 -19.32 18.26 66.90
N ALA E 344 -20.51 18.81 67.11
CA ALA E 344 -20.67 20.24 67.33
C ALA E 344 -20.55 20.64 68.80
N HIS E 345 -20.41 19.67 69.70
CA HIS E 345 -20.18 19.93 71.12
C HIS E 345 -18.89 19.24 71.53
N GLY E 346 -18.05 19.96 72.27
CA GLY E 346 -16.75 19.42 72.65
C GLY E 346 -15.60 20.34 72.28
N HIS E 347 -14.43 19.75 72.07
CA HIS E 347 -13.20 20.52 71.98
C HIS E 347 -13.15 21.29 70.66
N PRO E 348 -12.39 22.39 70.63
CA PRO E 348 -12.44 23.26 69.43
C PRO E 348 -12.02 22.59 68.14
N HIS E 349 -11.04 21.68 68.17
CA HIS E 349 -10.62 21.04 66.93
C HIS E 349 -11.64 20.03 66.40
N GLU E 350 -12.59 19.61 67.21
CA GLU E 350 -13.67 18.75 66.74
C GLU E 350 -14.81 19.55 66.09
N ILE E 351 -14.94 20.84 66.43
CA ILE E 351 -16.00 21.65 65.85
C ILE E 351 -15.69 21.97 64.39
N ILE E 352 -14.43 22.28 64.08
CA ILE E 352 -14.07 22.66 62.72
C ILE E 352 -14.28 21.49 61.76
N LEU E 353 -13.98 20.28 62.22
CA LEU E 353 -14.19 19.09 61.39
C LEU E 353 -15.66 18.92 61.05
N TYR E 354 -16.56 19.25 61.97
CA TYR E 354 -17.99 19.14 61.72
C TYR E 354 -18.41 19.99 60.52
N TYR E 355 -18.05 21.27 60.54
CA TYR E 355 -18.52 22.18 59.50
C TYR E 355 -17.77 22.01 58.18
N TYR E 356 -16.52 21.57 58.22
CA TYR E 356 -15.76 21.40 56.98
C TYR E 356 -16.34 20.28 56.13
N GLU E 357 -16.79 19.19 56.75
CA GLU E 357 -17.33 18.06 55.99
C GLU E 357 -18.63 18.40 55.29
N LEU E 358 -19.35 19.43 55.74
CA LEU E 358 -20.64 19.80 55.15
C LEU E 358 -20.53 20.93 54.14
N TYR E 359 -19.71 21.95 54.41
CA TYR E 359 -19.52 23.09 53.52
C TYR E 359 -18.03 23.31 53.32
N PRO E 360 -17.40 22.55 52.42
CA PRO E 360 -15.93 22.62 52.32
C PRO E 360 -15.40 23.96 51.86
N THR E 361 -16.04 24.59 50.88
CA THR E 361 -15.47 25.80 50.28
C THR E 361 -15.58 27.00 51.22
N MET E 362 -16.75 27.18 51.84
CA MET E 362 -16.95 28.36 52.69
C MET E 362 -16.04 28.35 53.91
N THR E 363 -15.82 27.18 54.51
CA THR E 363 -15.09 27.12 55.78
C THR E 363 -13.66 27.61 55.64
N VAL E 364 -12.97 27.22 54.56
CA VAL E 364 -11.57 27.61 54.40
C VAL E 364 -11.44 29.12 54.18
N VAL E 365 -12.37 29.71 53.42
CA VAL E 365 -12.29 31.14 53.14
C VAL E 365 -12.46 31.94 54.42
N ILE E 366 -13.45 31.59 55.24
CA ILE E 366 -13.78 32.41 56.41
C ILE E 366 -12.65 32.37 57.43
N VAL E 367 -12.10 31.19 57.72
CA VAL E 367 -11.06 31.06 58.73
C VAL E 367 -9.79 31.78 58.28
N SER E 368 -9.43 31.66 57.00
CA SER E 368 -8.21 32.29 56.51
C SER E 368 -8.30 33.81 56.60
N VAL E 369 -9.44 34.39 56.22
CA VAL E 369 -9.59 35.84 56.24
C VAL E 369 -9.59 36.35 57.68
N ALA E 370 -10.37 35.69 58.56
CA ALA E 370 -10.44 36.14 59.95
C ALA E 370 -9.10 36.04 60.65
N SER E 371 -8.30 35.02 60.31
CA SER E 371 -7.00 34.86 60.94
C SER E 371 -6.06 36.00 60.58
N PHE E 372 -6.09 36.44 59.31
CA PHE E 372 -5.23 37.54 58.90
C PHE E 372 -5.58 38.84 59.64
N VAL E 373 -6.88 39.13 59.78
CA VAL E 373 -7.30 40.38 60.41
C VAL E 373 -6.85 40.42 61.86
N LEU E 374 -7.01 39.31 62.58
CA LEU E 374 -6.64 39.30 64.00
C LEU E 374 -5.15 39.49 64.19
N LEU E 375 -4.33 38.98 63.27
CA LEU E 375 -2.89 39.22 63.34
C LEU E 375 -2.55 40.67 63.08
N SER E 376 -3.36 41.37 62.27
CA SER E 376 -3.12 42.78 62.01
C SER E 376 -3.38 43.62 63.25
N MET E 377 -4.46 43.32 63.98
CA MET E 377 -4.85 44.15 65.13
C MET E 377 -3.82 44.06 66.25
N VAL E 378 -3.28 42.87 66.51
CA VAL E 378 -2.26 42.73 67.55
C VAL E 378 -0.99 43.46 67.14
N GLY E 379 -0.68 43.49 65.85
CA GLY E 379 0.50 44.23 65.39
C GLY E 379 0.39 45.72 65.66
N THR E 380 -0.81 46.28 65.52
CA THR E 380 -1.00 47.71 65.77
C THR E 380 -0.77 48.05 67.24
N ALA E 381 -1.12 47.13 68.15
CA ALA E 381 -0.93 47.41 69.57
C ALA E 381 0.54 47.54 69.92
N VAL E 382 1.39 46.71 69.33
CA VAL E 382 2.83 46.79 69.60
C VAL E 382 3.41 48.07 69.00
N GLY E 383 2.96 48.46 67.81
CA GLY E 383 3.51 49.64 67.16
C GLY E 383 3.26 50.92 67.94
N MET E 384 2.05 51.06 68.49
CA MET E 384 1.72 52.29 69.20
C MET E 384 2.52 52.43 70.49
N CYS E 385 2.76 51.31 71.18
CA CYS E 385 3.60 51.36 72.38
C CYS E 385 5.01 51.83 72.05
N VAL E 386 5.53 51.46 70.89
CA VAL E 386 6.85 51.91 70.48
C VAL E 386 6.87 53.41 70.27
N CYS E 387 5.83 53.96 69.62
CA CYS E 387 5.78 55.39 69.37
C CYS E 387 5.76 56.19 70.67
N ALA E 388 5.02 55.70 71.67
CA ALA E 388 4.90 56.44 72.93
C ALA E 388 6.21 56.47 73.69
N ARG E 389 7.01 55.41 73.60
CA ARG E 389 8.28 55.37 74.31
C ARG E 389 9.23 56.48 73.85
N ARG E 390 9.26 56.74 72.55
CA ARG E 390 10.19 57.73 72.01
C ARG E 390 9.90 59.12 72.54
N ARG E 391 8.63 59.54 72.49
CA ARG E 391 8.29 60.90 72.92
C ARG E 391 8.41 61.08 74.42
N CYS E 392 8.31 60.00 75.19
CA CYS E 392 8.38 60.10 76.64
C CYS E 392 9.80 60.27 77.15
N ILE E 393 10.79 59.68 76.47
CA ILE E 393 12.17 59.72 76.94
C ILE E 393 13.01 60.79 76.23
N THR E 394 12.57 61.28 75.08
CA THR E 394 13.39 62.20 74.28
C THR E 394 13.85 63.44 75.04
N PRO E 395 13.01 64.16 75.80
CA PRO E 395 13.52 65.36 76.49
C PRO E 395 14.70 65.11 77.40
N TYR E 396 14.75 63.98 78.11
CA TYR E 396 15.81 63.77 79.08
C TYR E 396 17.17 63.51 78.44
N GLU E 397 17.22 63.21 77.14
CA GLU E 397 18.47 62.90 76.48
C GLU E 397 19.18 64.15 75.96
N LEU E 398 18.56 65.32 76.08
CA LEU E 398 19.12 66.56 75.55
C LEU E 398 19.57 67.54 76.62
N THR E 399 19.09 67.42 77.85
CA THR E 399 19.55 68.28 78.93
C THR E 399 20.97 67.89 79.34
N PRO E 400 21.91 68.83 79.36
CA PRO E 400 23.26 68.51 79.84
C PRO E 400 23.26 68.25 81.34
N GLY E 401 23.93 67.17 81.74
CA GLY E 401 24.10 66.86 83.15
C GLY E 401 22.91 66.27 83.85
N ALA E 402 21.88 65.86 83.12
CA ALA E 402 20.67 65.32 83.71
C ALA E 402 20.72 63.81 83.84
N THR E 403 19.98 63.29 84.81
CA THR E 403 19.90 61.86 85.08
C THR E 403 18.44 61.43 85.06
N VAL E 404 18.14 60.38 84.32
CA VAL E 404 16.75 59.93 84.17
C VAL E 404 16.26 59.35 85.49
N PRO E 405 15.02 59.64 85.91
CA PRO E 405 14.51 59.07 87.16
C PRO E 405 14.40 57.55 87.08
N PHE E 406 14.51 56.91 88.25
CA PHE E 406 14.58 55.45 88.30
C PHE E 406 13.32 54.81 87.72
N LEU E 407 12.15 55.34 88.06
CA LEU E 407 10.89 54.67 87.68
C LEU E 407 10.77 54.57 86.17
N LEU E 408 10.98 55.69 85.47
CA LEU E 408 10.95 55.65 84.01
C LEU E 408 12.14 54.87 83.46
N SER E 409 13.30 54.97 84.12
CA SER E 409 14.50 54.33 83.60
C SER E 409 14.32 52.83 83.46
N LEU E 410 13.59 52.22 84.39
CA LEU E 410 13.39 50.78 84.41
C LEU E 410 11.99 50.34 83.99
N LEU E 411 10.94 51.02 84.43
CA LEU E 411 9.58 50.49 84.34
C LEU E 411 8.78 51.04 83.17
N CYS E 412 8.71 52.36 83.03
CA CYS E 412 7.85 53.00 82.05
C CYS E 412 8.69 53.77 81.06
N CYS E 413 8.35 53.64 79.77
CA CYS E 413 9.18 54.16 78.68
C CYS E 413 10.60 53.60 78.77
N VAL E 414 10.70 52.32 79.13
CA VAL E 414 11.99 51.69 79.40
C VAL E 414 12.86 51.59 78.15
N ASN F 1 -35.03 -49.58 30.38
CA ASN F 1 -36.22 -50.12 29.74
C ASN F 1 -37.27 -49.04 29.56
N PHE F 2 -38.35 -49.36 28.85
CA PHE F 2 -39.44 -48.43 28.59
C PHE F 2 -40.66 -48.71 29.46
N ASN F 3 -40.54 -49.57 30.47
CA ASN F 3 -41.70 -49.95 31.28
C ASN F 3 -42.24 -48.79 32.10
N VAL F 4 -41.42 -47.78 32.41
CA VAL F 4 -41.86 -46.68 33.27
C VAL F 4 -42.75 -45.68 32.55
N TYR F 5 -43.04 -45.88 31.27
CA TYR F 5 -43.86 -44.97 30.49
C TYR F 5 -45.28 -45.48 30.27
N LYS F 6 -45.70 -46.50 31.02
CA LYS F 6 -46.88 -47.27 30.63
C LYS F 6 -48.18 -46.47 30.80
N ALA F 7 -48.31 -45.71 31.87
CA ALA F 7 -49.56 -45.05 32.21
C ALA F 7 -49.49 -43.52 32.08
N THR F 8 -48.60 -43.01 31.23
CA THR F 8 -48.41 -41.57 31.06
C THR F 8 -49.07 -41.11 29.75
N ARG F 9 -49.12 -39.79 29.57
CA ARG F 9 -49.73 -39.19 28.39
C ARG F 9 -49.10 -37.83 28.12
N PRO F 10 -49.05 -37.39 26.87
CA PRO F 10 -48.55 -36.05 26.56
C PRO F 10 -49.61 -34.99 26.82
N TYR F 11 -49.23 -33.72 26.60
CA TYR F 11 -50.08 -32.59 26.93
C TYR F 11 -49.85 -31.45 25.95
N LEU F 12 -50.68 -30.42 26.06
CA LEU F 12 -50.60 -29.21 25.26
C LEU F 12 -50.22 -28.02 26.15
N ALA F 13 -49.56 -27.03 25.55
CA ALA F 13 -49.05 -25.90 26.33
C ALA F 13 -48.89 -24.69 25.42
N HIS F 14 -48.22 -23.66 25.94
CA HIS F 14 -48.11 -22.34 25.33
C HIS F 14 -46.76 -22.14 24.65
N CYS F 15 -46.78 -21.50 23.48
CA CYS F 15 -45.56 -21.17 22.72
C CYS F 15 -45.62 -19.73 22.27
N PRO F 16 -44.52 -18.98 22.40
CA PRO F 16 -44.56 -17.54 22.13
C PRO F 16 -44.47 -17.15 20.66
N ASP F 17 -43.94 -18.01 19.80
CA ASP F 17 -43.82 -17.71 18.37
C ASP F 17 -44.06 -18.99 17.59
N CYS F 18 -45.17 -19.04 16.86
CA CYS F 18 -45.55 -20.23 16.11
C CYS F 18 -45.25 -20.12 14.62
N GLY F 19 -44.30 -19.25 14.25
CA GLY F 19 -43.77 -19.25 12.90
C GLY F 19 -44.01 -17.96 12.13
N GLU F 20 -45.17 -17.34 12.33
CA GLU F 20 -45.54 -16.14 11.60
C GLU F 20 -45.48 -14.87 12.44
N GLY F 21 -45.02 -14.96 13.68
CA GLY F 21 -44.99 -13.81 14.56
C GLY F 21 -46.12 -13.71 15.54
N HIS F 22 -46.88 -14.78 15.75
CA HIS F 22 -48.02 -14.77 16.65
C HIS F 22 -47.97 -15.99 17.56
N SER F 23 -48.50 -15.84 18.77
CA SER F 23 -48.50 -16.92 19.74
C SER F 23 -49.67 -17.86 19.50
N CYS F 24 -49.49 -19.12 19.91
CA CYS F 24 -50.49 -20.14 19.70
C CYS F 24 -50.26 -21.29 20.68
N HIS F 25 -51.26 -22.15 20.80
CA HIS F 25 -51.16 -23.33 21.64
C HIS F 25 -50.69 -24.50 20.77
N SER F 26 -49.59 -25.13 21.16
CA SER F 26 -48.92 -26.07 20.28
C SER F 26 -48.76 -27.43 20.95
N PRO F 27 -48.91 -28.52 20.20
CA PRO F 27 -48.64 -29.85 20.76
C PRO F 27 -47.17 -30.14 20.95
N ILE F 28 -46.28 -29.26 20.50
CA ILE F 28 -44.84 -29.36 20.77
C ILE F 28 -44.39 -28.06 21.43
N ALA F 29 -43.80 -28.17 22.61
CA ALA F 29 -43.47 -27.02 23.43
C ALA F 29 -42.13 -27.24 24.09
N LEU F 30 -41.47 -26.15 24.46
CA LEU F 30 -40.07 -26.17 24.88
C LEU F 30 -39.94 -26.03 26.39
N GLU F 31 -38.97 -26.75 26.95
CA GLU F 31 -38.52 -26.62 28.33
C GLU F 31 -37.04 -26.23 28.30
N ARG F 32 -36.39 -26.28 29.45
CA ARG F 32 -35.04 -25.75 29.57
C ARG F 32 -34.05 -26.52 28.70
N ILE F 33 -32.95 -25.84 28.37
CA ILE F 33 -31.84 -26.38 27.60
C ILE F 33 -30.61 -26.36 28.48
N ARG F 34 -29.90 -27.48 28.55
CA ARG F 34 -28.73 -27.63 29.41
C ARG F 34 -27.47 -27.72 28.56
N ASN F 35 -26.41 -27.06 29.03
CA ASN F 35 -25.16 -26.95 28.29
C ASN F 35 -23.96 -27.15 29.21
N GLU F 36 -23.98 -28.22 30.01
CA GLU F 36 -22.95 -28.42 31.02
C GLU F 36 -21.67 -29.02 30.44
N ALA F 37 -21.76 -29.76 29.34
CA ALA F 37 -20.59 -30.41 28.77
C ALA F 37 -19.63 -29.39 28.19
N THR F 38 -18.34 -29.73 28.21
CA THR F 38 -17.29 -28.84 27.75
C THR F 38 -17.04 -28.94 26.25
N ASP F 39 -17.69 -29.87 25.55
CA ASP F 39 -17.56 -29.97 24.11
C ASP F 39 -18.68 -29.29 23.34
N GLY F 40 -19.78 -28.94 24.00
CA GLY F 40 -20.85 -28.21 23.34
C GLY F 40 -21.95 -29.11 22.80
N THR F 41 -22.39 -30.07 23.61
CA THR F 41 -23.49 -30.97 23.25
C THR F 41 -24.71 -30.60 24.09
N LEU F 42 -25.86 -30.49 23.43
CA LEU F 42 -27.07 -29.99 24.05
C LEU F 42 -28.06 -31.11 24.36
N LYS F 43 -28.80 -30.95 25.45
CA LYS F 43 -29.89 -31.83 25.82
C LYS F 43 -31.16 -31.00 25.93
N ILE F 44 -32.24 -31.46 25.28
CA ILE F 44 -33.46 -30.68 25.11
C ILE F 44 -34.64 -31.49 25.61
N GLN F 45 -35.65 -30.80 26.12
CA GLN F 45 -36.85 -31.41 26.66
C GLN F 45 -38.08 -30.85 25.96
N VAL F 46 -38.98 -31.74 25.54
CA VAL F 46 -40.17 -31.38 24.78
C VAL F 46 -41.39 -32.03 25.44
N SER F 47 -42.54 -31.86 24.81
CA SER F 47 -43.81 -32.32 25.37
C SER F 47 -44.41 -33.52 24.65
N LEU F 48 -43.70 -34.11 23.69
CA LEU F 48 -44.12 -35.35 23.07
C LEU F 48 -43.22 -36.50 23.49
N GLN F 49 -43.64 -37.72 23.17
CA GLN F 49 -42.93 -38.93 23.56
C GLN F 49 -42.52 -39.71 22.32
N ILE F 50 -41.24 -40.08 22.26
CA ILE F 50 -40.63 -40.68 21.09
C ILE F 50 -40.34 -42.15 21.37
N GLY F 51 -40.77 -43.02 20.46
CA GLY F 51 -40.42 -44.42 20.51
C GLY F 51 -41.46 -45.36 21.08
N ILE F 52 -42.63 -44.85 21.47
CA ILE F 52 -43.66 -45.65 22.09
C ILE F 52 -44.98 -45.43 21.34
N LYS F 53 -45.74 -46.50 21.18
CA LYS F 53 -47.04 -46.44 20.52
C LYS F 53 -48.16 -46.27 21.54
N THR F 54 -49.39 -46.14 21.04
CA THR F 54 -50.55 -45.92 21.91
C THR F 54 -51.01 -47.18 22.63
N ASP F 55 -50.54 -48.36 22.21
CA ASP F 55 -50.85 -49.62 22.90
C ASP F 55 -49.74 -50.04 23.86
N ASP F 56 -48.78 -49.16 24.11
CA ASP F 56 -47.68 -49.40 25.06
C ASP F 56 -46.76 -50.51 24.58
N SER F 57 -46.17 -50.33 23.39
CA SER F 57 -45.17 -51.25 22.87
C SER F 57 -44.00 -50.45 22.32
N HIS F 58 -42.82 -51.08 22.33
CA HIS F 58 -41.60 -50.42 21.86
C HIS F 58 -41.48 -50.55 20.35
N ASP F 59 -41.28 -49.41 19.69
CA ASP F 59 -41.13 -49.37 18.23
C ASP F 59 -40.43 -48.08 17.88
N TRP F 60 -39.28 -48.19 17.23
CA TRP F 60 -38.37 -47.05 17.05
C TRP F 60 -38.66 -46.23 15.80
N THR F 61 -39.76 -46.51 15.09
CA THR F 61 -40.12 -45.75 13.91
C THR F 61 -41.36 -44.88 14.11
N LYS F 62 -41.89 -44.80 15.33
CA LYS F 62 -43.14 -44.08 15.58
C LYS F 62 -42.99 -43.18 16.80
N LEU F 63 -43.81 -42.13 16.83
CA LEU F 63 -43.96 -41.26 17.99
C LEU F 63 -45.44 -40.95 18.16
N ARG F 64 -45.82 -40.58 19.39
CA ARG F 64 -47.21 -40.30 19.71
C ARG F 64 -47.34 -38.91 20.30
N TYR F 65 -48.41 -38.20 19.91
CA TYR F 65 -48.66 -36.83 20.32
C TYR F 65 -50.12 -36.71 20.72
N MET F 66 -50.50 -35.51 21.17
CA MET F 66 -51.83 -35.27 21.72
C MET F 66 -52.67 -34.47 20.74
N ASP F 67 -53.79 -35.05 20.32
CA ASP F 67 -54.82 -34.34 19.59
C ASP F 67 -55.86 -33.83 20.60
N SER F 68 -56.99 -33.35 20.10
CA SER F 68 -58.06 -32.91 21.00
C SER F 68 -58.67 -34.12 21.71
N HIS F 69 -58.40 -34.25 23.01
CA HIS F 69 -58.98 -35.26 23.89
C HIS F 69 -58.51 -36.68 23.60
N THR F 70 -57.53 -36.89 22.72
CA THR F 70 -57.10 -38.25 22.41
C THR F 70 -55.73 -38.24 21.76
N PRO F 71 -54.83 -39.14 22.13
CA PRO F 71 -53.52 -39.23 21.47
C PRO F 71 -53.61 -39.91 20.12
N ALA F 72 -52.51 -39.82 19.37
CA ALA F 72 -52.45 -40.34 18.01
C ALA F 72 -50.99 -40.57 17.64
N ASP F 73 -50.78 -41.25 16.51
CA ASP F 73 -49.47 -41.68 16.06
C ASP F 73 -48.94 -40.77 14.96
N ALA F 74 -47.62 -40.81 14.75
CA ALA F 74 -46.95 -40.01 13.74
C ALA F 74 -45.62 -40.67 13.40
N GLU F 75 -45.02 -40.20 12.31
CA GLU F 75 -43.78 -40.77 11.78
C GLU F 75 -42.57 -40.04 12.35
N ARG F 76 -41.48 -40.80 12.54
CA ARG F 76 -40.28 -40.27 13.15
C ARG F 76 -39.33 -39.59 12.16
N ALA F 77 -39.48 -39.86 10.87
CA ALA F 77 -38.58 -39.28 9.87
C ALA F 77 -38.79 -37.78 9.68
N GLY F 78 -39.84 -37.20 10.25
CA GLY F 78 -40.12 -35.79 10.10
C GLY F 78 -39.60 -34.89 11.19
N LEU F 79 -38.97 -35.43 12.23
CA LEU F 79 -38.46 -34.61 13.31
C LEU F 79 -37.21 -33.85 12.87
N LEU F 80 -37.11 -32.58 13.27
CA LEU F 80 -35.97 -31.76 12.87
C LEU F 80 -35.64 -30.77 13.97
N VAL F 81 -34.35 -30.40 14.02
CA VAL F 81 -33.84 -29.38 14.94
C VAL F 81 -32.87 -28.51 14.16
N ARG F 82 -32.93 -27.20 14.38
CA ARG F 82 -31.98 -26.29 13.74
C ARG F 82 -31.81 -25.04 14.58
N THR F 83 -30.58 -24.52 14.56
CA THR F 83 -30.22 -23.25 15.22
C THR F 83 -29.32 -22.51 14.23
N SER F 84 -29.90 -21.58 13.47
CA SER F 84 -29.29 -21.05 12.26
C SER F 84 -29.21 -22.14 11.21
N ALA F 85 -28.02 -22.72 11.02
CA ALA F 85 -27.86 -23.85 10.12
C ALA F 85 -28.41 -25.12 10.74
N PRO F 86 -28.73 -26.13 9.93
CA PRO F 86 -29.27 -27.38 10.47
C PRO F 86 -28.28 -28.11 11.36
N CYS F 87 -28.82 -28.91 12.28
CA CYS F 87 -28.06 -29.70 13.24
C CYS F 87 -28.18 -31.19 12.93
N THR F 88 -27.52 -32.00 13.76
CA THR F 88 -27.49 -33.45 13.61
C THR F 88 -27.97 -34.10 14.90
N ILE F 89 -28.89 -35.04 14.77
CA ILE F 89 -29.49 -35.70 15.94
C ILE F 89 -28.72 -36.99 16.22
N THR F 90 -28.33 -37.19 17.48
CA THR F 90 -27.52 -38.33 17.87
C THR F 90 -28.27 -39.38 18.67
N GLY F 91 -29.28 -39.01 19.43
CA GLY F 91 -30.03 -39.98 20.22
C GLY F 91 -31.32 -39.43 20.80
N THR F 92 -32.31 -40.31 20.99
CA THR F 92 -33.63 -39.90 21.45
C THR F 92 -34.18 -40.95 22.40
N MET F 93 -34.96 -40.47 23.38
CA MET F 93 -35.77 -41.33 24.24
C MET F 93 -36.79 -40.49 24.99
N GLY F 94 -38.06 -40.85 24.90
CA GLY F 94 -39.08 -40.21 25.70
C GLY F 94 -39.16 -38.72 25.44
N HIS F 95 -38.91 -37.94 26.49
CA HIS F 95 -39.02 -36.48 26.44
C HIS F 95 -37.71 -35.78 26.06
N PHE F 96 -36.66 -36.53 25.71
CA PHE F 96 -35.32 -35.96 25.65
C PHE F 96 -34.68 -36.20 24.29
N ILE F 97 -33.81 -35.26 23.90
CA ILE F 97 -33.12 -35.27 22.61
C ILE F 97 -31.68 -34.79 22.81
N LEU F 98 -30.77 -35.33 22.01
CA LEU F 98 -29.38 -34.87 21.94
C LEU F 98 -29.06 -34.38 20.54
N ALA F 99 -28.29 -33.30 20.46
CA ALA F 99 -27.97 -32.69 19.17
C ALA F 99 -26.63 -31.98 19.25
N ARG F 100 -26.04 -31.74 18.07
CA ARG F 100 -24.83 -30.95 17.93
C ARG F 100 -25.09 -29.85 16.91
N CYS F 101 -24.88 -28.60 17.31
CA CYS F 101 -25.30 -27.46 16.52
C CYS F 101 -24.17 -26.45 16.37
N PRO F 102 -24.18 -25.68 15.29
CA PRO F 102 -23.23 -24.58 15.15
C PRO F 102 -23.71 -23.33 15.91
N LYS F 103 -22.92 -22.27 15.80
CA LYS F 103 -23.16 -21.07 16.58
C LYS F 103 -24.38 -20.31 16.07
N GLY F 104 -25.04 -19.60 16.97
CA GLY F 104 -26.21 -18.86 16.59
C GLY F 104 -26.85 -18.19 17.79
N GLU F 105 -28.05 -17.62 17.57
CA GLU F 105 -28.75 -16.88 18.61
C GLU F 105 -30.21 -17.32 18.76
N THR F 106 -30.60 -18.47 18.20
CA THR F 106 -31.98 -18.93 18.31
C THR F 106 -31.99 -20.45 18.23
N LEU F 107 -33.12 -21.05 18.65
CA LEU F 107 -33.30 -22.49 18.58
C LEU F 107 -34.74 -22.81 18.20
N THR F 108 -34.91 -23.79 17.31
CA THR F 108 -36.20 -24.13 16.76
C THR F 108 -36.35 -25.64 16.63
N VAL F 109 -37.56 -26.14 16.87
CA VAL F 109 -37.88 -27.55 16.71
C VAL F 109 -39.20 -27.67 15.96
N GLY F 110 -39.42 -28.84 15.34
CA GLY F 110 -40.64 -29.06 14.59
C GLY F 110 -40.82 -30.53 14.23
N PHE F 111 -42.02 -30.83 13.75
CA PHE F 111 -42.36 -32.17 13.29
C PHE F 111 -43.61 -32.09 12.41
N THR F 112 -43.94 -33.21 11.77
CA THR F 112 -45.05 -33.29 10.82
C THR F 112 -46.14 -34.19 11.36
N ASP F 113 -47.39 -33.75 11.18
CA ASP F 113 -48.55 -34.37 11.79
C ASP F 113 -48.97 -35.56 10.91
N SER F 114 -50.10 -36.19 11.23
CA SER F 114 -50.62 -37.32 10.46
C SER F 114 -51.62 -36.91 9.38
N ARG F 115 -51.83 -35.60 9.18
CA ARG F 115 -52.66 -35.11 8.08
C ARG F 115 -51.89 -34.16 7.18
N LYS F 116 -50.56 -34.28 7.15
CA LYS F 116 -49.69 -33.45 6.32
C LYS F 116 -49.77 -31.98 6.74
N ILE F 117 -49.53 -31.73 8.02
CA ILE F 117 -49.46 -30.37 8.57
C ILE F 117 -48.25 -30.27 9.48
N SER F 118 -47.53 -29.16 9.37
CA SER F 118 -46.30 -28.95 10.13
C SER F 118 -46.52 -27.99 11.29
N HIS F 119 -45.71 -28.13 12.33
CA HIS F 119 -45.78 -27.30 13.52
C HIS F 119 -44.36 -26.91 13.95
N THR F 120 -44.22 -25.72 14.53
CA THR F 120 -42.93 -25.23 14.98
C THR F 120 -43.10 -24.41 16.27
N CYS F 121 -41.98 -24.24 16.98
CA CYS F 121 -41.90 -23.33 18.12
C CYS F 121 -40.47 -22.84 18.24
N THR F 122 -40.31 -21.59 18.66
CA THR F 122 -39.02 -20.91 18.64
C THR F 122 -38.78 -20.16 19.95
N HIS F 123 -37.55 -20.27 20.47
CA HIS F 123 -37.14 -19.61 21.70
C HIS F 123 -35.78 -18.95 21.52
N PRO F 124 -35.52 -17.87 22.26
CA PRO F 124 -34.20 -17.24 22.23
C PRO F 124 -33.17 -17.99 23.06
N PHE F 125 -31.91 -17.89 22.63
CA PHE F 125 -30.82 -18.66 23.22
C PHE F 125 -29.51 -18.08 22.70
N HIS F 126 -28.41 -18.43 23.38
CA HIS F 126 -27.09 -17.93 23.04
C HIS F 126 -26.09 -19.05 23.13
N HIS F 127 -25.55 -19.47 22.00
CA HIS F 127 -24.67 -20.64 21.90
C HIS F 127 -23.26 -20.18 21.57
N GLU F 128 -22.29 -20.54 22.42
CA GLU F 128 -20.89 -20.30 22.14
C GLU F 128 -20.04 -21.28 22.94
N PRO F 129 -19.50 -22.31 22.30
CA PRO F 129 -18.76 -23.35 23.04
C PRO F 129 -17.45 -22.80 23.60
N PRO F 130 -16.94 -23.40 24.66
CA PRO F 130 -15.68 -22.92 25.25
C PRO F 130 -14.48 -23.35 24.44
N VAL F 131 -13.32 -22.80 24.82
CA VAL F 131 -12.06 -23.05 24.13
C VAL F 131 -11.17 -23.91 25.03
N ILE F 132 -10.57 -24.94 24.44
CA ILE F 132 -9.66 -25.84 25.14
C ILE F 132 -8.28 -25.67 24.54
N GLY F 133 -7.30 -25.42 25.39
CA GLY F 133 -5.95 -25.17 24.92
C GLY F 133 -5.66 -23.70 24.76
N ARG F 134 -4.63 -23.40 23.97
CA ARG F 134 -4.21 -22.03 23.72
C ARG F 134 -4.38 -21.63 22.27
N GLU F 135 -5.21 -22.35 21.51
CA GLU F 135 -5.47 -22.05 20.12
C GLU F 135 -6.97 -22.18 19.84
N ARG F 136 -7.45 -21.37 18.90
CA ARG F 136 -8.83 -21.43 18.45
C ARG F 136 -8.88 -22.14 17.10
N PHE F 137 -9.61 -23.25 17.02
CA PHE F 137 -9.66 -24.07 15.82
C PHE F 137 -11.10 -24.42 15.50
N HIS F 138 -11.32 -24.84 14.25
CA HIS F 138 -12.67 -25.05 13.75
C HIS F 138 -13.02 -26.50 13.45
N SER F 139 -12.04 -27.40 13.34
CA SER F 139 -12.32 -28.78 13.02
C SER F 139 -11.27 -29.69 13.65
N ARG F 140 -11.36 -30.98 13.35
CA ARG F 140 -10.54 -32.00 13.99
C ARG F 140 -9.37 -32.35 13.09
N PRO F 141 -8.13 -32.23 13.55
CA PRO F 141 -6.98 -32.49 12.66
C PRO F 141 -6.49 -33.92 12.69
N GLN F 142 -5.41 -34.19 11.96
CA GLN F 142 -4.81 -35.53 11.92
C GLN F 142 -3.58 -35.66 12.79
N HIS F 143 -2.83 -34.56 12.98
CA HIS F 143 -1.58 -34.58 13.73
C HIS F 143 -1.71 -33.61 14.89
N GLY F 144 -1.57 -34.11 16.12
CA GLY F 144 -1.79 -33.27 17.28
C GLY F 144 -1.55 -33.90 18.64
N LYS F 145 -2.23 -33.37 19.65
CA LYS F 145 -2.06 -33.74 21.06
C LYS F 145 -3.43 -34.03 21.66
N GLU F 146 -3.44 -34.46 22.92
CA GLU F 146 -4.68 -34.82 23.60
C GLU F 146 -4.76 -34.16 24.97
N LEU F 147 -5.95 -33.64 25.30
CA LEU F 147 -6.21 -32.94 26.55
C LEU F 147 -7.57 -33.38 27.07
N PRO F 148 -7.81 -33.23 28.38
CA PRO F 148 -9.07 -33.73 28.95
C PRO F 148 -10.26 -32.79 28.72
N CYS F 149 -11.44 -33.40 28.81
CA CYS F 149 -12.74 -32.79 28.52
C CYS F 149 -13.81 -33.74 29.05
N SER F 150 -15.09 -33.45 28.78
CA SER F 150 -16.19 -34.30 29.21
C SER F 150 -17.31 -34.31 28.18
N THR F 151 -18.10 -35.39 28.18
CA THR F 151 -19.14 -35.62 27.18
C THR F 151 -20.36 -36.25 27.84
N TYR F 152 -21.41 -36.42 27.05
CA TYR F 152 -22.60 -37.18 27.40
C TYR F 152 -22.50 -38.59 26.83
N VAL F 153 -23.07 -39.56 27.54
CA VAL F 153 -22.94 -40.97 27.19
C VAL F 153 -24.30 -41.50 26.75
N GLN F 154 -24.30 -42.28 25.67
CA GLN F 154 -25.53 -42.80 25.07
C GLN F 154 -25.91 -44.10 25.78
N SER F 155 -26.54 -43.94 26.95
CA SER F 155 -27.04 -45.07 27.72
C SER F 155 -28.40 -44.73 28.30
N THR F 156 -29.28 -45.72 28.37
CA THR F 156 -30.64 -45.56 28.87
C THR F 156 -30.85 -46.19 30.23
N ALA F 157 -29.79 -46.63 30.89
CA ALA F 157 -29.90 -47.28 32.19
C ALA F 157 -30.33 -46.28 33.26
N ALA F 158 -30.73 -46.82 34.41
CA ALA F 158 -31.25 -45.99 35.49
C ALA F 158 -30.14 -45.13 36.10
N THR F 159 -30.50 -43.91 36.48
CA THR F 159 -29.57 -42.97 37.09
C THR F 159 -30.18 -42.48 38.41
N ALA F 160 -29.62 -41.40 38.95
CA ALA F 160 -30.05 -40.88 40.24
C ALA F 160 -30.91 -39.62 40.14
N GLU F 161 -31.18 -39.13 38.93
CA GLU F 161 -32.05 -37.98 38.76
C GLU F 161 -33.46 -38.42 38.39
N GLU F 162 -34.45 -37.74 38.95
CA GLU F 162 -35.84 -38.16 38.82
C GLU F 162 -36.73 -36.95 38.59
N ILE F 163 -37.87 -37.18 37.94
CA ILE F 163 -38.95 -36.20 37.83
C ILE F 163 -40.26 -36.89 38.16
N GLU F 164 -41.25 -36.09 38.54
CA GLU F 164 -42.48 -36.59 39.15
C GLU F 164 -43.66 -36.49 38.20
N VAL F 165 -44.73 -37.22 38.54
CA VAL F 165 -45.98 -37.23 37.79
C VAL F 165 -47.14 -37.03 38.74
N HIS F 166 -48.24 -36.49 38.21
CA HIS F 166 -49.42 -36.16 39.01
C HIS F 166 -50.67 -36.43 38.19
N MET F 167 -51.85 -36.13 38.79
CA MET F 167 -53.15 -36.27 38.14
C MET F 167 -53.50 -34.98 37.40
N PRO F 168 -53.99 -35.07 36.16
CA PRO F 168 -54.25 -33.86 35.38
C PRO F 168 -55.43 -33.09 35.94
N PRO F 169 -55.49 -31.79 35.72
CA PRO F 169 -56.69 -31.00 36.07
C PRO F 169 -57.76 -31.13 34.98
N ASP F 170 -58.86 -30.43 35.20
CA ASP F 170 -59.99 -30.49 34.29
C ASP F 170 -59.72 -29.70 33.00
N THR F 171 -60.47 -30.02 31.95
CA THR F 171 -60.33 -29.40 30.65
C THR F 171 -61.63 -28.74 30.23
N PRO F 172 -61.65 -27.43 29.97
CA PRO F 172 -62.89 -26.78 29.51
C PRO F 172 -63.05 -26.79 28.00
N ASP F 173 -64.24 -27.12 27.51
CA ASP F 173 -64.54 -27.05 26.08
C ASP F 173 -65.91 -26.40 25.88
N ARG F 174 -65.93 -25.28 25.15
CA ARG F 174 -67.18 -24.58 24.87
C ARG F 174 -68.02 -25.28 23.81
N THR F 175 -67.38 -26.03 22.90
CA THR F 175 -68.05 -26.60 21.74
C THR F 175 -69.24 -27.47 22.13
N LEU F 176 -69.19 -28.10 23.31
CA LEU F 176 -70.23 -29.05 23.70
C LEU F 176 -71.59 -28.37 23.78
N MET F 177 -71.65 -27.18 24.36
CA MET F 177 -72.92 -26.51 24.58
C MET F 177 -73.52 -26.00 23.27
N THR F 178 -74.84 -26.12 23.15
CA THR F 178 -75.58 -25.65 21.99
C THR F 178 -76.80 -24.87 22.45
N GLN F 179 -77.31 -24.02 21.56
CA GLN F 179 -78.47 -23.19 21.85
C GLN F 179 -79.68 -23.68 21.08
N GLN F 180 -80.78 -23.87 21.78
CA GLN F 180 -82.08 -24.18 21.20
C GLN F 180 -83.09 -23.12 21.65
N SER F 181 -84.35 -23.33 21.32
CA SER F 181 -85.39 -22.36 21.64
C SER F 181 -85.56 -22.30 23.15
N GLY F 182 -85.04 -21.25 23.77
CA GLY F 182 -85.24 -21.01 25.19
C GLY F 182 -84.66 -22.08 26.09
N ASN F 183 -83.79 -22.93 25.55
CA ASN F 183 -83.21 -24.03 26.33
C ASN F 183 -81.80 -24.30 25.84
N VAL F 184 -81.02 -24.93 26.72
CA VAL F 184 -79.62 -25.23 26.47
C VAL F 184 -79.43 -26.75 26.48
N LYS F 185 -78.64 -27.25 25.54
CA LYS F 185 -78.42 -28.68 25.39
C LYS F 185 -76.94 -29.00 25.60
N ILE F 186 -76.67 -30.04 26.38
CA ILE F 186 -75.32 -30.53 26.65
C ILE F 186 -75.14 -31.88 25.96
N THR F 187 -74.07 -32.00 25.18
CA THR F 187 -73.73 -33.25 24.51
C THR F 187 -72.59 -33.93 25.27
N VAL F 188 -72.76 -35.22 25.55
CA VAL F 188 -71.80 -35.97 26.35
C VAL F 188 -70.70 -36.58 25.48
N ASN F 189 -71.11 -37.30 24.44
CA ASN F 189 -70.19 -37.95 23.50
C ASN F 189 -69.30 -38.97 24.23
N GLY F 190 -69.82 -39.58 25.28
CA GLY F 190 -69.15 -40.68 25.94
C GLY F 190 -68.20 -40.33 27.06
N GLN F 191 -68.17 -39.07 27.50
CA GLN F 191 -67.25 -38.65 28.55
C GLN F 191 -68.01 -37.96 29.67
N THR F 192 -67.52 -38.13 30.90
CA THR F 192 -68.12 -37.45 32.04
C THR F 192 -67.92 -35.95 31.95
N VAL F 193 -68.98 -35.20 32.23
CA VAL F 193 -68.98 -33.74 32.09
C VAL F 193 -69.52 -33.13 33.36
N ARG F 194 -68.85 -32.07 33.83
CA ARG F 194 -69.29 -31.27 34.97
C ARG F 194 -69.78 -29.92 34.48
N TYR F 195 -70.93 -29.48 34.99
CA TYR F 195 -71.59 -28.28 34.48
C TYR F 195 -72.03 -27.41 35.63
N LYS F 196 -72.21 -26.12 35.36
CA LYS F 196 -72.74 -25.20 36.36
C LYS F 196 -73.29 -23.99 35.63
N CYS F 197 -74.55 -23.66 35.90
CA CYS F 197 -75.21 -22.51 35.32
C CYS F 197 -75.76 -21.61 36.42
N ASN F 198 -75.77 -20.30 36.14
CA ASN F 198 -76.22 -19.31 37.10
C ASN F 198 -77.70 -18.96 36.96
N CYS F 199 -78.36 -19.46 35.92
CA CYS F 199 -79.75 -19.12 35.67
C CYS F 199 -80.66 -19.88 36.62
N GLY F 200 -81.69 -19.18 37.12
CA GLY F 200 -82.66 -19.80 38.00
C GLY F 200 -82.09 -20.28 39.31
N GLY F 201 -81.25 -19.47 39.94
CA GLY F 201 -80.62 -19.85 41.19
C GLY F 201 -79.27 -20.49 40.97
N SER F 202 -79.20 -21.82 41.03
CA SER F 202 -77.96 -22.54 40.80
C SER F 202 -78.28 -23.99 40.47
N ASN F 203 -77.46 -24.59 39.61
CA ASN F 203 -77.58 -26.00 39.25
C ASN F 203 -76.18 -26.56 39.06
N GLU F 204 -75.84 -27.58 39.85
CA GLU F 204 -74.51 -28.19 39.79
C GLU F 204 -74.63 -29.71 39.81
N GLY F 205 -73.68 -30.37 39.19
CA GLY F 205 -73.60 -31.82 39.27
C GLY F 205 -72.87 -32.41 38.09
N LEU F 206 -72.82 -33.73 38.09
CA LEU F 206 -72.21 -34.52 37.01
C LEU F 206 -73.30 -35.16 36.14
N THR F 207 -72.88 -35.65 34.98
CA THR F 207 -73.75 -36.39 34.06
C THR F 207 -72.92 -37.35 33.24
N THR F 208 -73.59 -38.41 32.78
CA THR F 208 -73.04 -39.34 31.81
C THR F 208 -73.91 -39.45 30.57
N THR F 209 -75.13 -38.91 30.62
CA THR F 209 -76.06 -38.89 29.50
C THR F 209 -76.51 -37.46 29.25
N ASP F 210 -77.12 -37.24 28.08
CA ASP F 210 -77.53 -35.91 27.68
C ASP F 210 -78.55 -35.33 28.66
N LYS F 211 -78.47 -34.02 28.88
CA LYS F 211 -79.35 -33.33 29.81
C LYS F 211 -79.77 -31.99 29.21
N VAL F 212 -80.95 -31.53 29.62
CA VAL F 212 -81.51 -30.27 29.12
C VAL F 212 -81.86 -29.38 30.31
N ILE F 213 -81.53 -28.09 30.19
CA ILE F 213 -81.79 -27.10 31.22
C ILE F 213 -82.79 -26.09 30.66
N ASN F 214 -83.83 -25.79 31.43
CA ASN F 214 -84.93 -24.95 30.98
C ASN F 214 -84.75 -23.50 31.43
N ASN F 215 -85.22 -22.58 30.59
CA ASN F 215 -85.26 -21.15 30.89
C ASN F 215 -83.86 -20.60 31.16
N CYS F 216 -83.00 -20.72 30.14
CA CYS F 216 -81.62 -20.28 30.29
C CYS F 216 -81.05 -19.95 28.93
N LYS F 217 -80.04 -19.07 28.92
CA LYS F 217 -79.35 -18.68 27.70
C LYS F 217 -78.13 -19.57 27.48
N ILE F 218 -77.55 -19.47 26.29
CA ILE F 218 -76.32 -20.20 26.00
C ILE F 218 -75.18 -19.70 26.88
N ASP F 219 -75.13 -18.39 27.11
CA ASP F 219 -74.21 -17.83 28.09
C ASP F 219 -74.65 -18.22 29.50
N GLN F 220 -73.86 -17.83 30.49
CA GLN F 220 -74.10 -18.14 31.90
C GLN F 220 -74.06 -19.65 32.18
N CYS F 221 -73.28 -20.40 31.41
CA CYS F 221 -73.09 -21.81 31.68
C CYS F 221 -71.64 -22.20 31.41
N HIS F 222 -71.16 -23.21 32.14
CA HIS F 222 -69.78 -23.67 32.07
C HIS F 222 -69.76 -25.18 31.99
N ALA F 223 -68.82 -25.74 31.21
CA ALA F 223 -68.69 -27.18 31.08
C ALA F 223 -67.22 -27.58 31.06
N ALA F 224 -66.95 -28.81 31.49
CA ALA F 224 -65.59 -29.34 31.54
C ALA F 224 -65.65 -30.86 31.63
N VAL F 225 -64.53 -31.50 31.29
CA VAL F 225 -64.36 -32.95 31.38
C VAL F 225 -63.55 -33.26 32.62
N THR F 226 -64.03 -34.20 33.44
CA THR F 226 -63.56 -34.28 34.82
C THR F 226 -63.05 -35.63 35.28
N ASN F 227 -63.09 -36.68 34.46
CA ASN F 227 -62.67 -38.01 34.89
C ASN F 227 -61.54 -38.50 33.99
N HIS F 228 -60.35 -38.66 34.56
CA HIS F 228 -59.17 -39.10 33.83
C HIS F 228 -58.62 -40.37 34.45
N LYS F 229 -57.92 -41.17 33.64
CA LYS F 229 -57.36 -42.45 34.08
C LYS F 229 -55.87 -42.56 33.78
N ASN F 230 -55.18 -41.45 33.54
CA ASN F 230 -53.75 -41.47 33.28
C ASN F 230 -53.09 -40.31 34.02
N TRP F 231 -51.76 -40.40 34.16
CA TRP F 231 -50.98 -39.40 34.86
C TRP F 231 -50.17 -38.57 33.89
N GLN F 232 -49.69 -37.43 34.38
CA GLN F 232 -49.04 -36.43 33.54
C GLN F 232 -48.05 -35.63 34.35
N TYR F 233 -46.99 -35.17 33.69
CA TYR F 233 -45.95 -34.39 34.36
C TYR F 233 -46.46 -33.00 34.72
N ASN F 234 -46.02 -32.49 35.87
CA ASN F 234 -46.54 -31.24 36.42
C ASN F 234 -45.70 -30.06 35.94
N SER F 235 -46.00 -29.62 34.71
CA SER F 235 -45.30 -28.49 34.13
C SER F 235 -45.73 -27.19 34.82
N PRO F 236 -44.85 -26.19 34.86
CA PRO F 236 -45.27 -24.86 35.36
C PRO F 236 -46.17 -24.10 34.39
N LEU F 237 -46.58 -24.73 33.30
CA LEU F 237 -47.50 -24.11 32.35
C LEU F 237 -48.91 -24.67 32.42
N VAL F 238 -49.21 -25.51 33.41
CA VAL F 238 -50.56 -26.06 33.58
C VAL F 238 -51.01 -25.83 35.03
N PRO F 239 -52.29 -25.63 35.28
CA PRO F 239 -52.75 -25.37 36.64
C PRO F 239 -52.79 -26.63 37.50
N ARG F 240 -52.71 -26.42 38.81
CA ARG F 240 -52.67 -27.51 39.76
C ARG F 240 -54.05 -28.14 39.94
N ASN F 241 -54.07 -29.40 40.34
CA ASN F 241 -55.33 -30.10 40.56
C ASN F 241 -56.02 -29.61 41.82
N ALA F 242 -55.28 -29.52 42.92
CA ALA F 242 -55.84 -29.12 44.20
C ALA F 242 -54.74 -28.46 45.01
N GLU F 243 -55.09 -27.99 46.22
CA GLU F 243 -54.16 -27.23 47.03
C GLU F 243 -52.88 -28.02 47.31
N LEU F 244 -53.03 -29.29 47.66
CA LEU F 244 -51.89 -30.17 47.94
C LEU F 244 -51.88 -31.29 46.92
N GLY F 245 -50.82 -31.34 46.11
CA GLY F 245 -50.76 -32.33 45.05
C GLY F 245 -50.50 -33.72 45.58
N ASP F 246 -51.03 -34.71 44.86
CA ASP F 246 -50.84 -36.12 45.17
C ASP F 246 -49.89 -36.75 44.15
N ARG F 247 -48.88 -37.45 44.65
CA ARG F 247 -47.90 -38.10 43.79
C ARG F 247 -48.35 -39.49 43.37
N LYS F 248 -48.00 -39.87 42.15
CA LYS F 248 -48.37 -41.17 41.60
C LYS F 248 -47.21 -41.99 41.08
N GLY F 249 -46.03 -41.40 40.88
CA GLY F 249 -44.89 -42.15 40.37
C GLY F 249 -43.75 -41.21 40.05
N LYS F 250 -42.75 -41.77 39.37
CA LYS F 250 -41.59 -40.97 38.94
C LYS F 250 -40.86 -41.70 37.82
N ILE F 251 -40.11 -40.92 37.03
CA ILE F 251 -39.27 -41.45 35.96
C ILE F 251 -37.93 -40.75 35.98
N HIS F 252 -36.95 -41.37 35.33
CA HIS F 252 -35.55 -40.99 35.45
C HIS F 252 -35.07 -40.22 34.21
N ILE F 253 -33.95 -39.52 34.39
CA ILE F 253 -33.33 -38.73 33.34
C ILE F 253 -32.13 -39.52 32.79
N PRO F 254 -32.09 -39.83 31.50
CA PRO F 254 -30.98 -40.61 30.95
C PRO F 254 -29.76 -39.73 30.64
N PHE F 255 -28.75 -40.37 30.04
CA PHE F 255 -27.56 -39.73 29.50
C PHE F 255 -26.71 -39.01 30.55
N PRO F 256 -25.97 -39.74 31.38
CA PRO F 256 -25.08 -39.11 32.37
C PRO F 256 -23.77 -38.66 31.73
N LEU F 257 -22.95 -38.01 32.55
CA LEU F 257 -21.66 -37.45 32.14
C LEU F 257 -20.51 -38.43 32.43
N ALA F 258 -19.38 -38.18 31.78
CA ALA F 258 -18.17 -38.98 31.98
C ALA F 258 -16.96 -38.18 31.51
N ASN F 259 -15.77 -38.68 31.85
CA ASN F 259 -14.52 -38.07 31.45
C ASN F 259 -13.97 -38.73 30.18
N VAL F 260 -13.34 -37.91 29.32
CA VAL F 260 -12.82 -38.35 28.03
C VAL F 260 -11.69 -37.42 27.62
N THR F 261 -10.98 -37.79 26.56
CA THR F 261 -9.92 -36.95 26.00
C THR F 261 -10.33 -36.43 24.62
N CYS F 262 -9.78 -35.29 24.25
CA CYS F 262 -10.04 -34.64 22.97
C CYS F 262 -8.73 -34.18 22.33
N ARG F 263 -8.75 -34.06 21.00
CA ARG F 263 -7.56 -33.85 20.19
C ARG F 263 -7.47 -32.42 19.69
N VAL F 264 -6.27 -31.83 19.81
CA VAL F 264 -6.04 -30.42 19.48
C VAL F 264 -4.87 -30.33 18.52
N PRO F 265 -4.78 -29.23 17.74
CA PRO F 265 -3.68 -29.10 16.76
C PRO F 265 -2.43 -28.44 17.31
N LYS F 266 -1.40 -28.34 16.46
CA LYS F 266 -0.14 -27.69 16.77
C LYS F 266 0.22 -26.70 15.67
N ALA F 267 1.07 -25.73 16.02
CA ALA F 267 1.49 -24.70 15.10
C ALA F 267 2.80 -25.06 14.41
N ARG F 268 3.11 -24.33 13.33
CA ARG F 268 4.32 -24.57 12.56
C ARG F 268 5.47 -23.70 13.07
N ASN F 269 6.69 -24.05 12.61
CA ASN F 269 7.92 -23.46 13.12
C ASN F 269 8.13 -22.05 12.59
N PRO F 270 8.72 -21.17 13.39
CA PRO F 270 9.09 -19.83 12.91
C PRO F 270 10.53 -19.78 12.42
N THR F 271 10.90 -18.62 11.89
CA THR F 271 12.24 -18.37 11.37
C THR F 271 12.98 -17.43 12.32
N VAL F 272 14.18 -17.84 12.74
CA VAL F 272 14.88 -17.21 13.85
C VAL F 272 16.22 -16.70 13.36
N THR F 273 16.54 -15.44 13.70
CA THR F 273 17.82 -14.82 13.43
C THR F 273 18.36 -14.23 14.72
N TYR F 274 19.68 -14.18 14.83
CA TYR F 274 20.35 -13.78 16.06
C TYR F 274 21.10 -12.45 15.88
N GLY F 275 21.25 -11.74 16.99
CA GLY F 275 22.02 -10.51 17.04
C GLY F 275 22.62 -10.36 18.42
N LYS F 276 23.26 -9.22 18.70
CA LYS F 276 23.85 -8.99 20.01
C LYS F 276 22.75 -8.66 21.01
N ASN F 277 22.56 -9.54 22.00
CA ASN F 277 21.60 -9.34 23.08
C ASN F 277 20.18 -9.13 22.56
N GLN F 278 19.82 -9.86 21.50
CA GLN F 278 18.44 -9.80 21.00
C GLN F 278 18.18 -10.99 20.08
N VAL F 279 16.89 -11.31 19.95
CA VAL F 279 16.40 -12.35 19.04
C VAL F 279 15.26 -11.77 18.23
N THR F 280 15.27 -12.04 16.92
CA THR F 280 14.20 -11.60 16.02
C THR F 280 13.49 -12.82 15.45
N MET F 281 12.16 -12.82 15.50
CA MET F 281 11.36 -13.95 15.06
C MET F 281 10.28 -13.47 14.09
N LEU F 282 9.97 -14.30 13.10
CA LEU F 282 8.91 -14.02 12.14
C LEU F 282 7.91 -15.17 12.19
N LEU F 283 6.62 -14.84 12.31
CA LEU F 283 5.58 -15.80 12.66
C LEU F 283 4.59 -15.99 11.52
N TYR F 284 4.13 -17.24 11.36
CA TYR F 284 3.20 -17.65 10.29
C TYR F 284 1.99 -18.31 10.92
N PRO F 285 0.93 -17.55 11.18
CA PRO F 285 -0.26 -18.16 11.80
C PRO F 285 -1.33 -18.58 10.79
N ASP F 286 -2.09 -19.62 11.13
CA ASP F 286 -3.27 -20.03 10.38
C ASP F 286 -4.58 -19.69 11.08
N HIS F 287 -4.55 -19.56 12.39
CA HIS F 287 -5.69 -19.10 13.18
C HIS F 287 -5.13 -18.46 14.44
N PRO F 288 -5.97 -17.74 15.20
CA PRO F 288 -5.47 -17.06 16.40
C PRO F 288 -4.64 -17.97 17.30
N THR F 289 -3.52 -17.43 17.79
CA THR F 289 -2.58 -18.14 18.63
C THR F 289 -2.01 -17.19 19.67
N LEU F 290 -1.58 -17.74 20.79
CA LEU F 290 -1.11 -16.95 21.92
C LEU F 290 0.41 -17.02 22.05
N LEU F 291 1.03 -15.90 22.41
CA LEU F 291 2.48 -15.80 22.57
C LEU F 291 2.78 -15.18 23.92
N SER F 292 3.70 -15.79 24.67
CA SER F 292 4.06 -15.29 25.99
C SER F 292 5.53 -15.58 26.25
N TYR F 293 6.12 -14.81 27.16
CA TYR F 293 7.52 -15.00 27.52
C TYR F 293 7.76 -14.42 28.92
N ARG F 294 8.82 -14.90 29.57
CA ARG F 294 9.20 -14.43 30.88
C ARG F 294 10.71 -14.45 31.02
N ASN F 295 11.21 -13.64 31.96
CA ASN F 295 12.61 -13.68 32.35
C ASN F 295 12.82 -14.72 33.44
N MET F 296 13.96 -15.40 33.39
CA MET F 296 14.39 -16.23 34.50
C MET F 296 15.18 -15.37 35.47
N GLY F 297 15.20 -15.79 36.74
CA GLY F 297 15.76 -14.99 37.81
C GLY F 297 14.70 -14.61 38.82
N GLN F 298 14.91 -13.45 39.46
CA GLN F 298 14.05 -13.02 40.55
C GLN F 298 12.88 -12.15 40.11
N GLU F 299 12.97 -11.52 38.95
CA GLU F 299 11.87 -10.69 38.42
C GLU F 299 11.39 -11.25 37.09
N PRO F 300 10.18 -11.80 37.01
CA PRO F 300 9.78 -12.50 35.79
C PRO F 300 9.44 -11.56 34.63
N ASN F 301 8.71 -10.47 34.88
CA ASN F 301 8.28 -9.53 33.84
C ASN F 301 7.45 -10.23 32.76
N TYR F 302 6.25 -10.64 33.18
CA TYR F 302 5.36 -11.39 32.32
C TYR F 302 4.72 -10.51 31.26
N HIS F 303 4.55 -11.08 30.05
CA HIS F 303 3.83 -10.42 28.97
C HIS F 303 3.10 -11.46 28.13
N GLU F 304 2.06 -11.01 27.43
CA GLU F 304 1.19 -11.91 26.68
C GLU F 304 0.48 -11.11 25.59
N GLU F 305 0.26 -11.73 24.43
CA GLU F 305 -0.52 -11.11 23.36
C GLU F 305 -1.06 -12.17 22.41
N TRP F 306 -2.11 -11.79 21.67
CA TRP F 306 -2.71 -12.63 20.65
C TRP F 306 -2.25 -12.20 19.26
N VAL F 307 -2.03 -13.18 18.39
CA VAL F 307 -1.51 -12.96 17.05
C VAL F 307 -2.49 -13.53 16.04
N THR F 308 -2.86 -12.72 15.05
CA THR F 308 -3.85 -13.12 14.06
C THR F 308 -3.37 -13.05 12.61
N HIS F 309 -2.19 -12.48 12.34
CA HIS F 309 -1.66 -12.43 10.99
C HIS F 309 -0.14 -12.33 11.06
N LYS F 310 0.48 -12.25 9.88
CA LYS F 310 1.94 -12.29 9.77
C LYS F 310 2.55 -11.09 10.49
N LYS F 311 3.60 -11.35 11.28
CA LYS F 311 4.11 -10.35 12.22
C LYS F 311 5.57 -10.66 12.52
N GLU F 312 6.30 -9.61 12.91
CA GLU F 312 7.71 -9.72 13.29
C GLU F 312 7.94 -9.02 14.62
N VAL F 313 8.64 -9.67 15.53
CA VAL F 313 8.86 -9.17 16.88
C VAL F 313 10.34 -9.29 17.24
N THR F 314 10.79 -8.43 18.16
CA THR F 314 12.16 -8.43 18.66
C THR F 314 12.16 -8.31 20.17
N LEU F 315 13.10 -9.01 20.81
CA LEU F 315 13.13 -9.13 22.27
C LEU F 315 14.58 -9.07 22.74
N THR F 316 14.76 -8.72 24.01
CA THR F 316 16.08 -8.60 24.62
C THR F 316 16.34 -9.78 25.54
N VAL F 317 17.57 -10.27 25.53
CA VAL F 317 17.98 -11.46 26.28
C VAL F 317 18.87 -11.02 27.43
N PRO F 318 18.39 -11.07 28.67
CA PRO F 318 19.24 -10.65 29.80
C PRO F 318 20.28 -11.70 30.17
N THR F 319 20.99 -11.47 31.27
CA THR F 319 22.06 -12.39 31.67
C THR F 319 21.51 -13.74 32.09
N GLU F 320 20.38 -13.75 32.81
CA GLU F 320 19.85 -15.01 33.35
C GLU F 320 19.11 -15.84 32.31
N GLY F 321 18.74 -15.26 31.17
CA GLY F 321 18.11 -16.02 30.11
C GLY F 321 16.65 -15.63 29.92
N LEU F 322 16.03 -16.30 28.95
CA LEU F 322 14.68 -15.97 28.50
C LEU F 322 13.98 -17.25 28.07
N GLU F 323 12.65 -17.27 28.23
CA GLU F 323 11.83 -18.40 27.85
C GLU F 323 10.66 -17.91 27.00
N VAL F 324 10.43 -18.58 25.87
CA VAL F 324 9.35 -18.22 24.95
C VAL F 324 8.50 -19.44 24.68
N THR F 325 7.18 -19.25 24.69
CA THR F 325 6.21 -20.29 24.41
C THR F 325 5.30 -19.85 23.28
N TRP F 326 5.16 -20.70 22.26
CA TRP F 326 4.44 -20.37 21.04
C TRP F 326 3.42 -21.46 20.75
N GLY F 327 2.14 -21.15 20.97
CA GLY F 327 1.10 -22.12 20.71
C GLY F 327 1.12 -23.28 21.70
N ASN F 328 0.88 -24.48 21.17
CA ASN F 328 0.87 -25.71 21.98
C ASN F 328 2.20 -26.45 21.91
N ASN F 329 3.27 -25.79 21.50
CA ASN F 329 4.58 -26.40 21.43
C ASN F 329 5.32 -26.28 22.77
N GLU F 330 6.52 -26.85 22.82
CA GLU F 330 7.36 -26.79 24.01
C GLU F 330 8.15 -25.48 24.04
N PRO F 331 8.56 -25.03 25.22
CA PRO F 331 9.26 -23.74 25.32
C PRO F 331 10.68 -23.81 24.79
N TYR F 332 11.21 -22.61 24.50
CA TYR F 332 12.58 -22.42 24.05
C TYR F 332 13.39 -21.71 25.13
N LYS F 333 14.71 -21.84 25.04
CA LYS F 333 15.60 -21.28 26.06
C LYS F 333 16.85 -20.71 25.39
N TYR F 334 17.27 -19.52 25.85
CA TYR F 334 18.40 -18.81 25.28
C TYR F 334 19.26 -18.20 26.37
N TRP F 335 20.56 -18.15 26.13
CA TRP F 335 21.55 -17.52 27.01
C TRP F 335 22.54 -16.73 26.17
N PRO F 336 23.10 -15.66 26.72
CA PRO F 336 24.05 -14.83 25.97
C PRO F 336 25.48 -15.35 26.04
N GLN F 337 26.30 -14.83 25.14
CA GLN F 337 27.71 -15.21 25.02
C GLN F 337 28.56 -13.97 24.83
N MET F 338 29.82 -14.06 25.25
CA MET F 338 30.72 -12.93 25.16
C MET F 338 31.16 -12.69 23.72
N SER F 339 31.15 -11.42 23.31
CA SER F 339 31.58 -11.07 21.96
C SER F 339 31.99 -9.61 21.95
N THR F 340 32.99 -9.29 21.12
CA THR F 340 33.54 -7.95 21.09
C THR F 340 34.26 -7.74 19.77
N ASN F 341 34.49 -6.47 19.44
CA ASN F 341 35.20 -6.10 18.22
C ASN F 341 36.58 -5.51 18.50
N GLY F 342 36.92 -5.27 19.77
CA GLY F 342 38.25 -4.82 20.13
C GLY F 342 39.16 -5.99 20.46
N THR F 343 40.30 -5.67 21.05
CA THR F 343 41.26 -6.69 21.43
C THR F 343 41.97 -6.26 22.71
N ALA F 344 42.29 -7.26 23.54
CA ALA F 344 42.92 -7.04 24.83
C ALA F 344 44.43 -6.95 24.75
N HIS F 345 45.02 -7.15 23.57
CA HIS F 345 46.45 -6.97 23.37
C HIS F 345 46.67 -6.02 22.20
N GLY F 346 47.50 -5.01 22.40
CA GLY F 346 47.69 -4.02 21.37
C GLY F 346 47.63 -2.59 21.89
N HIS F 347 47.22 -1.66 21.03
CA HIS F 347 47.34 -0.24 21.35
C HIS F 347 46.35 0.15 22.44
N PRO F 348 46.68 1.18 23.23
CA PRO F 348 45.84 1.53 24.39
C PRO F 348 44.40 1.88 24.03
N HIS F 349 44.14 2.49 22.89
CA HIS F 349 42.77 2.87 22.57
C HIS F 349 41.91 1.67 22.18
N GLU F 350 42.53 0.55 21.78
CA GLU F 350 41.78 -0.66 21.47
C GLU F 350 41.50 -1.49 22.71
N ILE F 351 42.32 -1.36 23.76
CA ILE F 351 42.05 -2.06 25.01
C ILE F 351 40.77 -1.54 25.64
N ILE F 352 40.55 -0.21 25.60
CA ILE F 352 39.39 0.38 26.24
C ILE F 352 38.10 -0.13 25.60
N LEU F 353 38.09 -0.24 24.27
CA LEU F 353 36.89 -0.69 23.57
C LEU F 353 36.52 -2.11 23.97
N TYR F 354 37.51 -2.96 24.24
CA TYR F 354 37.23 -4.34 24.61
C TYR F 354 36.41 -4.40 25.91
N TYR F 355 36.85 -3.70 26.95
CA TYR F 355 36.18 -3.77 28.23
C TYR F 355 34.86 -3.02 28.23
N TYR F 356 34.75 -1.95 27.44
CA TYR F 356 33.53 -1.16 27.42
C TYR F 356 32.36 -1.95 26.85
N GLU F 357 32.62 -2.81 25.86
CA GLU F 357 31.55 -3.61 25.27
C GLU F 357 30.94 -4.58 26.26
N LEU F 358 31.69 -4.99 27.28
CA LEU F 358 31.21 -5.97 28.24
C LEU F 358 30.61 -5.35 29.50
N TYR F 359 31.25 -4.34 30.08
CA TYR F 359 30.79 -3.70 31.30
C TYR F 359 30.74 -2.18 31.10
N PRO F 360 29.70 -1.68 30.43
CA PRO F 360 29.66 -0.24 30.13
C PRO F 360 29.69 0.66 31.35
N THR F 361 28.99 0.29 32.42
CA THR F 361 28.84 1.19 33.56
C THR F 361 30.12 1.31 34.37
N MET F 362 30.76 0.17 34.68
CA MET F 362 31.96 0.20 35.51
C MET F 362 33.11 0.93 34.81
N THR F 363 33.23 0.75 33.50
CA THR F 363 34.36 1.32 32.78
C THR F 363 34.38 2.84 32.84
N VAL F 364 33.22 3.48 32.65
CA VAL F 364 33.17 4.93 32.65
C VAL F 364 33.45 5.50 34.04
N VAL F 365 32.96 4.83 35.08
CA VAL F 365 33.14 5.33 36.44
C VAL F 365 34.62 5.30 36.84
N ILE F 366 35.29 4.20 36.56
CA ILE F 366 36.68 4.04 37.00
C ILE F 366 37.59 5.02 36.28
N VAL F 367 37.43 5.15 34.97
CA VAL F 367 38.34 6.00 34.18
C VAL F 367 38.18 7.46 34.58
N SER F 368 36.94 7.93 34.74
CA SER F 368 36.71 9.32 35.08
C SER F 368 37.28 9.67 36.45
N VAL F 369 37.11 8.78 37.42
CA VAL F 369 37.66 9.03 38.76
C VAL F 369 39.19 9.02 38.72
N ALA F 370 39.78 8.05 38.03
CA ALA F 370 41.23 7.93 38.01
C ALA F 370 41.89 9.14 37.36
N SER F 371 41.30 9.65 36.28
CA SER F 371 41.90 10.78 35.59
C SER F 371 41.93 12.03 36.45
N PHE F 372 40.87 12.26 37.22
CA PHE F 372 40.78 13.47 38.03
C PHE F 372 41.85 13.47 39.13
N VAL F 373 42.01 12.35 39.82
CA VAL F 373 42.97 12.29 40.93
C VAL F 373 44.40 12.44 40.42
N LEU F 374 44.70 11.84 39.27
CA LEU F 374 46.05 11.97 38.70
C LEU F 374 46.34 13.41 38.30
N LEU F 375 45.36 14.11 37.75
CA LEU F 375 45.57 15.50 37.37
C LEU F 375 45.84 16.39 38.58
N SER F 376 45.14 16.14 39.68
CA SER F 376 45.35 16.94 40.89
C SER F 376 46.75 16.76 41.46
N MET F 377 47.27 15.53 41.42
CA MET F 377 48.57 15.26 42.02
C MET F 377 49.69 16.00 41.31
N VAL F 378 49.59 16.17 39.98
CA VAL F 378 50.61 16.92 39.27
C VAL F 378 50.54 18.40 39.61
N GLY F 379 49.35 18.90 39.96
CA GLY F 379 49.22 20.28 40.36
C GLY F 379 49.97 20.59 41.63
N THR F 380 49.93 19.67 42.59
CA THR F 380 50.66 19.88 43.84
C THR F 380 52.17 19.92 43.61
N ALA F 381 52.66 19.27 42.57
CA ALA F 381 54.09 19.32 42.28
C ALA F 381 54.54 20.70 41.82
N VAL F 382 53.75 21.36 40.99
CA VAL F 382 54.10 22.72 40.58
C VAL F 382 53.99 23.69 41.75
N GLY F 383 53.02 23.46 42.64
CA GLY F 383 52.81 24.40 43.73
C GLY F 383 53.99 24.50 44.68
N MET F 384 54.56 23.36 45.05
CA MET F 384 55.70 23.39 45.96
C MET F 384 56.91 24.06 45.32
N CYS F 385 57.02 24.02 44.00
CA CYS F 385 58.15 24.65 43.33
C CYS F 385 58.09 26.16 43.46
N VAL F 386 56.89 26.75 43.34
CA VAL F 386 56.76 28.20 43.40
C VAL F 386 57.04 28.71 44.82
N CYS F 387 56.57 27.98 45.83
CA CYS F 387 56.84 28.38 47.21
C CYS F 387 58.33 28.35 47.51
N ALA F 388 59.04 27.33 47.02
CA ALA F 388 60.46 27.18 47.35
C ALA F 388 61.29 28.31 46.76
N ARG F 389 60.90 28.86 45.62
CA ARG F 389 61.68 29.93 45.01
C ARG F 389 61.61 31.22 45.81
N ARG F 390 60.46 31.49 46.45
CA ARG F 390 60.31 32.73 47.21
C ARG F 390 61.29 32.77 48.37
N ARG F 391 61.31 31.72 49.19
CA ARG F 391 62.16 31.72 50.38
C ARG F 391 63.64 31.62 50.03
N CYS F 392 63.96 31.25 48.80
CA CYS F 392 65.36 31.22 48.37
C CYS F 392 65.86 32.61 47.99
N ILE F 393 65.00 33.44 47.39
CA ILE F 393 65.41 34.69 46.77
C ILE F 393 65.14 35.89 47.67
N THR F 394 64.08 35.82 48.47
CA THR F 394 63.60 36.99 49.19
C THR F 394 64.66 37.66 50.06
N PRO F 395 65.43 36.96 50.90
CA PRO F 395 66.44 37.64 51.73
C PRO F 395 67.54 38.32 50.92
N TYR F 396 67.59 38.13 49.61
CA TYR F 396 68.51 38.89 48.79
C TYR F 396 67.96 40.26 48.42
N GLU F 397 66.64 40.42 48.33
CA GLU F 397 66.05 41.69 47.95
C GLU F 397 65.87 42.62 49.15
N LEU F 398 66.07 42.13 50.37
CA LEU F 398 65.98 42.97 51.58
C LEU F 398 67.29 43.64 51.92
N THR F 399 68.42 43.04 51.56
CA THR F 399 69.72 43.65 51.86
C THR F 399 69.98 44.78 50.89
N PRO F 400 70.32 45.99 51.37
CA PRO F 400 70.60 47.10 50.46
C PRO F 400 71.97 46.93 49.80
N GLY F 401 71.98 47.05 48.48
CA GLY F 401 73.23 46.99 47.73
C GLY F 401 73.76 45.60 47.44
N ALA F 402 72.99 44.56 47.74
CA ALA F 402 73.43 43.19 47.48
C ALA F 402 73.19 42.81 46.02
N THR F 403 73.83 41.72 45.60
CA THR F 403 73.68 41.20 44.24
C THR F 403 73.42 39.71 44.29
N VAL F 404 72.79 39.20 43.23
CA VAL F 404 72.47 37.79 43.09
C VAL F 404 73.58 37.13 42.28
N PRO F 405 74.23 36.09 42.80
CA PRO F 405 75.27 35.40 42.02
C PRO F 405 74.69 34.72 40.79
N PHE F 406 75.55 34.52 39.79
CA PHE F 406 75.09 34.07 38.49
C PHE F 406 74.47 32.68 38.54
N LEU F 407 75.10 31.75 39.26
CA LEU F 407 74.65 30.36 39.27
C LEU F 407 73.20 30.26 39.75
N LEU F 408 72.85 31.02 40.78
CA LEU F 408 71.45 31.07 41.21
C LEU F 408 70.60 31.84 40.20
N SER F 409 71.20 32.79 39.48
CA SER F 409 70.42 33.62 38.57
C SER F 409 69.92 32.83 37.37
N LEU F 410 70.61 31.74 37.00
CA LEU F 410 70.32 31.00 35.79
C LEU F 410 69.63 29.67 36.03
N LEU F 411 70.09 28.87 36.99
CA LEU F 411 69.68 27.49 37.10
C LEU F 411 68.80 27.21 38.32
N CYS F 412 69.28 27.51 39.51
CA CYS F 412 68.58 27.17 40.74
C CYS F 412 68.02 28.43 41.39
N CYS F 413 66.78 28.35 41.86
CA CYS F 413 66.05 29.52 42.35
C CYS F 413 66.01 30.61 41.28
N VAL F 414 65.65 30.23 40.06
CA VAL F 414 65.56 31.16 38.94
C VAL F 414 64.58 32.29 39.24
N ASN G 1 -11.27 -38.01 -24.33
CA ASN G 1 -11.93 -39.31 -24.30
C ASN G 1 -11.68 -40.02 -22.97
N PHE G 2 -12.52 -41.03 -22.69
CA PHE G 2 -12.43 -41.80 -21.46
C PHE G 2 -11.62 -43.08 -21.63
N ASN G 3 -10.82 -43.19 -22.69
CA ASN G 3 -10.08 -44.42 -22.95
C ASN G 3 -8.96 -44.66 -21.95
N VAL G 4 -8.49 -43.62 -21.25
CA VAL G 4 -7.38 -43.79 -20.31
C VAL G 4 -7.80 -44.52 -19.03
N TYR G 5 -9.09 -44.71 -18.80
CA TYR G 5 -9.59 -45.31 -17.57
C TYR G 5 -9.93 -46.79 -17.73
N LYS G 6 -9.34 -47.47 -18.71
CA LYS G 6 -9.78 -48.82 -19.05
C LYS G 6 -9.45 -49.83 -17.95
N ALA G 7 -8.28 -49.71 -17.32
CA ALA G 7 -7.79 -50.75 -16.42
C ALA G 7 -7.62 -50.30 -14.98
N THR G 8 -8.33 -49.25 -14.54
CA THR G 8 -8.12 -48.70 -13.21
C THR G 8 -9.19 -49.18 -12.24
N ARG G 9 -9.04 -48.81 -10.97
CA ARG G 9 -9.97 -49.15 -9.91
C ARG G 9 -9.90 -48.10 -8.81
N PRO G 10 -10.96 -47.90 -8.05
CA PRO G 10 -10.92 -47.00 -6.89
C PRO G 10 -10.35 -47.72 -5.67
N TYR G 11 -10.31 -46.99 -4.54
CA TYR G 11 -9.68 -47.49 -3.32
C TYR G 11 -10.29 -46.79 -2.12
N LEU G 12 -9.91 -47.27 -0.93
CA LEU G 12 -10.38 -46.74 0.34
C LEU G 12 -9.21 -46.13 1.11
N ALA G 13 -9.53 -45.22 2.04
CA ALA G 13 -8.49 -44.43 2.71
C ALA G 13 -9.02 -43.88 4.02
N HIS G 14 -8.18 -43.09 4.68
CA HIS G 14 -8.45 -42.56 6.02
C HIS G 14 -9.08 -41.17 5.95
N CYS G 15 -10.10 -40.95 6.79
CA CYS G 15 -10.77 -39.67 6.90
C CYS G 15 -10.80 -39.22 8.36
N PRO G 16 -10.50 -37.95 8.63
CA PRO G 16 -10.34 -37.52 10.03
C PRO G 16 -11.63 -37.18 10.76
N ASP G 17 -12.74 -37.01 10.06
CA ASP G 17 -14.01 -36.69 10.71
C ASP G 17 -15.13 -37.22 9.83
N CYS G 18 -15.83 -38.25 10.31
CA CYS G 18 -16.83 -38.95 9.53
C CYS G 18 -18.26 -38.61 9.94
N GLY G 19 -18.47 -37.44 10.56
CA GLY G 19 -19.79 -36.91 10.83
C GLY G 19 -20.13 -36.80 12.30
N GLU G 20 -19.63 -37.71 13.13
CA GLU G 20 -19.94 -37.73 14.55
C GLU G 20 -18.77 -37.29 15.43
N GLY G 21 -17.67 -36.86 14.85
CA GLY G 21 -16.49 -36.54 15.62
C GLY G 21 -15.52 -37.69 15.82
N HIS G 22 -15.58 -38.72 14.97
CA HIS G 22 -14.71 -39.88 15.08
C HIS G 22 -14.12 -40.20 13.72
N SER G 23 -12.97 -40.84 13.72
CA SER G 23 -12.29 -41.22 12.49
C SER G 23 -12.82 -42.56 11.97
N CYS G 24 -12.68 -42.76 10.67
CA CYS G 24 -13.17 -43.97 10.03
C CYS G 24 -12.50 -44.11 8.67
N HIS G 25 -12.69 -45.27 8.06
CA HIS G 25 -12.24 -45.53 6.70
C HIS G 25 -13.44 -45.43 5.77
N SER G 26 -13.33 -44.59 4.74
CA SER G 26 -14.48 -44.25 3.93
C SER G 26 -14.19 -44.47 2.45
N PRO G 27 -15.21 -44.82 1.66
CA PRO G 27 -15.04 -44.91 0.21
C PRO G 27 -14.96 -43.56 -0.49
N ILE G 28 -15.07 -42.46 0.25
CA ILE G 28 -14.87 -41.12 -0.28
C ILE G 28 -13.87 -40.40 0.61
N ALA G 29 -12.88 -39.76 0.00
CA ALA G 29 -11.80 -39.11 0.73
C ALA G 29 -11.29 -37.94 -0.08
N LEU G 30 -10.55 -37.05 0.59
CA LEU G 30 -10.12 -35.80 -0.01
C LEU G 30 -8.62 -35.78 -0.24
N GLU G 31 -8.22 -35.22 -1.37
CA GLU G 31 -6.86 -34.87 -1.73
C GLU G 31 -6.74 -33.34 -1.74
N ARG G 32 -5.63 -32.84 -2.28
CA ARG G 32 -5.40 -31.41 -2.31
C ARG G 32 -6.57 -30.65 -2.92
N ILE G 33 -6.69 -29.38 -2.52
CA ILE G 33 -7.65 -28.45 -3.10
C ILE G 33 -6.86 -27.29 -3.70
N ARG G 34 -7.21 -26.90 -4.93
CA ARG G 34 -6.48 -25.88 -5.66
C ARG G 34 -7.34 -24.63 -5.80
N ASN G 35 -6.72 -23.47 -5.62
CA ASN G 35 -7.40 -22.18 -5.67
C ASN G 35 -6.55 -21.14 -6.39
N GLU G 36 -6.09 -21.46 -7.59
CA GLU G 36 -5.22 -20.55 -8.34
C GLU G 36 -5.98 -19.50 -9.13
N ALA G 37 -7.25 -19.74 -9.47
CA ALA G 37 -8.00 -18.81 -10.31
C ALA G 37 -8.31 -17.53 -9.52
N THR G 38 -8.47 -16.44 -10.27
CA THR G 38 -8.71 -15.14 -9.66
C THR G 38 -10.19 -14.82 -9.46
N ASP G 39 -11.09 -15.48 -10.19
CA ASP G 39 -12.52 -15.23 -10.04
C ASP G 39 -13.17 -16.09 -8.95
N GLY G 40 -12.44 -17.04 -8.37
CA GLY G 40 -12.93 -17.74 -7.21
C GLY G 40 -13.61 -19.06 -7.48
N THR G 41 -13.01 -19.88 -8.34
CA THR G 41 -13.47 -21.25 -8.56
C THR G 41 -12.48 -22.22 -7.93
N LEU G 42 -12.94 -23.46 -7.71
CA LEU G 42 -12.17 -24.45 -7.01
C LEU G 42 -12.10 -25.75 -7.80
N LYS G 43 -11.00 -26.47 -7.64
CA LYS G 43 -10.81 -27.80 -8.23
C LYS G 43 -10.46 -28.77 -7.12
N ILE G 44 -11.18 -29.89 -7.07
CA ILE G 44 -11.10 -30.83 -5.95
C ILE G 44 -10.84 -32.23 -6.50
N GLN G 45 -10.08 -33.02 -5.75
CA GLN G 45 -9.75 -34.40 -6.11
C GLN G 45 -10.28 -35.34 -5.04
N VAL G 46 -10.98 -36.40 -5.47
CA VAL G 46 -11.53 -37.40 -4.57
C VAL G 46 -11.03 -38.78 -5.01
N SER G 47 -11.52 -39.81 -4.33
CA SER G 47 -11.05 -41.18 -4.56
C SER G 47 -11.99 -42.02 -5.43
N LEU G 48 -13.20 -41.56 -5.69
CA LEU G 48 -14.13 -42.31 -6.54
C LEU G 48 -14.13 -41.75 -7.95
N GLN G 49 -14.75 -42.51 -8.86
CA GLN G 49 -14.73 -42.20 -10.28
C GLN G 49 -16.14 -41.91 -10.77
N ILE G 50 -16.29 -40.85 -11.55
CA ILE G 50 -17.60 -40.38 -12.00
C ILE G 50 -17.67 -40.50 -13.51
N GLY G 51 -18.74 -41.11 -14.01
CA GLY G 51 -19.02 -41.17 -15.43
C GLY G 51 -18.67 -42.48 -16.11
N ILE G 52 -18.15 -43.46 -15.39
CA ILE G 52 -17.73 -44.74 -15.97
C ILE G 52 -18.40 -45.86 -15.20
N LYS G 53 -19.00 -46.80 -15.93
CA LYS G 53 -19.64 -47.95 -15.32
C LYS G 53 -18.63 -49.07 -15.07
N THR G 54 -19.10 -50.13 -14.42
CA THR G 54 -18.21 -51.23 -14.03
C THR G 54 -17.77 -52.09 -15.21
N ASP G 55 -18.38 -51.95 -16.37
CA ASP G 55 -18.00 -52.72 -17.56
C ASP G 55 -17.20 -51.90 -18.57
N ASP G 56 -16.71 -50.73 -18.16
CA ASP G 56 -15.91 -49.85 -19.01
C ASP G 56 -16.72 -49.30 -20.19
N SER G 57 -17.87 -48.73 -19.87
CA SER G 57 -18.68 -47.98 -20.83
C SER G 57 -18.87 -46.56 -20.30
N HIS G 58 -19.34 -45.68 -21.18
CA HIS G 58 -19.57 -44.28 -20.82
C HIS G 58 -21.06 -44.05 -20.62
N ASP G 59 -21.43 -43.56 -19.44
CA ASP G 59 -22.83 -43.29 -19.11
C ASP G 59 -22.82 -42.13 -18.12
N TRP G 60 -23.35 -40.98 -18.53
CA TRP G 60 -23.20 -39.76 -17.76
C TRP G 60 -24.11 -39.68 -16.54
N THR G 61 -24.87 -40.73 -16.24
CA THR G 61 -25.75 -40.74 -15.08
C THR G 61 -25.33 -41.76 -14.01
N LYS G 62 -24.10 -42.27 -14.07
CA LYS G 62 -23.66 -43.31 -13.16
C LYS G 62 -22.26 -43.01 -12.64
N LEU G 63 -21.93 -43.62 -11.50
CA LEU G 63 -20.57 -43.62 -10.96
C LEU G 63 -20.30 -44.97 -10.32
N ARG G 64 -19.02 -45.31 -10.19
CA ARG G 64 -18.60 -46.55 -9.56
C ARG G 64 -17.64 -46.26 -8.41
N TYR G 65 -17.74 -47.07 -7.36
CA TYR G 65 -16.95 -46.89 -6.15
C TYR G 65 -16.45 -48.25 -5.68
N MET G 66 -15.63 -48.24 -4.63
CA MET G 66 -15.00 -49.45 -4.14
C MET G 66 -15.75 -49.96 -2.91
N ASP G 67 -16.33 -51.14 -3.02
CA ASP G 67 -16.88 -51.87 -1.89
C ASP G 67 -15.82 -52.85 -1.40
N SER G 68 -16.18 -53.70 -0.45
CA SER G 68 -15.22 -54.65 0.09
C SER G 68 -14.86 -55.67 -0.97
N HIS G 69 -13.66 -55.53 -1.54
CA HIS G 69 -13.05 -56.41 -2.53
C HIS G 69 -13.67 -56.34 -3.92
N THR G 70 -14.67 -55.47 -4.17
CA THR G 70 -15.31 -55.46 -5.48
C THR G 70 -16.07 -54.17 -5.70
N PRO G 71 -16.03 -53.60 -6.90
CA PRO G 71 -16.75 -52.35 -7.16
C PRO G 71 -18.22 -52.57 -7.49
N ALA G 72 -18.96 -51.45 -7.48
CA ALA G 72 -20.40 -51.47 -7.72
C ALA G 72 -20.82 -50.12 -8.28
N ASP G 73 -22.10 -49.99 -8.64
CA ASP G 73 -22.64 -48.82 -9.29
C ASP G 73 -23.61 -48.07 -8.38
N ALA G 74 -23.73 -46.76 -8.62
CA ALA G 74 -24.65 -45.91 -7.88
C ALA G 74 -25.01 -44.70 -8.74
N GLU G 75 -26.04 -43.97 -8.32
CA GLU G 75 -26.60 -42.90 -9.12
C GLU G 75 -25.88 -41.58 -8.84
N ARG G 76 -25.98 -40.66 -9.81
CA ARG G 76 -25.30 -39.37 -9.72
C ARG G 76 -26.09 -38.31 -8.96
N ALA G 77 -27.40 -38.47 -8.84
CA ALA G 77 -28.22 -37.43 -8.20
C ALA G 77 -27.93 -37.27 -6.72
N GLY G 78 -27.16 -38.17 -6.11
CA GLY G 78 -26.86 -38.11 -4.70
C GLY G 78 -25.59 -37.37 -4.34
N LEU G 79 -24.95 -36.67 -5.27
CA LEU G 79 -23.68 -36.01 -5.01
C LEU G 79 -23.92 -34.58 -4.53
N LEU G 80 -23.18 -34.17 -3.51
CA LEU G 80 -23.35 -32.83 -2.94
C LEU G 80 -22.01 -32.31 -2.43
N VAL G 81 -21.86 -30.99 -2.47
CA VAL G 81 -20.71 -30.27 -1.95
C VAL G 81 -21.22 -29.03 -1.21
N ARG G 82 -20.64 -28.74 -0.06
CA ARG G 82 -21.07 -27.57 0.69
C ARG G 82 -20.00 -27.09 1.65
N THR G 83 -19.93 -25.76 1.81
CA THR G 83 -19.04 -25.10 2.77
C THR G 83 -19.87 -24.00 3.42
N SER G 84 -20.38 -24.28 4.63
CA SER G 84 -21.42 -23.46 5.26
C SER G 84 -22.70 -23.56 4.43
N ALA G 85 -22.95 -22.57 3.58
CA ALA G 85 -24.08 -22.64 2.68
C ALA G 85 -23.79 -23.63 1.54
N PRO G 86 -24.83 -24.16 0.92
CA PRO G 86 -24.63 -25.10 -0.21
C PRO G 86 -24.00 -24.42 -1.41
N CYS G 87 -23.28 -25.23 -2.19
CA CYS G 87 -22.56 -24.77 -3.37
C CYS G 87 -23.24 -25.25 -4.65
N THR G 88 -22.64 -24.89 -5.78
CA THR G 88 -23.15 -25.19 -7.12
C THR G 88 -22.06 -25.90 -7.91
N ILE G 89 -22.41 -27.02 -8.54
CA ILE G 89 -21.47 -27.83 -9.29
C ILE G 89 -21.56 -27.44 -10.76
N THR G 90 -20.41 -27.33 -11.42
CA THR G 90 -20.35 -26.86 -12.79
C THR G 90 -19.86 -27.91 -13.79
N GLY G 91 -19.09 -28.88 -13.35
CA GLY G 91 -18.57 -29.90 -14.25
C GLY G 91 -17.82 -31.01 -13.54
N THR G 92 -17.94 -32.24 -14.02
CA THR G 92 -17.33 -33.39 -13.37
C THR G 92 -16.70 -34.32 -14.41
N MET G 93 -15.55 -34.89 -14.06
CA MET G 93 -14.91 -35.91 -14.88
C MET G 93 -13.90 -36.66 -14.02
N GLY G 94 -13.99 -37.98 -14.05
CA GLY G 94 -12.98 -38.82 -13.39
C GLY G 94 -12.93 -38.57 -11.89
N HIS G 95 -11.76 -38.18 -11.41
CA HIS G 95 -11.53 -37.92 -10.00
C HIS G 95 -11.80 -36.47 -9.59
N PHE G 96 -12.24 -35.62 -10.52
CA PHE G 96 -12.14 -34.18 -10.34
C PHE G 96 -13.50 -33.51 -10.49
N ILE G 97 -13.71 -32.45 -9.70
CA ILE G 97 -14.97 -31.71 -9.67
C ILE G 97 -14.65 -30.22 -9.74
N LEU G 98 -15.55 -29.46 -10.38
CA LEU G 98 -15.52 -28.01 -10.35
C LEU G 98 -16.75 -27.50 -9.61
N ALA G 99 -16.58 -26.38 -8.90
CA ALA G 99 -17.67 -25.83 -8.12
C ALA G 99 -17.42 -24.36 -7.81
N ARG G 100 -18.48 -23.68 -7.36
CA ARG G 100 -18.44 -22.32 -6.87
C ARG G 100 -19.08 -22.29 -5.48
N CYS G 101 -18.47 -21.56 -4.56
CA CYS G 101 -18.85 -21.71 -3.16
C CYS G 101 -18.79 -20.37 -2.45
N PRO G 102 -19.60 -20.18 -1.41
CA PRO G 102 -19.54 -18.97 -0.59
C PRO G 102 -18.39 -19.04 0.40
N LYS G 103 -18.32 -18.02 1.26
CA LYS G 103 -17.29 -17.93 2.28
C LYS G 103 -17.55 -18.94 3.40
N GLY G 104 -16.48 -19.35 4.06
CA GLY G 104 -16.59 -20.34 5.12
C GLY G 104 -15.22 -20.75 5.62
N GLU G 105 -15.23 -21.74 6.52
CA GLU G 105 -14.00 -22.23 7.12
C GLU G 105 -13.87 -23.76 7.11
N THR G 106 -14.74 -24.46 6.40
CA THR G 106 -14.64 -25.91 6.26
C THR G 106 -15.09 -26.31 4.85
N LEU G 107 -14.94 -27.59 4.53
CA LEU G 107 -15.43 -28.13 3.27
C LEU G 107 -15.87 -29.57 3.48
N THR G 108 -16.97 -29.95 2.82
CA THR G 108 -17.59 -31.26 3.03
C THR G 108 -18.04 -31.84 1.69
N VAL G 109 -17.88 -33.16 1.54
CA VAL G 109 -18.33 -33.90 0.38
C VAL G 109 -19.02 -35.18 0.84
N GLY G 110 -19.90 -35.71 -0.01
CA GLY G 110 -20.63 -36.92 0.34
C GLY G 110 -21.46 -37.41 -0.82
N PHE G 111 -22.07 -38.59 -0.61
CA PHE G 111 -22.91 -39.23 -1.62
C PHE G 111 -23.73 -40.32 -0.94
N THR G 112 -24.57 -41.00 -1.73
CA THR G 112 -25.48 -42.02 -1.24
C THR G 112 -25.16 -43.38 -1.85
N ASP G 113 -25.22 -44.42 -1.03
CA ASP G 113 -24.80 -45.77 -1.41
C ASP G 113 -25.93 -46.47 -2.16
N SER G 114 -25.72 -47.75 -2.47
CA SER G 114 -26.71 -48.58 -3.16
C SER G 114 -27.60 -49.37 -2.21
N ARG G 115 -27.45 -49.17 -0.89
CA ARG G 115 -28.38 -49.72 0.10
C ARG G 115 -29.04 -48.63 0.93
N LYS G 116 -29.06 -47.40 0.43
CA LYS G 116 -29.62 -46.24 1.13
C LYS G 116 -28.84 -45.93 2.41
N ILE G 117 -27.53 -45.75 2.26
CA ILE G 117 -26.65 -45.36 3.35
C ILE G 117 -25.81 -44.18 2.87
N SER G 118 -25.67 -43.17 3.74
CA SER G 118 -24.95 -41.95 3.40
C SER G 118 -23.54 -41.95 3.99
N HIS G 119 -22.65 -41.21 3.34
CA HIS G 119 -21.26 -41.08 3.77
C HIS G 119 -20.80 -39.64 3.61
N THR G 120 -19.92 -39.19 4.51
CA THR G 120 -19.39 -37.84 4.46
C THR G 120 -17.95 -37.82 4.97
N CYS G 121 -17.24 -36.73 4.64
CA CYS G 121 -15.89 -36.46 5.12
C CYS G 121 -15.65 -34.96 5.11
N THR G 122 -14.89 -34.48 6.09
CA THR G 122 -14.71 -33.05 6.31
C THR G 122 -13.25 -32.70 6.55
N HIS G 123 -12.82 -31.57 6.00
CA HIS G 123 -11.46 -31.06 6.16
C HIS G 123 -11.51 -29.56 6.43
N PRO G 124 -10.55 -29.04 7.19
CA PRO G 124 -10.44 -27.59 7.37
C PRO G 124 -9.93 -26.89 6.11
N PHE G 125 -10.28 -25.62 5.98
CA PHE G 125 -9.96 -24.82 4.80
C PHE G 125 -10.30 -23.37 5.10
N HIS G 126 -9.67 -22.46 4.35
CA HIS G 126 -9.89 -21.02 4.51
C HIS G 126 -10.20 -20.43 3.13
N HIS G 127 -11.42 -19.92 2.98
CA HIS G 127 -11.91 -19.44 1.68
C HIS G 127 -12.19 -17.95 1.76
N GLU G 128 -11.53 -17.17 0.91
CA GLU G 128 -11.74 -15.73 0.80
C GLU G 128 -11.31 -15.26 -0.58
N PRO G 129 -12.26 -15.02 -1.48
CA PRO G 129 -11.88 -14.65 -2.84
C PRO G 129 -11.16 -13.31 -2.87
N PRO G 130 -10.28 -13.10 -3.85
CA PRO G 130 -9.54 -11.84 -3.92
C PRO G 130 -10.42 -10.70 -4.43
N VAL G 131 -9.84 -9.49 -4.41
CA VAL G 131 -10.55 -8.26 -4.74
C VAL G 131 -9.99 -7.72 -6.04
N ILE G 132 -10.89 -7.37 -6.97
CA ILE G 132 -10.53 -6.81 -8.26
C ILE G 132 -11.09 -5.40 -8.33
N GLY G 133 -10.21 -4.43 -8.56
CA GLY G 133 -10.61 -3.04 -8.64
C GLY G 133 -10.41 -2.31 -7.33
N ARG G 134 -11.09 -1.16 -7.23
CA ARG G 134 -11.00 -0.30 -6.05
C ARG G 134 -12.29 -0.27 -5.24
N GLU G 135 -13.19 -1.22 -5.46
CA GLU G 135 -14.43 -1.32 -4.69
C GLU G 135 -14.72 -2.78 -4.39
N ARG G 136 -15.41 -3.00 -3.27
CA ARG G 136 -15.83 -4.32 -2.85
C ARG G 136 -17.32 -4.48 -3.12
N PHE G 137 -17.70 -5.57 -3.80
CA PHE G 137 -19.08 -5.78 -4.20
C PHE G 137 -19.46 -7.23 -3.94
N HIS G 138 -20.77 -7.48 -3.96
CA HIS G 138 -21.31 -8.78 -3.59
C HIS G 138 -21.98 -9.53 -4.74
N SER G 139 -22.30 -8.86 -5.84
CA SER G 139 -22.95 -9.51 -6.97
C SER G 139 -22.56 -8.78 -8.25
N ARG G 140 -23.13 -9.21 -9.37
CA ARG G 140 -22.77 -8.72 -10.69
C ARG G 140 -23.74 -7.64 -11.12
N PRO G 141 -23.25 -6.45 -11.49
CA PRO G 141 -24.13 -5.33 -11.79
C PRO G 141 -24.66 -5.38 -13.22
N GLN G 142 -25.45 -4.36 -13.56
CA GLN G 142 -26.03 -4.22 -14.90
C GLN G 142 -25.34 -3.15 -15.73
N HIS G 143 -24.75 -2.14 -15.10
CA HIS G 143 -24.10 -1.03 -15.78
C HIS G 143 -22.73 -0.82 -15.15
N GLY G 144 -21.68 -0.96 -15.96
CA GLY G 144 -20.34 -0.87 -15.39
C GLY G 144 -19.17 -0.93 -16.36
N LYS G 145 -18.04 -1.40 -15.85
CA LYS G 145 -16.76 -1.36 -16.54
C LYS G 145 -16.17 -2.77 -16.54
N GLU G 146 -15.17 -3.00 -17.40
CA GLU G 146 -14.56 -4.31 -17.55
C GLU G 146 -13.06 -4.24 -17.30
N LEU G 147 -12.54 -5.28 -16.65
CA LEU G 147 -11.14 -5.37 -16.23
C LEU G 147 -10.68 -6.81 -16.43
N PRO G 148 -9.38 -7.03 -16.58
CA PRO G 148 -8.90 -8.38 -16.88
C PRO G 148 -8.96 -9.29 -15.67
N CYS G 149 -9.10 -10.59 -15.95
CA CYS G 149 -9.26 -11.62 -14.92
C CYS G 149 -9.05 -12.98 -15.58
N SER G 150 -9.09 -14.05 -14.78
CA SER G 150 -8.83 -15.40 -15.27
C SER G 150 -9.79 -16.42 -14.66
N THR G 151 -9.88 -17.58 -15.30
CA THR G 151 -10.85 -18.62 -14.91
C THR G 151 -10.36 -19.97 -15.40
N TYR G 152 -11.17 -20.99 -15.14
CA TYR G 152 -10.99 -22.36 -15.62
C TYR G 152 -11.90 -22.62 -16.82
N VAL G 153 -11.46 -23.51 -17.72
CA VAL G 153 -12.15 -23.79 -18.96
C VAL G 153 -12.73 -25.19 -18.92
N GLN G 154 -13.97 -25.33 -19.41
CA GLN G 154 -14.70 -26.60 -19.37
C GLN G 154 -14.38 -27.40 -20.64
N SER G 155 -13.18 -27.99 -20.66
CA SER G 155 -12.77 -28.81 -21.78
C SER G 155 -12.09 -30.06 -21.27
N THR G 156 -12.35 -31.19 -21.93
CA THR G 156 -11.81 -32.49 -21.54
C THR G 156 -10.67 -32.95 -22.46
N ALA G 157 -10.08 -32.04 -23.23
CA ALA G 157 -9.01 -32.40 -24.12
C ALA G 157 -7.73 -32.71 -23.34
N ALA G 158 -6.76 -33.31 -24.02
CA ALA G 158 -5.50 -33.68 -23.39
C ALA G 158 -4.69 -32.44 -23.04
N THR G 159 -3.98 -32.50 -21.91
CA THR G 159 -3.14 -31.41 -21.46
C THR G 159 -1.76 -31.91 -21.06
N ALA G 160 -0.93 -31.03 -20.50
CA ALA G 160 0.46 -31.34 -20.21
C ALA G 160 0.69 -31.79 -18.77
N GLU G 161 -0.34 -31.84 -17.94
CA GLU G 161 -0.23 -32.31 -16.56
C GLU G 161 -0.72 -33.75 -16.48
N GLU G 162 0.08 -34.61 -15.83
CA GLU G 162 -0.20 -36.03 -15.78
C GLU G 162 0.07 -36.57 -14.38
N ILE G 163 -0.55 -37.70 -14.07
CA ILE G 163 -0.28 -38.47 -12.86
C ILE G 163 -0.12 -39.94 -13.25
N GLU G 164 0.40 -40.73 -12.31
CA GLU G 164 0.88 -42.08 -12.60
C GLU G 164 0.06 -43.13 -11.86
N VAL G 165 0.15 -44.37 -12.34
CA VAL G 165 -0.54 -45.51 -11.74
C VAL G 165 0.45 -46.64 -11.55
N HIS G 166 0.18 -47.49 -10.54
CA HIS G 166 1.10 -48.55 -10.13
C HIS G 166 0.28 -49.79 -9.76
N MET G 167 0.99 -50.84 -9.32
CA MET G 167 0.36 -52.08 -8.88
C MET G 167 0.03 -52.01 -7.39
N PRO G 168 -1.15 -52.49 -6.99
CA PRO G 168 -1.59 -52.32 -5.61
C PRO G 168 -0.83 -53.23 -4.66
N PRO G 169 -0.82 -52.91 -3.37
CA PRO G 169 -0.28 -53.85 -2.37
C PRO G 169 -1.31 -54.89 -1.94
N ASP G 170 -0.96 -55.66 -0.91
CA ASP G 170 -1.83 -56.71 -0.41
C ASP G 170 -2.87 -56.16 0.56
N THR G 171 -3.99 -56.86 0.67
CA THR G 171 -5.08 -56.48 1.58
C THR G 171 -5.23 -57.54 2.67
N PRO G 172 -5.00 -57.21 3.94
CA PRO G 172 -5.23 -58.19 5.01
C PRO G 172 -6.66 -58.21 5.51
N ASP G 173 -7.25 -59.41 5.58
CA ASP G 173 -8.59 -59.59 6.13
C ASP G 173 -8.55 -60.63 7.24
N ARG G 174 -9.23 -60.32 8.36
CA ARG G 174 -9.33 -61.26 9.46
C ARG G 174 -10.44 -62.30 9.28
N THR G 175 -11.54 -61.93 8.62
CA THR G 175 -12.73 -62.79 8.58
C THR G 175 -12.45 -64.14 7.93
N LEU G 176 -11.43 -64.23 7.08
CA LEU G 176 -11.19 -65.47 6.33
C LEU G 176 -10.98 -66.66 7.26
N MET G 177 -10.20 -66.48 8.31
CA MET G 177 -9.93 -67.58 9.24
C MET G 177 -11.10 -67.81 10.18
N THR G 178 -11.27 -69.07 10.57
CA THR G 178 -12.31 -69.49 11.50
C THR G 178 -11.73 -70.49 12.48
N GLN G 179 -12.32 -70.56 13.67
CA GLN G 179 -11.85 -71.44 14.73
C GLN G 179 -12.70 -72.68 14.80
N GLN G 180 -12.04 -73.85 14.74
CA GLN G 180 -12.67 -75.15 14.93
C GLN G 180 -11.94 -75.87 16.07
N SER G 181 -12.29 -77.13 16.28
CA SER G 181 -11.73 -77.90 17.39
C SER G 181 -10.25 -78.13 17.13
N GLY G 182 -9.41 -77.38 17.84
CA GLY G 182 -7.97 -77.59 17.79
C GLY G 182 -7.34 -77.37 16.44
N ASN G 183 -8.06 -76.74 15.52
CA ASN G 183 -7.56 -76.52 14.17
C ASN G 183 -8.06 -75.20 13.64
N VAL G 184 -7.39 -74.70 12.61
CA VAL G 184 -7.73 -73.43 11.97
C VAL G 184 -8.05 -73.70 10.51
N LYS G 185 -9.13 -73.10 10.03
CA LYS G 185 -9.61 -73.32 8.66
C LYS G 185 -9.54 -72.00 7.88
N ILE G 186 -9.06 -72.09 6.65
CA ILE G 186 -8.91 -70.94 5.77
C ILE G 186 -9.92 -71.06 4.63
N THR G 187 -10.70 -70.01 4.41
CA THR G 187 -11.69 -69.97 3.35
C THR G 187 -11.16 -69.11 2.20
N VAL G 188 -11.26 -69.65 0.99
CA VAL G 188 -10.69 -68.99 -0.19
C VAL G 188 -11.69 -68.06 -0.84
N ASN G 189 -12.88 -68.57 -1.16
CA ASN G 189 -13.94 -67.80 -1.81
C ASN G 189 -13.48 -67.26 -3.16
N GLY G 190 -12.73 -68.08 -3.90
CA GLY G 190 -12.40 -67.77 -5.28
C GLY G 190 -11.20 -66.86 -5.50
N GLN G 191 -10.43 -66.54 -4.46
CA GLN G 191 -9.32 -65.60 -4.57
C GLN G 191 -8.05 -66.23 -4.03
N THR G 192 -6.92 -65.85 -4.64
CA THR G 192 -5.63 -66.33 -4.16
C THR G 192 -5.31 -65.72 -2.81
N VAL G 193 -4.76 -66.54 -1.91
CA VAL G 193 -4.55 -66.16 -0.52
C VAL G 193 -3.14 -66.55 -0.10
N ARG G 194 -2.48 -65.66 0.64
CA ARG G 194 -1.16 -65.92 1.22
C ARG G 194 -1.30 -65.98 2.75
N TYR G 195 -0.61 -66.94 3.36
CA TYR G 195 -0.81 -67.25 4.76
C TYR G 195 0.53 -67.55 5.42
N LYS G 196 0.58 -67.31 6.73
CA LYS G 196 1.76 -67.68 7.51
C LYS G 196 1.37 -67.73 8.98
N CYS G 197 1.75 -68.81 9.65
CA CYS G 197 1.43 -69.03 11.05
C CYS G 197 2.68 -69.41 11.82
N ASN G 198 2.72 -69.02 13.10
CA ASN G 198 3.89 -69.20 13.93
C ASN G 198 3.85 -70.48 14.76
N CYS G 199 2.73 -71.21 14.74
CA CYS G 199 2.60 -72.41 15.54
C CYS G 199 3.35 -73.57 14.90
N GLY G 200 4.06 -74.33 15.74
CA GLY G 200 4.75 -75.53 15.29
C GLY G 200 5.87 -75.28 14.31
N GLY G 201 6.72 -74.30 14.61
CA GLY G 201 7.82 -73.96 13.71
C GLY G 201 7.48 -72.82 12.78
N SER G 202 7.19 -73.14 11.52
CA SER G 202 6.79 -72.13 10.55
C SER G 202 6.09 -72.79 9.38
N ASN G 203 5.09 -72.12 8.84
CA ASN G 203 4.34 -72.58 7.67
C ASN G 203 4.06 -71.39 6.77
N GLU G 204 4.53 -71.45 5.52
CA GLU G 204 4.33 -70.38 4.56
C GLU G 204 3.97 -70.98 3.20
N GLY G 205 3.29 -70.18 2.40
CA GLY G 205 3.01 -70.55 1.03
C GLY G 205 1.79 -69.85 0.50
N LEU G 206 1.47 -70.16 -0.75
CA LEU G 206 0.28 -69.68 -1.42
C LEU G 206 -0.70 -70.82 -1.62
N THR G 207 -1.97 -70.47 -1.79
CA THR G 207 -3.01 -71.48 -1.93
C THR G 207 -4.15 -70.94 -2.78
N THR G 208 -4.89 -71.87 -3.38
CA THR G 208 -6.11 -71.54 -4.12
C THR G 208 -7.31 -72.36 -3.67
N THR G 209 -7.11 -73.41 -2.87
CA THR G 209 -8.18 -74.23 -2.34
C THR G 209 -8.11 -74.22 -0.81
N ASP G 210 -9.20 -74.66 -0.18
CA ASP G 210 -9.27 -74.68 1.27
C ASP G 210 -8.19 -75.59 1.84
N LYS G 211 -7.64 -75.19 2.98
CA LYS G 211 -6.54 -75.90 3.61
C LYS G 211 -6.72 -75.85 5.12
N VAL G 212 -6.20 -76.85 5.81
CA VAL G 212 -6.38 -77.01 7.24
C VAL G 212 -5.03 -77.14 7.92
N ILE G 213 -4.86 -76.43 9.03
CA ILE G 213 -3.63 -76.44 9.81
C ILE G 213 -3.95 -77.05 11.17
N ASN G 214 -3.12 -78.00 11.61
CA ASN G 214 -3.38 -78.77 12.81
C ASN G 214 -2.59 -78.24 14.00
N ASN G 215 -3.22 -78.35 15.18
CA ASN G 215 -2.60 -77.97 16.46
C ASN G 215 -2.19 -76.50 16.47
N CYS G 216 -3.19 -75.64 16.29
CA CYS G 216 -2.94 -74.20 16.25
C CYS G 216 -4.19 -73.46 16.70
N LYS G 217 -3.97 -72.28 17.28
CA LYS G 217 -5.06 -71.40 17.70
C LYS G 217 -5.42 -70.45 16.56
N ILE G 218 -6.55 -69.75 16.73
CA ILE G 218 -6.97 -68.76 15.74
C ILE G 218 -5.97 -67.61 15.68
N ASP G 219 -5.41 -67.23 16.82
CA ASP G 219 -4.32 -66.27 16.84
C ASP G 219 -3.06 -66.89 16.25
N GLN G 220 -1.99 -66.09 16.17
CA GLN G 220 -0.72 -66.51 15.60
C GLN G 220 -0.86 -66.93 14.14
N CYS G 221 -1.73 -66.24 13.39
CA CYS G 221 -1.89 -66.50 11.97
C CYS G 221 -2.22 -65.19 11.26
N HIS G 222 -1.82 -65.11 9.99
CA HIS G 222 -2.05 -63.92 9.16
C HIS G 222 -2.47 -64.35 7.77
N ALA G 223 -3.48 -63.68 7.23
CA ALA G 223 -4.00 -63.98 5.90
C ALA G 223 -4.13 -62.71 5.07
N ALA G 224 -3.82 -62.81 3.77
CA ALA G 224 -3.88 -61.68 2.86
C ALA G 224 -4.28 -62.15 1.48
N VAL G 225 -4.83 -61.23 0.70
CA VAL G 225 -5.16 -61.45 -0.71
C VAL G 225 -4.05 -60.83 -1.55
N THR G 226 -3.42 -61.64 -2.41
CA THR G 226 -2.09 -61.31 -2.92
C THR G 226 -1.98 -61.33 -4.44
N ASN G 227 -3.09 -61.29 -5.17
CA ASN G 227 -3.03 -61.31 -6.64
C ASN G 227 -4.05 -60.33 -7.19
N HIS G 228 -3.59 -59.38 -8.00
CA HIS G 228 -4.44 -58.34 -8.55
C HIS G 228 -4.21 -58.21 -10.05
N LYS G 229 -5.23 -57.71 -10.75
CA LYS G 229 -5.22 -57.61 -12.21
C LYS G 229 -5.44 -56.18 -12.70
N ASN G 230 -5.51 -55.19 -11.81
CA ASN G 230 -5.71 -53.81 -12.22
C ASN G 230 -4.76 -52.91 -11.44
N TRP G 231 -4.63 -51.66 -11.89
CA TRP G 231 -3.69 -50.71 -11.34
C TRP G 231 -4.41 -49.67 -10.48
N GLN G 232 -3.62 -48.89 -9.75
CA GLN G 232 -4.15 -47.96 -8.76
C GLN G 232 -3.20 -46.78 -8.61
N TYR G 233 -3.77 -45.60 -8.36
CA TYR G 233 -2.98 -44.40 -8.12
C TYR G 233 -2.22 -44.52 -6.79
N ASN G 234 -0.99 -43.99 -6.77
CA ASN G 234 -0.11 -44.15 -5.61
C ASN G 234 -0.28 -42.98 -4.65
N SER G 235 -1.39 -43.00 -3.94
CA SER G 235 -1.65 -41.96 -2.95
C SER G 235 -0.70 -42.10 -1.77
N PRO G 236 -0.36 -40.98 -1.11
CA PRO G 236 0.48 -41.06 0.10
C PRO G 236 -0.20 -41.72 1.29
N LEU G 237 -1.45 -42.16 1.16
CA LEU G 237 -2.16 -42.83 2.24
C LEU G 237 -2.21 -44.35 2.08
N VAL G 238 -1.45 -44.90 1.14
CA VAL G 238 -1.34 -46.36 0.98
C VAL G 238 0.13 -46.74 0.93
N PRO G 239 0.51 -47.91 1.43
CA PRO G 239 1.92 -48.30 1.44
C PRO G 239 2.38 -48.88 0.11
N ARG G 240 3.69 -48.81 -0.10
CA ARG G 240 4.29 -49.18 -1.37
C ARG G 240 4.32 -50.70 -1.54
N ASN G 241 4.31 -51.14 -2.80
CA ASN G 241 4.32 -52.57 -3.09
C ASN G 241 5.70 -53.18 -2.87
N ALA G 242 6.75 -52.47 -3.27
CA ALA G 242 8.12 -52.98 -3.15
C ALA G 242 9.06 -51.79 -3.05
N GLU G 243 10.35 -52.07 -2.87
CA GLU G 243 11.32 -51.01 -2.64
C GLU G 243 11.38 -50.04 -3.82
N LEU G 244 11.41 -50.56 -5.04
CA LEU G 244 11.43 -49.76 -6.25
C LEU G 244 10.13 -50.00 -7.01
N GLY G 245 9.29 -48.98 -7.11
CA GLY G 245 8.00 -49.15 -7.76
C GLY G 245 8.12 -49.27 -9.27
N ASP G 246 7.14 -49.93 -9.86
CA ASP G 246 7.04 -50.09 -11.30
C ASP G 246 5.83 -49.34 -11.84
N ARG G 247 6.00 -48.66 -12.98
CA ARG G 247 4.97 -47.83 -13.57
C ARG G 247 4.26 -48.58 -14.69
N LYS G 248 2.96 -48.32 -14.82
CA LYS G 248 2.14 -48.99 -15.82
C LYS G 248 1.40 -48.05 -16.76
N GLY G 249 1.29 -46.77 -16.44
CA GLY G 249 0.62 -45.84 -17.32
C GLY G 249 0.46 -44.49 -16.67
N LYS G 250 -0.23 -43.59 -17.37
CA LYS G 250 -0.42 -42.23 -16.90
C LYS G 250 -1.72 -41.66 -17.46
N ILE G 251 -2.35 -40.77 -16.69
CA ILE G 251 -3.59 -40.10 -17.06
C ILE G 251 -3.44 -38.61 -16.81
N HIS G 252 -4.28 -37.83 -17.49
CA HIS G 252 -4.13 -36.38 -17.57
C HIS G 252 -5.17 -35.65 -16.71
N ILE G 253 -4.92 -34.37 -16.49
CA ILE G 253 -5.72 -33.51 -15.63
C ILE G 253 -6.44 -32.50 -16.51
N PRO G 254 -7.77 -32.47 -16.51
CA PRO G 254 -8.51 -31.55 -17.38
C PRO G 254 -8.63 -30.15 -16.77
N PHE G 255 -9.38 -29.30 -17.47
CA PHE G 255 -9.73 -27.95 -17.04
C PHE G 255 -8.51 -27.04 -16.87
N PRO G 256 -7.88 -26.59 -17.94
CA PRO G 256 -6.73 -25.69 -17.83
C PRO G 256 -7.17 -24.23 -17.69
N LEU G 257 -6.17 -23.35 -17.56
CA LEU G 257 -6.38 -21.92 -17.34
C LEU G 257 -6.43 -21.14 -18.66
N ALA G 258 -6.92 -19.90 -18.58
CA ALA G 258 -7.01 -19.01 -19.73
C ALA G 258 -7.27 -17.60 -19.21
N ASN G 259 -7.30 -16.63 -20.12
CA ASN G 259 -7.61 -15.24 -19.79
C ASN G 259 -9.03 -14.88 -20.23
N VAL G 260 -9.75 -14.18 -19.36
CA VAL G 260 -11.08 -13.66 -19.65
C VAL G 260 -11.21 -12.26 -19.07
N THR G 261 -12.42 -11.69 -19.11
CA THR G 261 -12.68 -10.37 -18.56
C THR G 261 -13.84 -10.40 -17.57
N CYS G 262 -13.70 -9.63 -16.49
CA CYS G 262 -14.67 -9.56 -15.40
C CYS G 262 -15.23 -8.14 -15.31
N ARG G 263 -16.43 -8.03 -14.77
CA ARG G 263 -17.23 -6.81 -14.79
C ARG G 263 -17.37 -6.21 -13.39
N VAL G 264 -17.23 -4.88 -13.30
CA VAL G 264 -17.18 -4.18 -12.01
C VAL G 264 -18.10 -2.98 -12.09
N PRO G 265 -18.56 -2.48 -10.92
CA PRO G 265 -19.49 -1.34 -10.90
C PRO G 265 -18.82 0.03 -10.78
N LYS G 266 -19.65 1.08 -10.80
CA LYS G 266 -19.20 2.46 -10.63
C LYS G 266 -20.10 3.19 -9.64
N ALA G 267 -19.51 4.15 -8.91
CA ALA G 267 -20.21 4.87 -7.86
C ALA G 267 -20.95 6.08 -8.40
N ARG G 268 -21.79 6.66 -7.54
CA ARG G 268 -22.64 7.79 -7.90
C ARG G 268 -21.94 9.12 -7.62
N ASN G 269 -22.49 10.18 -8.22
CA ASN G 269 -21.85 11.49 -8.19
C ASN G 269 -21.95 12.11 -6.80
N PRO G 270 -20.93 12.88 -6.39
CA PRO G 270 -21.03 13.61 -5.13
C PRO G 270 -21.59 15.01 -5.29
N THR G 271 -21.72 15.74 -4.17
CA THR G 271 -22.19 17.12 -4.17
C THR G 271 -21.03 18.03 -3.80
N VAL G 272 -20.77 19.04 -4.64
CA VAL G 272 -19.59 19.87 -4.53
C VAL G 272 -20.00 21.33 -4.38
N THR G 273 -19.43 22.00 -3.39
CA THR G 273 -19.58 23.44 -3.20
C THR G 273 -18.21 24.08 -3.10
N TYR G 274 -18.13 25.36 -3.45
CA TYR G 274 -16.85 26.04 -3.56
C TYR G 274 -16.70 27.12 -2.49
N GLY G 275 -15.46 27.27 -2.04
CA GLY G 275 -15.07 28.35 -1.15
C GLY G 275 -13.72 28.88 -1.59
N LYS G 276 -13.24 29.90 -0.88
CA LYS G 276 -11.97 30.50 -1.27
C LYS G 276 -10.82 29.55 -0.95
N ASN G 277 -10.19 29.03 -2.01
CA ASN G 277 -9.06 28.11 -1.89
C ASN G 277 -9.43 26.85 -1.11
N GLN G 278 -10.64 26.34 -1.33
CA GLN G 278 -11.02 25.06 -0.73
C GLN G 278 -12.20 24.47 -1.48
N VAL G 279 -12.33 23.15 -1.38
CA VAL G 279 -13.42 22.37 -1.98
C VAL G 279 -14.03 21.49 -0.91
N THR G 280 -15.36 21.47 -0.83
CA THR G 280 -16.08 20.66 0.14
C THR G 280 -16.95 19.64 -0.59
N MET G 281 -16.88 18.39 -0.15
CA MET G 281 -17.56 17.29 -0.83
C MET G 281 -18.37 16.46 0.17
N LEU G 282 -19.50 15.96 -0.31
CA LEU G 282 -20.39 15.09 0.47
C LEU G 282 -20.54 13.77 -0.29
N LEU G 283 -20.37 12.66 0.42
CA LEU G 283 -20.26 11.34 -0.18
C LEU G 283 -21.41 10.43 0.26
N TYR G 284 -21.88 9.59 -0.66
CA TYR G 284 -23.01 8.69 -0.42
C TYR G 284 -22.59 7.28 -0.81
N PRO G 285 -21.88 6.58 0.06
CA PRO G 285 -21.40 5.25 -0.29
C PRO G 285 -22.45 4.16 -0.11
N ASP G 286 -22.31 3.10 -0.90
CA ASP G 286 -23.16 1.93 -0.85
C ASP G 286 -22.41 0.69 -0.41
N HIS G 287 -21.12 0.61 -0.72
CA HIS G 287 -20.22 -0.41 -0.21
C HIS G 287 -18.84 0.21 -0.09
N PRO G 288 -17.94 -0.37 0.70
CA PRO G 288 -16.62 0.24 0.92
C PRO G 288 -15.95 0.71 -0.37
N THR G 289 -15.44 1.94 -0.34
CA THR G 289 -14.85 2.59 -1.50
C THR G 289 -13.58 3.30 -1.06
N LEU G 290 -12.68 3.52 -2.02
CA LEU G 290 -11.37 4.12 -1.76
C LEU G 290 -11.32 5.54 -2.30
N LEU G 291 -10.73 6.44 -1.51
CA LEU G 291 -10.57 7.83 -1.87
C LEU G 291 -9.10 8.22 -1.73
N SER G 292 -8.55 8.89 -2.74
CA SER G 292 -7.16 9.32 -2.70
C SER G 292 -7.02 10.60 -3.52
N TYR G 293 -5.97 11.37 -3.20
CA TYR G 293 -5.71 12.62 -3.90
C TYR G 293 -4.24 12.97 -3.79
N ARG G 294 -3.78 13.82 -4.70
CA ARG G 294 -2.37 14.20 -4.78
C ARG G 294 -2.27 15.58 -5.41
N ASN G 295 -1.13 16.23 -5.16
CA ASN G 295 -0.83 17.51 -5.76
C ASN G 295 -0.03 17.34 -7.04
N MET G 296 -0.20 18.29 -7.96
CA MET G 296 0.66 18.37 -9.13
C MET G 296 1.81 19.32 -8.86
N GLY G 297 2.95 19.06 -9.49
CA GLY G 297 4.17 19.80 -9.23
C GLY G 297 5.25 18.91 -8.64
N GLN G 298 6.15 19.54 -7.89
CA GLN G 298 7.33 18.84 -7.37
C GLN G 298 6.98 17.93 -6.20
N GLU G 299 6.08 18.36 -5.32
CA GLU G 299 5.71 17.60 -4.13
C GLU G 299 4.29 17.06 -4.27
N PRO G 300 4.09 15.75 -4.32
CA PRO G 300 2.73 15.22 -4.53
C PRO G 300 1.86 15.18 -3.28
N ASN G 301 2.44 14.88 -2.12
CA ASN G 301 1.71 14.83 -0.84
C ASN G 301 0.52 13.87 -0.90
N TYR G 302 0.85 12.59 -1.03
CA TYR G 302 -0.15 11.55 -1.25
C TYR G 302 -0.85 11.17 0.06
N HIS G 303 -2.15 10.90 -0.05
CA HIS G 303 -2.97 10.43 1.07
C HIS G 303 -3.97 9.39 0.56
N GLU G 304 -4.52 8.61 1.49
CA GLU G 304 -5.42 7.52 1.14
C GLU G 304 -6.25 7.12 2.36
N GLU G 305 -7.53 6.82 2.14
CA GLU G 305 -8.39 6.33 3.21
C GLU G 305 -9.58 5.59 2.61
N TRP G 306 -10.19 4.75 3.45
CA TRP G 306 -11.40 4.01 3.10
C TRP G 306 -12.63 4.68 3.69
N VAL G 307 -13.74 4.61 2.96
CA VAL G 307 -14.99 5.23 3.35
C VAL G 307 -16.07 4.15 3.41
N THR G 308 -16.80 4.10 4.53
CA THR G 308 -17.86 3.13 4.71
C THR G 308 -19.21 3.75 5.10
N HIS G 309 -19.27 5.06 5.31
CA HIS G 309 -20.51 5.71 5.69
C HIS G 309 -20.53 7.12 5.13
N LYS G 310 -21.67 7.78 5.27
CA LYS G 310 -21.81 9.17 4.85
C LYS G 310 -20.82 10.05 5.59
N LYS G 311 -20.19 10.97 4.87
CA LYS G 311 -19.06 11.70 5.42
C LYS G 311 -18.92 13.02 4.67
N GLU G 312 -18.17 13.94 5.29
CA GLU G 312 -17.87 15.25 4.70
C GLU G 312 -16.38 15.54 4.84
N VAL G 313 -15.79 16.10 3.78
CA VAL G 313 -14.36 16.37 3.73
C VAL G 313 -14.13 17.80 3.23
N THR G 314 -12.98 18.34 3.61
CA THR G 314 -12.56 19.68 3.19
C THR G 314 -11.09 19.64 2.80
N LEU G 315 -10.76 20.16 1.62
CA LEU G 315 -9.41 20.10 1.08
C LEU G 315 -9.01 21.46 0.54
N THR G 316 -7.70 21.69 0.46
CA THR G 316 -7.16 22.95 -0.02
C THR G 316 -6.64 22.80 -1.45
N VAL G 317 -6.79 23.86 -2.23
CA VAL G 317 -6.42 23.89 -3.65
C VAL G 317 -5.15 24.71 -3.79
N PRO G 318 -4.00 24.10 -4.07
CA PRO G 318 -2.76 24.85 -4.25
C PRO G 318 -2.74 25.52 -5.62
N THR G 319 -1.65 26.25 -5.88
CA THR G 319 -1.53 26.99 -7.12
C THR G 319 -1.46 26.08 -8.33
N GLU G 320 -0.76 24.95 -8.22
CA GLU G 320 -0.56 24.07 -9.36
C GLU G 320 -1.75 23.16 -9.63
N GLY G 321 -2.66 23.00 -8.69
CA GLY G 321 -3.87 22.23 -8.90
C GLY G 321 -3.98 21.04 -7.97
N LEU G 322 -5.15 20.41 -8.05
CA LEU G 322 -5.48 19.25 -7.25
C LEU G 322 -6.10 18.18 -8.15
N GLU G 323 -5.88 16.91 -7.79
CA GLU G 323 -6.46 15.78 -8.50
C GLU G 323 -7.05 14.81 -7.51
N VAL G 324 -8.33 14.46 -7.72
CA VAL G 324 -9.08 13.62 -6.79
C VAL G 324 -9.70 12.47 -7.56
N THR G 325 -9.55 11.26 -7.03
CA THR G 325 -10.07 10.04 -7.66
C THR G 325 -10.98 9.34 -6.66
N TRP G 326 -12.19 8.99 -7.10
CA TRP G 326 -13.22 8.43 -6.22
C TRP G 326 -13.82 7.20 -6.89
N GLY G 327 -13.47 6.03 -6.36
CA GLY G 327 -13.97 4.78 -6.91
C GLY G 327 -13.31 4.44 -8.23
N ASN G 328 -14.09 3.83 -9.12
CA ASN G 328 -13.63 3.45 -10.45
C ASN G 328 -13.87 4.53 -11.50
N ASN G 329 -14.21 5.75 -11.08
CA ASN G 329 -14.49 6.83 -12.01
C ASN G 329 -13.20 7.52 -12.46
N GLU G 330 -13.35 8.49 -13.36
CA GLU G 330 -12.24 9.29 -13.85
C GLU G 330 -11.87 10.39 -12.86
N PRO G 331 -10.63 10.83 -12.84
CA PRO G 331 -10.20 11.86 -11.89
C PRO G 331 -10.76 13.24 -12.25
N TYR G 332 -10.86 14.08 -11.23
CA TYR G 332 -11.26 15.47 -11.37
C TYR G 332 -10.03 16.37 -11.21
N LYS G 333 -10.11 17.57 -11.81
CA LYS G 333 -9.02 18.52 -11.76
C LYS G 333 -9.57 19.92 -11.43
N TYR G 334 -8.88 20.63 -10.54
CA TYR G 334 -9.32 21.92 -10.05
C TYR G 334 -8.17 22.91 -10.05
N TRP G 335 -8.48 24.17 -10.32
CA TRP G 335 -7.51 25.26 -10.33
C TRP G 335 -8.12 26.48 -9.64
N PRO G 336 -7.28 27.31 -9.03
CA PRO G 336 -7.79 28.53 -8.36
C PRO G 336 -7.90 29.71 -9.32
N GLN G 337 -8.61 30.74 -8.85
CA GLN G 337 -8.92 31.91 -9.66
C GLN G 337 -8.82 33.15 -8.80
N MET G 338 -8.60 34.29 -9.45
CA MET G 338 -8.50 35.57 -8.76
C MET G 338 -9.87 36.04 -8.27
N SER G 339 -9.90 36.57 -7.05
CA SER G 339 -11.10 37.21 -6.52
C SER G 339 -10.74 38.02 -5.29
N THR G 340 -11.36 39.18 -5.14
CA THR G 340 -11.05 40.10 -4.06
C THR G 340 -12.27 40.94 -3.75
N ASN G 341 -12.29 41.52 -2.54
CA ASN G 341 -13.37 42.41 -2.12
C ASN G 341 -12.97 43.87 -2.12
N GLY G 342 -11.69 44.19 -2.36
CA GLY G 342 -11.25 45.56 -2.47
C GLY G 342 -11.37 46.08 -3.88
N THR G 343 -10.77 47.25 -4.10
CA THR G 343 -10.77 47.85 -5.42
C THR G 343 -9.47 48.62 -5.61
N ALA G 344 -8.92 48.54 -6.83
CA ALA G 344 -7.65 49.18 -7.14
C ALA G 344 -7.81 50.65 -7.53
N HIS G 345 -9.04 51.15 -7.57
CA HIS G 345 -9.31 52.56 -7.83
C HIS G 345 -10.18 53.10 -6.71
N GLY G 346 -9.86 54.31 -6.24
CA GLY G 346 -10.55 54.90 -5.11
C GLY G 346 -9.60 55.30 -4.00
N HIS G 347 -10.11 55.24 -2.77
CA HIS G 347 -9.39 55.80 -1.64
C HIS G 347 -8.19 54.94 -1.28
N PRO G 348 -7.16 55.55 -0.65
CA PRO G 348 -5.90 54.81 -0.41
C PRO G 348 -6.06 53.54 0.41
N HIS G 349 -6.95 53.53 1.41
CA HIS G 349 -7.03 52.35 2.27
C HIS G 349 -7.68 51.16 1.58
N GLU G 350 -8.45 51.38 0.51
CA GLU G 350 -9.02 50.26 -0.23
C GLU G 350 -8.00 49.59 -1.14
N ILE G 351 -6.98 50.32 -1.59
CA ILE G 351 -6.00 49.75 -2.50
C ILE G 351 -5.14 48.71 -1.81
N ILE G 352 -4.76 48.97 -0.56
CA ILE G 352 -3.90 48.03 0.17
C ILE G 352 -4.65 46.73 0.41
N LEU G 353 -5.96 46.80 0.68
CA LEU G 353 -6.75 45.59 0.87
C LEU G 353 -6.76 44.74 -0.40
N TYR G 354 -6.82 45.38 -1.56
CA TYR G 354 -6.87 44.65 -2.83
C TYR G 354 -5.63 43.80 -3.02
N TYR G 355 -4.45 44.41 -2.92
CA TYR G 355 -3.21 43.68 -3.15
C TYR G 355 -2.90 42.69 -2.05
N TYR G 356 -3.43 42.91 -0.85
CA TYR G 356 -3.12 42.04 0.28
C TYR G 356 -3.66 40.63 0.08
N GLU G 357 -4.88 40.52 -0.44
CA GLU G 357 -5.53 39.22 -0.55
C GLU G 357 -4.99 38.36 -1.67
N LEU G 358 -4.23 38.93 -2.60
CA LEU G 358 -3.61 38.15 -3.68
C LEU G 358 -2.17 37.77 -3.39
N TYR G 359 -1.40 38.66 -2.76
CA TYR G 359 0.01 38.43 -2.46
C TYR G 359 0.27 38.84 -1.02
N PRO G 360 -0.06 37.96 -0.06
CA PRO G 360 0.01 38.35 1.36
C PRO G 360 1.40 38.72 1.85
N THR G 361 2.35 37.78 1.74
CA THR G 361 3.65 37.96 2.38
C THR G 361 4.42 39.12 1.79
N MET G 362 4.38 39.29 0.47
CA MET G 362 5.20 40.31 -0.17
C MET G 362 4.74 41.72 0.20
N THR G 363 3.43 41.93 0.32
CA THR G 363 2.91 43.26 0.62
C THR G 363 3.39 43.76 1.97
N VAL G 364 3.44 42.88 2.97
CA VAL G 364 3.85 43.30 4.31
C VAL G 364 5.30 43.77 4.31
N VAL G 365 6.18 43.05 3.62
CA VAL G 365 7.59 43.40 3.62
C VAL G 365 7.83 44.75 2.97
N ILE G 366 7.19 45.00 1.82
CA ILE G 366 7.47 46.22 1.07
C ILE G 366 7.01 47.45 1.84
N VAL G 367 5.81 47.39 2.43
CA VAL G 367 5.28 48.55 3.13
C VAL G 367 6.07 48.83 4.41
N SER G 368 6.46 47.77 5.12
CA SER G 368 7.20 47.94 6.36
C SER G 368 8.58 48.54 6.12
N VAL G 369 9.31 48.02 5.14
CA VAL G 369 10.66 48.52 4.88
C VAL G 369 10.62 49.96 4.38
N ALA G 370 9.68 50.26 3.47
CA ALA G 370 9.62 51.61 2.90
C ALA G 370 9.27 52.65 3.96
N SER G 371 8.44 52.30 4.93
CA SER G 371 8.06 53.26 5.97
C SER G 371 9.27 53.66 6.81
N PHE G 372 10.11 52.69 7.16
CA PHE G 372 11.27 52.96 8.00
C PHE G 372 12.23 53.93 7.31
N VAL G 373 12.50 53.70 6.03
CA VAL G 373 13.49 54.52 5.33
C VAL G 373 13.00 55.96 5.17
N LEU G 374 11.70 56.13 4.88
CA LEU G 374 11.16 57.48 4.72
C LEU G 374 11.27 58.28 6.01
N LEU G 375 10.99 57.63 7.15
CA LEU G 375 11.06 58.34 8.43
C LEU G 375 12.50 58.74 8.76
N SER G 376 13.47 57.89 8.42
CA SER G 376 14.86 58.24 8.68
C SER G 376 15.29 59.46 7.86
N MET G 377 14.84 59.55 6.60
CA MET G 377 15.21 60.70 5.77
C MET G 377 14.63 62.00 6.29
N VAL G 378 13.37 62.00 6.75
CA VAL G 378 12.79 63.24 7.27
C VAL G 378 13.50 63.67 8.55
N GLY G 379 13.91 62.71 9.38
CA GLY G 379 14.64 63.04 10.59
C GLY G 379 15.96 63.72 10.30
N THR G 380 16.63 63.32 9.22
CA THR G 380 17.91 63.92 8.88
C THR G 380 17.75 65.40 8.54
N ALA G 381 16.66 65.76 7.86
CA ALA G 381 16.44 67.16 7.49
C ALA G 381 16.33 68.06 8.70
N VAL G 382 15.61 67.64 9.74
CA VAL G 382 15.55 68.45 10.96
C VAL G 382 16.90 68.47 11.65
N GLY G 383 17.62 67.33 11.64
CA GLY G 383 18.92 67.27 12.31
C GLY G 383 19.92 68.26 11.74
N MET G 384 19.92 68.45 10.43
CA MET G 384 20.86 69.38 9.82
C MET G 384 20.52 70.82 10.15
N CYS G 385 19.24 71.13 10.38
CA CYS G 385 18.86 72.51 10.65
C CYS G 385 19.38 72.99 12.00
N VAL G 386 19.38 72.11 13.01
CA VAL G 386 19.88 72.49 14.33
C VAL G 386 21.39 72.63 14.31
N CYS G 387 22.10 71.84 13.48
CA CYS G 387 23.55 71.97 13.39
C CYS G 387 23.95 73.31 12.79
N ALA G 388 23.24 73.75 11.75
CA ALA G 388 23.60 75.00 11.09
C ALA G 388 23.34 76.21 11.99
N ARG G 389 22.26 76.16 12.78
CA ARG G 389 21.94 77.30 13.64
C ARG G 389 23.01 77.56 14.69
N ARG G 390 23.52 76.49 15.30
CA ARG G 390 24.53 76.65 16.34
C ARG G 390 25.78 77.35 15.82
N ARG G 391 26.26 76.93 14.65
CA ARG G 391 27.48 77.51 14.09
C ARG G 391 27.29 78.97 13.71
N CYS G 392 26.06 79.35 13.34
CA CYS G 392 25.80 80.69 12.82
C CYS G 392 25.90 81.75 13.91
N ILE G 393 25.48 81.43 15.12
CA ILE G 393 25.32 82.42 16.18
C ILE G 393 26.49 82.47 17.15
N THR G 394 27.26 81.38 17.30
CA THR G 394 28.27 81.30 18.35
C THR G 394 29.31 82.42 18.28
N PRO G 395 29.91 82.74 17.12
CA PRO G 395 30.85 83.88 17.10
C PRO G 395 30.27 85.20 17.58
N TYR G 396 28.96 85.41 17.42
CA TYR G 396 28.35 86.64 17.92
C TYR G 396 28.22 86.68 19.44
N GLU G 397 28.57 85.62 20.14
CA GLU G 397 28.42 85.57 21.59
C GLU G 397 29.72 85.69 22.37
N LEU G 398 30.84 85.19 21.85
CA LEU G 398 32.08 85.23 22.62
C LEU G 398 32.73 86.60 22.64
N THR G 399 32.31 87.51 21.77
CA THR G 399 32.84 88.87 21.78
C THR G 399 32.21 89.68 22.91
N PRO G 400 33.01 90.31 23.76
CA PRO G 400 32.45 91.10 24.87
C PRO G 400 31.76 92.37 24.41
N GLY G 401 30.57 92.61 24.98
CA GLY G 401 29.79 93.81 24.77
C GLY G 401 29.05 93.95 23.46
N ALA G 402 29.00 92.90 22.64
CA ALA G 402 28.32 92.95 21.36
C ALA G 402 26.85 92.57 21.50
N THR G 403 26.06 92.99 20.51
CA THR G 403 24.63 92.71 20.47
C THR G 403 24.31 92.11 19.12
N VAL G 404 23.56 91.01 19.13
CA VAL G 404 23.22 90.28 17.91
C VAL G 404 22.31 91.13 17.04
N PRO G 405 22.52 91.15 15.72
CA PRO G 405 21.68 91.99 14.86
C PRO G 405 20.21 91.60 14.92
N PHE G 406 19.35 92.61 14.70
CA PHE G 406 17.93 92.45 14.93
C PHE G 406 17.33 91.38 14.03
N LEU G 407 17.68 91.39 12.74
CA LEU G 407 17.08 90.46 11.80
C LEU G 407 17.38 89.02 12.17
N LEU G 408 18.65 88.74 12.49
CA LEU G 408 19.02 87.38 12.85
C LEU G 408 18.54 87.02 14.25
N SER G 409 18.41 88.01 15.14
CA SER G 409 18.00 87.72 16.51
C SER G 409 16.62 87.09 16.55
N LEU G 410 15.72 87.54 15.67
CA LEU G 410 14.32 87.13 15.72
C LEU G 410 13.94 86.06 14.70
N LEU G 411 14.41 86.18 13.45
CA LEU G 411 13.88 85.36 12.36
C LEU G 411 14.77 84.17 12.01
N CYS G 412 15.99 84.44 11.55
CA CYS G 412 16.89 83.41 11.05
C CYS G 412 18.13 83.37 11.91
N CYS G 413 18.62 82.16 12.21
CA CYS G 413 19.65 81.97 13.23
C CYS G 413 19.16 82.55 14.57
N VAL G 414 17.95 82.16 14.96
CA VAL G 414 17.31 82.70 16.16
C VAL G 414 18.16 82.51 17.41
N ASN H 1 11.82 -22.31 -66.52
CA ASN H 1 11.39 -22.95 -67.75
C ASN H 1 11.41 -21.93 -68.90
N PHE H 2 11.30 -22.43 -70.13
CA PHE H 2 11.37 -21.59 -71.33
C PHE H 2 10.00 -21.21 -71.86
N ASN H 3 8.93 -21.44 -71.09
CA ASN H 3 7.58 -21.19 -71.60
C ASN H 3 7.29 -19.71 -71.75
N VAL H 4 7.97 -18.84 -71.01
CA VAL H 4 7.65 -17.42 -71.06
C VAL H 4 8.07 -16.76 -72.35
N TYR H 5 8.88 -17.41 -73.18
CA TYR H 5 9.43 -16.81 -74.40
C TYR H 5 8.63 -17.14 -75.65
N LYS H 6 7.39 -17.61 -75.53
CA LYS H 6 6.75 -18.26 -76.66
C LYS H 6 6.32 -17.27 -77.74
N ALA H 7 5.82 -16.10 -77.36
CA ALA H 7 5.27 -15.15 -78.32
C ALA H 7 6.15 -13.93 -78.55
N THR H 8 7.42 -13.97 -78.16
CA THR H 8 8.30 -12.82 -78.24
C THR H 8 9.14 -12.84 -79.52
N ARG H 9 9.85 -11.74 -79.76
CA ARG H 9 10.64 -11.57 -80.97
C ARG H 9 11.88 -10.73 -80.67
N PRO H 10 12.95 -10.91 -81.44
CA PRO H 10 14.12 -10.03 -81.33
C PRO H 10 13.90 -8.72 -82.10
N TYR H 11 14.91 -7.85 -82.07
CA TYR H 11 14.79 -6.53 -82.66
C TYR H 11 16.18 -5.96 -82.95
N LEU H 12 16.20 -4.79 -83.59
CA LEU H 12 17.39 -4.06 -83.98
C LEU H 12 17.48 -2.75 -83.20
N ALA H 13 18.71 -2.21 -83.14
CA ALA H 13 18.97 -0.97 -82.40
C ALA H 13 20.27 -0.35 -82.91
N HIS H 14 20.67 0.73 -82.26
CA HIS H 14 21.80 1.56 -82.67
C HIS H 14 23.06 1.19 -81.89
N CYS H 15 24.23 1.27 -82.55
CA CYS H 15 25.51 1.02 -81.91
C CYS H 15 26.49 2.13 -82.27
N PRO H 16 27.20 2.70 -81.30
CA PRO H 16 28.09 3.83 -81.59
C PRO H 16 29.37 3.46 -82.32
N ASP H 17 29.77 2.20 -82.35
CA ASP H 17 31.02 1.78 -83.00
C ASP H 17 30.78 0.44 -83.66
N CYS H 18 30.91 0.40 -84.99
CA CYS H 18 30.57 -0.78 -85.76
C CYS H 18 31.77 -1.66 -86.09
N GLY H 19 32.96 -1.26 -85.67
CA GLY H 19 34.18 -2.04 -85.86
C GLY H 19 35.26 -1.32 -86.64
N GLU H 20 34.92 -0.31 -87.43
CA GLU H 20 35.90 0.45 -88.19
C GLU H 20 35.98 1.92 -87.80
N GLY H 21 35.18 2.37 -86.84
CA GLY H 21 35.11 3.77 -86.48
C GLY H 21 33.90 4.51 -87.03
N HIS H 22 32.82 3.80 -87.36
CA HIS H 22 31.60 4.41 -87.86
C HIS H 22 30.41 3.75 -87.19
N SER H 23 29.27 4.43 -87.22
CA SER H 23 28.05 3.93 -86.62
C SER H 23 27.24 3.11 -87.62
N CYS H 24 26.33 2.30 -87.08
CA CYS H 24 25.50 1.40 -87.88
C CYS H 24 24.30 1.01 -87.05
N HIS H 25 23.36 0.33 -87.69
CA HIS H 25 22.26 -0.32 -87.00
C HIS H 25 22.54 -1.81 -86.97
N SER H 26 22.58 -2.41 -85.77
CA SER H 26 23.11 -3.75 -85.65
C SER H 26 22.09 -4.69 -85.03
N PRO H 27 22.07 -5.96 -85.46
CA PRO H 27 21.18 -6.94 -84.83
C PRO H 27 21.61 -7.37 -83.44
N ILE H 28 22.80 -6.97 -82.99
CA ILE H 28 23.25 -7.20 -81.61
C ILE H 28 23.67 -5.86 -81.02
N ALA H 29 23.13 -5.54 -79.86
CA ALA H 29 23.39 -4.27 -79.19
C ALA H 29 23.45 -4.50 -77.69
N LEU H 30 24.08 -3.56 -76.98
CA LEU H 30 24.35 -3.71 -75.57
C LEU H 30 23.41 -2.87 -74.73
N GLU H 31 22.88 -3.48 -73.68
CA GLU H 31 22.18 -2.81 -72.59
C GLU H 31 23.14 -2.71 -71.40
N ARG H 32 22.60 -2.34 -70.24
CA ARG H 32 23.44 -2.07 -69.08
C ARG H 32 24.23 -3.32 -68.67
N ILE H 33 25.36 -3.07 -68.00
CA ILE H 33 26.23 -4.12 -67.48
C ILE H 33 26.24 -4.03 -65.96
N ARG H 34 26.03 -5.16 -65.29
CA ARG H 34 25.96 -5.22 -63.84
C ARG H 34 27.21 -5.89 -63.28
N ASN H 35 27.75 -5.33 -62.21
CA ASN H 35 28.98 -5.79 -61.60
C ASN H 35 28.88 -5.76 -60.07
N GLU H 36 27.81 -6.34 -59.55
CA GLU H 36 27.53 -6.25 -58.11
C GLU H 36 28.28 -7.29 -57.28
N ALA H 37 28.85 -8.32 -57.89
CA ALA H 37 29.48 -9.38 -57.14
C ALA H 37 30.88 -8.97 -56.68
N THR H 38 31.30 -9.52 -55.55
CA THR H 38 32.61 -9.20 -54.98
C THR H 38 33.74 -10.01 -55.60
N ASP H 39 33.44 -11.06 -56.35
CA ASP H 39 34.49 -11.88 -56.97
C ASP H 39 34.76 -11.52 -58.42
N GLY H 40 34.04 -10.56 -58.99
CA GLY H 40 34.35 -10.08 -60.32
C GLY H 40 33.68 -10.82 -61.45
N THR H 41 32.38 -11.09 -61.33
CA THR H 41 31.61 -11.72 -62.38
C THR H 41 30.64 -10.72 -62.97
N LEU H 42 30.49 -10.73 -64.29
CA LEU H 42 29.69 -9.76 -65.01
C LEU H 42 28.41 -10.38 -65.55
N LYS H 43 27.38 -9.55 -65.67
CA LYS H 43 26.08 -9.97 -66.21
C LYS H 43 25.67 -8.99 -67.30
N ILE H 44 25.42 -9.50 -68.50
CA ILE H 44 25.24 -8.68 -69.70
C ILE H 44 23.86 -8.94 -70.29
N GLN H 45 23.33 -7.92 -70.98
CA GLN H 45 22.02 -7.99 -71.62
C GLN H 45 22.17 -7.63 -73.09
N VAL H 46 21.63 -8.47 -73.97
CA VAL H 46 21.73 -8.27 -75.42
C VAL H 46 20.34 -8.29 -76.03
N SER H 47 20.28 -8.26 -77.36
CA SER H 47 19.01 -8.12 -78.07
C SER H 47 18.55 -9.37 -78.81
N LEU H 48 19.36 -10.42 -78.87
CA LEU H 48 18.95 -11.67 -79.46
C LEU H 48 18.56 -12.68 -78.37
N GLN H 49 18.06 -13.83 -78.81
CA GLN H 49 17.58 -14.87 -77.90
C GLN H 49 18.36 -16.15 -78.15
N ILE H 50 18.83 -16.78 -77.08
CA ILE H 50 19.73 -17.93 -77.15
C ILE H 50 19.01 -19.14 -76.59
N GLY H 51 19.02 -20.25 -77.34
CA GLY H 51 18.46 -21.51 -76.89
C GLY H 51 17.11 -21.88 -77.46
N ILE H 52 16.51 -21.03 -78.29
CA ILE H 52 15.17 -21.27 -78.81
C ILE H 52 15.19 -21.12 -80.32
N LYS H 53 14.56 -22.07 -81.01
CA LYS H 53 14.44 -22.03 -82.46
C LYS H 53 13.24 -21.15 -82.85
N THR H 54 12.90 -21.15 -84.14
CA THR H 54 11.82 -20.31 -84.64
C THR H 54 10.44 -20.92 -84.42
N ASP H 55 10.35 -22.20 -84.09
CA ASP H 55 9.07 -22.85 -83.84
C ASP H 55 8.81 -23.08 -82.36
N ASP H 56 9.53 -22.36 -81.48
CA ASP H 56 9.35 -22.43 -80.03
C ASP H 56 9.79 -23.77 -79.44
N SER H 57 10.78 -24.41 -80.04
CA SER H 57 11.35 -25.64 -79.50
C SER H 57 12.67 -25.33 -78.82
N HIS H 58 12.94 -26.02 -77.71
CA HIS H 58 14.18 -25.85 -76.97
C HIS H 58 15.31 -26.58 -77.69
N ASP H 59 16.46 -25.92 -77.81
CA ASP H 59 17.64 -26.53 -78.43
C ASP H 59 18.87 -25.77 -77.94
N TRP H 60 19.82 -26.50 -77.34
CA TRP H 60 21.00 -25.87 -76.77
C TRP H 60 21.97 -25.34 -77.81
N THR H 61 21.86 -25.76 -79.07
CA THR H 61 22.86 -25.45 -80.08
C THR H 61 22.42 -24.41 -81.09
N LYS H 62 21.32 -23.70 -80.85
CA LYS H 62 20.82 -22.71 -81.79
C LYS H 62 20.49 -21.41 -81.10
N LEU H 63 20.54 -20.32 -81.87
CA LEU H 63 20.04 -19.02 -81.45
C LEU H 63 19.31 -18.38 -82.62
N ARG H 64 18.36 -17.49 -82.30
CA ARG H 64 17.60 -16.81 -83.33
C ARG H 64 17.77 -15.30 -83.22
N TYR H 65 17.76 -14.63 -84.37
CA TYR H 65 17.96 -13.20 -84.47
C TYR H 65 17.00 -12.66 -85.52
N MET H 66 16.95 -11.34 -85.64
CA MET H 66 16.00 -10.68 -86.53
C MET H 66 16.70 -10.21 -87.79
N ASP H 67 16.25 -10.70 -88.93
CA ASP H 67 16.65 -10.21 -90.24
C ASP H 67 15.64 -9.14 -90.67
N SER H 68 15.68 -8.72 -91.93
CA SER H 68 14.73 -7.72 -92.41
C SER H 68 13.35 -8.33 -92.50
N HIS H 69 12.45 -7.92 -91.59
CA HIS H 69 11.04 -8.30 -91.53
C HIS H 69 10.82 -9.77 -91.18
N THR H 70 11.85 -10.51 -90.77
CA THR H 70 11.66 -11.93 -90.51
C THR H 70 12.82 -12.47 -89.68
N PRO H 71 12.56 -13.34 -88.71
CA PRO H 71 13.64 -13.95 -87.94
C PRO H 71 14.28 -15.13 -88.68
N ALA H 72 15.42 -15.57 -88.15
CA ALA H 72 16.18 -16.66 -88.75
C ALA H 72 17.03 -17.32 -87.66
N ASP H 73 17.67 -18.42 -88.02
CA ASP H 73 18.43 -19.25 -87.10
C ASP H 73 19.93 -19.16 -87.37
N ALA H 74 20.71 -19.47 -86.35
CA ALA H 74 22.17 -19.43 -86.43
C ALA H 74 22.76 -20.33 -85.35
N GLU H 75 24.06 -20.56 -85.43
CA GLU H 75 24.73 -21.54 -84.57
C GLU H 75 25.38 -20.87 -83.38
N ARG H 76 25.49 -21.62 -82.28
CA ARG H 76 26.04 -21.10 -81.04
C ARG H 76 27.56 -21.06 -81.02
N ALA H 77 28.23 -21.80 -81.91
CA ALA H 77 29.68 -21.87 -81.89
C ALA H 77 30.36 -20.55 -82.22
N GLY H 78 29.64 -19.57 -82.76
CA GLY H 78 30.22 -18.31 -83.16
C GLY H 78 30.21 -17.18 -82.16
N LEU H 79 29.65 -17.39 -80.97
CA LEU H 79 29.52 -16.31 -80.00
C LEU H 79 30.82 -16.10 -79.26
N LEU H 80 31.20 -14.83 -79.07
CA LEU H 80 32.44 -14.51 -78.38
C LEU H 80 32.28 -13.20 -77.61
N VAL H 81 32.99 -13.11 -76.49
CA VAL H 81 33.06 -11.92 -75.66
C VAL H 81 34.51 -11.66 -75.30
N ARG H 82 34.95 -10.41 -75.40
CA ARG H 82 36.33 -10.08 -75.06
C ARG H 82 36.44 -8.63 -74.61
N THR H 83 37.35 -8.40 -73.65
CA THR H 83 37.67 -7.07 -73.13
C THR H 83 39.20 -7.04 -73.03
N SER H 84 39.86 -6.54 -74.08
CA SER H 84 41.28 -6.76 -74.30
C SER H 84 41.50 -8.24 -74.60
N ALA H 85 41.94 -9.00 -73.60
CA ALA H 85 42.07 -10.44 -73.75
C ALA H 85 40.70 -11.12 -73.72
N PRO H 86 40.60 -12.31 -74.30
CA PRO H 86 39.31 -13.00 -74.35
C PRO H 86 38.80 -13.40 -72.97
N CYS H 87 37.48 -13.49 -72.84
CA CYS H 87 36.82 -13.90 -71.61
C CYS H 87 36.46 -15.38 -71.68
N THR H 88 35.76 -15.86 -70.65
CA THR H 88 35.29 -17.22 -70.57
C THR H 88 33.80 -17.23 -70.26
N ILE H 89 33.03 -17.98 -71.03
CA ILE H 89 31.58 -17.99 -70.91
C ILE H 89 31.16 -19.13 -69.99
N THR H 90 30.28 -18.83 -69.03
CA THR H 90 29.87 -19.80 -68.02
C THR H 90 28.40 -20.19 -68.10
N GLY H 91 27.53 -19.32 -68.61
CA GLY H 91 26.12 -19.65 -68.71
C GLY H 91 25.32 -18.69 -69.55
N THR H 92 24.26 -19.19 -70.20
CA THR H 92 23.46 -18.38 -71.12
C THR H 92 22.00 -18.80 -71.01
N MET H 93 21.11 -17.83 -71.13
CA MET H 93 19.67 -18.09 -71.19
C MET H 93 18.97 -16.86 -71.74
N GLY H 94 18.34 -17.00 -72.90
CA GLY H 94 17.54 -15.91 -73.43
C GLY H 94 18.38 -14.69 -73.75
N HIS H 95 18.08 -13.60 -73.05
CA HIS H 95 18.67 -12.29 -73.30
C HIS H 95 19.99 -12.06 -72.54
N PHE H 96 20.48 -13.04 -71.78
CA PHE H 96 21.52 -12.76 -70.80
C PHE H 96 22.72 -13.68 -70.98
N ILE H 97 23.90 -13.18 -70.57
CA ILE H 97 25.17 -13.89 -70.64
C ILE H 97 25.92 -13.66 -69.34
N LEU H 98 26.61 -14.69 -68.87
CA LEU H 98 27.44 -14.62 -67.66
C LEU H 98 28.87 -14.99 -68.02
N ALA H 99 29.83 -14.18 -67.59
CA ALA H 99 31.21 -14.38 -68.01
C ALA H 99 32.19 -13.91 -66.94
N ARG H 100 33.44 -14.37 -67.08
CA ARG H 100 34.58 -13.89 -66.33
C ARG H 100 35.63 -13.39 -67.31
N CYS H 101 36.26 -12.26 -67.01
CA CYS H 101 37.10 -11.60 -68.00
C CYS H 101 38.21 -10.81 -67.34
N PRO H 102 39.37 -10.65 -68.00
CA PRO H 102 40.47 -9.85 -67.44
C PRO H 102 40.15 -8.37 -67.31
N LYS H 103 41.14 -7.61 -66.84
CA LYS H 103 41.01 -6.17 -66.68
C LYS H 103 41.25 -5.45 -68.01
N GLY H 104 40.61 -4.30 -68.16
CA GLY H 104 40.66 -3.58 -69.41
C GLY H 104 39.84 -2.32 -69.35
N GLU H 105 39.58 -1.73 -70.52
CA GLU H 105 38.87 -0.46 -70.61
C GLU H 105 37.78 -0.46 -71.70
N THR H 106 37.51 -1.61 -72.31
CA THR H 106 36.47 -1.71 -73.34
C THR H 106 35.69 -3.00 -73.14
N LEU H 107 34.66 -3.19 -73.97
CA LEU H 107 33.91 -4.45 -74.01
C LEU H 107 33.29 -4.63 -75.38
N THR H 108 33.52 -5.80 -75.99
CA THR H 108 33.02 -6.10 -77.32
C THR H 108 32.34 -7.46 -77.34
N VAL H 109 31.33 -7.60 -78.20
CA VAL H 109 30.60 -8.85 -78.41
C VAL H 109 30.43 -9.06 -79.91
N GLY H 110 30.14 -10.29 -80.30
CA GLY H 110 29.95 -10.58 -81.71
C GLY H 110 29.45 -11.98 -81.95
N PHE H 111 29.07 -12.25 -83.20
CA PHE H 111 28.60 -13.55 -83.64
C PHE H 111 28.69 -13.61 -85.16
N THR H 112 28.42 -14.80 -85.70
CA THR H 112 28.50 -15.03 -87.14
C THR H 112 27.12 -15.35 -87.70
N ASP H 113 26.84 -14.85 -88.89
CA ASP H 113 25.50 -14.84 -89.46
C ASP H 113 25.24 -16.15 -90.20
N SER H 114 24.12 -16.20 -90.93
CA SER H 114 23.73 -17.36 -91.73
C SER H 114 24.31 -17.33 -93.14
N ARG H 115 24.94 -16.23 -93.55
CA ARG H 115 25.57 -16.11 -94.86
C ARG H 115 27.06 -15.85 -94.74
N LYS H 116 27.67 -16.27 -93.62
CA LYS H 116 29.10 -16.13 -93.37
C LYS H 116 29.51 -14.65 -93.29
N ILE H 117 28.83 -13.92 -92.40
CA ILE H 117 29.11 -12.52 -92.12
C ILE H 117 29.20 -12.32 -90.62
N SER H 118 30.20 -11.56 -90.18
CA SER H 118 30.43 -11.30 -88.76
C SER H 118 29.89 -9.92 -88.37
N HIS H 119 29.59 -9.77 -87.09
CA HIS H 119 29.06 -8.54 -86.54
C HIS H 119 29.73 -8.26 -85.20
N THR H 120 29.76 -6.97 -84.81
CA THR H 120 30.43 -6.56 -83.59
C THR H 120 29.83 -5.24 -83.11
N CYS H 121 30.03 -4.94 -81.83
CA CYS H 121 29.65 -3.67 -81.23
C CYS H 121 30.50 -3.45 -79.99
N THR H 122 30.81 -2.18 -79.70
CA THR H 122 31.77 -1.82 -78.67
C THR H 122 31.25 -0.68 -77.80
N HIS H 123 31.58 -0.73 -76.52
CA HIS H 123 31.22 0.29 -75.54
C HIS H 123 32.40 0.58 -74.62
N PRO H 124 32.50 1.79 -74.11
CA PRO H 124 33.47 2.06 -73.02
C PRO H 124 32.99 1.55 -71.68
N PHE H 125 33.95 1.10 -70.87
CA PHE H 125 33.67 0.49 -69.57
C PHE H 125 34.99 0.41 -68.80
N HIS H 126 34.87 0.36 -67.47
CA HIS H 126 36.03 0.31 -66.58
C HIS H 126 35.88 -0.89 -65.64
N HIS H 127 36.89 -1.76 -65.64
CA HIS H 127 36.84 -3.02 -64.91
C HIS H 127 38.03 -3.09 -63.95
N GLU H 128 37.74 -3.24 -62.66
CA GLU H 128 38.77 -3.44 -61.65
C GLU H 128 38.18 -4.17 -60.45
N PRO H 129 38.36 -5.49 -60.35
CA PRO H 129 37.73 -6.23 -59.25
C PRO H 129 38.30 -5.80 -57.92
N PRO H 130 37.50 -5.86 -56.85
CA PRO H 130 37.97 -5.42 -55.53
C PRO H 130 38.96 -6.43 -54.95
N VAL H 131 39.56 -6.01 -53.83
CA VAL H 131 40.59 -6.80 -53.14
C VAL H 131 40.02 -7.32 -51.82
N ILE H 132 40.31 -8.57 -51.52
CA ILE H 132 39.87 -9.22 -50.28
C ILE H 132 41.11 -9.57 -49.47
N GLY H 133 41.15 -9.08 -48.24
CA GLY H 133 42.27 -9.34 -47.37
C GLY H 133 43.28 -8.19 -47.34
N ARG H 134 44.50 -8.53 -46.93
CA ARG H 134 45.58 -7.56 -46.78
C ARG H 134 46.73 -7.83 -47.74
N GLU H 135 46.50 -8.62 -48.78
CA GLU H 135 47.49 -8.85 -49.83
C GLU H 135 46.80 -8.82 -51.18
N ARG H 136 47.56 -8.45 -52.22
CA ARG H 136 47.09 -8.46 -53.59
C ARG H 136 47.72 -9.65 -54.32
N PHE H 137 46.88 -10.49 -54.92
CA PHE H 137 47.34 -11.70 -55.57
C PHE H 137 46.67 -11.85 -56.92
N HIS H 138 47.22 -12.74 -57.74
CA HIS H 138 46.82 -12.86 -59.14
C HIS H 138 46.14 -14.17 -59.49
N SER H 139 46.35 -15.25 -58.72
CA SER H 139 45.71 -16.51 -59.00
C SER H 139 45.53 -17.30 -57.71
N ARG H 140 44.72 -18.36 -57.79
CA ARG H 140 44.32 -19.10 -56.61
C ARG H 140 45.48 -19.93 -56.08
N PRO H 141 45.73 -19.92 -54.77
CA PRO H 141 46.89 -20.64 -54.22
C PRO H 141 46.53 -22.07 -53.85
N GLN H 142 47.57 -22.82 -53.47
CA GLN H 142 47.41 -24.21 -53.04
C GLN H 142 47.37 -24.36 -51.53
N HIS H 143 47.89 -23.39 -50.78
CA HIS H 143 47.98 -23.47 -49.32
C HIS H 143 47.57 -22.12 -48.75
N GLY H 144 46.47 -22.08 -48.01
CA GLY H 144 45.97 -20.79 -47.56
C GLY H 144 44.81 -20.79 -46.58
N LYS H 145 43.98 -19.75 -46.67
CA LYS H 145 42.97 -19.43 -45.68
C LYS H 145 41.69 -19.03 -46.39
N GLU H 146 40.56 -19.08 -45.68
CA GLU H 146 39.25 -18.80 -46.24
C GLU H 146 38.62 -17.59 -45.59
N LEU H 147 37.95 -16.77 -46.40
CA LEU H 147 37.28 -15.55 -45.98
C LEU H 147 35.94 -15.46 -46.70
N PRO H 148 34.99 -14.70 -46.15
CA PRO H 148 33.67 -14.60 -46.79
C PRO H 148 33.75 -13.90 -48.14
N CYS H 149 32.69 -14.08 -48.92
CA CYS H 149 32.69 -13.69 -50.33
C CYS H 149 31.23 -13.59 -50.78
N SER H 150 31.01 -13.33 -52.08
CA SER H 150 29.69 -13.45 -52.68
C SER H 150 29.84 -13.80 -54.15
N THR H 151 28.78 -14.35 -54.74
CA THR H 151 28.85 -14.83 -56.12
C THR H 151 27.45 -14.88 -56.73
N TYR H 152 27.41 -15.19 -58.02
CA TYR H 152 26.20 -15.51 -58.78
C TYR H 152 26.07 -17.02 -58.92
N VAL H 153 24.84 -17.48 -59.08
CA VAL H 153 24.52 -18.91 -59.09
C VAL H 153 23.98 -19.29 -60.46
N GLN H 154 24.35 -20.48 -60.93
CA GLN H 154 23.89 -21.02 -62.21
C GLN H 154 22.55 -21.73 -62.01
N SER H 155 21.49 -20.94 -61.97
CA SER H 155 20.15 -21.45 -61.76
C SER H 155 19.17 -20.74 -62.69
N THR H 156 18.19 -21.48 -63.18
CA THR H 156 17.19 -20.97 -64.12
C THR H 156 15.82 -20.83 -63.47
N ALA H 157 15.75 -20.92 -62.14
CA ALA H 157 14.47 -20.89 -61.44
C ALA H 157 13.88 -19.48 -61.44
N ALA H 158 12.62 -19.39 -61.02
CA ALA H 158 11.92 -18.12 -60.99
C ALA H 158 12.51 -17.19 -59.93
N THR H 159 12.58 -15.90 -60.26
CA THR H 159 13.09 -14.88 -59.37
C THR H 159 12.06 -13.76 -59.26
N ALA H 160 12.30 -12.82 -58.36
CA ALA H 160 11.34 -11.77 -58.05
C ALA H 160 11.60 -10.48 -58.80
N GLU H 161 12.56 -10.45 -59.72
CA GLU H 161 12.82 -9.29 -60.57
C GLU H 161 12.31 -9.58 -61.98
N GLU H 162 11.55 -8.63 -62.54
CA GLU H 162 10.83 -8.87 -63.78
C GLU H 162 10.98 -7.68 -64.73
N ILE H 163 10.83 -7.96 -66.02
CA ILE H 163 10.78 -6.93 -67.07
C ILE H 163 9.55 -7.22 -67.93
N GLU H 164 9.10 -6.19 -68.64
CA GLU H 164 7.80 -6.19 -69.31
C GLU H 164 7.96 -6.30 -70.82
N VAL H 165 6.85 -6.60 -71.49
CA VAL H 165 6.78 -6.69 -72.94
C VAL H 165 5.55 -5.95 -73.42
N HIS H 166 5.68 -5.27 -74.56
CA HIS H 166 4.62 -4.43 -75.11
C HIS H 166 4.41 -4.74 -76.58
N MET H 167 3.62 -3.90 -77.27
CA MET H 167 3.34 -4.02 -78.69
C MET H 167 4.34 -3.20 -79.52
N PRO H 168 4.81 -3.72 -80.64
CA PRO H 168 5.80 -3.01 -81.44
C PRO H 168 5.19 -1.83 -82.18
N PRO H 169 6.01 -0.85 -82.58
CA PRO H 169 5.52 0.23 -83.44
C PRO H 169 5.65 -0.09 -84.93
N ASP H 170 5.34 0.89 -85.78
CA ASP H 170 5.38 0.71 -87.21
C ASP H 170 6.82 0.74 -87.75
N THR H 171 7.04 0.02 -88.84
CA THR H 171 8.36 -0.11 -89.45
C THR H 171 8.37 0.56 -90.83
N PRO H 172 9.15 1.61 -91.05
CA PRO H 172 9.16 2.26 -92.36
C PRO H 172 10.18 1.67 -93.32
N ASP H 173 9.75 1.36 -94.55
CA ASP H 173 10.64 0.90 -95.61
C ASP H 173 10.42 1.74 -96.85
N ARG H 174 11.47 2.37 -97.36
CA ARG H 174 11.39 3.12 -98.60
C ARG H 174 11.32 2.21 -99.82
N THR H 175 11.93 1.02 -99.75
CA THR H 175 12.07 0.15 -100.91
C THR H 175 10.72 -0.29 -101.47
N LEU H 176 9.65 -0.19 -100.69
CA LEU H 176 8.34 -0.61 -101.16
C LEU H 176 7.90 0.17 -102.40
N MET H 177 8.11 1.49 -102.40
CA MET H 177 7.69 2.29 -103.54
C MET H 177 8.69 2.22 -104.69
N THR H 178 8.17 2.30 -105.91
CA THR H 178 8.97 2.30 -107.13
C THR H 178 8.47 3.39 -108.07
N GLN H 179 9.37 3.90 -108.89
CA GLN H 179 9.05 5.00 -109.81
C GLN H 179 8.83 4.46 -111.21
N GLN H 180 7.69 4.82 -111.80
CA GLN H 180 7.37 4.51 -113.19
C GLN H 180 7.02 5.82 -113.91
N SER H 181 6.58 5.69 -115.16
CA SER H 181 6.35 6.86 -116.01
C SER H 181 5.17 7.64 -115.45
N GLY H 182 5.46 8.75 -114.77
CA GLY H 182 4.43 9.63 -114.26
C GLY H 182 3.55 9.04 -113.17
N ASN H 183 3.94 7.90 -112.60
CA ASN H 183 3.10 7.22 -111.63
C ASN H 183 3.98 6.51 -110.62
N VAL H 184 3.37 6.22 -109.46
CA VAL H 184 4.06 5.54 -108.36
C VAL H 184 3.31 4.25 -108.05
N LYS H 185 4.06 3.17 -107.88
CA LYS H 185 3.49 1.84 -107.65
C LYS H 185 3.93 1.33 -106.29
N ILE H 186 3.00 0.77 -105.53
CA ILE H 186 3.23 0.27 -104.18
C ILE H 186 3.18 -1.25 -104.22
N THR H 187 4.21 -1.90 -103.68
CA THR H 187 4.30 -3.35 -103.62
C THR H 187 4.00 -3.82 -102.20
N VAL H 188 3.13 -4.82 -102.09
CA VAL H 188 2.66 -5.30 -100.80
C VAL H 188 3.54 -6.41 -100.25
N ASN H 189 3.80 -7.43 -101.08
CA ASN H 189 4.63 -8.58 -100.70
C ASN H 189 4.05 -9.31 -99.48
N GLY H 190 2.72 -9.35 -99.38
CA GLY H 190 2.07 -10.16 -98.37
C GLY H 190 1.88 -9.52 -97.01
N GLN H 191 2.13 -8.22 -96.88
CA GLN H 191 2.02 -7.55 -95.59
C GLN H 191 1.13 -6.32 -95.72
N THR H 192 0.46 -5.98 -94.62
CA THR H 192 -0.39 -4.79 -94.60
C THR H 192 0.48 -3.54 -94.63
N VAL H 193 0.04 -2.53 -95.39
CA VAL H 193 0.81 -1.31 -95.59
C VAL H 193 -0.10 -0.10 -95.39
N ARG H 194 0.43 0.90 -94.69
CA ARG H 194 -0.23 2.19 -94.51
C ARG H 194 0.55 3.25 -95.28
N TYR H 195 -0.16 4.12 -95.98
CA TYR H 195 0.49 5.02 -96.93
C TYR H 195 -0.17 6.40 -96.88
N LYS H 196 0.60 7.40 -97.27
CA LYS H 196 0.11 8.77 -97.32
C LYS H 196 0.94 9.56 -98.32
N CYS H 197 0.27 10.24 -99.24
CA CYS H 197 0.92 11.06 -100.26
C CYS H 197 0.34 12.45 -100.25
N ASN H 198 1.19 13.45 -100.50
CA ASN H 198 0.80 14.85 -100.45
C ASN H 198 0.40 15.40 -101.81
N CYS H 199 0.61 14.65 -102.88
CA CYS H 199 0.32 15.13 -104.22
C CYS H 199 -1.18 15.10 -104.49
N GLY H 200 -1.66 16.13 -105.17
CA GLY H 200 -3.07 16.20 -105.54
C GLY H 200 -4.00 16.31 -104.36
N GLY H 201 -3.66 17.14 -103.38
CA GLY H 201 -4.44 17.23 -102.16
C GLY H 201 -3.93 16.31 -101.08
N SER H 202 -4.60 15.16 -100.91
CA SER H 202 -4.18 14.18 -99.92
C SER H 202 -4.83 12.85 -100.25
N ASN H 203 -4.13 11.76 -99.91
CA ASN H 203 -4.65 10.41 -100.06
C ASN H 203 -4.14 9.56 -98.91
N GLU H 204 -5.05 8.95 -98.17
CA GLU H 204 -4.69 8.12 -97.02
C GLU H 204 -5.53 6.86 -97.01
N GLY H 205 -5.00 5.81 -96.41
CA GLY H 205 -5.75 4.59 -96.22
C GLY H 205 -4.84 3.41 -96.03
N LEU H 206 -5.48 2.24 -95.91
CA LEU H 206 -4.80 0.96 -95.79
C LEU H 206 -4.98 0.15 -97.07
N THR H 207 -4.11 -0.84 -97.26
CA THR H 207 -4.16 -1.68 -98.45
C THR H 207 -3.64 -3.07 -98.10
N THR H 208 -4.09 -4.05 -98.88
CA THR H 208 -3.56 -5.40 -98.83
C THR H 208 -3.14 -5.92 -100.20
N THR H 209 -3.54 -5.25 -101.28
CA THR H 209 -3.15 -5.59 -102.64
C THR H 209 -2.52 -4.37 -103.29
N ASP H 210 -1.88 -4.60 -104.44
CA ASP H 210 -1.13 -3.54 -105.11
C ASP H 210 -2.07 -2.39 -105.50
N LYS H 211 -1.53 -1.17 -105.45
CA LYS H 211 -2.29 0.03 -105.76
C LYS H 211 -1.40 1.02 -106.51
N VAL H 212 -2.03 1.84 -107.35
CA VAL H 212 -1.32 2.81 -108.18
C VAL H 212 -1.89 4.20 -107.91
N ILE H 213 -1.00 5.18 -107.85
CA ILE H 213 -1.36 6.58 -107.67
C ILE H 213 -0.89 7.35 -108.89
N ASN H 214 -1.77 8.19 -109.42
CA ASN H 214 -1.54 8.88 -110.70
C ASN H 214 -1.08 10.31 -110.47
N ASN H 215 -0.20 10.79 -111.36
CA ASN H 215 0.30 12.16 -111.35
C ASN H 215 0.99 12.51 -110.03
N CYS H 216 2.04 11.74 -109.72
CA CYS H 216 2.75 11.93 -108.47
C CYS H 216 4.20 11.50 -108.65
N LYS H 217 5.09 12.13 -107.88
CA LYS H 217 6.49 11.78 -107.90
C LYS H 217 6.78 10.68 -106.89
N ILE H 218 7.98 10.11 -106.98
CA ILE H 218 8.40 9.10 -106.00
C ILE H 218 8.50 9.74 -104.62
N ASP H 219 8.99 10.97 -104.55
CA ASP H 219 8.94 11.75 -103.33
C ASP H 219 7.49 12.07 -102.98
N GLN H 220 7.30 12.78 -101.86
CA GLN H 220 5.99 13.19 -101.38
C GLN H 220 5.07 11.99 -101.11
N CYS H 221 5.65 10.86 -100.72
CA CYS H 221 4.87 9.70 -100.31
C CYS H 221 5.57 8.98 -99.16
N HIS H 222 4.77 8.25 -98.38
CA HIS H 222 5.25 7.54 -97.20
C HIS H 222 4.66 6.14 -97.19
N ALA H 223 5.33 5.21 -96.52
CA ALA H 223 4.82 3.85 -96.41
C ALA H 223 5.39 3.17 -95.18
N ALA H 224 4.59 2.31 -94.56
CA ALA H 224 4.96 1.62 -93.34
C ALA H 224 4.13 0.34 -93.20
N VAL H 225 4.59 -0.54 -92.32
CA VAL H 225 3.93 -1.80 -92.04
C VAL H 225 3.24 -1.68 -90.68
N THR H 226 1.98 -2.12 -90.60
CA THR H 226 1.12 -1.71 -89.49
C THR H 226 0.51 -2.86 -88.67
N ASN H 227 0.61 -4.11 -89.09
CA ASN H 227 -0.02 -5.21 -88.36
C ASN H 227 1.04 -6.18 -87.86
N HIS H 228 0.96 -6.52 -86.58
CA HIS H 228 1.90 -7.41 -85.93
C HIS H 228 1.16 -8.37 -85.03
N LYS H 229 1.77 -9.52 -84.76
CA LYS H 229 1.19 -10.54 -83.89
C LYS H 229 2.19 -11.08 -82.87
N ASN H 230 3.25 -10.34 -82.59
CA ASN H 230 4.21 -10.72 -81.55
C ASN H 230 4.55 -9.51 -80.71
N TRP H 231 5.01 -9.77 -79.49
CA TRP H 231 5.28 -8.70 -78.52
C TRP H 231 6.78 -8.41 -78.47
N GLN H 232 7.11 -7.27 -77.87
CA GLN H 232 8.48 -6.77 -77.85
C GLN H 232 8.78 -6.09 -76.53
N TYR H 233 10.07 -6.10 -76.16
CA TYR H 233 10.54 -5.35 -75.00
C TYR H 233 10.58 -3.85 -75.32
N ASN H 234 10.31 -3.04 -74.31
CA ASN H 234 10.22 -1.58 -74.49
C ASN H 234 11.58 -0.92 -74.21
N SER H 235 12.50 -1.13 -75.16
CA SER H 235 13.85 -0.62 -75.00
C SER H 235 13.85 0.91 -75.05
N PRO H 236 14.77 1.54 -74.32
CA PRO H 236 14.92 2.99 -74.41
C PRO H 236 15.44 3.50 -75.75
N LEU H 237 15.66 2.62 -76.73
CA LEU H 237 16.14 3.02 -78.05
C LEU H 237 15.09 2.87 -79.14
N VAL H 238 13.84 2.58 -78.78
CA VAL H 238 12.77 2.45 -79.77
C VAL H 238 11.57 3.28 -79.33
N PRO H 239 10.83 3.88 -80.24
CA PRO H 239 9.75 4.80 -79.86
C PRO H 239 8.46 4.06 -79.52
N ARG H 240 7.64 4.74 -78.72
CA ARG H 240 6.38 4.19 -78.25
C ARG H 240 5.33 4.25 -79.36
N ASN H 241 4.43 3.27 -79.36
CA ASN H 241 3.39 3.21 -80.37
C ASN H 241 2.16 4.04 -80.02
N ALA H 242 1.93 4.30 -78.73
CA ALA H 242 0.81 5.11 -78.30
C ALA H 242 1.20 5.81 -77.01
N GLU H 243 0.43 6.83 -76.64
CA GLU H 243 0.78 7.63 -75.48
C GLU H 243 0.77 6.79 -74.20
N LEU H 244 -0.19 5.91 -74.06
CA LEU H 244 -0.27 4.98 -72.95
C LEU H 244 0.01 3.57 -73.44
N GLY H 245 0.97 2.90 -72.80
CA GLY H 245 1.35 1.57 -73.24
C GLY H 245 0.31 0.52 -72.91
N ASP H 246 0.32 -0.55 -73.69
CA ASP H 246 -0.57 -1.69 -73.49
C ASP H 246 0.29 -2.87 -73.06
N ARG H 247 0.20 -3.26 -71.79
CA ARG H 247 1.00 -4.34 -71.27
C ARG H 247 0.43 -5.69 -71.69
N LYS H 248 1.31 -6.62 -72.01
CA LYS H 248 0.90 -7.95 -72.45
C LYS H 248 1.43 -9.08 -71.59
N GLY H 249 2.55 -8.88 -70.90
CA GLY H 249 3.14 -9.96 -70.12
C GLY H 249 4.44 -9.52 -69.49
N LYS H 250 5.14 -10.47 -68.88
CA LYS H 250 6.40 -10.18 -68.23
C LYS H 250 7.24 -11.44 -68.13
N ILE H 251 8.57 -11.26 -68.13
CA ILE H 251 9.53 -12.34 -68.00
C ILE H 251 10.52 -11.98 -66.90
N HIS H 252 11.18 -13.00 -66.36
CA HIS H 252 11.98 -12.87 -65.15
C HIS H 252 13.47 -12.91 -65.46
N ILE H 253 14.26 -12.43 -64.50
CA ILE H 253 15.71 -12.31 -64.62
C ILE H 253 16.36 -13.43 -63.82
N PRO H 254 17.15 -14.30 -64.43
CA PRO H 254 17.75 -15.42 -63.70
C PRO H 254 18.99 -15.00 -62.93
N PHE H 255 19.66 -16.00 -62.33
CA PHE H 255 20.97 -15.86 -61.69
C PHE H 255 20.97 -14.91 -60.50
N PRO H 256 20.40 -15.30 -59.36
CA PRO H 256 20.43 -14.45 -58.16
C PRO H 256 21.74 -14.59 -57.38
N LEU H 257 21.84 -13.80 -56.31
CA LEU H 257 23.02 -13.73 -55.44
C LEU H 257 22.92 -14.70 -54.28
N ALA H 258 24.07 -14.97 -53.66
CA ALA H 258 24.19 -15.88 -52.52
C ALA H 258 25.51 -15.60 -51.80
N ASN H 259 25.73 -16.28 -50.67
CA ASN H 259 26.99 -16.20 -49.95
C ASN H 259 27.87 -17.41 -50.24
N VAL H 260 29.15 -17.16 -50.45
CA VAL H 260 30.16 -18.18 -50.64
C VAL H 260 31.43 -17.75 -49.91
N THR H 261 32.49 -18.54 -50.04
CA THR H 261 33.78 -18.20 -49.47
C THR H 261 34.85 -18.23 -50.55
N CYS H 262 35.90 -17.44 -50.34
CA CYS H 262 37.01 -17.33 -51.26
C CYS H 262 38.33 -17.52 -50.49
N ARG H 263 39.35 -17.96 -51.21
CA ARG H 263 40.60 -18.42 -50.63
C ARG H 263 41.73 -17.41 -50.86
N VAL H 264 42.54 -17.18 -49.83
CA VAL H 264 43.60 -16.18 -49.85
C VAL H 264 44.91 -16.80 -49.38
N PRO H 265 46.07 -16.28 -49.80
CA PRO H 265 47.35 -16.87 -49.39
C PRO H 265 47.88 -16.34 -48.06
N LYS H 266 49.05 -16.83 -47.65
CA LYS H 266 49.71 -16.38 -46.43
C LYS H 266 51.20 -16.22 -46.71
N ALA H 267 51.84 -15.36 -45.91
CA ALA H 267 53.16 -14.84 -46.22
C ALA H 267 54.28 -15.68 -45.61
N ARG H 268 55.51 -15.38 -46.04
CA ARG H 268 56.72 -16.08 -45.62
C ARG H 268 57.31 -15.41 -44.38
N ASN H 269 57.95 -16.23 -43.54
CA ASN H 269 58.42 -15.76 -42.25
C ASN H 269 59.59 -14.79 -42.41
N PRO H 270 59.71 -13.81 -41.51
CA PRO H 270 60.86 -12.91 -41.53
C PRO H 270 62.01 -13.39 -40.63
N THR H 271 63.12 -12.67 -40.73
CA THR H 271 64.31 -12.92 -39.93
C THR H 271 64.44 -11.83 -38.87
N VAL H 272 64.61 -12.23 -37.61
CA VAL H 272 64.56 -11.31 -36.48
C VAL H 272 65.88 -11.40 -35.70
N THR H 273 66.48 -10.24 -35.43
CA THR H 273 67.63 -10.12 -34.55
C THR H 273 67.30 -9.14 -33.43
N TYR H 274 67.96 -9.30 -32.30
CA TYR H 274 67.62 -8.57 -31.09
C TYR H 274 68.73 -7.62 -30.68
N GLY H 275 68.32 -6.51 -30.06
CA GLY H 275 69.24 -5.52 -29.53
C GLY H 275 68.64 -4.94 -28.27
N LYS H 276 69.29 -3.92 -27.68
CA LYS H 276 68.76 -3.33 -26.46
C LYS H 276 67.55 -2.46 -26.78
N ASN H 277 66.38 -2.88 -26.31
CA ASN H 277 65.14 -2.13 -26.47
C ASN H 277 64.82 -1.85 -27.94
N GLN H 278 65.11 -2.81 -28.82
CA GLN H 278 64.77 -2.64 -30.22
C GLN H 278 64.74 -4.00 -30.92
N VAL H 279 64.04 -4.03 -32.06
CA VAL H 279 63.88 -5.23 -32.88
C VAL H 279 64.21 -4.87 -34.31
N THR H 280 64.90 -5.77 -35.02
CA THR H 280 65.25 -5.59 -36.42
C THR H 280 64.69 -6.75 -37.22
N MET H 281 64.07 -6.43 -38.37
CA MET H 281 63.41 -7.43 -39.20
C MET H 281 63.79 -7.23 -40.67
N LEU H 282 63.94 -8.35 -41.37
CA LEU H 282 64.22 -8.37 -42.80
C LEU H 282 63.07 -9.07 -43.52
N LEU H 283 62.51 -8.42 -44.53
CA LEU H 283 61.25 -8.84 -45.15
C LEU H 283 61.48 -9.31 -46.58
N TYR H 284 60.76 -10.36 -46.97
CA TYR H 284 60.89 -10.98 -48.29
C TYR H 284 59.51 -11.04 -48.95
N PRO H 285 59.12 -10.01 -49.68
CA PRO H 285 57.80 -10.00 -50.32
C PRO H 285 57.80 -10.67 -51.69
N ASP H 286 56.61 -11.12 -52.08
CA ASP H 286 56.36 -11.63 -53.43
C ASP H 286 55.33 -10.82 -54.19
N HIS H 287 54.43 -10.14 -53.50
CA HIS H 287 53.48 -9.19 -54.06
C HIS H 287 53.12 -8.21 -52.96
N PRO H 288 52.54 -7.05 -53.32
CA PRO H 288 52.32 -5.99 -52.32
C PRO H 288 51.63 -6.51 -51.05
N THR H 289 52.19 -6.12 -49.91
CA THR H 289 51.76 -6.61 -48.60
C THR H 289 51.75 -5.47 -47.61
N LEU H 290 50.91 -5.57 -46.59
CA LEU H 290 50.69 -4.51 -45.62
C LEU H 290 51.41 -4.81 -44.31
N LEU H 291 51.99 -3.77 -43.71
CA LEU H 291 52.63 -3.84 -42.41
C LEU H 291 52.01 -2.80 -41.49
N SER H 292 51.79 -3.17 -40.23
CA SER H 292 51.24 -2.24 -39.25
C SER H 292 51.68 -2.65 -37.85
N TYR H 293 51.66 -1.69 -36.93
CA TYR H 293 51.99 -1.95 -35.55
C TYR H 293 51.37 -0.88 -34.67
N ARG H 294 51.26 -1.18 -33.37
CA ARG H 294 50.72 -0.25 -32.41
C ARG H 294 51.30 -0.57 -31.03
N ASN H 295 51.22 0.42 -30.14
CA ASN H 295 51.65 0.24 -28.76
C ASN H 295 50.46 -0.24 -27.92
N MET H 296 50.75 -1.05 -26.91
CA MET H 296 49.73 -1.48 -25.97
C MET H 296 49.76 -0.56 -24.76
N GLY H 297 48.58 -0.18 -24.28
CA GLY H 297 48.50 0.83 -23.25
C GLY H 297 47.65 2.03 -23.64
N GLN H 298 47.88 3.17 -22.98
CA GLN H 298 46.97 4.30 -23.12
C GLN H 298 47.15 5.04 -24.45
N GLU H 299 48.37 5.05 -25.00
CA GLU H 299 48.62 5.71 -26.27
C GLU H 299 48.94 4.68 -27.35
N PRO H 300 48.09 4.52 -28.38
CA PRO H 300 48.35 3.48 -29.38
C PRO H 300 49.50 3.78 -30.35
N ASN H 301 49.53 5.00 -30.91
CA ASN H 301 50.52 5.41 -31.89
C ASN H 301 50.54 4.47 -33.11
N TYR H 302 49.44 4.51 -33.85
CA TYR H 302 49.26 3.66 -35.02
C TYR H 302 50.16 4.11 -36.18
N HIS H 303 50.58 3.13 -36.98
CA HIS H 303 51.34 3.38 -38.21
C HIS H 303 50.98 2.32 -39.24
N GLU H 304 51.25 2.65 -40.51
CA GLU H 304 50.81 1.85 -41.64
C GLU H 304 51.73 2.10 -42.83
N GLU H 305 51.95 1.06 -43.62
CA GLU H 305 52.89 1.15 -44.73
C GLU H 305 52.72 -0.06 -45.64
N TRP H 306 52.89 0.16 -46.95
CA TRP H 306 52.88 -0.91 -47.95
C TRP H 306 54.32 -1.25 -48.35
N VAL H 307 54.58 -2.55 -48.54
CA VAL H 307 55.90 -3.06 -48.86
C VAL H 307 55.84 -3.80 -50.19
N THR H 308 56.69 -3.42 -51.14
CA THR H 308 56.69 -3.99 -52.47
C THR H 308 58.04 -4.57 -52.89
N HIS H 309 59.08 -4.45 -52.06
CA HIS H 309 60.37 -5.06 -52.36
C HIS H 309 61.14 -5.23 -51.05
N LYS H 310 62.30 -5.89 -51.17
CA LYS H 310 63.10 -6.23 -50.00
C LYS H 310 63.51 -4.98 -49.23
N LYS H 311 63.43 -5.05 -47.91
CA LYS H 311 63.57 -3.88 -47.06
C LYS H 311 63.99 -4.32 -45.66
N GLU H 312 64.51 -3.36 -44.89
CA GLU H 312 64.88 -3.57 -43.50
C GLU H 312 64.34 -2.43 -42.66
N VAL H 313 63.81 -2.77 -41.48
CA VAL H 313 63.21 -1.79 -40.57
C VAL H 313 63.70 -2.03 -39.15
N THR H 314 63.67 -0.97 -38.34
CA THR H 314 64.00 -1.04 -36.93
C THR H 314 62.92 -0.36 -36.11
N LEU H 315 62.57 -0.97 -34.98
CA LEU H 315 61.48 -0.51 -34.13
C LEU H 315 61.92 -0.53 -32.67
N THR H 316 61.26 0.27 -31.84
CA THR H 316 61.56 0.35 -30.42
C THR H 316 60.46 -0.33 -29.61
N VAL H 317 60.87 -0.98 -28.53
CA VAL H 317 59.99 -1.75 -27.67
C VAL H 317 59.81 -0.97 -26.36
N PRO H 318 58.62 -0.43 -26.09
CA PRO H 318 58.43 0.31 -24.83
C PRO H 318 58.37 -0.59 -23.61
N THR H 319 58.08 0.00 -22.46
CA THR H 319 57.92 -0.79 -21.23
C THR H 319 56.72 -1.71 -21.31
N GLU H 320 55.60 -1.21 -21.86
CA GLU H 320 54.34 -1.93 -21.85
C GLU H 320 54.20 -2.95 -22.99
N GLY H 321 55.01 -2.87 -24.03
CA GLY H 321 55.02 -3.86 -25.08
C GLY H 321 54.68 -3.30 -26.45
N LEU H 322 54.89 -4.14 -27.46
CA LEU H 322 54.64 -3.81 -28.85
C LEU H 322 53.94 -4.97 -29.54
N GLU H 323 53.07 -4.65 -30.50
CA GLU H 323 52.36 -5.66 -31.29
C GLU H 323 52.55 -5.36 -32.77
N VAL H 324 52.89 -6.39 -33.54
CA VAL H 324 53.25 -6.26 -34.94
C VAL H 324 52.45 -7.26 -35.77
N THR H 325 51.90 -6.79 -36.89
CA THR H 325 51.09 -7.61 -37.80
C THR H 325 51.71 -7.59 -39.18
N TRP H 326 51.75 -8.75 -39.84
CA TRP H 326 52.42 -8.89 -41.13
C TRP H 326 51.54 -9.71 -42.06
N GLY H 327 50.93 -9.04 -43.04
CA GLY H 327 50.12 -9.74 -44.01
C GLY H 327 48.88 -10.37 -43.40
N ASN H 328 48.62 -11.63 -43.75
CA ASN H 328 47.46 -12.36 -43.28
C ASN H 328 47.76 -13.26 -42.09
N ASN H 329 48.97 -13.20 -41.54
CA ASN H 329 49.35 -14.06 -40.44
C ASN H 329 48.85 -13.51 -39.11
N GLU H 330 49.15 -14.22 -38.03
CA GLU H 330 48.80 -13.81 -36.68
C GLU H 330 49.82 -12.82 -36.13
N PRO H 331 49.41 -11.96 -35.21
CA PRO H 331 50.34 -10.93 -34.69
C PRO H 331 51.34 -11.49 -33.70
N TYR H 332 52.43 -10.76 -33.55
CA TYR H 332 53.51 -11.09 -32.62
C TYR H 332 53.49 -10.14 -31.43
N LYS H 333 54.15 -10.55 -30.35
CA LYS H 333 54.19 -9.78 -29.11
C LYS H 333 55.60 -9.83 -28.52
N TYR H 334 56.05 -8.69 -28.01
CA TYR H 334 57.39 -8.57 -27.44
C TYR H 334 57.36 -7.76 -26.15
N TRP H 335 58.20 -8.14 -25.19
CA TRP H 335 58.34 -7.45 -23.92
C TRP H 335 59.82 -7.33 -23.58
N PRO H 336 60.22 -6.25 -22.90
CA PRO H 336 61.63 -6.05 -22.58
C PRO H 336 62.04 -6.71 -21.27
N GLN H 337 63.36 -6.86 -21.11
CA GLN H 337 63.93 -7.56 -19.98
C GLN H 337 65.19 -6.83 -19.51
N MET H 338 65.47 -6.96 -18.21
CA MET H 338 66.58 -6.21 -17.61
C MET H 338 67.92 -6.74 -18.09
N SER H 339 68.86 -5.82 -18.32
CA SER H 339 70.24 -6.17 -18.64
C SER H 339 71.10 -4.94 -18.46
N THR H 340 72.37 -5.15 -18.11
CA THR H 340 73.29 -4.05 -17.86
C THR H 340 74.72 -4.55 -17.90
N ASN H 341 75.65 -3.61 -18.00
CA ASN H 341 77.08 -3.90 -17.97
C ASN H 341 77.75 -3.49 -16.67
N GLY H 342 77.00 -2.90 -15.75
CA GLY H 342 77.53 -2.54 -14.44
C GLY H 342 77.36 -3.66 -13.44
N THR H 343 77.54 -3.31 -12.17
CA THR H 343 77.40 -4.28 -11.09
C THR H 343 77.00 -3.56 -9.82
N ALA H 344 76.09 -4.17 -9.06
CA ALA H 344 75.55 -3.57 -7.84
C ALA H 344 76.43 -3.84 -6.62
N HIS H 345 77.50 -4.61 -6.78
CA HIS H 345 78.50 -4.82 -5.73
C HIS H 345 79.87 -4.45 -6.28
N GLY H 346 80.61 -3.65 -5.53
CA GLY H 346 81.93 -3.22 -5.96
C GLY H 346 82.15 -1.73 -5.78
N HIS H 347 83.03 -1.17 -6.60
CA HIS H 347 83.50 0.19 -6.38
C HIS H 347 82.40 1.19 -6.67
N PRO H 348 82.46 2.40 -6.10
CA PRO H 348 81.34 3.34 -6.25
C PRO H 348 80.99 3.70 -7.68
N HIS H 349 81.98 3.84 -8.57
CA HIS H 349 81.66 4.24 -9.93
C HIS H 349 80.98 3.14 -10.73
N GLU H 350 81.15 1.87 -10.34
CA GLU H 350 80.44 0.80 -11.00
C GLU H 350 78.99 0.70 -10.52
N ILE H 351 78.71 1.13 -9.30
CA ILE H 351 77.34 1.05 -8.78
C ILE H 351 76.44 2.04 -9.51
N ILE H 352 76.93 3.25 -9.77
CA ILE H 352 76.11 4.27 -10.38
C ILE H 352 75.70 3.87 -11.80
N LEU H 353 76.63 3.26 -12.55
CA LEU H 353 76.33 2.81 -13.90
C LEU H 353 75.21 1.80 -13.93
N TYR H 354 75.10 0.97 -12.88
CA TYR H 354 74.03 -0.03 -12.82
C TYR H 354 72.67 0.63 -12.84
N TYR H 355 72.43 1.60 -11.95
CA TYR H 355 71.13 2.23 -11.85
C TYR H 355 70.86 3.24 -12.96
N TYR H 356 71.91 3.80 -13.56
CA TYR H 356 71.71 4.76 -14.65
C TYR H 356 71.08 4.08 -15.87
N GLU H 357 71.54 2.88 -16.21
CA GLU H 357 71.04 2.18 -17.39
C GLU H 357 69.66 1.58 -17.19
N LEU H 358 69.13 1.60 -15.97
CA LEU H 358 67.79 1.07 -15.69
C LEU H 358 66.75 2.14 -15.44
N TYR H 359 67.11 3.22 -14.76
CA TYR H 359 66.20 4.34 -14.48
C TYR H 359 66.91 5.65 -14.80
N PRO H 360 67.04 5.98 -16.09
CA PRO H 360 67.94 7.08 -16.48
C PRO H 360 67.54 8.43 -15.89
N THR H 361 66.24 8.74 -15.85
CA THR H 361 65.81 10.09 -15.48
C THR H 361 65.83 10.31 -13.96
N MET H 362 65.59 9.27 -13.18
CA MET H 362 65.56 9.44 -11.72
C MET H 362 66.95 9.49 -11.10
N THR H 363 67.93 8.81 -11.72
CA THR H 363 69.28 8.81 -11.16
C THR H 363 69.91 10.20 -11.15
N VAL H 364 69.72 10.96 -12.23
CA VAL H 364 70.32 12.28 -12.32
C VAL H 364 69.72 13.23 -11.29
N VAL H 365 68.39 13.16 -11.09
CA VAL H 365 67.72 14.11 -10.20
C VAL H 365 68.17 13.91 -8.76
N ILE H 366 68.19 12.66 -8.30
CA ILE H 366 68.49 12.39 -6.90
C ILE H 366 69.95 12.72 -6.59
N VAL H 367 70.88 12.31 -7.46
CA VAL H 367 72.30 12.56 -7.23
C VAL H 367 72.59 14.05 -7.23
N SER H 368 72.02 14.79 -8.18
CA SER H 368 72.33 16.21 -8.31
C SER H 368 71.77 17.01 -7.13
N VAL H 369 70.53 16.74 -6.74
CA VAL H 369 69.90 17.50 -5.66
C VAL H 369 70.61 17.24 -4.33
N ALA H 370 70.91 15.98 -4.04
CA ALA H 370 71.59 15.65 -2.79
C ALA H 370 72.97 16.25 -2.71
N SER H 371 73.68 16.35 -3.84
CA SER H 371 75.01 16.93 -3.84
C SER H 371 74.98 18.39 -3.42
N PHE H 372 73.96 19.12 -3.87
CA PHE H 372 73.83 20.53 -3.49
C PHE H 372 73.67 20.70 -1.98
N VAL H 373 72.86 19.84 -1.35
CA VAL H 373 72.57 19.99 0.06
C VAL H 373 73.80 19.74 0.92
N LEU H 374 74.56 18.69 0.60
CA LEU H 374 75.71 18.32 1.42
C LEU H 374 76.76 19.43 1.45
N LEU H 375 77.02 20.06 0.31
CA LEU H 375 78.00 21.14 0.27
C LEU H 375 77.51 22.36 1.06
N SER H 376 76.20 22.60 1.09
CA SER H 376 75.67 23.73 1.84
C SER H 376 75.93 23.57 3.33
N MET H 377 75.75 22.36 3.86
CA MET H 377 75.92 22.14 5.30
C MET H 377 77.38 22.27 5.72
N VAL H 378 78.32 21.86 4.86
CA VAL H 378 79.73 22.11 5.11
C VAL H 378 80.00 23.61 5.19
N GLY H 379 79.35 24.39 4.32
CA GLY H 379 79.53 25.83 4.34
C GLY H 379 79.03 26.47 5.62
N THR H 380 77.93 25.96 6.16
CA THR H 380 77.39 26.50 7.41
C THR H 380 78.36 26.29 8.57
N ALA H 381 79.06 25.15 8.59
CA ALA H 381 79.99 24.87 9.68
C ALA H 381 81.11 25.90 9.73
N VAL H 382 81.67 26.25 8.58
CA VAL H 382 82.77 27.21 8.54
C VAL H 382 82.29 28.60 8.99
N GLY H 383 81.05 28.96 8.65
CA GLY H 383 80.53 30.24 9.08
C GLY H 383 80.42 30.38 10.58
N MET H 384 79.98 29.33 11.26
CA MET H 384 79.85 29.39 12.72
C MET H 384 81.20 29.57 13.39
N CYS H 385 82.23 28.90 12.88
CA CYS H 385 83.54 28.96 13.52
C CYS H 385 84.17 30.35 13.39
N VAL H 386 83.94 31.02 12.26
CA VAL H 386 84.55 32.34 12.05
C VAL H 386 83.88 33.37 12.96
N CYS H 387 82.57 33.30 13.12
CA CYS H 387 81.87 34.23 14.02
C CYS H 387 82.36 34.08 15.46
N ALA H 388 82.65 32.84 15.88
CA ALA H 388 83.14 32.62 17.23
C ALA H 388 84.53 33.23 17.42
N ARG H 389 85.32 33.31 16.35
CA ARG H 389 86.65 33.91 16.45
C ARG H 389 86.56 35.40 16.82
N ARG H 390 85.60 36.12 16.23
CA ARG H 390 85.51 37.55 16.48
C ARG H 390 85.09 37.85 17.92
N ARG H 391 84.14 37.08 18.45
CA ARG H 391 83.68 37.34 19.81
C ARG H 391 84.72 36.93 20.85
N CYS H 392 85.67 36.08 20.48
CA CYS H 392 86.66 35.58 21.41
C CYS H 392 87.78 36.60 21.64
N ILE H 393 88.16 37.33 20.60
CA ILE H 393 89.40 38.11 20.59
C ILE H 393 89.12 39.59 20.80
N THR H 394 87.96 40.05 20.33
CA THR H 394 87.65 41.48 20.28
C THR H 394 87.92 42.24 21.57
N PRO H 395 87.52 41.78 22.75
CA PRO H 395 87.78 42.58 23.96
C PRO H 395 89.25 42.86 24.22
N TYR H 396 90.15 41.95 23.84
CA TYR H 396 91.58 42.18 24.01
C TYR H 396 92.14 43.16 22.98
N GLU H 397 91.37 43.51 21.95
CA GLU H 397 91.85 44.46 20.95
C GLU H 397 91.69 45.90 21.42
N LEU H 398 90.64 46.20 22.17
CA LEU H 398 90.38 47.56 22.60
C LEU H 398 91.19 47.96 23.83
N THR H 399 91.45 47.02 24.73
CA THR H 399 92.09 47.35 26.00
C THR H 399 93.52 47.83 25.76
N PRO H 400 93.91 48.98 26.30
CA PRO H 400 95.26 49.49 26.06
C PRO H 400 96.28 48.82 26.98
N GLY H 401 97.36 48.32 26.38
CA GLY H 401 98.42 47.68 27.12
C GLY H 401 98.20 46.21 27.45
N ALA H 402 97.13 45.61 26.95
CA ALA H 402 96.84 44.22 27.22
C ALA H 402 97.66 43.30 26.31
N THR H 403 97.76 42.03 26.71
CA THR H 403 98.51 41.03 25.98
C THR H 403 97.67 39.77 25.86
N VAL H 404 97.62 39.20 24.66
CA VAL H 404 96.84 37.99 24.42
C VAL H 404 97.62 36.80 24.97
N PRO H 405 97.01 35.95 25.79
CA PRO H 405 97.78 34.91 26.48
C PRO H 405 98.26 33.83 25.51
N PHE H 406 99.28 33.09 25.96
CA PHE H 406 100.00 32.19 25.08
C PHE H 406 99.10 31.09 24.53
N LEU H 407 98.35 30.43 25.42
CA LEU H 407 97.60 29.24 25.01
C LEU H 407 96.55 29.59 23.95
N LEU H 408 95.82 30.68 24.15
CA LEU H 408 94.91 31.15 23.12
C LEU H 408 95.66 31.70 21.91
N SER H 409 96.87 32.21 22.12
CA SER H 409 97.58 32.85 21.01
C SER H 409 97.90 31.85 19.90
N LEU H 410 98.25 30.61 20.27
CA LEU H 410 98.75 29.63 19.33
C LEU H 410 97.70 28.67 18.79
N LEU H 411 96.79 28.17 19.64
CA LEU H 411 95.95 27.05 19.27
C LEU H 411 94.52 27.44 18.94
N CYS H 412 93.82 28.10 19.86
CA CYS H 412 92.40 28.35 19.73
C CYS H 412 92.15 29.85 19.62
N CYS H 413 91.06 30.20 18.92
CA CYS H 413 90.73 31.61 18.66
C CYS H 413 91.88 32.30 17.93
N VAL H 414 92.54 31.58 17.03
CA VAL H 414 93.69 32.12 16.30
C VAL H 414 93.25 33.24 15.38
N ASN I 1 37.02 80.53 72.64
CA ASN I 1 38.15 80.53 71.72
C ASN I 1 38.36 79.14 71.11
N ASP I 2 38.40 78.13 71.98
CA ASP I 2 38.55 76.75 71.54
C ASP I 2 37.26 75.96 71.57
N CYS I 3 36.27 76.38 72.38
CA CYS I 3 35.05 75.61 72.57
C CYS I 3 34.02 75.85 71.48
N ILE I 4 34.24 76.80 70.58
CA ILE I 4 33.30 77.08 69.50
C ILE I 4 33.93 76.66 68.19
N PHE I 5 33.09 76.18 67.28
CA PHE I 5 33.53 75.65 65.98
C PHE I 5 32.65 76.24 64.89
N GLU I 6 33.18 76.27 63.68
CA GLU I 6 32.49 76.83 62.53
C GLU I 6 31.81 75.74 61.72
N VAL I 7 30.66 76.08 61.13
CA VAL I 7 29.93 75.19 60.25
C VAL I 7 29.91 75.81 58.86
N LYS I 8 30.33 75.03 57.86
CA LYS I 8 30.45 75.53 56.50
C LYS I 8 29.69 74.62 55.54
N HIS I 9 29.02 75.24 54.57
CA HIS I 9 28.38 74.52 53.47
C HIS I 9 28.68 75.27 52.18
N GLU I 10 29.42 74.62 51.28
CA GLU I 10 29.83 75.21 50.01
C GLU I 10 30.62 76.49 50.20
N GLY I 11 31.52 76.49 51.18
CA GLY I 11 32.42 77.59 51.41
C GLY I 11 31.86 78.74 52.21
N LYS I 12 30.58 78.69 52.59
CA LYS I 12 29.92 79.75 53.34
C LYS I 12 29.72 79.32 54.79
N VAL I 13 29.90 80.27 55.71
CA VAL I 13 29.69 80.01 57.13
C VAL I 13 28.24 80.32 57.47
N MET I 14 27.54 79.31 57.99
CA MET I 14 26.13 79.43 58.37
C MET I 14 25.91 79.51 59.88
N GLY I 15 26.77 78.88 60.68
CA GLY I 15 26.56 78.92 62.12
C GLY I 15 27.71 78.29 62.87
N TYR I 16 27.44 78.01 64.15
CA TYR I 16 28.46 77.51 65.06
C TYR I 16 27.88 76.37 65.89
N ALA I 17 28.76 75.49 66.35
CA ALA I 17 28.41 74.41 67.25
C ALA I 17 29.22 74.55 68.54
N CYS I 18 28.56 74.32 69.68
CA CYS I 18 29.13 74.59 70.98
C CYS I 18 29.26 73.29 71.76
N LEU I 19 30.31 73.21 72.58
CA LEU I 19 30.70 71.99 73.29
C LEU I 19 30.55 72.25 74.78
N VAL I 20 29.40 71.89 75.33
CA VAL I 20 29.02 72.25 76.70
C VAL I 20 28.67 70.99 77.46
N GLY I 21 29.12 70.92 78.71
CA GLY I 21 28.85 69.74 79.52
C GLY I 21 29.53 68.52 78.93
N ASP I 22 28.74 67.49 78.65
CA ASP I 22 29.25 66.28 78.00
C ASP I 22 28.63 66.03 76.63
N LYS I 23 27.98 67.03 76.03
CA LYS I 23 27.29 66.87 74.76
C LYS I 23 27.72 67.95 73.77
N VAL I 24 27.54 67.64 72.48
CA VAL I 24 27.79 68.56 71.38
C VAL I 24 26.45 68.99 70.80
N MET I 25 26.21 70.29 70.79
CA MET I 25 24.91 70.86 70.46
C MET I 25 25.01 71.67 69.17
N LYS I 26 23.90 71.71 68.44
CA LYS I 26 23.77 72.46 67.21
C LYS I 26 22.31 72.76 66.91
N PRO I 27 21.97 73.99 66.54
CA PRO I 27 20.59 74.27 66.11
C PRO I 27 20.22 73.44 64.90
N ALA I 28 18.96 73.00 64.88
CA ALA I 28 18.56 71.98 63.91
C ALA I 28 18.22 72.57 62.55
N HIS I 29 17.84 73.84 62.50
CA HIS I 29 17.46 74.46 61.23
C HIS I 29 18.65 74.85 60.37
N VAL I 30 19.87 74.78 60.90
CA VAL I 30 21.06 75.21 60.16
C VAL I 30 21.57 74.04 59.34
N LYS I 31 21.75 74.28 58.05
CA LYS I 31 22.29 73.25 57.17
C LYS I 31 23.82 73.25 57.22
N GLY I 32 24.41 72.22 56.65
CA GLY I 32 25.85 72.15 56.49
C GLY I 32 26.47 71.02 57.31
N THR I 33 27.80 71.01 57.32
CA THR I 33 28.57 69.98 57.98
C THR I 33 29.60 70.64 58.90
N ILE I 34 30.15 69.88 59.83
CA ILE I 34 31.04 70.39 60.86
C ILE I 34 32.47 70.36 60.32
N ASP I 35 33.23 71.41 60.63
CA ASP I 35 34.59 71.52 60.10
C ASP I 35 35.50 70.41 60.62
N ASN I 36 35.45 70.15 61.93
CA ASN I 36 36.36 69.19 62.52
C ASN I 36 36.10 67.79 61.98
N ALA I 37 37.18 67.08 61.64
CA ALA I 37 37.04 65.78 60.98
C ALA I 37 36.45 64.74 61.94
N ASP I 38 36.93 64.71 63.19
CA ASP I 38 36.51 63.67 64.11
C ASP I 38 35.04 63.78 64.47
N LEU I 39 34.56 65.00 64.73
CA LEU I 39 33.17 65.19 65.11
C LEU I 39 32.19 64.88 63.99
N ALA I 40 32.64 64.94 62.74
CA ALA I 40 31.73 64.78 61.61
C ALA I 40 31.14 63.37 61.54
N LYS I 41 31.79 62.38 62.16
CA LYS I 41 31.40 60.99 62.02
C LYS I 41 30.40 60.53 63.08
N LEU I 42 30.08 61.37 64.06
CA LEU I 42 29.15 60.99 65.11
C LEU I 42 27.72 61.03 64.60
N ALA I 43 26.86 60.23 65.24
CA ALA I 43 25.45 60.17 64.91
C ALA I 43 24.64 61.04 65.87
N PHE I 44 23.65 61.75 65.31
CA PHE I 44 22.90 62.73 66.07
C PHE I 44 21.43 62.34 66.10
N LYS I 45 20.73 62.78 67.13
CA LYS I 45 19.29 62.59 67.25
C LYS I 45 18.60 63.94 67.19
N ARG I 46 17.50 64.01 66.43
CA ARG I 46 16.84 65.27 66.16
C ARG I 46 15.45 65.30 66.80
N SER I 47 14.99 66.52 67.10
CA SER I 47 13.70 66.71 67.74
C SER I 47 13.17 68.08 67.30
N SER I 48 12.11 68.07 66.51
CA SER I 48 11.56 69.31 65.95
C SER I 48 10.66 70.04 66.92
N LYS I 49 10.49 69.53 68.14
CA LYS I 49 9.84 70.28 69.20
C LYS I 49 10.73 71.41 69.71
N TYR I 50 12.05 71.19 69.75
CA TYR I 50 12.99 72.13 70.35
C TYR I 50 14.05 72.65 69.38
N ASP I 51 14.04 72.22 68.12
CA ASP I 51 14.99 72.70 67.11
C ASP I 51 16.43 72.50 67.56
N LEU I 52 16.71 71.35 68.16
CA LEU I 52 18.02 71.04 68.72
C LEU I 52 18.48 69.65 68.28
N GLU I 53 19.80 69.44 68.33
CA GLU I 53 20.40 68.13 68.13
C GLU I 53 21.56 67.96 69.10
N CYS I 54 21.77 66.74 69.58
CA CYS I 54 22.80 66.47 70.57
C CYS I 54 23.41 65.09 70.35
N ALA I 55 24.56 64.87 70.97
CA ALA I 55 25.24 63.59 70.96
C ALA I 55 26.21 63.54 72.12
N GLN I 56 26.89 62.40 72.28
CA GLN I 56 27.86 62.22 73.35
C GLN I 56 29.27 62.61 72.87
N ILE I 57 30.01 63.28 73.75
CA ILE I 57 31.34 63.80 73.42
C ILE I 57 32.35 62.65 73.48
N PRO I 58 33.18 62.48 72.45
CA PRO I 58 34.26 61.49 72.53
C PRO I 58 35.28 61.84 73.60
N VAL I 59 36.00 60.82 74.03
CA VAL I 59 36.75 60.88 75.29
C VAL I 59 37.89 61.89 75.19
N HIS I 60 38.79 61.69 74.23
CA HIS I 60 40.06 62.42 74.22
C HIS I 60 39.91 63.92 73.96
N MET I 61 38.69 64.43 73.77
CA MET I 61 38.44 65.85 73.65
C MET I 61 37.88 66.47 74.92
N LYS I 62 37.92 65.74 76.04
CA LYS I 62 37.14 66.16 77.20
C LYS I 62 37.70 67.41 77.87
N SER I 63 38.99 67.71 77.70
CA SER I 63 39.60 68.84 78.39
C SER I 63 39.07 70.18 77.88
N ASP I 64 38.42 70.21 76.72
CA ASP I 64 38.00 71.47 76.11
C ASP I 64 36.59 71.88 76.51
N ALA I 65 35.90 71.09 77.31
CA ALA I 65 34.51 71.39 77.64
C ALA I 65 34.42 72.61 78.55
N SER I 66 33.36 73.39 78.36
CA SER I 66 33.04 74.50 79.24
C SER I 66 32.16 74.02 80.39
N LYS I 67 32.00 74.88 81.40
CA LYS I 67 31.10 74.61 82.50
C LYS I 67 29.73 75.22 82.23
N PHE I 68 28.77 74.86 83.07
CA PHE I 68 27.40 75.33 82.89
C PHE I 68 26.75 75.52 84.25
N THR I 69 25.64 76.25 84.27
CA THR I 69 24.89 76.49 85.48
C THR I 69 23.42 76.64 85.13
N HIS I 70 22.59 76.79 86.18
CA HIS I 70 21.15 76.82 86.01
C HIS I 70 20.46 77.91 86.84
N GLU I 71 21.20 78.68 87.62
CA GLU I 71 20.64 79.82 88.33
C GLU I 71 20.70 81.06 87.45
N LYS I 72 19.61 81.82 87.44
CA LYS I 72 19.48 83.01 86.60
C LYS I 72 18.93 84.17 87.43
N PRO I 73 19.73 84.71 88.34
CA PRO I 73 19.32 85.93 89.04
C PRO I 73 19.47 87.15 88.14
N GLU I 74 18.76 88.22 88.52
CA GLU I 74 18.73 89.40 87.69
C GLU I 74 20.05 90.15 87.76
N GLY I 75 20.46 90.74 86.64
CA GLY I 75 21.73 91.45 86.58
C GLY I 75 22.17 91.65 85.14
N TYR I 76 23.48 91.65 84.95
CA TYR I 76 24.09 91.86 83.64
C TYR I 76 24.88 90.63 83.22
N TYR I 77 24.85 90.34 81.92
CA TYR I 77 25.55 89.20 81.35
C TYR I 77 26.26 89.66 80.07
N ASN I 78 27.22 88.86 79.62
CA ASN I 78 28.08 89.24 78.51
C ASN I 78 27.99 88.22 77.39
N TRP I 79 28.21 88.70 76.16
CA TRP I 79 28.45 87.82 75.03
C TRP I 79 29.43 88.53 74.09
N HIS I 80 29.61 87.98 72.89
CA HIS I 80 30.73 88.36 72.05
C HIS I 80 30.66 89.84 71.66
N HIS I 81 29.48 90.34 71.33
CA HIS I 81 29.33 91.68 70.78
C HIS I 81 28.91 92.72 71.83
N GLY I 82 29.10 92.41 73.11
CA GLY I 82 28.80 93.40 74.13
C GLY I 82 28.05 92.86 75.33
N ALA I 83 27.26 93.71 75.96
CA ALA I 83 26.51 93.36 77.16
C ALA I 83 25.07 93.05 76.82
N VAL I 84 24.44 92.24 77.68
CA VAL I 84 23.05 91.85 77.54
C VAL I 84 22.36 92.01 78.89
N GLN I 85 21.10 92.42 78.88
CA GLN I 85 20.36 92.74 80.09
C GLN I 85 19.21 91.74 80.24
N TYR I 86 19.10 91.15 81.42
CA TYR I 86 18.05 90.19 81.74
C TYR I 86 17.19 90.78 82.84
N SER I 87 15.93 91.04 82.52
CA SER I 87 14.98 91.55 83.51
C SER I 87 13.57 91.23 83.04
N GLY I 88 12.73 90.72 83.94
CA GLY I 88 11.37 90.38 83.61
C GLY I 88 11.21 89.12 82.80
N GLY I 89 12.24 88.28 82.71
CA GLY I 89 12.14 87.05 81.96
C GLY I 89 12.50 87.15 80.49
N ARG I 90 13.17 88.22 80.07
CA ARG I 90 13.53 88.41 78.68
C ARG I 90 14.98 88.85 78.58
N PHE I 91 15.57 88.59 77.42
CA PHE I 91 16.92 89.04 77.11
C PHE I 91 16.84 90.30 76.24
N THR I 92 17.62 91.32 76.61
CA THR I 92 17.55 92.63 75.99
C THR I 92 18.88 92.95 75.31
N ILE I 93 18.82 93.39 74.05
CA ILE I 93 20.00 93.78 73.30
C ILE I 93 19.73 95.12 72.63
N PRO I 94 20.65 96.10 72.74
CA PRO I 94 20.44 97.38 72.05
C PRO I 94 20.39 97.18 70.53
N THR I 95 19.42 97.85 69.91
CA THR I 95 19.02 97.52 68.54
C THR I 95 20.19 97.67 67.58
N GLY I 96 20.15 96.87 66.51
CA GLY I 96 21.17 96.86 65.50
C GLY I 96 22.33 95.93 65.78
N ALA I 97 22.51 95.51 67.03
CA ALA I 97 23.57 94.58 67.38
C ALA I 97 23.13 93.18 67.00
N GLY I 98 23.81 92.59 66.03
CA GLY I 98 23.43 91.26 65.56
C GLY I 98 22.79 91.31 64.18
N LYS I 99 23.20 90.39 63.32
CA LYS I 99 22.71 90.28 61.97
C LYS I 99 22.52 88.80 61.65
N PRO I 100 21.66 88.46 60.69
CA PRO I 100 21.43 87.06 60.36
C PRO I 100 22.71 86.35 59.95
N GLY I 101 22.81 85.08 60.32
CA GLY I 101 24.01 84.30 60.11
C GLY I 101 24.90 84.17 61.33
N ASP I 102 24.47 84.64 62.49
CA ASP I 102 25.26 84.63 63.72
C ASP I 102 24.59 83.80 64.81
N SER I 103 23.96 82.70 64.42
CA SER I 103 23.29 81.81 65.37
C SER I 103 24.27 80.79 65.94
N GLY I 104 23.92 80.27 67.11
CA GLY I 104 24.73 79.25 67.75
C GLY I 104 25.77 79.76 68.72
N ARG I 105 25.68 81.01 69.17
CA ARG I 105 26.69 81.56 70.05
C ARG I 105 26.23 81.50 71.50
N PRO I 106 27.08 81.05 72.41
CA PRO I 106 26.67 80.97 73.83
C PRO I 106 26.62 82.34 74.49
N ILE I 107 25.84 82.39 75.57
CA ILE I 107 25.77 83.54 76.47
C ILE I 107 26.41 83.13 77.78
N PHE I 108 27.27 84.00 78.32
CA PHE I 108 28.10 83.66 79.47
C PHE I 108 27.65 84.42 80.70
N ASP I 109 27.90 83.83 81.86
CA ASP I 109 27.62 84.47 83.14
C ASP I 109 28.82 85.32 83.54
N ASN I 110 28.82 85.84 84.76
CA ASN I 110 29.92 86.69 85.23
C ASN I 110 31.21 85.89 85.36
N LYS I 111 31.12 84.62 85.78
CA LYS I 111 32.33 83.81 85.93
C LYS I 111 32.66 83.02 84.66
N GLY I 112 31.94 83.26 83.57
CA GLY I 112 32.19 82.55 82.33
C GLY I 112 31.45 81.25 82.14
N ARG I 113 30.38 81.03 82.89
CA ARG I 113 29.58 79.82 82.75
C ARG I 113 28.47 80.02 81.73
N VAL I 114 28.23 78.99 80.92
CA VAL I 114 27.26 79.09 79.83
C VAL I 114 25.85 78.93 80.38
N VAL I 115 24.94 79.79 79.92
CA VAL I 115 23.58 79.79 80.44
C VAL I 115 22.53 79.63 79.34
N ALA I 116 22.81 79.99 78.10
CA ALA I 116 21.78 79.92 77.06
C ALA I 116 22.44 79.88 75.69
N ILE I 117 21.66 79.40 74.72
CA ILE I 117 22.06 79.35 73.32
C ILE I 117 21.00 80.06 72.50
N VAL I 118 21.42 81.02 71.68
CA VAL I 118 20.51 81.98 71.05
C VAL I 118 20.25 81.55 69.61
N LEU I 119 18.99 81.63 69.20
CA LEU I 119 18.59 81.35 67.82
C LEU I 119 17.48 82.34 67.47
N GLY I 120 17.86 83.47 66.88
CA GLY I 120 16.90 84.42 66.36
C GLY I 120 16.54 85.52 67.34
N GLY I 121 15.70 86.43 66.88
CA GLY I 121 15.28 87.55 67.70
C GLY I 121 14.11 88.28 67.07
N ALA I 122 13.51 89.15 67.87
CA ALA I 122 12.38 89.97 67.46
C ALA I 122 12.83 91.40 67.22
N ASN I 123 11.98 92.15 66.52
CA ASN I 123 12.30 93.51 66.09
C ASN I 123 11.47 94.51 66.88
N GLU I 124 12.16 95.47 67.50
CA GLU I 124 11.52 96.59 68.17
C GLU I 124 12.46 97.78 68.09
N GLY I 125 11.89 98.97 68.21
CA GLY I 125 12.64 100.20 68.00
C GLY I 125 13.93 100.36 68.78
N ALA I 126 13.82 100.56 70.10
CA ALA I 126 14.99 100.88 70.89
C ALA I 126 15.75 99.63 71.32
N ARG I 127 15.04 98.61 71.77
CA ARG I 127 15.66 97.40 72.29
C ARG I 127 14.99 96.18 71.65
N THR I 128 15.75 95.10 71.55
CA THR I 128 15.29 93.89 70.90
C THR I 128 15.23 92.74 71.90
N ALA I 129 14.28 91.84 71.67
CA ALA I 129 14.10 90.64 72.48
C ALA I 129 14.48 89.42 71.68
N LEU I 130 15.03 88.42 72.37
CA LEU I 130 15.61 87.26 71.72
C LEU I 130 14.76 86.01 71.96
N SER I 131 14.96 85.02 71.11
CA SER I 131 14.46 83.68 71.32
C SER I 131 15.65 82.77 71.61
N VAL I 132 15.60 82.08 72.76
CA VAL I 132 16.73 81.33 73.26
C VAL I 132 16.28 79.91 73.62
N VAL I 133 17.26 79.04 73.82
CA VAL I 133 17.06 77.71 74.38
C VAL I 133 17.78 77.65 75.71
N THR I 134 17.03 77.45 76.79
CA THR I 134 17.57 77.43 78.14
C THR I 134 17.31 76.05 78.76
N TRP I 135 17.59 75.93 80.05
CA TRP I 135 17.30 74.66 80.73
C TRP I 135 17.16 74.90 82.23
N ASN I 136 16.74 73.83 82.90
CA ASN I 136 16.47 73.78 84.34
C ASN I 136 16.94 72.42 84.83
N LYS I 137 16.57 72.05 86.05
CA LYS I 137 16.85 70.69 86.52
C LYS I 137 16.02 69.69 85.74
N ASP I 138 16.69 68.92 84.88
CA ASP I 138 16.22 67.70 84.23
C ASP I 138 15.23 67.95 83.09
N ILE I 139 15.07 69.18 82.61
CA ILE I 139 14.22 69.47 81.46
C ILE I 139 14.88 70.52 80.58
N VAL I 140 14.24 70.80 79.44
CA VAL I 140 14.68 71.82 78.48
C VAL I 140 13.45 72.58 78.02
N THR I 141 13.60 73.91 77.85
CA THR I 141 12.48 74.76 77.43
C THR I 141 12.94 75.70 76.32
N LYS I 142 11.97 76.33 75.69
CA LYS I 142 12.19 77.27 74.60
C LYS I 142 11.33 78.50 74.83
N ILE I 143 11.96 79.67 74.79
CA ILE I 143 11.30 80.94 75.05
C ILE I 143 11.26 81.72 73.75
N THR I 144 10.08 82.15 73.34
CA THR I 144 9.93 82.81 72.05
C THR I 144 9.02 84.03 72.15
N PRO I 145 9.56 85.23 71.90
CA PRO I 145 8.72 86.43 71.96
C PRO I 145 7.88 86.57 70.70
N GLU I 146 6.90 87.45 70.78
CA GLU I 146 5.98 87.65 69.67
C GLU I 146 6.71 88.29 68.48
N GLY I 147 6.54 87.71 67.30
CA GLY I 147 7.07 88.29 66.08
C GLY I 147 8.52 88.02 65.79
N ALA I 148 9.14 87.07 66.47
CA ALA I 148 10.56 86.79 66.25
C ALA I 148 10.80 86.20 64.87
N GLU I 149 11.98 86.48 64.32
CA GLU I 149 12.40 85.96 63.02
C GLU I 149 13.77 85.32 63.14
N GLU I 150 13.96 84.23 62.41
CA GLU I 150 15.16 83.41 62.52
C GLU I 150 16.38 84.16 61.99
N TRP I 151 17.51 83.97 62.66
CA TRP I 151 18.79 84.48 62.18
C TRP I 151 19.61 83.36 61.53
N ASN J 1 68.09 63.80 58.82
CA ASN J 1 67.38 65.06 59.01
C ASN J 1 66.25 65.22 58.00
N ASP J 2 66.58 64.99 56.72
CA ASP J 2 65.63 65.16 55.63
C ASP J 2 65.17 63.84 55.02
N CYS J 3 65.81 62.72 55.35
CA CYS J 3 65.53 61.44 54.72
C CYS J 3 64.49 60.62 55.46
N ILE J 4 63.91 61.15 56.53
CA ILE J 4 62.97 60.42 57.37
C ILE J 4 61.55 60.88 57.03
N PHE J 5 60.62 59.94 56.95
CA PHE J 5 59.24 60.23 56.63
C PHE J 5 58.34 59.63 57.69
N GLU J 6 57.16 60.23 57.86
CA GLU J 6 56.22 59.85 58.90
C GLU J 6 55.10 58.99 58.32
N VAL J 7 54.68 58.00 59.11
CA VAL J 7 53.58 57.12 58.75
C VAL J 7 52.42 57.43 59.69
N LYS J 8 51.25 57.71 59.11
CA LYS J 8 50.10 58.17 59.87
C LYS J 8 48.89 57.27 59.64
N HIS J 9 48.04 57.20 60.65
CA HIS J 9 46.77 56.47 60.57
C HIS J 9 45.77 57.18 61.45
N GLU J 10 44.69 57.69 60.84
CA GLU J 10 43.63 58.40 61.56
C GLU J 10 44.19 59.57 62.35
N GLY J 11 45.15 60.30 61.76
CA GLY J 11 45.64 61.49 62.39
C GLY J 11 46.69 61.23 63.45
N LYS J 12 47.05 59.98 63.71
CA LYS J 12 48.00 59.61 64.74
C LYS J 12 49.31 59.17 64.10
N VAL J 13 50.40 59.33 64.84
CA VAL J 13 51.72 58.87 64.41
C VAL J 13 52.03 57.58 65.18
N MET J 14 52.35 56.51 64.45
CA MET J 14 52.74 55.26 65.07
C MET J 14 54.17 54.82 64.77
N GLY J 15 54.81 55.37 63.76
CA GLY J 15 56.15 54.93 63.41
C GLY J 15 56.71 55.73 62.26
N TYR J 16 57.93 55.37 61.88
CA TYR J 16 58.70 56.10 60.89
C TYR J 16 59.17 55.17 59.78
N ALA J 17 59.55 55.77 58.65
CA ALA J 17 60.18 55.07 57.55
C ALA J 17 61.44 55.81 57.15
N CYS J 18 62.42 55.08 56.63
CA CYS J 18 63.72 55.62 56.34
C CYS J 18 64.17 55.22 54.94
N LEU J 19 64.97 56.08 54.32
CA LEU J 19 65.59 55.80 53.02
C LEU J 19 67.06 55.51 53.25
N VAL J 20 67.48 54.29 52.91
CA VAL J 20 68.86 53.85 53.06
C VAL J 20 69.34 53.30 51.72
N GLY J 21 70.49 53.79 51.26
CA GLY J 21 71.07 53.28 50.04
C GLY J 21 70.20 53.49 48.82
N ASP J 22 69.60 52.41 48.32
CA ASP J 22 68.64 52.49 47.22
C ASP J 22 67.37 51.70 47.53
N LYS J 23 67.03 51.55 48.81
CA LYS J 23 65.80 50.90 49.19
C LYS J 23 65.15 51.64 50.35
N VAL J 24 63.82 51.53 50.42
CA VAL J 24 63.02 52.10 51.50
C VAL J 24 62.65 51.00 52.48
N MET J 25 62.76 51.29 53.77
CA MET J 25 62.59 50.30 54.83
C MET J 25 61.50 50.75 55.81
N LYS J 26 60.77 49.77 56.34
CA LYS J 26 59.65 50.05 57.26
C LYS J 26 59.38 48.85 58.16
N PRO J 27 59.18 49.06 59.46
CA PRO J 27 58.85 47.93 60.34
C PRO J 27 57.52 47.27 59.97
N ALA J 28 57.46 45.96 60.19
CA ALA J 28 56.31 45.16 59.74
C ALA J 28 55.09 45.35 60.62
N HIS J 29 55.27 45.52 61.93
CA HIS J 29 54.13 45.57 62.85
C HIS J 29 53.46 46.94 62.89
N VAL J 30 54.00 47.94 62.20
CA VAL J 30 53.43 49.28 62.21
C VAL J 30 52.38 49.38 61.11
N LYS J 31 51.17 49.76 61.48
CA LYS J 31 50.07 49.88 60.53
C LYS J 31 50.02 51.31 59.96
N GLY J 32 49.14 51.50 58.98
CA GLY J 32 48.91 52.80 58.40
C GLY J 32 49.50 52.91 57.01
N THR J 33 49.60 54.15 56.54
CA THR J 33 50.11 54.45 55.21
C THR J 33 51.09 55.62 55.31
N ILE J 34 51.76 55.88 54.19
CA ILE J 34 52.79 56.91 54.11
C ILE J 34 52.14 58.23 53.71
N ASP J 35 52.56 59.31 54.37
CA ASP J 35 51.95 60.62 54.13
C ASP J 35 52.27 61.13 52.72
N ASN J 36 53.48 60.89 52.24
CA ASN J 36 53.87 61.40 50.93
C ASN J 36 53.05 60.75 49.83
N ALA J 37 52.67 61.55 48.83
CA ALA J 37 51.75 61.08 47.79
C ALA J 37 52.43 60.07 46.86
N ASP J 38 53.68 60.32 46.48
CA ASP J 38 54.33 59.45 45.50
C ASP J 38 54.69 58.09 46.09
N LEU J 39 55.24 58.07 47.30
CA LEU J 39 55.71 56.83 47.89
C LEU J 39 54.57 55.88 48.25
N ALA J 40 53.36 56.38 48.44
CA ALA J 40 52.25 55.55 48.88
C ALA J 40 51.76 54.58 47.81
N LYS J 41 52.15 54.77 46.55
CA LYS J 41 51.67 53.95 45.45
C LYS J 41 52.61 52.79 45.13
N LEU J 42 53.71 52.65 45.85
CA LEU J 42 54.68 51.59 45.57
C LEU J 42 54.16 50.23 46.04
N ALA J 43 54.65 49.18 45.38
CA ALA J 43 54.40 47.80 45.80
C ALA J 43 55.55 47.32 46.67
N PHE J 44 55.22 46.52 47.69
CA PHE J 44 56.17 46.12 48.71
C PHE J 44 56.29 44.60 48.78
N LYS J 45 57.46 44.14 49.22
CA LYS J 45 57.67 42.76 49.63
C LYS J 45 57.59 42.66 51.14
N ARG J 46 57.21 41.49 51.64
CA ARG J 46 57.00 41.28 53.05
C ARG J 46 57.70 40.00 53.49
N SER J 47 58.28 40.03 54.69
CA SER J 47 58.99 38.88 55.24
C SER J 47 58.78 38.85 56.74
N SER J 48 58.13 37.79 57.22
CA SER J 48 57.83 37.66 58.65
C SER J 48 59.00 37.10 59.44
N LYS J 49 60.10 36.74 58.79
CA LYS J 49 61.29 36.31 59.51
C LYS J 49 62.07 37.47 60.09
N TYR J 50 62.03 38.64 59.45
CA TYR J 50 62.86 39.77 59.85
C TYR J 50 62.06 41.04 60.14
N ASP J 51 60.73 41.00 59.99
CA ASP J 51 59.87 42.17 60.26
C ASP J 51 60.27 43.39 59.44
N LEU J 52 60.49 43.18 58.15
CA LEU J 52 60.86 44.27 57.25
C LEU J 52 60.03 44.22 55.98
N GLU J 53 59.81 45.40 55.40
CA GLU J 53 59.29 45.56 54.06
C GLU J 53 60.17 46.53 53.30
N CYS J 54 60.26 46.34 51.98
CA CYS J 54 61.13 47.16 51.16
C CYS J 54 60.47 47.41 49.81
N ALA J 55 61.02 48.40 49.09
CA ALA J 55 60.58 48.74 47.74
C ALA J 55 61.69 49.54 47.09
N GLN J 56 61.56 49.73 45.78
CA GLN J 56 62.58 50.39 45.00
C GLN J 56 62.41 51.90 45.03
N ILE J 57 63.51 52.62 45.10
CA ILE J 57 63.48 54.09 45.23
C ILE J 57 63.23 54.70 43.86
N PRO J 58 62.29 55.63 43.73
CA PRO J 58 62.06 56.28 42.44
C PRO J 58 63.23 57.14 42.02
N VAL J 59 63.30 57.41 40.72
CA VAL J 59 64.51 57.95 40.12
C VAL J 59 64.82 59.34 40.67
N HIS J 60 63.83 60.22 40.70
CA HIS J 60 64.08 61.62 41.03
C HIS J 60 64.38 61.86 42.51
N MET J 61 64.15 60.88 43.38
CA MET J 61 64.39 61.04 44.80
C MET J 61 65.70 60.40 45.25
N LYS J 62 66.60 60.07 44.32
CA LYS J 62 67.80 59.32 44.67
C LYS J 62 68.80 60.16 45.45
N SER J 63 68.85 61.47 45.20
CA SER J 63 69.89 62.31 45.81
C SER J 63 69.75 62.43 47.31
N ASP J 64 68.61 62.05 47.90
CA ASP J 64 68.35 62.25 49.31
C ASP J 64 68.75 61.06 50.17
N ALA J 65 69.20 59.96 49.57
CA ALA J 65 69.52 58.77 50.34
C ALA J 65 70.87 58.92 51.04
N SER J 66 71.00 58.26 52.19
CA SER J 66 72.20 58.34 53.01
C SER J 66 73.19 57.24 52.63
N LYS J 67 74.35 57.25 53.28
CA LYS J 67 75.36 56.23 53.10
C LYS J 67 75.21 55.12 54.15
N PHE J 68 75.90 54.01 53.92
CA PHE J 68 75.81 52.87 54.83
C PHE J 68 77.15 52.13 54.84
N THR J 69 77.37 51.35 55.89
CA THR J 69 78.58 50.56 56.04
C THR J 69 78.26 49.33 56.88
N HIS J 70 79.26 48.46 57.05
CA HIS J 70 79.08 47.23 57.81
C HIS J 70 80.16 46.97 58.85
N GLU J 71 81.17 47.83 58.97
CA GLU J 71 82.12 47.72 60.06
C GLU J 71 81.50 48.27 61.34
N LYS J 72 81.64 47.52 62.43
CA LYS J 72 81.10 47.91 63.73
C LYS J 72 82.16 47.73 64.81
N PRO J 73 83.19 48.58 64.81
CA PRO J 73 84.13 48.58 65.94
C PRO J 73 83.49 49.16 67.18
N GLU J 74 84.07 48.83 68.33
CA GLU J 74 83.56 49.35 69.60
C GLU J 74 83.72 50.86 69.67
N GLY J 75 82.78 51.51 70.35
CA GLY J 75 82.83 52.95 70.49
C GLY J 75 81.46 53.49 70.85
N TYR J 76 81.28 54.78 70.57
CA TYR J 76 80.03 55.48 70.83
C TYR J 76 79.37 55.88 69.51
N TYR J 77 78.04 55.85 69.52
CA TYR J 77 77.24 56.25 68.37
C TYR J 77 76.16 57.22 68.82
N ASN J 78 75.50 57.85 67.84
CA ASN J 78 74.50 58.88 68.11
C ASN J 78 73.18 58.52 67.43
N TRP J 79 72.09 59.02 68.00
CA TRP J 79 70.80 59.01 67.33
C TRP J 79 70.05 60.28 67.73
N HIS J 80 68.73 60.27 67.57
CA HIS J 80 67.93 61.47 67.80
C HIS J 80 68.00 61.92 69.26
N HIS J 81 67.91 60.99 70.20
CA HIS J 81 67.78 61.32 71.62
C HIS J 81 69.11 61.25 72.37
N GLY J 82 70.24 61.25 71.67
CA GLY J 82 71.51 61.36 72.36
C GLY J 82 72.58 60.39 71.93
N ALA J 83 73.41 59.98 72.88
CA ALA J 83 74.51 59.06 72.63
C ALA J 83 74.11 57.64 73.01
N VAL J 84 74.61 56.67 72.24
CA VAL J 84 74.33 55.26 72.46
C VAL J 84 75.66 54.51 72.42
N GLN J 85 75.76 53.47 73.25
CA GLN J 85 77.03 52.79 73.50
C GLN J 85 76.99 51.36 72.96
N TYR J 86 78.12 50.94 72.38
CA TYR J 86 78.26 49.61 71.78
C TYR J 86 79.46 48.93 72.41
N SER J 87 79.22 47.82 73.10
CA SER J 87 80.29 47.05 73.72
C SER J 87 79.76 45.65 74.00
N GLY J 88 80.57 44.65 73.68
CA GLY J 88 80.13 43.28 73.79
C GLY J 88 79.17 42.82 72.71
N GLY J 89 79.06 43.56 71.61
CA GLY J 89 78.13 43.19 70.57
C GLY J 89 76.68 43.48 70.87
N ARG J 90 76.40 44.51 71.67
CA ARG J 90 75.04 44.79 72.12
C ARG J 90 74.84 46.28 72.25
N PHE J 91 73.60 46.73 72.00
CA PHE J 91 73.24 48.14 72.06
C PHE J 91 72.60 48.45 73.41
N THR J 92 73.03 49.54 74.03
CA THR J 92 72.48 49.95 75.32
C THR J 92 72.23 51.46 75.31
N ILE J 93 71.16 51.88 75.98
CA ILE J 93 70.73 53.27 76.02
C ILE J 93 70.42 53.62 77.47
N PRO J 94 70.63 54.86 77.91
CA PRO J 94 70.21 55.24 79.26
C PRO J 94 68.71 55.08 79.44
N THR J 95 68.31 54.64 80.64
CA THR J 95 66.93 54.30 80.89
C THR J 95 66.02 55.53 80.81
N GLY J 96 64.77 55.30 80.44
CA GLY J 96 63.76 56.33 80.42
C GLY J 96 63.62 57.06 79.10
N ALA J 97 64.65 57.05 78.26
CA ALA J 97 64.57 57.68 76.95
C ALA J 97 63.94 56.73 75.96
N GLY J 98 62.92 57.21 75.23
CA GLY J 98 62.21 56.38 74.29
C GLY J 98 60.87 55.90 74.81
N LYS J 99 59.85 56.02 73.98
CA LYS J 99 58.49 55.66 74.33
C LYS J 99 57.87 54.92 73.16
N PRO J 100 56.77 54.19 73.37
CA PRO J 100 56.09 53.55 72.25
C PRO J 100 55.73 54.55 71.16
N GLY J 101 55.90 54.12 69.92
CA GLY J 101 55.69 54.99 68.78
C GLY J 101 56.95 55.54 68.15
N ASP J 102 58.12 55.16 68.65
CA ASP J 102 59.40 55.71 68.20
C ASP J 102 60.25 54.67 67.47
N SER J 103 59.64 53.65 66.89
CA SER J 103 60.39 52.62 66.19
C SER J 103 60.76 53.09 64.79
N GLY J 104 61.94 52.68 64.33
CA GLY J 104 62.42 53.06 63.01
C GLY J 104 63.46 54.16 62.99
N ARG J 105 63.93 54.63 64.13
CA ARG J 105 64.95 55.67 64.16
C ARG J 105 66.30 55.09 63.77
N PRO J 106 66.97 55.63 62.75
CA PRO J 106 68.29 55.13 62.39
C PRO J 106 69.35 55.52 63.42
N ILE J 107 70.44 54.76 63.42
CA ILE J 107 71.56 54.98 64.32
C ILE J 107 72.80 55.28 63.48
N PHE J 108 73.46 56.39 63.80
CA PHE J 108 74.51 56.94 62.94
C PHE J 108 75.89 56.76 63.56
N ASP J 109 76.90 56.77 62.69
CA ASP J 109 78.29 56.70 63.10
C ASP J 109 78.84 58.12 63.20
N ASN J 110 80.17 58.24 63.35
CA ASN J 110 80.78 59.54 63.45
C ASN J 110 80.72 60.35 62.16
N LYS J 111 80.59 59.68 61.01
CA LYS J 111 80.58 60.35 59.72
C LYS J 111 79.21 60.38 59.06
N GLY J 112 78.17 59.94 59.77
CA GLY J 112 76.82 59.98 59.22
C GLY J 112 76.41 58.79 58.38
N ARG J 113 77.01 57.64 58.60
CA ARG J 113 76.65 56.43 57.87
C ARG J 113 75.75 55.55 58.73
N VAL J 114 74.76 54.93 58.10
CA VAL J 114 73.71 54.21 58.80
C VAL J 114 74.19 52.79 59.08
N VAL J 115 73.90 52.30 60.28
CA VAL J 115 74.30 50.94 60.66
C VAL J 115 73.15 50.06 61.13
N ALA J 116 72.01 50.60 61.55
CA ALA J 116 70.97 49.78 62.13
C ALA J 116 69.64 50.52 62.13
N ILE J 117 68.57 49.75 62.35
CA ILE J 117 67.24 50.29 62.60
C ILE J 117 66.67 49.62 63.84
N VAL J 118 66.15 50.42 64.76
CA VAL J 118 65.68 49.93 66.06
C VAL J 118 64.20 49.60 66.00
N LEU J 119 63.82 48.52 66.68
CA LEU J 119 62.41 48.12 66.78
C LEU J 119 62.23 47.42 68.12
N GLY J 120 61.54 48.09 69.05
CA GLY J 120 61.30 47.53 70.36
C GLY J 120 62.49 47.72 71.30
N GLY J 121 62.36 47.15 72.49
CA GLY J 121 63.44 47.22 73.46
C GLY J 121 63.09 46.42 74.70
N ALA J 122 64.13 46.18 75.50
CA ALA J 122 64.02 45.41 76.73
C ALA J 122 63.92 46.33 77.94
N ASN J 123 63.49 45.75 79.06
CA ASN J 123 63.34 46.48 80.31
C ASN J 123 64.46 46.10 81.27
N GLU J 124 65.09 47.11 81.87
CA GLU J 124 66.06 46.90 82.94
C GLU J 124 66.22 48.20 83.69
N GLY J 125 66.60 48.09 84.96
CA GLY J 125 66.69 49.24 85.85
C GLY J 125 67.63 50.36 85.41
N ALA J 126 68.94 50.09 85.43
CA ALA J 126 69.91 51.16 85.20
C ALA J 126 70.11 51.44 83.72
N ARG J 127 70.19 50.41 82.89
CA ARG J 127 70.43 50.57 81.46
C ARG J 127 69.48 49.68 80.69
N THR J 128 69.07 50.14 79.52
CA THR J 128 68.07 49.48 78.70
C THR J 128 68.74 48.87 77.47
N ALA J 129 68.43 47.59 77.21
CA ALA J 129 68.95 46.91 76.03
C ALA J 129 67.93 47.00 74.90
N LEU J 130 68.43 47.17 73.69
CA LEU J 130 67.59 47.43 72.53
C LEU J 130 67.43 46.17 71.68
N SER J 131 66.37 46.16 70.88
CA SER J 131 66.12 45.12 69.89
C SER J 131 66.34 45.73 68.51
N VAL J 132 67.32 45.19 67.78
CA VAL J 132 67.83 45.85 66.59
C VAL J 132 67.94 44.86 65.44
N VAL J 133 67.94 45.40 64.22
CA VAL J 133 68.20 44.64 63.00
C VAL J 133 69.38 45.29 62.29
N THR J 134 70.35 44.48 61.90
CA THR J 134 71.55 44.98 61.23
C THR J 134 71.74 44.26 59.91
N TRP J 135 72.91 44.40 59.30
CA TRP J 135 73.23 43.64 58.10
C TRP J 135 74.73 43.33 58.09
N ASN J 136 75.09 42.41 57.21
CA ASN J 136 76.47 41.97 57.05
C ASN J 136 76.71 41.82 55.55
N LYS J 137 77.80 41.14 55.18
CA LYS J 137 78.03 40.88 53.76
C LYS J 137 76.93 39.99 53.19
N ASP J 138 76.06 40.58 52.36
CA ASP J 138 75.07 39.89 51.53
C ASP J 138 73.92 39.26 52.31
N ILE J 139 73.78 39.54 53.60
CA ILE J 139 72.66 39.03 54.39
C ILE J 139 72.15 40.11 55.34
N VAL J 140 70.99 39.83 55.93
CA VAL J 140 70.43 40.61 57.02
C VAL J 140 70.29 39.71 58.23
N THR J 141 70.23 40.31 59.41
CA THR J 141 70.15 39.54 60.64
C THR J 141 69.37 40.32 61.69
N LYS J 142 68.76 39.59 62.60
CA LYS J 142 67.93 40.16 63.67
C LYS J 142 68.49 39.75 65.02
N ILE J 143 68.64 40.72 65.93
CA ILE J 143 69.15 40.49 67.27
C ILE J 143 68.07 40.90 68.25
N THR J 144 67.68 39.97 69.14
CA THR J 144 66.61 40.25 70.10
C THR J 144 66.98 39.74 71.49
N PRO J 145 67.23 40.66 72.43
CA PRO J 145 67.56 40.22 73.79
C PRO J 145 66.36 39.62 74.48
N GLU J 146 66.62 39.02 75.65
CA GLU J 146 65.55 38.38 76.41
C GLU J 146 64.60 39.42 76.99
N GLY J 147 63.30 39.13 76.91
CA GLY J 147 62.30 39.98 77.54
C GLY J 147 61.93 41.24 76.80
N ALA J 148 62.31 41.38 75.53
CA ALA J 148 62.07 42.61 74.81
C ALA J 148 60.58 42.84 74.62
N GLU J 149 60.20 44.11 74.46
CA GLU J 149 58.80 44.48 74.23
C GLU J 149 58.77 45.45 73.05
N GLU J 150 57.73 45.34 72.23
CA GLU J 150 57.66 46.15 71.01
C GLU J 150 57.40 47.61 71.34
N TRP J 151 57.99 48.49 70.53
CA TRP J 151 57.68 49.92 70.60
C TRP J 151 56.84 50.33 69.41
N ASN K 1 43.96 93.83 37.86
CA ASN K 1 44.82 93.44 38.96
C ASN K 1 44.16 92.40 39.84
N ASP K 2 42.87 92.59 40.12
CA ASP K 2 42.08 91.66 40.92
C ASP K 2 41.17 90.78 40.08
N CYS K 3 41.31 90.82 38.75
CA CYS K 3 40.45 90.09 37.84
C CYS K 3 41.04 88.74 37.44
N ILE K 4 42.13 88.31 38.05
CA ILE K 4 42.85 87.10 37.66
C ILE K 4 42.56 86.00 38.68
N PHE K 5 42.24 84.82 38.18
CA PHE K 5 41.99 83.64 38.99
C PHE K 5 42.87 82.50 38.50
N GLU K 6 43.14 81.55 39.37
CA GLU K 6 44.01 80.43 39.07
C GLU K 6 43.21 79.20 38.68
N VAL K 7 43.81 78.36 37.84
CA VAL K 7 43.24 77.09 37.42
C VAL K 7 44.17 75.99 37.90
N LYS K 8 43.61 75.02 38.63
CA LYS K 8 44.40 73.95 39.22
C LYS K 8 43.87 72.60 38.79
N HIS K 9 44.77 71.62 38.74
CA HIS K 9 44.40 70.23 38.45
C HIS K 9 45.46 69.32 39.05
N GLU K 10 45.03 68.35 39.84
CA GLU K 10 45.91 67.36 40.47
C GLU K 10 47.01 68.04 41.29
N GLY K 11 46.68 69.17 41.92
CA GLY K 11 47.62 69.89 42.74
C GLY K 11 48.57 70.81 42.01
N LYS K 12 48.49 70.87 40.68
CA LYS K 12 49.39 71.69 39.88
C LYS K 12 48.60 72.79 39.18
N VAL K 13 49.25 73.93 38.98
CA VAL K 13 48.65 75.06 38.28
C VAL K 13 48.90 74.89 36.80
N MET K 14 47.82 74.87 36.01
CA MET K 14 47.92 74.73 34.57
C MET K 14 47.69 76.02 33.81
N GLY K 15 46.88 76.93 34.32
CA GLY K 15 46.58 78.14 33.59
C GLY K 15 45.76 79.10 34.41
N TYR K 16 45.17 80.08 33.72
CA TYR K 16 44.43 81.15 34.35
C TYR K 16 43.14 81.43 33.59
N ALA K 17 42.20 82.08 34.27
CA ALA K 17 41.00 82.63 33.67
C ALA K 17 40.88 84.11 34.05
N CYS K 18 40.14 84.86 33.24
CA CYS K 18 40.08 86.31 33.40
C CYS K 18 38.67 86.80 33.20
N LEU K 19 38.33 87.89 33.89
CA LEU K 19 36.99 88.48 33.86
C LEU K 19 37.08 89.82 33.14
N VAL K 20 36.36 89.95 32.03
CA VAL K 20 36.40 91.15 31.21
C VAL K 20 34.98 91.53 30.81
N GLY K 21 34.67 92.81 30.88
CA GLY K 21 33.38 93.29 30.43
C GLY K 21 32.24 92.68 31.21
N ASP K 22 31.58 91.68 30.61
CA ASP K 22 30.49 90.99 31.26
C ASP K 22 30.55 89.48 31.02
N LYS K 23 31.74 88.94 30.75
CA LYS K 23 31.90 87.54 30.41
C LYS K 23 33.13 86.98 31.11
N VAL K 24 33.13 85.66 31.29
CA VAL K 24 34.28 84.92 31.80
C VAL K 24 34.93 84.21 30.62
N MET K 25 36.24 84.37 30.47
CA MET K 25 36.98 83.74 29.39
C MET K 25 38.08 82.84 29.96
N LYS K 26 38.27 81.68 29.33
CA LYS K 26 39.28 80.72 29.68
C LYS K 26 39.72 79.97 28.43
N PRO K 27 41.02 79.75 28.24
CA PRO K 27 41.48 79.06 27.02
C PRO K 27 40.93 77.64 26.96
N ALA K 28 40.63 77.19 25.74
CA ALA K 28 39.92 75.94 25.56
C ALA K 28 40.80 74.72 25.81
N HIS K 29 42.11 74.83 25.55
CA HIS K 29 43.01 73.70 25.69
C HIS K 29 43.50 73.49 27.12
N VAL K 30 43.12 74.34 28.06
CA VAL K 30 43.59 74.24 29.44
C VAL K 30 42.64 73.34 30.22
N LYS K 31 43.20 72.35 30.90
CA LYS K 31 42.42 71.41 31.70
C LYS K 31 42.38 71.86 33.17
N GLY K 32 41.47 71.26 33.91
CA GLY K 32 41.33 71.51 35.33
C GLY K 32 40.08 72.30 35.65
N THR K 33 39.95 72.66 36.93
CA THR K 33 38.81 73.41 37.44
C THR K 33 39.28 74.75 37.98
N ILE K 34 38.34 75.67 38.11
CA ILE K 34 38.61 77.00 38.65
C ILE K 34 38.61 76.93 40.17
N ASP K 35 39.44 77.77 40.80
CA ASP K 35 39.59 77.71 42.25
C ASP K 35 38.32 78.17 42.96
N ASN K 36 37.71 79.26 42.51
CA ASN K 36 36.53 79.81 43.16
C ASN K 36 35.34 78.89 42.93
N ALA K 37 34.75 78.41 44.03
CA ALA K 37 33.63 77.48 43.93
C ALA K 37 32.41 78.11 43.30
N ASP K 38 32.27 79.44 43.40
CA ASP K 38 31.11 80.11 42.83
C ASP K 38 31.06 79.96 41.32
N LEU K 39 32.21 80.08 40.65
CA LEU K 39 32.26 80.00 39.20
C LEU K 39 32.15 78.56 38.68
N ALA K 40 32.42 77.56 39.51
CA ALA K 40 32.44 76.18 39.06
C ALA K 40 31.05 75.65 38.71
N LYS K 41 29.99 76.35 39.07
CA LYS K 41 28.64 75.90 38.78
C LYS K 41 28.12 76.36 37.42
N LEU K 42 28.85 77.24 36.73
CA LEU K 42 28.37 77.78 35.46
C LEU K 42 28.56 76.77 34.34
N ALA K 43 27.71 76.88 33.33
CA ALA K 43 27.79 76.04 32.15
C ALA K 43 28.53 76.77 31.03
N PHE K 44 29.43 76.07 30.36
CA PHE K 44 30.35 76.67 29.41
C PHE K 44 30.05 76.19 27.99
N LYS K 45 30.26 77.09 27.03
CA LYS K 45 30.03 76.83 25.62
C LYS K 45 31.37 76.86 24.88
N ARG K 46 31.52 75.94 23.94
CA ARG K 46 32.80 75.68 23.30
C ARG K 46 32.75 75.96 21.81
N SER K 47 33.91 76.34 21.27
CA SER K 47 34.10 76.44 19.83
C SER K 47 35.57 76.23 19.54
N SER K 48 35.90 75.15 18.82
CA SER K 48 37.29 74.81 18.58
C SER K 48 37.88 75.56 17.40
N LYS K 49 37.09 76.36 16.70
CA LYS K 49 37.63 77.21 15.65
C LYS K 49 38.52 78.31 16.23
N TYR K 50 38.26 78.73 17.47
CA TYR K 50 38.95 79.86 18.08
C TYR K 50 39.67 79.52 19.37
N ASP K 51 39.47 78.32 19.92
CA ASP K 51 40.06 77.91 21.20
C ASP K 51 39.67 78.89 22.32
N LEU K 52 38.37 79.03 22.52
CA LEU K 52 37.87 79.95 23.54
C LEU K 52 36.53 79.45 24.07
N GLU K 53 36.34 79.61 25.38
CA GLU K 53 35.08 79.31 26.04
C GLU K 53 34.63 80.51 26.85
N CYS K 54 33.32 80.66 27.02
CA CYS K 54 32.80 81.81 27.76
C CYS K 54 31.55 81.42 28.51
N ALA K 55 31.18 82.28 29.47
CA ALA K 55 29.98 82.11 30.28
C ALA K 55 29.58 83.47 30.81
N GLN K 56 28.34 83.56 31.32
CA GLN K 56 27.82 84.81 31.84
C GLN K 56 28.34 85.08 33.24
N ILE K 57 28.63 86.34 33.52
CA ILE K 57 29.19 86.75 34.82
C ILE K 57 28.05 86.92 35.82
N PRO K 58 28.12 86.30 36.99
CA PRO K 58 27.06 86.47 37.99
C PRO K 58 27.00 87.90 38.52
N VAL K 59 25.88 88.21 39.16
CA VAL K 59 25.54 89.60 39.44
C VAL K 59 26.47 90.20 40.50
N HIS K 60 26.74 89.47 41.57
CA HIS K 60 27.39 90.06 42.74
C HIS K 60 28.88 90.30 42.57
N MET K 61 29.48 89.82 41.46
CA MET K 61 30.90 90.05 41.19
C MET K 61 31.10 91.05 40.06
N LYS K 62 30.07 91.83 39.72
CA LYS K 62 30.16 92.77 38.60
C LYS K 62 31.19 93.87 38.87
N SER K 63 31.40 94.23 40.14
CA SER K 63 32.27 95.35 40.46
C SER K 63 33.74 95.06 40.23
N ASP K 64 34.12 93.79 40.05
CA ASP K 64 35.51 93.44 39.79
C ASP K 64 35.84 93.37 38.31
N ALA K 65 34.90 93.68 37.44
CA ALA K 65 35.11 93.55 36.00
C ALA K 65 36.09 94.61 35.51
N SER K 66 36.90 94.24 34.52
CA SER K 66 37.84 95.16 33.90
C SER K 66 37.17 95.93 32.76
N LYS K 67 37.86 96.95 32.29
CA LYS K 67 37.44 97.73 31.13
C LYS K 67 38.20 97.27 29.88
N PHE K 68 37.63 97.56 28.71
CA PHE K 68 38.21 97.10 27.46
C PHE K 68 38.05 98.17 26.37
N THR K 69 38.84 98.02 25.31
CA THR K 69 38.76 98.87 24.14
C THR K 69 39.16 98.06 22.92
N HIS K 70 39.01 98.67 21.74
CA HIS K 70 39.37 98.02 20.49
C HIS K 70 40.40 98.76 19.67
N GLU K 71 40.71 100.02 20.00
CA GLU K 71 41.73 100.75 19.28
C GLU K 71 43.12 100.17 19.56
N LYS K 72 43.93 100.07 18.51
CA LYS K 72 45.29 99.53 18.60
C LYS K 72 46.29 100.43 17.89
N PRO K 73 46.61 101.59 18.47
CA PRO K 73 47.69 102.41 17.88
C PRO K 73 49.05 101.79 18.13
N GLU K 74 49.97 102.07 17.21
CA GLU K 74 51.33 101.52 17.32
C GLU K 74 52.05 102.17 18.49
N GLY K 75 52.85 101.37 19.19
CA GLY K 75 53.54 101.86 20.37
C GLY K 75 54.07 100.77 21.28
N TYR K 76 54.05 101.02 22.59
CA TYR K 76 54.54 100.06 23.58
C TYR K 76 53.41 99.64 24.52
N TYR K 77 53.45 98.38 24.93
CA TYR K 77 52.45 97.80 25.81
C TYR K 77 53.14 96.98 26.89
N ASN K 78 52.40 96.72 27.97
CA ASN K 78 52.97 96.15 29.19
C ASN K 78 52.23 94.86 29.54
N TRP K 79 52.93 93.97 30.25
CA TRP K 79 52.28 92.80 30.84
C TRP K 79 53.08 92.37 32.07
N HIS K 80 52.79 91.16 32.55
CA HIS K 80 53.27 90.72 33.86
C HIS K 80 54.78 90.56 33.90
N HIS K 81 55.38 89.96 32.88
CA HIS K 81 56.80 89.64 32.89
C HIS K 81 57.67 90.69 32.23
N GLY K 82 57.10 91.82 31.83
CA GLY K 82 57.90 92.89 31.27
C GLY K 82 57.09 93.70 30.28
N ALA K 83 57.80 94.30 29.33
CA ALA K 83 57.19 95.14 28.31
C ALA K 83 57.12 94.37 27.00
N VAL K 84 56.09 94.68 26.21
CA VAL K 84 55.86 94.02 24.93
C VAL K 84 55.73 95.08 23.84
N GLN K 85 56.12 94.71 22.63
CA GLN K 85 56.15 95.61 21.49
C GLN K 85 55.18 95.14 20.43
N TYR K 86 54.37 96.06 19.92
CA TYR K 86 53.43 95.79 18.81
C TYR K 86 53.84 96.66 17.64
N SER K 87 54.29 96.02 16.56
CA SER K 87 54.69 96.75 15.36
C SER K 87 54.63 95.80 14.18
N GLY K 88 54.01 96.25 13.09
CA GLY K 88 53.89 95.43 11.91
C GLY K 88 52.77 94.41 11.95
N GLY K 89 51.81 94.57 12.86
CA GLY K 89 50.70 93.64 12.93
C GLY K 89 50.96 92.40 13.74
N ARG K 90 52.04 92.36 14.52
CA ARG K 90 52.38 91.21 15.34
C ARG K 90 52.96 91.66 16.66
N PHE K 91 52.88 90.79 17.65
CA PHE K 91 53.45 91.02 18.98
C PHE K 91 54.79 90.31 19.08
N THR K 92 55.80 91.01 19.60
CA THR K 92 57.11 90.43 19.82
C THR K 92 57.59 90.75 21.23
N ILE K 93 58.25 89.78 21.86
CA ILE K 93 58.66 89.88 23.26
C ILE K 93 60.09 89.35 23.36
N PRO K 94 60.95 89.92 24.22
CA PRO K 94 62.32 89.42 24.34
C PRO K 94 62.36 87.96 24.77
N THR K 95 63.34 87.24 24.24
CA THR K 95 63.47 85.82 24.53
C THR K 95 63.83 85.60 26.00
N GLY K 96 63.32 84.49 26.54
CA GLY K 96 63.59 84.07 27.90
C GLY K 96 62.41 84.24 28.83
N ALA K 97 61.58 85.24 28.59
CA ALA K 97 60.38 85.44 29.39
C ALA K 97 59.26 84.57 28.84
N GLY K 98 58.58 83.85 29.71
CA GLY K 98 57.51 82.98 29.28
C GLY K 98 57.92 81.52 29.30
N LYS K 99 56.96 80.67 29.63
CA LYS K 99 57.18 79.24 29.82
C LYS K 99 55.82 78.55 29.82
N PRO K 100 55.79 77.23 29.66
CA PRO K 100 54.50 76.52 29.71
C PRO K 100 53.77 76.81 31.02
N GLY K 101 52.47 77.05 30.90
CA GLY K 101 51.63 77.32 32.04
C GLY K 101 51.26 78.78 32.25
N ASP K 102 51.72 79.68 31.40
CA ASP K 102 51.46 81.10 31.57
C ASP K 102 50.27 81.58 30.74
N SER K 103 49.47 80.66 30.21
CA SER K 103 48.37 81.05 29.34
C SER K 103 47.28 81.78 30.13
N GLY K 104 46.65 82.74 29.47
CA GLY K 104 45.57 83.50 30.05
C GLY K 104 45.93 84.89 30.53
N ARG K 105 47.21 85.25 30.52
CA ARG K 105 47.60 86.58 30.96
C ARG K 105 47.13 87.61 29.95
N PRO K 106 46.53 88.71 30.39
CA PRO K 106 46.11 89.77 29.48
C PRO K 106 47.22 90.77 29.22
N ILE K 107 47.02 91.58 28.18
CA ILE K 107 47.97 92.60 27.77
C ILE K 107 47.29 93.96 27.91
N PHE K 108 47.96 94.89 28.58
CA PHE K 108 47.33 96.11 29.06
C PHE K 108 47.82 97.33 28.29
N ASP K 109 46.92 98.28 28.11
CA ASP K 109 47.22 99.53 27.42
C ASP K 109 47.84 100.50 28.43
N ASN K 110 48.03 101.75 28.00
CA ASN K 110 48.54 102.78 28.92
C ASN K 110 47.54 103.05 30.03
N LYS K 111 46.26 103.17 29.70
CA LYS K 111 45.23 103.59 30.63
C LYS K 111 44.61 102.42 31.39
N GLY K 112 45.17 101.22 31.28
CA GLY K 112 44.66 100.07 31.99
C GLY K 112 43.58 99.28 31.28
N ARG K 113 43.37 99.53 29.99
CA ARG K 113 42.34 98.84 29.22
C ARG K 113 42.93 97.62 28.51
N VAL K 114 42.21 96.49 28.59
CA VAL K 114 42.71 95.22 28.08
C VAL K 114 42.51 95.17 26.56
N VAL K 115 43.47 94.60 25.85
CA VAL K 115 43.41 94.61 24.39
C VAL K 115 43.66 93.22 23.80
N ALA K 116 44.20 92.30 24.59
CA ALA K 116 44.51 90.99 24.03
C ALA K 116 44.66 89.94 25.13
N ILE K 117 44.52 88.68 24.72
CA ILE K 117 44.67 87.52 25.59
C ILE K 117 45.60 86.53 24.88
N VAL K 118 46.64 86.08 25.57
CA VAL K 118 47.75 85.36 24.93
C VAL K 118 47.61 83.87 25.20
N LEU K 119 48.06 83.08 24.23
CA LEU K 119 48.15 81.63 24.38
C LEU K 119 49.22 81.11 23.42
N GLY K 120 50.28 80.52 23.97
CA GLY K 120 51.32 79.95 23.15
C GLY K 120 52.29 80.99 22.61
N GLY K 121 53.26 80.52 21.84
CA GLY K 121 54.28 81.40 21.28
C GLY K 121 55.18 80.65 20.32
N ALA K 122 55.93 81.44 19.56
CA ALA K 122 56.84 80.94 18.53
C ALA K 122 58.26 81.39 18.85
N ASN K 123 59.23 80.51 18.61
CA ASN K 123 60.61 80.71 19.06
C ASN K 123 61.46 81.15 17.86
N GLU K 124 62.15 82.28 18.01
CA GLU K 124 63.05 82.79 17.00
C GLU K 124 64.42 83.06 17.62
N GLY K 125 65.31 83.71 16.87
CA GLY K 125 66.66 83.98 17.33
C GLY K 125 66.77 84.81 18.59
N ALA K 126 66.34 86.07 18.52
CA ALA K 126 66.43 86.97 19.66
C ALA K 126 65.08 87.53 20.08
N ARG K 127 63.99 87.04 19.48
CA ARG K 127 62.65 87.48 19.84
C ARG K 127 61.73 86.27 19.84
N THR K 128 60.56 86.45 20.47
CA THR K 128 59.52 85.44 20.51
C THR K 128 58.27 86.01 19.85
N ALA K 129 57.66 85.24 18.96
CA ALA K 129 56.43 85.64 18.28
C ALA K 129 55.24 85.06 19.04
N LEU K 130 54.38 85.93 19.54
CA LEU K 130 53.27 85.52 20.38
C LEU K 130 52.06 85.17 19.54
N SER K 131 51.31 84.16 19.97
CA SER K 131 50.00 83.84 19.41
C SER K 131 48.94 84.38 20.36
N VAL K 132 47.96 85.08 19.81
CA VAL K 132 47.01 85.85 20.61
C VAL K 132 45.61 85.70 20.05
N VAL K 133 44.63 85.95 20.91
CA VAL K 133 43.23 86.04 20.52
C VAL K 133 42.76 87.46 20.80
N THR K 134 42.38 88.17 19.75
CA THR K 134 41.95 89.56 19.84
C THR K 134 40.51 89.67 19.40
N TRP K 135 39.99 90.90 19.38
CA TRP K 135 38.59 91.11 19.08
C TRP K 135 38.39 92.50 18.50
N ASN K 136 37.28 92.66 17.79
CA ASN K 136 37.02 93.81 16.94
C ASN K 136 35.54 94.14 17.07
N LYS K 137 35.07 95.15 16.33
CA LYS K 137 33.65 95.50 16.42
C LYS K 137 32.75 94.35 15.94
N ASP K 138 32.08 93.70 16.89
CA ASP K 138 31.01 92.71 16.70
C ASP K 138 31.51 91.31 16.37
N ILE K 139 32.82 91.09 16.22
CA ILE K 139 33.35 89.77 15.87
C ILE K 139 34.65 89.56 16.65
N VAL K 140 35.14 88.32 16.64
CA VAL K 140 36.44 87.97 17.21
C VAL K 140 37.28 87.30 16.15
N THR K 141 38.60 87.43 16.29
CA THR K 141 39.55 86.95 15.31
C THR K 141 40.72 86.28 16.02
N LYS K 142 41.49 85.51 15.26
CA LYS K 142 42.66 84.81 15.78
C LYS K 142 43.86 85.10 14.90
N ILE K 143 45.01 85.31 15.54
CA ILE K 143 46.29 85.49 14.85
C ILE K 143 47.24 84.42 15.37
N THR K 144 47.81 83.65 14.45
CA THR K 144 48.74 82.59 14.83
C THR K 144 49.93 82.53 13.90
N PRO K 145 51.11 82.92 14.35
CA PRO K 145 52.28 82.90 13.48
C PRO K 145 52.81 81.49 13.28
N GLU K 146 53.69 81.36 12.30
CA GLU K 146 54.22 80.04 11.92
C GLU K 146 55.08 79.46 13.03
N GLY K 147 54.95 78.16 13.26
CA GLY K 147 55.83 77.44 14.15
C GLY K 147 55.51 77.53 15.62
N ALA K 148 54.42 78.19 16.00
CA ALA K 148 54.13 78.42 17.41
C ALA K 148 53.84 77.11 18.13
N GLU K 149 54.19 77.07 19.42
CA GLU K 149 53.89 75.95 20.29
C GLU K 149 52.99 76.41 21.44
N GLU K 150 52.18 75.49 21.95
CA GLU K 150 51.25 75.82 23.00
C GLU K 150 51.98 76.03 24.33
N TRP K 151 51.42 76.92 25.14
CA TRP K 151 51.92 77.15 26.50
C TRP K 151 50.88 76.73 27.53
N ASN L 1 94.76 68.41 26.70
CA ASN L 1 95.10 69.68 26.08
C ASN L 1 95.55 69.49 24.64
N ASP L 2 96.64 68.74 24.45
CA ASP L 2 97.17 68.44 23.13
C ASP L 2 96.73 67.08 22.61
N CYS L 3 96.18 66.22 23.46
CA CYS L 3 95.86 64.85 23.09
C CYS L 3 94.46 64.69 22.53
N ILE L 4 93.71 65.78 22.37
CA ILE L 4 92.31 65.73 21.97
C ILE L 4 92.17 66.36 20.59
N PHE L 5 91.47 65.68 19.70
CA PHE L 5 91.12 66.19 18.38
C PHE L 5 89.62 66.15 18.19
N GLU L 6 89.12 67.02 17.32
CA GLU L 6 87.69 67.25 17.16
C GLU L 6 87.16 66.53 15.93
N VAL L 7 85.93 66.01 16.04
CA VAL L 7 85.27 65.33 14.93
C VAL L 7 84.07 66.19 14.52
N LYS L 8 83.91 66.39 13.21
CA LYS L 8 82.89 67.28 12.69
C LYS L 8 82.08 66.60 11.61
N HIS L 9 80.85 67.06 11.43
CA HIS L 9 79.94 66.56 10.40
C HIS L 9 79.13 67.73 9.88
N GLU L 10 79.34 68.08 8.61
CA GLU L 10 78.60 69.17 7.95
C GLU L 10 78.71 70.47 8.73
N GLY L 11 79.91 70.74 9.27
CA GLY L 11 80.17 71.98 9.95
C GLY L 11 79.81 72.00 11.42
N LYS L 12 79.16 70.95 11.93
CA LYS L 12 78.74 70.89 13.31
C LYS L 12 79.67 69.98 14.11
N VAL L 13 80.01 70.41 15.32
CA VAL L 13 80.80 69.60 16.23
C VAL L 13 79.91 68.58 16.92
N MET L 14 80.38 67.34 17.01
CA MET L 14 79.61 66.25 17.61
C MET L 14 80.28 65.60 18.81
N GLY L 15 81.61 65.60 18.87
CA GLY L 15 82.28 64.90 19.95
C GLY L 15 83.78 65.08 19.86
N TYR L 16 84.50 64.27 20.64
CA TYR L 16 85.95 64.33 20.69
C TYR L 16 86.54 62.93 20.59
N ALA L 17 87.82 62.88 20.25
CA ALA L 17 88.60 61.65 20.21
C ALA L 17 89.90 61.87 20.98
N CYS L 18 90.30 60.86 21.75
CA CYS L 18 91.47 60.96 22.61
C CYS L 18 92.53 59.95 22.20
N LEU L 19 93.79 60.27 22.53
CA LEU L 19 94.93 59.39 22.30
C LEU L 19 95.42 58.91 23.66
N VAL L 20 95.12 57.66 24.00
CA VAL L 20 95.45 57.08 25.30
C VAL L 20 96.37 55.89 25.07
N GLY L 21 97.47 55.86 25.81
CA GLY L 21 98.36 54.70 25.74
C GLY L 21 98.98 54.57 24.37
N ASP L 22 98.64 53.47 23.68
CA ASP L 22 99.01 53.29 22.29
C ASP L 22 97.79 53.09 21.39
N LYS L 23 96.62 53.52 21.84
CA LYS L 23 95.37 53.30 21.11
C LYS L 23 94.65 54.62 20.87
N VAL L 24 93.92 54.67 19.77
CA VAL L 24 93.06 55.80 19.43
C VAL L 24 91.61 55.35 19.64
N MET L 25 90.88 56.10 20.46
CA MET L 25 89.54 55.68 20.88
C MET L 25 88.53 56.73 20.47
N LYS L 26 87.27 56.28 20.31
CA LYS L 26 86.17 57.15 19.90
C LYS L 26 84.87 56.45 20.21
N PRO L 27 83.86 57.17 20.72
CA PRO L 27 82.55 56.55 20.91
C PRO L 27 81.89 56.18 19.58
N ALA L 28 81.06 55.13 19.64
CA ALA L 28 80.50 54.57 18.41
C ALA L 28 79.32 55.38 17.89
N HIS L 29 78.46 55.87 18.78
CA HIS L 29 77.24 56.54 18.35
C HIS L 29 77.48 57.91 17.74
N VAL L 30 78.69 58.42 17.77
CA VAL L 30 79.01 59.73 17.20
C VAL L 30 79.40 59.54 15.74
N LYS L 31 78.77 60.30 14.85
CA LYS L 31 79.07 60.29 13.43
C LYS L 31 80.02 61.42 13.08
N GLY L 32 80.55 61.35 11.86
CA GLY L 32 81.40 62.40 11.33
C GLY L 32 82.77 61.87 10.95
N THR L 33 83.67 62.82 10.70
CA THR L 33 85.04 62.51 10.29
C THR L 33 86.00 63.32 11.16
N ILE L 34 87.19 62.77 11.39
CA ILE L 34 88.16 63.39 12.27
C ILE L 34 88.83 64.54 11.52
N ASP L 35 89.05 65.66 12.24
CA ASP L 35 89.60 66.84 11.60
C ASP L 35 91.03 66.61 11.12
N ASN L 36 91.86 65.97 11.93
CA ASN L 36 93.26 65.78 11.57
C ASN L 36 93.39 64.89 10.34
N ALA L 37 94.28 65.29 9.42
CA ALA L 37 94.43 64.57 8.15
C ALA L 37 94.98 63.16 8.36
N ASP L 38 95.95 63.01 9.26
CA ASP L 38 96.62 61.71 9.37
C ASP L 38 95.70 60.64 9.92
N LEU L 39 94.86 61.00 10.90
CA LEU L 39 94.03 60.02 11.57
C LEU L 39 92.89 59.53 10.69
N ALA L 40 92.51 60.33 9.69
CA ALA L 40 91.39 59.97 8.83
C ALA L 40 91.66 58.79 7.90
N LYS L 41 92.91 58.36 7.74
CA LYS L 41 93.18 57.25 6.83
C LYS L 41 93.25 55.91 7.53
N LEU L 42 93.03 55.85 8.85
CA LEU L 42 93.21 54.58 9.54
C LEU L 42 91.97 53.71 9.36
N ALA L 43 92.12 52.43 9.70
CA ALA L 43 91.03 51.48 9.75
C ALA L 43 90.62 51.26 11.20
N PHE L 44 89.32 51.04 11.41
CA PHE L 44 88.76 50.94 12.74
C PHE L 44 88.06 49.60 12.92
N LYS L 45 87.97 49.17 14.17
CA LYS L 45 87.24 47.97 14.55
C LYS L 45 86.06 48.37 15.44
N ARG L 46 85.02 47.55 15.43
CA ARG L 46 83.76 47.93 16.05
C ARG L 46 83.28 46.83 16.98
N SER L 47 82.52 47.25 18.00
CA SER L 47 81.95 46.32 18.97
C SER L 47 80.75 47.01 19.59
N SER L 48 79.54 46.59 19.21
CA SER L 48 78.33 47.26 19.66
C SER L 48 77.99 46.94 21.11
N LYS L 49 78.67 45.95 21.71
CA LYS L 49 78.41 45.60 23.10
C LYS L 49 78.98 46.64 24.05
N TYR L 50 80.10 47.26 23.71
CA TYR L 50 80.76 48.23 24.56
C TYR L 50 80.64 49.66 24.05
N ASP L 51 80.06 49.87 22.86
CA ASP L 51 79.94 51.20 22.25
C ASP L 51 81.29 51.90 22.13
N LEU L 52 82.29 51.16 21.64
CA LEU L 52 83.61 51.72 21.41
C LEU L 52 84.09 51.38 20.00
N GLU L 53 85.02 52.20 19.51
CA GLU L 53 85.84 51.88 18.35
C GLU L 53 87.27 52.24 18.67
N CYS L 54 88.22 51.54 18.04
CA CYS L 54 89.62 51.78 18.31
C CYS L 54 90.45 51.55 17.06
N ALA L 55 91.68 52.06 17.10
CA ALA L 55 92.68 51.86 16.06
C ALA L 55 94.04 52.15 16.66
N GLN L 56 95.08 51.59 16.05
CA GLN L 56 96.43 51.70 16.57
C GLN L 56 97.09 52.98 16.11
N ILE L 57 97.80 53.64 17.02
CA ILE L 57 98.33 54.99 16.77
C ILE L 57 99.48 54.90 15.77
N PRO L 58 99.61 55.84 14.84
CA PRO L 58 100.77 55.84 13.94
C PRO L 58 102.06 56.09 14.70
N VAL L 59 103.17 55.80 14.02
CA VAL L 59 104.47 55.75 14.69
C VAL L 59 104.87 57.12 15.21
N HIS L 60 104.80 58.14 14.36
CA HIS L 60 105.46 59.41 14.64
C HIS L 60 104.71 60.30 15.62
N MET L 61 103.45 59.99 15.93
CA MET L 61 102.67 60.81 16.86
C MET L 61 102.63 60.25 18.27
N LYS L 62 103.40 59.20 18.56
CA LYS L 62 103.33 58.58 19.88
C LYS L 62 103.84 59.48 20.99
N SER L 63 104.62 60.52 20.66
CA SER L 63 105.18 61.37 21.70
C SER L 63 104.12 62.16 22.45
N ASP L 64 102.91 62.28 21.90
CA ASP L 64 101.84 63.05 22.52
C ASP L 64 100.99 62.21 23.47
N ALA L 65 101.26 60.91 23.58
CA ALA L 65 100.37 60.02 24.30
C ALA L 65 100.37 60.33 25.80
N SER L 66 99.23 60.08 26.43
CA SER L 66 99.05 60.28 27.85
C SER L 66 99.34 59.00 28.63
N LYS L 67 99.53 59.16 29.94
CA LYS L 67 99.68 58.04 30.84
C LYS L 67 98.32 57.61 31.38
N PHE L 68 98.26 56.39 31.91
CA PHE L 68 97.00 55.83 32.36
C PHE L 68 97.26 54.83 33.48
N THR L 69 96.22 54.56 34.26
CA THR L 69 96.28 53.59 35.33
C THR L 69 94.90 52.96 35.51
N HIS L 70 94.80 52.05 36.47
CA HIS L 70 93.55 51.37 36.76
C HIS L 70 93.15 51.46 38.23
N GLU L 71 93.96 52.08 39.07
CA GLU L 71 93.62 52.23 40.48
C GLU L 71 92.55 53.29 40.67
N LYS L 72 91.50 52.94 41.42
CA LYS L 72 90.36 53.83 41.64
C LYS L 72 90.00 53.86 43.12
N PRO L 73 90.77 54.56 43.94
CA PRO L 73 90.37 54.78 45.33
C PRO L 73 89.34 55.89 45.43
N GLU L 74 88.68 55.94 46.58
CA GLU L 74 87.68 56.97 46.82
C GLU L 74 88.34 58.33 47.03
N GLY L 75 87.66 59.38 46.57
CA GLY L 75 88.19 60.72 46.70
C GLY L 75 87.53 61.66 45.68
N TYR L 76 88.31 62.65 45.24
CA TYR L 76 87.83 63.69 44.36
C TYR L 76 88.62 63.68 43.06
N TYR L 77 87.93 63.99 41.95
CA TYR L 77 88.52 63.99 40.63
C TYR L 77 88.02 65.21 39.87
N ASN L 78 88.65 65.50 38.74
CA ASN L 78 88.35 66.72 38.00
C ASN L 78 88.33 66.46 36.50
N TRP L 79 87.60 67.31 35.79
CA TRP L 79 87.64 67.34 34.33
C TRP L 79 87.42 68.78 33.88
N HIS L 80 87.04 68.96 32.62
CA HIS L 80 87.01 70.30 32.03
C HIS L 80 86.03 71.22 32.75
N HIS L 81 84.83 70.72 33.06
CA HIS L 81 83.76 71.57 33.56
C HIS L 81 83.68 71.62 35.08
N GLY L 82 84.67 71.11 35.78
CA GLY L 82 84.67 71.23 37.22
C GLY L 82 85.29 70.01 37.87
N ALA L 83 84.88 69.78 39.12
CA ALA L 83 85.35 68.66 39.92
C ALA L 83 84.27 67.59 40.01
N VAL L 84 84.71 66.33 40.09
CA VAL L 84 83.81 65.18 40.12
C VAL L 84 84.21 64.27 41.28
N GLN L 85 83.21 63.75 41.97
CA GLN L 85 83.42 62.96 43.18
C GLN L 85 83.08 61.51 42.90
N TYR L 86 83.89 60.60 43.44
CA TYR L 86 83.74 59.16 43.23
C TYR L 86 83.62 58.49 44.59
N SER L 87 82.45 57.93 44.87
CA SER L 87 82.18 57.30 46.15
C SER L 87 80.97 56.40 46.00
N GLY L 88 81.07 55.17 46.49
CA GLY L 88 80.03 54.19 46.29
C GLY L 88 80.04 53.54 44.92
N GLY L 89 81.13 53.68 44.17
CA GLY L 89 81.23 53.07 42.85
C GLY L 89 80.61 53.86 41.73
N ARG L 90 80.27 55.13 41.95
CA ARG L 90 79.59 55.94 40.94
C ARG L 90 80.23 57.31 40.86
N PHE L 91 80.10 57.93 39.69
CA PHE L 91 80.58 59.28 39.43
C PHE L 91 79.39 60.23 39.39
N THR L 92 79.51 61.36 40.07
CA THR L 92 78.44 62.35 40.14
C THR L 92 79.01 63.75 39.95
N ILE L 93 78.21 64.61 39.32
CA ILE L 93 78.59 66.00 39.08
C ILE L 93 77.42 66.90 39.45
N PRO L 94 77.69 68.18 39.72
CA PRO L 94 76.60 69.11 40.02
C PRO L 94 75.64 69.22 38.85
N THR L 95 74.35 69.34 39.17
CA THR L 95 73.31 69.29 38.14
C THR L 95 73.44 70.48 37.18
N GLY L 96 73.07 70.24 35.93
CA GLY L 96 73.02 71.28 34.93
C GLY L 96 74.31 71.50 34.15
N ALA L 97 75.44 71.03 34.67
CA ALA L 97 76.69 71.09 33.93
C ALA L 97 76.80 69.90 32.99
N GLY L 98 77.23 70.18 31.77
CA GLY L 98 77.32 69.14 30.76
C GLY L 98 76.11 69.13 29.84
N LYS L 99 76.36 69.23 28.54
CA LYS L 99 75.33 69.34 27.53
C LYS L 99 75.60 68.33 26.43
N PRO L 100 74.58 67.91 25.69
CA PRO L 100 74.80 66.96 24.59
C PRO L 100 75.80 67.51 23.58
N GLY L 101 76.68 66.64 23.12
CA GLY L 101 77.77 67.02 22.24
C GLY L 101 79.14 67.06 22.89
N ASP L 102 79.24 66.84 24.20
CA ASP L 102 80.52 66.83 24.90
C ASP L 102 81.06 65.43 25.18
N SER L 103 80.40 64.39 24.69
CA SER L 103 80.78 63.03 25.07
C SER L 103 82.14 62.67 24.51
N GLY L 104 82.91 61.92 25.30
CA GLY L 104 84.26 61.54 24.93
C GLY L 104 85.37 62.20 25.72
N ARG L 105 85.03 62.99 26.73
CA ARG L 105 86.06 63.67 27.51
C ARG L 105 86.73 62.69 28.46
N PRO L 106 88.04 62.77 28.62
CA PRO L 106 88.71 61.97 29.66
C PRO L 106 88.44 62.53 31.05
N ILE L 107 88.59 61.64 32.04
CA ILE L 107 88.51 62.01 33.45
C ILE L 107 89.89 61.79 34.06
N PHE L 108 90.42 62.82 34.70
CA PHE L 108 91.84 62.86 35.05
C PHE L 108 92.04 62.61 36.55
N ASP L 109 93.25 62.15 36.88
CA ASP L 109 93.66 61.84 38.23
C ASP L 109 94.43 63.03 38.79
N ASN L 110 94.92 62.88 40.03
CA ASN L 110 95.69 63.95 40.65
C ASN L 110 97.00 64.20 39.92
N LYS L 111 97.63 63.15 39.40
CA LYS L 111 98.91 63.28 38.71
C LYS L 111 98.76 63.31 37.20
N GLY L 112 97.55 63.43 36.67
CA GLY L 112 97.34 63.52 35.24
C GLY L 112 97.06 62.23 34.52
N ARG L 113 96.80 61.14 35.24
CA ARG L 113 96.53 59.85 34.62
C ARG L 113 95.05 59.74 34.23
N VAL L 114 94.79 59.08 33.11
CA VAL L 114 93.45 58.93 32.57
C VAL L 114 92.83 57.68 33.19
N VAL L 115 91.57 57.79 33.62
CA VAL L 115 90.93 56.67 34.31
C VAL L 115 89.57 56.34 33.69
N ALA L 116 89.01 57.23 32.87
CA ALA L 116 87.66 56.97 32.38
C ALA L 116 87.38 57.80 31.13
N ILE L 117 86.31 57.42 30.44
CA ILE L 117 85.77 58.14 29.28
C ILE L 117 84.25 58.16 29.42
N VAL L 118 83.65 59.34 29.23
CA VAL L 118 82.25 59.57 29.55
C VAL L 118 81.41 59.50 28.29
N LEU L 119 80.29 58.77 28.35
CA LEU L 119 79.33 58.69 27.26
C LEU L 119 77.93 58.65 27.86
N GLY L 120 77.22 59.76 27.78
CA GLY L 120 75.86 59.82 28.27
C GLY L 120 75.78 60.00 29.78
N GLY L 121 74.55 60.06 30.28
CA GLY L 121 74.33 60.20 31.70
C GLY L 121 72.87 60.42 32.07
N ALA L 122 72.54 60.20 33.35
CA ALA L 122 71.17 60.24 33.84
C ALA L 122 71.00 61.46 34.74
N ASN L 123 69.84 62.10 34.66
CA ASN L 123 69.59 63.38 35.30
C ASN L 123 68.46 63.25 36.29
N GLU L 124 68.71 63.70 37.54
CA GLU L 124 67.67 63.80 38.54
C GLU L 124 67.70 65.18 39.19
N GLY L 125 66.94 65.37 40.26
CA GLY L 125 66.72 66.67 40.85
C GLY L 125 67.95 67.50 41.17
N ALA L 126 68.73 67.07 42.17
CA ALA L 126 69.85 67.87 42.65
C ALA L 126 71.20 67.42 42.08
N ARG L 127 71.29 66.20 41.56
CA ARG L 127 72.55 65.65 41.08
C ARG L 127 72.32 64.96 39.75
N THR L 128 73.41 64.56 39.11
CA THR L 128 73.36 63.72 37.93
C THR L 128 74.37 62.58 38.08
N ALA L 129 74.05 61.45 37.46
CA ALA L 129 74.92 60.28 37.48
C ALA L 129 75.33 59.93 36.05
N LEU L 130 76.61 59.60 35.89
CA LEU L 130 77.20 59.41 34.57
C LEU L 130 77.23 57.93 34.20
N SER L 131 77.23 57.66 32.90
CA SER L 131 77.44 56.33 32.35
C SER L 131 78.81 56.32 31.69
N VAL L 132 79.70 55.47 32.18
CA VAL L 132 81.12 55.55 31.86
C VAL L 132 81.62 54.18 31.44
N VAL L 133 82.64 54.18 30.56
CA VAL L 133 83.34 52.97 30.16
C VAL L 133 84.74 53.04 30.73
N THR L 134 85.11 52.02 31.51
CA THR L 134 86.41 51.98 32.17
C THR L 134 87.12 50.69 31.81
N TRP L 135 88.24 50.42 32.48
CA TRP L 135 88.95 49.15 32.33
C TRP L 135 89.41 48.66 33.69
N ASN L 136 90.10 47.53 33.66
CA ASN L 136 90.59 46.80 34.83
C ASN L 136 91.88 46.13 34.39
N LYS L 137 92.30 45.09 35.11
CA LYS L 137 93.35 44.23 34.57
C LYS L 137 92.79 43.40 33.43
N ASP L 138 93.25 43.70 32.21
CA ASP L 138 93.15 42.92 30.98
C ASP L 138 91.79 42.93 30.29
N ILE L 139 90.78 43.64 30.78
CA ILE L 139 89.50 43.77 30.09
C ILE L 139 88.94 45.18 30.28
N VAL L 140 87.85 45.44 29.56
CA VAL L 140 87.11 46.69 29.68
C VAL L 140 85.66 46.38 30.03
N THR L 141 85.00 47.34 30.68
CA THR L 141 83.68 47.12 31.25
C THR L 141 82.83 48.37 31.02
N LYS L 142 81.51 48.20 31.07
CA LYS L 142 80.56 49.29 30.91
C LYS L 142 79.64 49.38 32.11
N ILE L 143 79.37 50.61 32.56
CA ILE L 143 78.55 50.90 33.73
C ILE L 143 77.44 51.86 33.31
N THR L 144 76.19 51.52 33.65
CA THR L 144 75.07 52.36 33.24
C THR L 144 73.95 52.35 34.26
N PRO L 145 73.60 53.49 34.83
CA PRO L 145 72.48 53.56 35.78
C PRO L 145 71.15 53.67 35.06
N GLU L 146 70.07 53.67 35.85
CA GLU L 146 68.73 53.66 35.31
C GLU L 146 68.37 55.01 34.70
N GLY L 147 67.75 54.97 33.52
CA GLY L 147 67.22 56.17 32.89
C GLY L 147 68.22 57.02 32.15
N ALA L 148 69.42 56.51 31.90
CA ALA L 148 70.47 57.32 31.30
C ALA L 148 70.11 57.73 29.87
N GLU L 149 70.63 58.88 29.46
CA GLU L 149 70.41 59.41 28.13
C GLU L 149 71.74 59.80 27.51
N GLU L 150 71.84 59.64 26.18
CA GLU L 150 73.08 59.90 25.49
C GLU L 150 73.38 61.39 25.41
N TRP L 151 74.65 61.71 25.28
CA TRP L 151 75.10 63.10 25.17
C TRP L 151 75.86 63.32 23.86
N GLN M 1 -16.41 12.92 -125.48
CA GLN M 1 -15.35 12.53 -126.42
C GLN M 1 -14.11 13.40 -126.24
N ILE M 2 -12.98 12.76 -125.97
CA ILE M 2 -11.72 13.46 -125.77
C ILE M 2 -11.14 13.84 -127.13
N GLN M 3 -10.73 15.09 -127.27
CA GLN M 3 -10.14 15.57 -128.51
C GLN M 3 -8.93 16.46 -128.21
N LEU M 4 -7.84 16.21 -128.93
CA LEU M 4 -6.63 17.02 -128.83
C LEU M 4 -6.42 17.76 -130.14
N VAL M 5 -6.17 19.07 -130.06
CA VAL M 5 -6.04 19.93 -131.22
C VAL M 5 -4.65 20.54 -131.24
N GLN M 6 -3.93 20.36 -132.36
CA GLN M 6 -2.60 20.90 -132.55
C GLN M 6 -2.64 22.00 -133.61
N SER M 7 -1.50 22.67 -133.78
CA SER M 7 -1.38 23.77 -134.72
C SER M 7 -1.12 23.25 -136.14
N GLY M 8 -1.09 24.17 -137.09
CA GLY M 8 -0.87 23.85 -138.49
C GLY M 8 0.59 23.92 -138.90
N ARG M 9 0.82 23.78 -140.19
CA ARG M 9 2.17 23.74 -140.74
C ARG M 9 2.75 25.15 -140.82
N GLU M 10 4.08 25.22 -140.77
CA GLU M 10 4.80 26.48 -140.91
C GLU M 10 6.20 26.18 -141.43
N VAL M 11 6.77 27.15 -142.13
CA VAL M 11 8.10 27.02 -142.72
C VAL M 11 9.02 28.07 -142.10
N LYS M 12 10.19 27.65 -141.66
CA LYS M 12 11.11 28.49 -140.92
C LYS M 12 12.47 28.52 -141.59
N ASN M 13 13.29 29.47 -141.16
CA ASN M 13 14.66 29.66 -141.58
C ASN M 13 15.60 29.46 -140.39
N PRO M 14 16.89 29.18 -140.64
CA PRO M 14 17.82 28.99 -139.52
C PRO M 14 17.90 30.22 -138.63
N GLY M 15 17.96 29.98 -137.32
CA GLY M 15 18.04 31.03 -136.33
C GLY M 15 16.72 31.53 -135.80
N GLU M 16 15.59 31.02 -136.30
CA GLU M 16 14.28 31.50 -135.91
C GLU M 16 13.73 30.63 -134.79
N THR M 17 12.46 30.84 -134.42
CA THR M 17 11.78 30.05 -133.42
C THR M 17 10.40 29.66 -133.94
N VAL M 18 9.88 28.53 -133.44
CA VAL M 18 8.58 28.02 -133.85
C VAL M 18 7.83 27.56 -132.61
N LYS M 19 6.52 27.80 -132.61
CA LYS M 19 5.65 27.43 -131.50
C LYS M 19 4.61 26.42 -131.98
N ILE M 20 4.50 25.30 -131.27
CA ILE M 20 3.55 24.24 -131.59
C ILE M 20 2.56 24.13 -130.44
N SER M 21 1.28 24.19 -130.75
CA SER M 21 0.23 24.20 -129.75
C SER M 21 -0.44 22.84 -129.64
N CYS M 22 -1.10 22.62 -128.50
CA CYS M 22 -1.84 21.38 -128.25
C CYS M 22 -3.02 21.72 -127.35
N LYS M 23 -4.20 21.84 -127.97
CA LYS M 23 -5.41 22.21 -127.24
C LYS M 23 -6.07 20.96 -126.66
N ALA M 24 -6.60 21.09 -125.45
CA ALA M 24 -7.25 19.98 -124.75
C ALA M 24 -8.75 20.26 -124.63
N SER M 25 -9.54 19.19 -124.75
CA SER M 25 -10.99 19.32 -124.65
C SER M 25 -11.58 17.98 -124.23
N GLY M 26 -12.69 18.05 -123.48
CA GLY M 26 -13.43 16.87 -123.09
C GLY M 26 -13.07 16.27 -121.76
N TYR M 27 -12.03 16.77 -121.08
CA TYR M 27 -11.64 16.22 -119.80
C TYR M 27 -11.04 17.33 -118.94
N THR M 28 -10.98 17.07 -117.63
CA THR M 28 -10.39 18.04 -116.71
C THR M 28 -8.88 18.09 -116.91
N PHE M 29 -8.36 19.31 -117.12
CA PHE M 29 -6.98 19.47 -117.59
C PHE M 29 -5.98 19.02 -116.54
N THR M 30 -6.26 19.23 -115.26
CA THR M 30 -5.26 19.08 -114.21
C THR M 30 -5.20 17.68 -113.62
N GLU M 31 -5.97 16.73 -114.14
CA GLU M 31 -5.99 15.38 -113.57
C GLU M 31 -4.99 14.43 -114.19
N TYR M 32 -4.41 14.75 -115.34
CA TYR M 32 -3.53 13.83 -116.05
C TYR M 32 -2.39 14.57 -116.71
N PRO M 33 -1.25 13.92 -116.92
CA PRO M 33 -0.09 14.61 -117.49
C PRO M 33 -0.21 14.82 -118.98
N MET M 34 0.63 15.71 -119.50
CA MET M 34 0.74 15.98 -120.92
C MET M 34 2.10 15.48 -121.39
N LEU M 35 2.09 14.60 -122.40
CA LEU M 35 3.29 13.97 -122.89
C LEU M 35 3.52 14.36 -124.35
N TRP M 36 4.79 14.41 -124.75
CA TRP M 36 5.18 14.78 -126.10
C TRP M 36 6.08 13.72 -126.69
N VAL M 37 5.94 13.49 -127.99
CA VAL M 37 6.77 12.54 -128.72
C VAL M 37 7.20 13.18 -130.04
N LYS M 38 8.42 12.86 -130.48
CA LYS M 38 8.98 13.39 -131.70
C LYS M 38 9.25 12.27 -132.69
N GLN M 39 8.91 12.51 -133.96
CA GLN M 39 9.18 11.56 -135.03
C GLN M 39 9.89 12.29 -136.16
N ALA M 40 11.18 12.01 -136.33
CA ALA M 40 11.94 12.59 -137.42
C ALA M 40 11.51 11.95 -138.74
N PRO M 41 11.63 12.69 -139.85
CA PRO M 41 11.28 12.11 -141.15
C PRO M 41 12.18 10.93 -141.49
N GLY M 42 11.55 9.80 -141.83
CA GLY M 42 12.27 8.59 -142.15
C GLY M 42 12.77 7.81 -140.95
N LYS M 43 12.46 8.25 -139.73
CA LYS M 43 12.91 7.60 -138.51
C LYS M 43 11.72 7.34 -137.60
N GLY M 44 11.98 6.63 -136.50
CA GLY M 44 10.95 6.29 -135.55
C GLY M 44 10.71 7.41 -134.55
N PHE M 45 9.88 7.08 -133.55
CA PHE M 45 9.54 8.05 -132.52
C PHE M 45 10.63 8.15 -131.47
N ARG M 46 10.76 9.34 -130.88
CA ARG M 46 11.73 9.58 -129.81
C ARG M 46 11.05 10.34 -128.67
N TRP M 47 11.29 9.88 -127.45
CA TRP M 47 10.70 10.49 -126.25
C TRP M 47 11.59 11.61 -125.75
N MET M 48 10.96 12.72 -125.36
CA MET M 48 11.68 13.91 -124.91
C MET M 48 11.35 14.35 -123.49
N GLY M 49 10.16 14.04 -122.99
CA GLY M 49 9.80 14.47 -121.64
C GLY M 49 8.34 14.82 -121.48
N LEU M 50 7.93 15.14 -120.24
CA LEU M 50 6.55 15.45 -119.93
C LEU M 50 6.51 16.52 -118.85
N ILE M 51 5.31 17.03 -118.59
CA ILE M 51 5.11 18.08 -117.60
C ILE M 51 3.89 17.74 -116.75
N TYR M 52 3.98 18.02 -115.45
CA TYR M 52 2.88 17.78 -114.52
C TYR M 52 1.95 18.99 -114.52
N THR M 53 0.70 18.77 -114.92
CA THR M 53 -0.24 19.89 -115.04
C THR M 53 -0.61 20.49 -113.68
N ASN M 54 -0.47 19.73 -112.59
CA ASN M 54 -0.88 20.24 -111.29
C ASN M 54 0.15 21.20 -110.71
N THR M 55 1.43 20.98 -110.99
CA THR M 55 2.50 21.82 -110.46
C THR M 55 3.28 22.59 -111.52
N GLY M 56 3.28 22.13 -112.77
CA GLY M 56 3.93 22.86 -113.84
C GLY M 56 5.40 22.61 -114.01
N GLU M 57 5.98 21.63 -113.31
CA GLU M 57 7.41 21.39 -113.36
C GLU M 57 7.73 20.43 -114.49
N PRO M 58 8.59 20.79 -115.43
CA PRO M 58 8.91 19.90 -116.55
C PRO M 58 10.12 19.02 -116.29
N THR M 59 10.09 17.84 -116.91
CA THR M 59 11.19 16.89 -116.87
C THR M 59 11.63 16.59 -118.30
N TYR M 60 12.93 16.68 -118.56
CA TYR M 60 13.48 16.56 -119.90
C TYR M 60 14.30 15.29 -120.04
N ALA M 61 14.34 14.75 -121.25
CA ALA M 61 15.15 13.59 -121.56
C ALA M 61 16.59 14.02 -121.83
N GLU M 62 17.49 13.03 -121.86
CA GLU M 62 18.92 13.32 -121.97
C GLU M 62 19.25 14.02 -123.28
N GLU M 63 18.68 13.55 -124.39
CA GLU M 63 19.01 14.08 -125.71
C GLU M 63 18.48 15.50 -125.94
N PHE M 64 17.60 16.00 -125.08
CA PHE M 64 16.92 17.27 -125.33
C PHE M 64 16.99 18.20 -124.12
N LYS M 65 18.02 18.08 -123.28
CA LYS M 65 18.24 19.02 -122.19
C LYS M 65 18.96 20.27 -122.70
N GLY M 66 18.29 20.98 -123.60
CA GLY M 66 18.89 22.12 -124.26
C GLY M 66 17.93 23.27 -124.51
N ARG M 67 17.91 23.75 -125.77
CA ARG M 67 17.12 24.92 -126.13
C ARG M 67 15.62 24.71 -125.94
N PHE M 68 15.16 23.46 -125.92
CA PHE M 68 13.73 23.19 -125.84
C PHE M 68 13.17 23.66 -124.51
N VAL M 69 11.98 24.26 -124.55
CA VAL M 69 11.31 24.79 -123.36
C VAL M 69 9.84 24.36 -123.40
N PHE M 70 9.32 23.96 -122.25
CA PHE M 70 7.92 23.63 -122.07
C PHE M 70 7.19 24.76 -121.37
N SER M 71 5.87 24.81 -121.58
CA SER M 71 5.04 25.81 -120.93
C SER M 71 3.61 25.30 -120.84
N LEU M 72 2.85 25.91 -119.94
CA LEU M 72 1.46 25.51 -119.69
C LEU M 72 0.60 26.74 -119.45
N GLU M 73 -0.67 26.64 -119.84
CA GLU M 73 -1.67 27.67 -119.60
C GLU M 73 -2.92 26.99 -119.05
N ILE M 74 -3.07 27.01 -117.72
CA ILE M 74 -4.18 26.31 -117.09
C ILE M 74 -5.51 26.93 -117.48
N SER M 75 -5.60 28.26 -117.51
CA SER M 75 -6.86 28.92 -117.80
C SER M 75 -7.34 28.64 -119.21
N ALA M 76 -6.42 28.36 -120.14
CA ALA M 76 -6.78 28.08 -121.52
C ALA M 76 -6.83 26.59 -121.83
N SER M 77 -6.47 25.73 -120.88
CA SER M 77 -6.47 24.28 -121.08
C SER M 77 -5.64 23.90 -122.31
N THR M 78 -4.50 24.56 -122.47
CA THR M 78 -3.66 24.36 -123.64
C THR M 78 -2.20 24.30 -123.23
N ALA M 79 -1.47 23.32 -123.77
CA ALA M 79 -0.04 23.19 -123.57
C ALA M 79 0.70 23.61 -124.84
N TYR M 80 1.94 24.05 -124.65
CA TYR M 80 2.74 24.55 -125.76
C TYR M 80 4.08 23.84 -125.82
N LEU M 81 4.61 23.71 -127.03
CA LEU M 81 5.95 23.19 -127.27
C LEU M 81 6.74 24.25 -128.02
N GLN M 82 7.91 24.61 -127.50
CA GLN M 82 8.73 25.67 -128.06
C GLN M 82 10.11 25.12 -128.39
N ILE M 83 10.57 25.40 -129.61
CA ILE M 83 11.91 25.05 -130.06
C ILE M 83 12.60 26.32 -130.54
N ASN M 84 13.79 26.57 -130.01
CA ASN M 84 14.51 27.81 -130.27
C ASN M 84 15.83 27.52 -130.98
N ASN M 85 16.34 28.54 -131.66
CA ASN M 85 17.59 28.46 -132.43
C ASN M 85 17.53 27.31 -133.44
N LEU M 86 16.54 27.39 -134.32
CA LEU M 86 16.27 26.31 -135.26
C LEU M 86 17.43 26.11 -136.23
N THR M 87 17.67 24.86 -136.57
CA THR M 87 18.60 24.48 -137.62
C THR M 87 17.87 23.60 -138.63
N ASN M 88 18.52 23.35 -139.77
CA ASN M 88 17.93 22.51 -140.80
C ASN M 88 17.68 21.08 -140.32
N GLU M 89 18.36 20.67 -139.24
CA GLU M 89 18.17 19.33 -138.67
C GLU M 89 16.93 19.23 -137.81
N ASP M 90 16.20 20.33 -137.59
CA ASP M 90 15.06 20.32 -136.70
C ASP M 90 13.74 20.00 -137.39
N THR M 91 13.76 19.71 -138.69
CA THR M 91 12.52 19.37 -139.39
C THR M 91 12.03 17.99 -138.94
N ALA M 92 10.76 17.90 -138.58
CA ALA M 92 10.17 16.66 -138.08
C ALA M 92 8.67 16.87 -137.92
N THR M 93 7.98 15.83 -137.46
CA THR M 93 6.58 15.88 -137.11
C THR M 93 6.42 15.56 -135.63
N TYR M 94 5.57 16.33 -134.93
CA TYR M 94 5.44 16.24 -133.49
C TYR M 94 3.99 15.95 -133.11
N PHE M 95 3.81 15.27 -131.98
CA PHE M 95 2.50 14.90 -131.48
C PHE M 95 2.46 15.10 -129.96
N CYS M 96 1.27 15.37 -129.45
CA CYS M 96 1.05 15.47 -128.01
C CYS M 96 0.08 14.37 -127.58
N VAL M 97 0.41 13.72 -126.46
CA VAL M 97 -0.29 12.52 -126.01
C VAL M 97 -0.56 12.62 -124.52
N ARG M 98 -1.70 12.10 -124.10
CA ARG M 98 -2.11 12.09 -122.70
C ARG M 98 -1.73 10.77 -122.05
N ASP M 99 -1.65 10.79 -120.72
CA ASP M 99 -1.30 9.60 -119.93
C ASP M 99 -2.43 9.31 -118.96
N TYR M 100 -3.08 8.16 -119.15
CA TYR M 100 -4.10 7.65 -118.24
C TYR M 100 -3.50 6.41 -117.57
N PHE M 101 -3.21 6.52 -116.27
CA PHE M 101 -2.47 5.50 -115.53
C PHE M 101 -1.16 5.27 -116.28
N ILE M 102 -0.79 4.03 -116.60
CA ILE M 102 0.44 3.80 -117.34
C ILE M 102 0.17 3.72 -118.84
N SER M 103 -0.99 3.19 -119.23
CA SER M 103 -1.33 3.05 -120.65
C SER M 103 -1.48 4.40 -121.33
N LEU M 104 -1.07 4.45 -122.59
CA LEU M 104 -1.25 5.62 -123.45
C LEU M 104 -2.35 5.31 -124.45
N ASP M 105 -3.36 6.18 -124.52
CA ASP M 105 -4.55 5.92 -125.32
C ASP M 105 -4.72 6.87 -126.49
N TYR M 106 -4.77 8.17 -126.26
CA TYR M 106 -5.10 9.13 -127.30
C TYR M 106 -3.85 9.72 -127.94
N TRP M 107 -4.02 10.18 -129.18
CA TRP M 107 -2.95 10.85 -129.91
C TRP M 107 -3.53 12.08 -130.61
N GLY M 108 -2.66 13.06 -130.86
CA GLY M 108 -3.05 14.24 -131.61
C GLY M 108 -2.92 14.04 -133.10
N GLN M 109 -3.40 15.04 -133.85
CA GLN M 109 -3.38 14.95 -135.31
C GLN M 109 -2.01 15.27 -135.90
N GLY M 110 -1.15 15.93 -135.15
CA GLY M 110 0.22 16.13 -135.59
C GLY M 110 0.45 17.51 -136.19
N THR M 111 1.70 17.96 -136.12
CA THR M 111 2.12 19.22 -136.73
C THR M 111 3.44 19.00 -137.45
N THR M 112 3.56 19.55 -138.65
CA THR M 112 4.73 19.36 -139.50
C THR M 112 5.58 20.63 -139.50
N LEU M 113 6.87 20.46 -139.25
CA LEU M 113 7.83 21.56 -139.25
C LEU M 113 8.82 21.36 -140.38
N THR M 114 8.98 22.38 -141.22
CA THR M 114 9.93 22.36 -142.32
C THR M 114 10.91 23.52 -142.15
N VAL M 115 12.20 23.21 -142.14
CA VAL M 115 13.26 24.19 -141.98
C VAL M 115 14.21 24.06 -143.15
N SER M 116 14.48 25.18 -143.81
CA SER M 116 15.39 25.20 -144.96
C SER M 116 16.09 26.55 -145.03
N SER M 117 17.22 26.56 -145.72
CA SER M 117 18.00 27.78 -145.90
C SER M 117 17.52 28.57 -147.12
N GLN N 1 22.42 1.75 -126.35
CA GLN N 1 21.10 2.18 -126.80
C GLN N 1 20.20 0.98 -127.05
N ALA N 2 19.11 0.89 -126.29
CA ALA N 2 18.17 -0.21 -126.43
C ALA N 2 17.20 0.03 -127.59
N VAL N 3 16.93 -1.02 -128.36
CA VAL N 3 15.95 -0.99 -129.44
C VAL N 3 15.09 -2.24 -129.35
N VAL N 4 13.89 -2.16 -129.90
CA VAL N 4 12.93 -3.25 -129.90
C VAL N 4 12.83 -3.80 -131.32
N THR N 5 12.96 -5.13 -131.43
CA THR N 5 12.95 -5.80 -132.73
C THR N 5 11.56 -6.35 -133.01
N GLN N 6 11.04 -6.04 -134.20
CA GLN N 6 9.76 -6.56 -134.64
C GLN N 6 9.90 -7.10 -136.06
N GLU N 7 9.02 -8.04 -136.41
CA GLU N 7 9.04 -8.62 -137.75
C GLU N 7 8.51 -7.61 -138.77
N SER N 8 8.92 -7.81 -140.03
CA SER N 8 8.54 -6.88 -141.08
C SER N 8 7.03 -6.87 -141.31
N ALA N 9 6.45 -8.05 -141.52
CA ALA N 9 5.02 -8.16 -141.77
C ALA N 9 4.59 -9.60 -141.55
N LEU N 10 3.28 -9.78 -141.40
CA LEU N 10 2.68 -11.09 -141.16
C LEU N 10 1.45 -11.24 -142.04
N THR N 11 1.26 -12.44 -142.58
CA THR N 11 0.16 -12.74 -143.48
C THR N 11 -0.73 -13.81 -142.85
N THR N 12 -2.05 -13.57 -142.87
CA THR N 12 -3.01 -14.49 -142.27
C THR N 12 -4.22 -14.58 -143.20
N SER N 13 -5.28 -15.20 -142.70
CA SER N 13 -6.52 -15.41 -143.43
C SER N 13 -7.69 -15.04 -142.52
N PRO N 14 -8.84 -14.70 -143.10
CA PRO N 14 -9.98 -14.28 -142.28
C PRO N 14 -10.43 -15.37 -141.31
N GLY N 15 -10.73 -14.95 -140.08
CA GLY N 15 -11.21 -15.84 -139.05
C GLY N 15 -10.15 -16.47 -138.18
N GLU N 16 -8.88 -16.26 -138.48
CA GLU N 16 -7.80 -16.88 -137.72
C GLU N 16 -7.34 -15.97 -136.59
N THR N 17 -6.36 -16.44 -135.82
CA THR N 17 -5.80 -15.70 -134.70
C THR N 17 -4.38 -15.26 -135.04
N VAL N 18 -4.08 -13.99 -134.79
CA VAL N 18 -2.79 -13.40 -135.12
C VAL N 18 -2.08 -13.05 -133.82
N THR N 19 -0.82 -13.49 -133.69
CA THR N 19 0.00 -13.19 -132.53
C THR N 19 1.31 -12.55 -133.00
N LEU N 20 1.61 -11.37 -132.45
CA LEU N 20 2.81 -10.63 -132.79
C LEU N 20 3.74 -10.57 -131.58
N THR N 21 5.05 -10.57 -131.85
CA THR N 21 6.04 -10.63 -130.79
C THR N 21 7.05 -9.49 -130.94
N CYS N 22 7.58 -9.04 -129.79
CA CYS N 22 8.65 -8.07 -129.77
C CYS N 22 9.53 -8.35 -128.55
N ARG N 23 10.82 -8.07 -128.68
CA ARG N 23 11.76 -8.27 -127.58
C ARG N 23 12.97 -7.37 -127.81
N SER N 24 13.43 -6.73 -126.75
CA SER N 24 14.53 -5.79 -126.84
C SER N 24 15.86 -6.49 -127.04
N ASN N 25 16.89 -5.69 -127.34
CA ASN N 25 18.23 -6.18 -127.62
C ASN N 25 19.15 -6.16 -126.39
N ILE N 26 18.63 -5.76 -125.23
CA ILE N 26 19.47 -5.60 -124.04
C ILE N 26 19.13 -6.58 -122.93
N GLY N 27 18.07 -7.36 -123.07
CA GLY N 27 17.72 -8.33 -122.04
C GLY N 27 16.31 -8.82 -122.24
N ALA N 28 15.86 -9.63 -121.27
CA ALA N 28 14.54 -10.22 -121.33
C ALA N 28 13.49 -9.23 -120.83
N VAL N 29 12.25 -9.45 -121.28
CA VAL N 29 11.12 -8.61 -120.91
C VAL N 29 10.40 -9.26 -119.74
N THR N 30 10.20 -8.49 -118.67
CA THR N 30 9.53 -8.96 -117.46
C THR N 30 8.35 -8.06 -117.14
N SER N 31 7.65 -8.39 -116.06
CA SER N 31 6.41 -7.72 -115.71
C SER N 31 6.59 -6.26 -115.34
N SER N 32 7.82 -5.82 -115.08
CA SER N 32 8.08 -4.45 -114.69
C SER N 32 8.33 -3.52 -115.87
N ASN N 33 8.39 -4.04 -117.10
CA ASN N 33 8.71 -3.20 -118.25
C ASN N 33 7.51 -2.45 -118.80
N CYS N 34 6.30 -2.83 -118.41
CA CYS N 34 5.08 -2.12 -118.82
C CYS N 34 5.00 -1.97 -120.33
N ALA N 35 4.88 -3.12 -121.01
CA ALA N 35 4.82 -3.12 -122.47
C ALA N 35 3.54 -2.45 -122.95
N ASN N 36 3.67 -1.67 -124.03
CA ASN N 36 2.54 -1.00 -124.66
C ASN N 36 2.44 -1.39 -126.12
N TRP N 37 1.20 -1.51 -126.62
CA TRP N 37 0.94 -1.82 -128.01
C TRP N 37 -0.01 -0.78 -128.59
N VAL N 38 0.38 -0.20 -129.72
CA VAL N 38 -0.42 0.83 -130.38
C VAL N 38 -0.55 0.45 -131.85
N GLN N 39 -1.55 1.05 -132.50
CA GLN N 39 -1.85 0.78 -133.90
C GLN N 39 -1.95 2.08 -134.67
N GLU N 40 -1.40 2.07 -135.89
CA GLU N 40 -1.39 3.25 -136.75
C GLU N 40 -2.52 3.14 -137.77
N LYS N 41 -3.39 4.13 -137.80
CA LYS N 41 -4.46 4.19 -138.78
C LYS N 41 -3.86 4.43 -140.17
N PRO N 42 -4.44 3.84 -141.22
CA PRO N 42 -3.91 4.09 -142.57
C PRO N 42 -3.89 5.56 -142.97
N ASP N 43 -4.74 6.39 -142.37
CA ASP N 43 -4.76 7.82 -142.66
C ASP N 43 -3.67 8.59 -141.93
N HIS N 44 -2.63 7.90 -141.46
CA HIS N 44 -1.55 8.49 -140.67
C HIS N 44 -2.09 9.05 -139.35
N PHE N 45 -2.90 8.24 -138.68
CA PHE N 45 -3.37 8.52 -137.34
C PHE N 45 -3.00 7.35 -136.43
N PHE N 46 -2.91 7.62 -135.13
CA PHE N 46 -2.41 6.63 -134.18
C PHE N 46 -3.40 6.45 -133.04
N THR N 47 -3.63 5.20 -132.67
CA THR N 47 -4.44 4.85 -131.51
C THR N 47 -3.80 3.66 -130.81
N GLY N 48 -3.94 3.62 -129.49
CA GLY N 48 -3.35 2.55 -128.70
C GLY N 48 -4.30 1.37 -128.52
N LEU N 49 -3.71 0.18 -128.38
CA LEU N 49 -4.48 -1.05 -128.20
C LEU N 49 -4.25 -1.68 -126.84
N ILE N 50 -3.00 -1.96 -126.47
CA ILE N 50 -2.69 -2.68 -125.24
C ILE N 50 -1.74 -1.83 -124.40
N GLY N 51 -2.10 -1.63 -123.15
CA GLY N 51 -1.27 -0.87 -122.23
C GLY N 51 -1.02 -1.64 -120.95
N ASP N 52 0.19 -1.51 -120.43
CA ASP N 52 0.61 -2.19 -119.20
C ASP N 52 0.36 -3.70 -119.29
N THR N 53 0.97 -4.30 -120.31
CA THR N 53 1.06 -5.75 -120.47
C THR N 53 -0.28 -6.40 -120.77
N ASN N 54 -1.20 -6.36 -119.80
CA ASN N 54 -2.42 -7.16 -119.88
C ASN N 54 -3.69 -6.35 -119.63
N ASN N 55 -3.70 -5.08 -120.05
CA ASN N 55 -4.89 -4.24 -119.96
C ASN N 55 -5.25 -3.73 -121.35
N ARG N 56 -6.49 -3.98 -121.76
CA ARG N 56 -6.98 -3.56 -123.07
C ARG N 56 -7.70 -2.21 -122.96
N ARG N 57 -7.48 -1.36 -123.96
CA ARG N 57 -8.11 -0.05 -123.97
C ARG N 57 -9.63 -0.16 -124.03
N SER N 58 -10.31 0.76 -123.35
CA SER N 58 -11.77 0.81 -123.42
C SER N 58 -12.23 1.16 -124.83
N GLY N 59 -13.29 0.49 -125.27
CA GLY N 59 -13.77 0.62 -126.63
C GLY N 59 -13.16 -0.36 -127.61
N VAL N 60 -12.07 -1.02 -127.24
CA VAL N 60 -11.44 -2.01 -128.10
C VAL N 60 -12.17 -3.34 -127.93
N PRO N 61 -12.59 -4.00 -129.02
CA PRO N 61 -13.44 -5.17 -128.90
C PRO N 61 -12.72 -6.33 -128.21
N ALA N 62 -13.49 -7.38 -127.93
CA ALA N 62 -13.02 -8.46 -127.08
C ALA N 62 -12.01 -9.37 -127.76
N ARG N 63 -11.74 -9.18 -129.06
CA ARG N 63 -10.81 -10.03 -129.77
C ARG N 63 -9.35 -9.65 -129.51
N PHE N 64 -9.10 -8.59 -128.75
CA PHE N 64 -7.75 -8.10 -128.48
C PHE N 64 -7.33 -8.48 -127.07
N SER N 65 -6.14 -9.06 -126.94
CA SER N 65 -5.57 -9.37 -125.63
C SER N 65 -4.07 -9.55 -125.80
N GLY N 66 -3.36 -9.50 -124.68
CA GLY N 66 -1.91 -9.62 -124.71
C GLY N 66 -1.38 -10.22 -123.42
N SER N 67 -0.15 -10.72 -123.49
CA SER N 67 0.54 -11.30 -122.35
C SER N 67 2.02 -11.43 -122.71
N LEU N 68 2.78 -12.01 -121.80
CA LEU N 68 4.20 -12.26 -121.99
C LEU N 68 4.43 -13.75 -122.20
N ILE N 69 5.21 -14.09 -123.24
CA ILE N 69 5.55 -15.47 -123.54
C ILE N 69 7.06 -15.59 -123.45
N GLY N 70 7.54 -16.31 -122.42
CA GLY N 70 8.97 -16.47 -122.25
C GLY N 70 9.66 -15.14 -122.04
N ASP N 71 10.67 -14.87 -122.87
CA ASP N 71 11.43 -13.63 -122.82
C ASP N 71 10.93 -12.60 -123.82
N LYS N 72 9.82 -12.88 -124.52
CA LYS N 72 9.29 -11.99 -125.53
C LYS N 72 7.86 -11.59 -125.17
N ALA N 73 7.52 -10.32 -125.42
CA ALA N 73 6.16 -9.86 -125.24
C ALA N 73 5.32 -10.22 -126.46
N ALA N 74 4.04 -10.51 -126.22
CA ALA N 74 3.16 -11.01 -127.26
C ALA N 74 1.84 -10.26 -127.25
N LEU N 75 1.28 -10.05 -128.45
CA LEU N 75 -0.05 -9.50 -128.62
C LEU N 75 -0.85 -10.43 -129.52
N THR N 76 -1.97 -10.94 -129.02
CA THR N 76 -2.79 -11.88 -129.77
C THR N 76 -4.12 -11.23 -130.16
N ILE N 77 -4.52 -11.43 -131.41
CA ILE N 77 -5.76 -10.90 -131.95
C ILE N 77 -6.54 -12.05 -132.58
N THR N 78 -7.78 -12.22 -132.19
CA THR N 78 -8.64 -13.27 -132.72
C THR N 78 -9.65 -12.69 -133.71
N GLY N 79 -10.22 -13.57 -134.52
CA GLY N 79 -11.23 -13.15 -135.48
C GLY N 79 -10.73 -12.15 -136.50
N ALA N 80 -9.53 -12.37 -137.04
CA ALA N 80 -8.91 -11.40 -137.92
C ALA N 80 -9.74 -11.20 -139.19
N GLN N 81 -9.85 -9.95 -139.61
CA GLN N 81 -10.57 -9.57 -140.82
C GLN N 81 -9.70 -8.64 -141.65
N THR N 82 -10.19 -8.30 -142.84
CA THR N 82 -9.46 -7.39 -143.72
C THR N 82 -9.33 -5.99 -143.14
N GLU N 83 -10.19 -5.63 -142.19
CA GLU N 83 -10.09 -4.33 -141.54
C GLU N 83 -8.89 -4.21 -140.62
N ASP N 84 -8.23 -5.32 -140.29
CA ASP N 84 -7.10 -5.33 -139.37
C ASP N 84 -5.76 -5.12 -140.07
N GLU N 85 -5.77 -4.84 -141.38
CA GLU N 85 -4.54 -4.62 -142.13
C GLU N 85 -4.02 -3.22 -141.80
N ALA N 86 -3.41 -3.12 -140.61
CA ALA N 86 -2.84 -1.86 -140.16
C ALA N 86 -1.42 -2.07 -139.65
N ILE N 87 -0.84 -1.06 -139.01
CA ILE N 87 0.53 -1.09 -138.53
C ILE N 87 0.49 -1.20 -137.01
N TYR N 88 1.26 -2.15 -136.47
CA TYR N 88 1.31 -2.42 -135.03
C TYR N 88 2.69 -2.08 -134.50
N PHE N 89 2.74 -1.53 -133.28
CA PHE N 89 3.99 -1.09 -132.67
C PHE N 89 4.08 -1.60 -131.24
N CYS N 90 5.32 -1.70 -130.75
CA CYS N 90 5.61 -2.24 -129.44
C CYS N 90 6.49 -1.26 -128.67
N ALA N 91 6.18 -1.05 -127.39
CA ALA N 91 6.85 -0.05 -126.57
C ALA N 91 7.26 -0.66 -125.24
N LEU N 92 8.52 -0.44 -124.85
CA LEU N 92 9.08 -1.02 -123.63
C LEU N 92 9.76 0.08 -122.82
N TRP N 93 9.68 -0.05 -121.50
CA TRP N 93 10.18 0.96 -120.57
C TRP N 93 11.36 0.40 -119.78
N TYR N 94 12.50 1.05 -119.88
CA TYR N 94 13.69 0.72 -119.11
C TYR N 94 14.24 1.97 -118.45
N ASN N 95 14.50 1.89 -117.15
CA ASN N 95 15.15 2.98 -116.40
C ASN N 95 14.31 4.24 -116.60
N ASN N 96 14.89 5.36 -117.03
CA ASN N 96 14.18 6.60 -117.22
C ASN N 96 13.74 6.85 -118.65
N LEU N 97 14.00 5.93 -119.57
CA LEU N 97 13.79 6.18 -120.99
C LEU N 97 12.78 5.19 -121.57
N TRP N 98 11.90 5.70 -122.44
CA TRP N 98 11.03 4.86 -123.23
C TRP N 98 11.78 4.35 -124.47
N VAL N 99 11.45 3.12 -124.87
CA VAL N 99 12.03 2.50 -126.06
C VAL N 99 10.91 2.15 -127.02
N PHE N 100 11.06 2.58 -128.27
CA PHE N 100 10.05 2.36 -129.31
C PHE N 100 10.47 1.21 -130.23
N GLY N 101 9.47 0.57 -130.84
CA GLY N 101 9.71 -0.53 -131.75
C GLY N 101 9.78 -0.07 -133.20
N GLY N 102 9.94 -1.06 -134.09
CA GLY N 102 10.07 -0.79 -135.50
C GLY N 102 8.78 -0.89 -136.30
N GLY N 103 7.76 -1.52 -135.73
CA GLY N 103 6.48 -1.65 -136.39
C GLY N 103 6.38 -2.90 -137.24
N THR N 104 5.13 -3.26 -137.56
CA THR N 104 4.85 -4.43 -138.38
C THR N 104 3.54 -4.21 -139.13
N LYS N 105 3.40 -4.91 -140.25
CA LYS N 105 2.23 -4.79 -141.12
C LYS N 105 1.47 -6.12 -141.14
N LEU N 106 0.14 -6.03 -141.10
CA LEU N 106 -0.73 -7.21 -141.10
C LEU N 106 -1.38 -7.37 -142.46
N THR N 107 -1.31 -8.58 -143.01
CA THR N 107 -1.92 -8.93 -144.28
C THR N 107 -2.94 -10.03 -144.07
N VAL N 108 -4.17 -9.81 -144.53
CA VAL N 108 -5.25 -10.78 -144.41
C VAL N 108 -5.71 -11.14 -145.82
N LEU N 109 -5.68 -12.43 -146.13
CA LEU N 109 -6.05 -12.91 -147.46
C LEU N 109 -7.14 -13.98 -147.38
N GLN O 1 -39.32 -17.27 -76.78
CA GLN O 1 -38.76 -18.57 -76.45
C GLN O 1 -37.40 -18.44 -75.79
N ILE O 2 -37.24 -19.07 -74.63
CA ILE O 2 -35.98 -19.05 -73.90
C ILE O 2 -35.04 -20.07 -74.52
N GLN O 3 -33.81 -19.66 -74.81
CA GLN O 3 -32.81 -20.53 -75.39
C GLN O 3 -31.46 -20.29 -74.73
N LEU O 4 -30.76 -21.38 -74.42
CA LEU O 4 -29.40 -21.32 -73.89
C LEU O 4 -28.45 -21.91 -74.93
N VAL O 5 -27.40 -21.16 -75.26
CA VAL O 5 -26.43 -21.55 -76.28
C VAL O 5 -25.07 -21.69 -75.60
N GLN O 6 -24.46 -22.86 -75.76
CA GLN O 6 -23.14 -23.15 -75.21
C GLN O 6 -22.11 -23.25 -76.34
N SER O 7 -20.84 -23.30 -75.94
CA SER O 7 -19.75 -23.33 -76.90
C SER O 7 -19.58 -24.75 -77.45
N GLY O 8 -18.68 -24.87 -78.43
CA GLY O 8 -18.44 -26.14 -79.10
C GLY O 8 -17.32 -26.94 -78.44
N ARG O 9 -17.00 -28.06 -79.09
CA ARG O 9 -16.01 -28.99 -78.56
C ARG O 9 -14.61 -28.45 -78.77
N GLU O 10 -13.69 -28.86 -77.89
CA GLU O 10 -12.28 -28.50 -78.00
C GLU O 10 -11.46 -29.60 -77.35
N VAL O 11 -10.23 -29.76 -77.83
CA VAL O 11 -9.30 -30.77 -77.33
C VAL O 11 -8.11 -30.05 -76.71
N LYS O 12 -7.75 -30.46 -75.50
CA LYS O 12 -6.70 -29.80 -74.72
C LYS O 12 -5.63 -30.79 -74.30
N ASN O 13 -4.51 -30.24 -73.87
CA ASN O 13 -3.39 -30.98 -73.31
C ASN O 13 -3.20 -30.61 -71.84
N PRO O 14 -2.55 -31.45 -71.05
CA PRO O 14 -2.39 -31.14 -69.63
C PRO O 14 -1.65 -29.82 -69.42
N GLY O 15 -2.09 -29.08 -68.40
CA GLY O 15 -1.49 -27.80 -68.07
C GLY O 15 -2.11 -26.60 -68.77
N GLU O 16 -3.08 -26.81 -69.65
CA GLU O 16 -3.70 -25.72 -70.39
C GLU O 16 -4.94 -25.23 -69.65
N THR O 17 -5.70 -24.32 -70.29
CA THR O 17 -6.96 -23.82 -69.76
C THR O 17 -8.02 -23.85 -70.85
N VAL O 18 -9.28 -23.95 -70.44
CA VAL O 18 -10.40 -24.00 -71.37
C VAL O 18 -11.52 -23.11 -70.84
N LYS O 19 -12.21 -22.42 -71.77
CA LYS O 19 -13.30 -21.53 -71.44
C LYS O 19 -14.58 -22.02 -72.10
N ILE O 20 -15.64 -22.16 -71.30
CA ILE O 20 -16.94 -22.62 -71.77
C ILE O 20 -17.95 -21.50 -71.56
N SER O 21 -18.67 -21.16 -72.63
CA SER O 21 -19.64 -20.07 -72.60
C SER O 21 -21.06 -20.62 -72.53
N CYS O 22 -21.99 -19.75 -72.12
CA CYS O 22 -23.41 -20.09 -72.02
C CYS O 22 -24.20 -18.83 -72.32
N LYS O 23 -24.78 -18.76 -73.51
CA LYS O 23 -25.51 -17.58 -73.96
C LYS O 23 -26.97 -17.65 -73.54
N ALA O 24 -27.50 -16.52 -73.08
CA ALA O 24 -28.88 -16.42 -72.61
C ALA O 24 -29.68 -15.51 -73.53
N SER O 25 -30.92 -15.89 -73.81
CA SER O 25 -31.78 -15.12 -74.69
C SER O 25 -33.24 -15.42 -74.38
N GLY O 26 -34.08 -14.40 -74.49
CA GLY O 26 -35.51 -14.54 -74.31
C GLY O 26 -36.04 -14.13 -72.95
N TYR O 27 -35.18 -13.84 -71.99
CA TYR O 27 -35.61 -13.44 -70.66
C TYR O 27 -34.63 -12.41 -70.10
N THR O 28 -35.07 -11.67 -69.09
CA THR O 28 -34.21 -10.66 -68.49
C THR O 28 -33.11 -11.35 -67.68
N PHE O 29 -31.85 -10.97 -67.96
CA PHE O 29 -30.72 -11.75 -67.46
C PHE O 29 -30.56 -11.64 -65.96
N THR O 30 -30.84 -10.47 -65.40
CA THR O 30 -30.51 -10.18 -64.00
C THR O 30 -31.59 -10.60 -63.02
N GLU O 31 -32.66 -11.24 -63.49
CA GLU O 31 -33.78 -11.57 -62.62
C GLU O 31 -33.69 -12.95 -62.00
N TYR O 32 -32.86 -13.84 -62.53
CA TYR O 32 -32.78 -15.21 -62.03
C TYR O 32 -31.34 -15.69 -62.07
N PRO O 33 -30.96 -16.61 -61.20
CA PRO O 33 -29.56 -17.07 -61.15
C PRO O 33 -29.24 -18.05 -62.26
N MET O 34 -27.94 -18.27 -62.44
CA MET O 34 -27.40 -19.23 -63.40
C MET O 34 -26.74 -20.38 -62.63
N LEU O 35 -27.08 -21.62 -63.00
CA LEU O 35 -26.57 -22.80 -62.32
C LEU O 35 -25.72 -23.64 -63.28
N TRP O 36 -24.77 -24.37 -62.70
CA TRP O 36 -23.86 -25.21 -63.47
C TRP O 36 -23.86 -26.63 -62.93
N VAL O 37 -23.79 -27.60 -63.84
CA VAL O 37 -23.78 -29.02 -63.48
C VAL O 37 -22.74 -29.73 -64.36
N LYS O 38 -22.10 -30.74 -63.79
CA LYS O 38 -21.06 -31.51 -64.46
C LYS O 38 -21.45 -32.97 -64.54
N GLN O 39 -21.19 -33.59 -65.69
CA GLN O 39 -21.45 -35.01 -65.91
C GLN O 39 -20.19 -35.66 -66.45
N ALA O 40 -19.54 -36.47 -65.61
CA ALA O 40 -18.36 -37.19 -66.05
C ALA O 40 -18.74 -38.31 -67.01
N PRO O 41 -17.82 -38.72 -67.88
CA PRO O 41 -18.12 -39.84 -68.79
C PRO O 41 -18.36 -41.13 -68.00
N GLY O 42 -19.51 -41.76 -68.28
CA GLY O 42 -19.88 -42.97 -67.59
C GLY O 42 -20.41 -42.79 -66.18
N LYS O 43 -20.57 -41.55 -65.74
CA LYS O 43 -21.05 -41.25 -64.39
C LYS O 43 -22.25 -40.31 -64.47
N GLY O 44 -22.88 -40.09 -63.32
CA GLY O 44 -24.02 -39.21 -63.24
C GLY O 44 -23.61 -37.75 -63.12
N PHE O 45 -24.60 -36.91 -62.84
CA PHE O 45 -24.37 -35.49 -62.73
C PHE O 45 -23.84 -35.11 -61.35
N ARG O 46 -23.07 -34.04 -61.30
CA ARG O 46 -22.52 -33.51 -60.06
C ARG O 46 -22.73 -32.00 -60.00
N TRP O 47 -23.15 -31.52 -58.83
CA TRP O 47 -23.39 -30.10 -58.59
C TRP O 47 -22.10 -29.40 -58.21
N MET O 48 -21.89 -28.20 -58.76
CA MET O 48 -20.66 -27.45 -58.54
C MET O 48 -20.87 -26.08 -57.91
N GLY O 49 -21.99 -25.43 -58.14
CA GLY O 49 -22.23 -24.12 -57.55
C GLY O 49 -23.04 -23.25 -58.51
N LEU O 50 -23.37 -22.05 -58.02
CA LEU O 50 -24.15 -21.09 -58.77
C LEU O 50 -23.65 -19.69 -58.46
N ILE O 51 -24.07 -18.72 -59.27
CA ILE O 51 -23.67 -17.33 -59.14
C ILE O 51 -24.89 -16.44 -59.24
N TYR O 52 -24.94 -15.40 -58.41
CA TYR O 52 -26.06 -14.47 -58.40
C TYR O 52 -25.83 -13.39 -59.45
N THR O 53 -26.73 -13.32 -60.44
CA THR O 53 -26.58 -12.37 -61.53
C THR O 53 -26.74 -10.93 -61.08
N ASN O 54 -27.44 -10.69 -59.97
CA ASN O 54 -27.67 -9.33 -59.52
C ASN O 54 -26.46 -8.73 -58.82
N THR O 55 -25.68 -9.56 -58.13
CA THR O 55 -24.51 -9.08 -57.39
C THR O 55 -23.19 -9.63 -57.89
N GLY O 56 -23.19 -10.77 -58.57
CA GLY O 56 -21.96 -11.30 -59.12
C GLY O 56 -21.10 -12.09 -58.15
N GLU O 57 -21.61 -12.40 -56.96
CA GLU O 57 -20.85 -13.15 -55.98
C GLU O 57 -21.11 -14.64 -56.15
N PRO O 58 -20.10 -15.46 -56.42
CA PRO O 58 -20.33 -16.89 -56.63
C PRO O 58 -20.15 -17.72 -55.38
N THR O 59 -20.82 -18.87 -55.36
CA THR O 59 -20.68 -19.87 -54.32
C THR O 59 -20.26 -21.19 -54.94
N TYR O 60 -19.29 -21.85 -54.33
CA TYR O 60 -18.74 -23.10 -54.86
C TYR O 60 -19.08 -24.27 -53.95
N ALA O 61 -19.20 -25.45 -54.54
CA ALA O 61 -19.39 -26.67 -53.77
C ALA O 61 -18.08 -27.13 -53.18
N GLU O 62 -18.17 -28.09 -52.24
CA GLU O 62 -17.00 -28.53 -51.51
C GLU O 62 -15.97 -29.18 -52.43
N GLU O 63 -16.43 -30.04 -53.34
CA GLU O 63 -15.52 -30.79 -54.19
C GLU O 63 -14.80 -29.93 -55.24
N PHE O 64 -15.26 -28.70 -55.47
CA PHE O 64 -14.71 -27.86 -56.52
C PHE O 64 -14.26 -26.50 -56.00
N LYS O 65 -13.94 -26.40 -54.72
CA LYS O 65 -13.37 -25.17 -54.16
C LYS O 65 -11.88 -25.08 -54.48
N GLY O 66 -11.59 -25.01 -55.77
CA GLY O 66 -10.23 -25.06 -56.25
C GLY O 66 -9.97 -24.19 -57.46
N ARG O 67 -9.38 -24.78 -58.50
CA ARG O 67 -9.00 -24.03 -59.69
C ARG O 67 -10.18 -23.43 -60.43
N PHE O 68 -11.40 -23.92 -60.18
CA PHE O 68 -12.56 -23.44 -60.91
C PHE O 68 -12.88 -22.00 -60.53
N VAL O 69 -13.19 -21.19 -61.53
CA VAL O 69 -13.54 -19.78 -61.35
C VAL O 69 -14.76 -19.46 -62.20
N PHE O 70 -15.70 -18.73 -61.62
CA PHE O 70 -16.89 -18.26 -62.33
C PHE O 70 -16.73 -16.79 -62.72
N SER O 71 -17.48 -16.40 -63.75
CA SER O 71 -17.47 -15.02 -64.20
C SER O 71 -18.80 -14.70 -64.87
N LEU O 72 -19.08 -13.40 -65.01
CA LEU O 72 -20.31 -12.95 -65.63
C LEU O 72 -20.03 -11.71 -66.48
N GLU O 73 -20.84 -11.55 -67.53
CA GLU O 73 -20.82 -10.36 -68.37
C GLU O 73 -22.26 -9.90 -68.55
N ILE O 74 -22.66 -8.89 -67.78
CA ILE O 74 -24.05 -8.42 -67.81
C ILE O 74 -24.38 -7.81 -69.16
N SER O 75 -23.45 -7.00 -69.71
CA SER O 75 -23.74 -6.31 -70.96
C SER O 75 -23.91 -7.27 -72.13
N ALA O 76 -23.27 -8.44 -72.06
CA ALA O 76 -23.38 -9.43 -73.12
C ALA O 76 -24.41 -10.51 -72.83
N SER O 77 -25.03 -10.50 -71.66
CA SER O 77 -26.04 -11.49 -71.27
C SER O 77 -25.48 -12.91 -71.42
N THR O 78 -24.24 -13.10 -71.01
CA THR O 78 -23.54 -14.37 -71.16
C THR O 78 -22.78 -14.70 -69.88
N ALA O 79 -22.84 -15.96 -69.48
CA ALA O 79 -22.09 -16.47 -68.34
C ALA O 79 -20.96 -17.36 -68.84
N TYR O 80 -19.89 -17.42 -68.05
CA TYR O 80 -18.70 -18.17 -68.44
C TYR O 80 -18.30 -19.15 -67.34
N LEU O 81 -17.75 -20.29 -67.77
CA LEU O 81 -17.19 -21.28 -66.87
C LEU O 81 -15.74 -21.50 -67.25
N GLN O 82 -14.83 -21.35 -66.28
CA GLN O 82 -13.40 -21.44 -66.53
C GLN O 82 -12.79 -22.53 -65.67
N ILE O 83 -12.02 -23.41 -66.30
CA ILE O 83 -11.27 -24.47 -65.61
C ILE O 83 -9.80 -24.30 -65.95
N ASN O 84 -8.95 -24.25 -64.93
CA ASN O 84 -7.53 -23.99 -65.11
C ASN O 84 -6.72 -25.19 -64.65
N ASN O 85 -5.50 -25.29 -65.18
CA ASN O 85 -4.58 -26.38 -64.88
C ASN O 85 -5.21 -27.74 -65.18
N LEU O 86 -5.56 -27.94 -66.45
CA LEU O 86 -6.29 -29.13 -66.86
C LEU O 86 -5.44 -30.38 -66.69
N THR O 87 -6.10 -31.48 -66.29
CA THR O 87 -5.48 -32.78 -66.22
C THR O 87 -6.34 -33.77 -67.00
N ASN O 88 -5.81 -34.99 -67.18
CA ASN O 88 -6.51 -35.99 -67.98
C ASN O 88 -7.82 -36.42 -67.35
N GLU O 89 -7.99 -36.21 -66.04
CA GLU O 89 -9.24 -36.56 -65.37
C GLU O 89 -10.34 -35.52 -65.58
N ASP O 90 -10.03 -34.39 -66.22
CA ASP O 90 -10.98 -33.30 -66.36
C ASP O 90 -11.92 -33.45 -67.55
N THR O 91 -11.77 -34.51 -68.35
CA THR O 91 -12.65 -34.69 -69.49
C THR O 91 -14.05 -35.05 -69.02
N ALA O 92 -15.05 -34.36 -69.56
CA ALA O 92 -16.44 -34.51 -69.14
C ALA O 92 -17.33 -33.71 -70.09
N THR O 93 -18.63 -33.72 -69.80
CA THR O 93 -19.60 -32.90 -70.50
C THR O 93 -20.25 -31.96 -69.51
N TYR O 94 -20.43 -30.70 -69.91
CA TYR O 94 -20.91 -29.66 -69.02
C TYR O 94 -22.18 -29.02 -69.58
N PHE O 95 -23.04 -28.57 -68.67
CA PHE O 95 -24.31 -27.94 -69.01
C PHE O 95 -24.53 -26.74 -68.10
N CYS O 96 -25.29 -25.77 -68.61
CA CYS O 96 -25.74 -24.64 -67.82
C CYS O 96 -27.26 -24.67 -67.73
N VAL O 97 -27.79 -24.35 -66.55
CA VAL O 97 -29.21 -24.49 -66.25
C VAL O 97 -29.65 -23.28 -65.44
N ARG O 98 -30.91 -22.87 -65.65
CA ARG O 98 -31.50 -21.76 -64.93
C ARG O 98 -32.34 -22.28 -63.77
N ASP O 99 -32.50 -21.44 -62.75
CA ASP O 99 -33.32 -21.75 -61.59
C ASP O 99 -34.50 -20.79 -61.57
N TYR O 100 -35.71 -21.34 -61.74
CA TYR O 100 -36.95 -20.58 -61.66
C TYR O 100 -37.69 -21.09 -60.44
N PHE O 101 -37.74 -20.27 -59.39
CA PHE O 101 -38.29 -20.65 -58.09
C PHE O 101 -37.59 -21.93 -57.66
N ILE O 102 -38.30 -22.98 -57.24
CA ILE O 102 -37.67 -24.20 -56.74
C ILE O 102 -37.41 -25.22 -57.84
N SER O 103 -37.73 -24.90 -59.09
CA SER O 103 -37.72 -25.87 -60.17
C SER O 103 -36.60 -25.59 -61.15
N LEU O 104 -35.92 -26.66 -61.59
CA LEU O 104 -34.96 -26.60 -62.70
C LEU O 104 -35.69 -26.90 -64.01
N ASP O 105 -36.21 -25.86 -64.63
CA ASP O 105 -37.06 -26.03 -65.81
C ASP O 105 -36.25 -26.37 -67.06
N TYR O 106 -35.27 -25.53 -67.41
CA TYR O 106 -34.63 -25.57 -68.72
C TYR O 106 -33.22 -26.15 -68.62
N TRP O 107 -32.64 -26.41 -69.79
CA TRP O 107 -31.32 -27.03 -69.89
C TRP O 107 -30.62 -26.52 -71.14
N GLY O 108 -29.28 -26.60 -71.13
CA GLY O 108 -28.48 -26.25 -72.28
C GLY O 108 -28.23 -27.44 -73.20
N GLN O 109 -27.59 -27.14 -74.33
CA GLN O 109 -27.28 -28.21 -75.29
C GLN O 109 -26.02 -28.99 -74.93
N GLY O 110 -25.15 -28.44 -74.11
CA GLY O 110 -24.00 -29.18 -73.65
C GLY O 110 -22.74 -28.87 -74.43
N THR O 111 -21.59 -29.08 -73.78
CA THR O 111 -20.28 -28.90 -74.38
C THR O 111 -19.38 -30.05 -73.95
N THR O 112 -18.59 -30.56 -74.88
CA THR O 112 -17.73 -31.72 -74.65
C THR O 112 -16.29 -31.29 -74.55
N LEU O 113 -15.60 -31.72 -73.49
CA LEU O 113 -14.20 -31.41 -73.26
C LEU O 113 -13.40 -32.71 -73.25
N THR O 114 -12.36 -32.77 -74.07
CA THR O 114 -11.47 -33.93 -74.16
C THR O 114 -10.05 -33.50 -73.85
N VAL O 115 -9.45 -34.12 -72.84
CA VAL O 115 -8.08 -33.84 -72.41
C VAL O 115 -7.27 -35.11 -72.52
N SER O 116 -6.13 -35.04 -73.21
CA SER O 116 -5.27 -36.20 -73.39
C SER O 116 -3.84 -35.74 -73.50
N SER O 117 -2.92 -36.67 -73.25
CA SER O 117 -1.49 -36.39 -73.32
C SER O 117 -0.97 -36.60 -74.74
N GLN P 1 -22.00 -40.06 -48.01
CA GLN P 1 -22.47 -39.56 -49.30
C GLN P 1 -23.86 -40.11 -49.61
N ALA P 2 -24.83 -39.21 -49.74
CA ALA P 2 -26.21 -39.60 -50.02
C ALA P 2 -26.39 -39.89 -51.50
N VAL P 3 -27.13 -40.96 -51.80
CA VAL P 3 -27.48 -41.31 -53.17
C VAL P 3 -28.95 -41.66 -53.23
N VAL P 4 -29.54 -41.46 -54.41
CA VAL P 4 -30.95 -41.72 -54.65
C VAL P 4 -31.08 -43.00 -55.47
N THR P 5 -31.89 -43.93 -55.00
CA THR P 5 -32.06 -45.23 -55.64
C THR P 5 -33.27 -45.21 -56.55
N GLN P 6 -33.10 -45.67 -57.78
CA GLN P 6 -34.16 -45.75 -58.76
C GLN P 6 -34.15 -47.12 -59.43
N GLU P 7 -35.32 -47.55 -59.89
CA GLU P 7 -35.44 -48.83 -60.56
C GLU P 7 -34.85 -48.77 -61.97
N SER P 8 -34.42 -49.94 -62.46
CA SER P 8 -33.74 -50.00 -63.74
C SER P 8 -34.66 -49.62 -64.89
N ALA P 9 -35.84 -50.23 -64.96
CA ALA P 9 -36.79 -49.95 -66.03
C ALA P 9 -38.17 -50.41 -65.62
N LEU P 10 -39.18 -49.89 -66.33
CA LEU P 10 -40.57 -50.25 -66.09
C LEU P 10 -41.25 -50.49 -67.43
N THR P 11 -42.09 -51.52 -67.47
CA THR P 11 -42.82 -51.90 -68.69
C THR P 11 -44.31 -51.73 -68.44
N THR P 12 -45.00 -51.10 -69.39
CA THR P 12 -46.43 -50.85 -69.27
C THR P 12 -47.08 -51.06 -70.63
N SER P 13 -48.34 -50.66 -70.73
CA SER P 13 -49.14 -50.79 -71.94
C SER P 13 -49.85 -49.47 -72.21
N PRO P 14 -50.21 -49.20 -73.46
CA PRO P 14 -50.80 -47.90 -73.79
C PRO P 14 -52.14 -47.69 -73.10
N GLY P 15 -52.34 -46.48 -72.57
CA GLY P 15 -53.55 -46.12 -71.87
C GLY P 15 -53.52 -46.30 -70.37
N GLU P 16 -52.45 -46.84 -69.82
CA GLU P 16 -52.37 -47.11 -68.39
C GLU P 16 -51.69 -45.95 -67.66
N THR P 17 -51.56 -46.09 -66.34
CA THR P 17 -50.94 -45.09 -65.49
C THR P 17 -49.63 -45.63 -64.95
N VAL P 18 -48.57 -44.84 -65.06
CA VAL P 18 -47.22 -45.25 -64.65
C VAL P 18 -46.79 -44.38 -63.47
N THR P 19 -46.36 -45.03 -62.39
CA THR P 19 -45.88 -44.34 -61.20
C THR P 19 -44.45 -44.80 -60.90
N LEU P 20 -43.54 -43.85 -60.79
CA LEU P 20 -42.13 -44.11 -60.52
C LEU P 20 -41.76 -43.60 -59.13
N THR P 21 -40.86 -44.32 -58.47
CA THR P 21 -40.49 -44.03 -57.09
C THR P 21 -38.98 -43.86 -56.97
N CYS P 22 -38.58 -43.01 -56.02
CA CYS P 22 -37.18 -42.83 -55.68
C CYS P 22 -37.08 -42.56 -54.18
N ARG P 23 -35.93 -42.90 -53.59
CA ARG P 23 -35.74 -42.74 -52.16
C ARG P 23 -34.25 -42.69 -51.86
N SER P 24 -33.86 -41.77 -50.99
CA SER P 24 -32.46 -41.62 -50.63
C SER P 24 -32.05 -42.66 -49.58
N ASN P 25 -30.75 -42.86 -49.45
CA ASN P 25 -30.20 -43.88 -48.57
C ASN P 25 -29.89 -43.37 -47.17
N ILE P 26 -30.20 -42.11 -46.87
CA ILE P 26 -29.85 -41.51 -45.58
C ILE P 26 -31.07 -41.21 -44.72
N GLY P 27 -32.27 -41.38 -45.24
CA GLY P 27 -33.47 -41.12 -44.46
C GLY P 27 -34.68 -40.98 -45.36
N ALA P 28 -35.79 -40.60 -44.73
CA ALA P 28 -37.04 -40.44 -45.44
C ALA P 28 -37.07 -39.11 -46.18
N VAL P 29 -37.95 -39.03 -47.19
CA VAL P 29 -38.15 -37.83 -47.98
C VAL P 29 -39.32 -37.06 -47.40
N THR P 30 -39.11 -35.78 -47.12
CA THR P 30 -40.14 -34.92 -46.55
C THR P 30 -40.35 -33.70 -47.44
N SER P 31 -41.29 -32.85 -47.03
CA SER P 31 -41.70 -31.71 -47.84
C SER P 31 -40.57 -30.71 -48.06
N SER P 32 -39.54 -30.73 -47.20
CA SER P 32 -38.47 -29.74 -47.28
C SER P 32 -37.35 -30.13 -48.24
N ASN P 33 -37.37 -31.35 -48.77
CA ASN P 33 -36.30 -31.78 -49.66
C ASN P 33 -36.44 -31.22 -51.07
N CYS P 34 -37.64 -30.78 -51.46
CA CYS P 34 -37.90 -30.22 -52.77
C CYS P 34 -37.44 -31.17 -53.89
N ALA P 35 -38.09 -32.34 -53.93
CA ALA P 35 -37.75 -33.33 -54.93
C ALA P 35 -38.03 -32.81 -56.33
N ASN P 36 -37.14 -33.13 -57.27
CA ASN P 36 -37.26 -32.68 -58.65
C ASN P 36 -37.23 -33.88 -59.59
N TRP P 37 -38.01 -33.79 -60.66
CA TRP P 37 -38.07 -34.82 -61.69
C TRP P 37 -37.82 -34.18 -63.04
N VAL P 38 -36.90 -34.77 -63.82
CA VAL P 38 -36.59 -34.31 -65.16
C VAL P 38 -36.60 -35.51 -66.09
N GLN P 39 -36.68 -35.22 -67.39
CA GLN P 39 -36.75 -36.26 -68.41
C GLN P 39 -35.65 -36.01 -69.44
N GLU P 40 -35.01 -37.10 -69.88
CA GLU P 40 -33.95 -37.04 -70.87
C GLU P 40 -34.51 -37.39 -72.24
N LYS P 41 -34.37 -36.48 -73.18
CA LYS P 41 -34.80 -36.73 -74.55
C LYS P 41 -33.90 -37.79 -75.19
N PRO P 42 -34.45 -38.63 -76.07
CA PRO P 42 -33.60 -39.63 -76.75
C PRO P 42 -32.46 -39.01 -77.53
N ASP P 43 -32.59 -37.76 -77.96
CA ASP P 43 -31.55 -37.05 -78.69
C ASP P 43 -30.45 -36.53 -77.76
N HIS P 44 -30.36 -37.05 -76.54
CA HIS P 44 -29.39 -36.60 -75.54
C HIS P 44 -29.63 -35.14 -75.15
N PHE P 45 -30.91 -34.81 -74.94
CA PHE P 45 -31.32 -33.51 -74.42
C PHE P 45 -32.15 -33.72 -73.15
N PHE P 46 -32.20 -32.70 -72.31
CA PHE P 46 -32.85 -32.80 -71.01
C PHE P 46 -33.90 -31.71 -70.87
N THR P 47 -35.05 -32.09 -70.30
CA THR P 47 -36.11 -31.15 -69.96
C THR P 47 -36.71 -31.56 -68.63
N GLY P 48 -37.14 -30.56 -67.86
CA GLY P 48 -37.69 -30.82 -66.54
C GLY P 48 -39.17 -31.15 -66.59
N LEU P 49 -39.61 -31.99 -65.65
CA LEU P 49 -41.01 -32.38 -65.57
C LEU P 49 -41.68 -31.90 -64.29
N ILE P 50 -41.17 -32.29 -63.12
CA ILE P 50 -41.81 -32.00 -61.85
C ILE P 50 -40.81 -31.32 -60.93
N GLY P 51 -41.20 -30.16 -60.39
CA GLY P 51 -40.34 -29.41 -59.50
C GLY P 51 -41.07 -29.06 -58.23
N ASP P 52 -40.33 -29.04 -57.12
CA ASP P 52 -40.87 -28.72 -55.80
C ASP P 52 -42.05 -29.61 -55.46
N THR P 53 -41.83 -30.92 -55.57
CA THR P 53 -42.77 -31.95 -55.13
C THR P 53 -44.05 -31.99 -55.96
N ASN P 54 -44.85 -30.93 -55.92
CA ASN P 54 -46.20 -30.98 -56.46
C ASN P 54 -46.49 -29.78 -57.37
N ASN P 55 -45.51 -29.35 -58.14
CA ASN P 55 -45.68 -28.28 -59.11
C ASN P 55 -45.26 -28.77 -60.49
N ARG P 56 -46.18 -28.71 -61.45
CA ARG P 56 -45.92 -29.18 -62.80
C ARG P 56 -45.42 -28.04 -63.68
N ARG P 57 -44.43 -28.35 -64.51
CA ARG P 57 -43.86 -27.36 -65.41
C ARG P 57 -44.90 -26.85 -66.40
N SER P 58 -44.82 -25.57 -66.74
CA SER P 58 -45.73 -24.99 -67.72
C SER P 58 -45.52 -25.61 -69.09
N GLY P 59 -46.62 -25.91 -69.78
CA GLY P 59 -46.59 -26.59 -71.05
C GLY P 59 -46.62 -28.10 -70.97
N VAL P 60 -46.33 -28.66 -69.80
CA VAL P 60 -46.40 -30.11 -69.61
C VAL P 60 -47.87 -30.51 -69.47
N PRO P 61 -48.35 -31.48 -70.25
CA PRO P 61 -49.80 -31.72 -70.31
C PRO P 61 -50.36 -32.25 -68.99
N ALA P 62 -51.69 -32.39 -68.94
CA ALA P 62 -52.37 -32.66 -67.67
C ALA P 62 -52.10 -34.06 -67.13
N ARG P 63 -51.46 -34.93 -67.92
CA ARG P 63 -51.26 -36.32 -67.51
C ARG P 63 -50.08 -36.50 -66.56
N PHE P 64 -49.35 -35.43 -66.25
CA PHE P 64 -48.20 -35.48 -65.37
C PHE P 64 -48.54 -34.87 -64.02
N SER P 65 -48.21 -35.58 -62.95
CA SER P 65 -48.38 -35.07 -61.59
C SER P 65 -47.47 -35.85 -60.66
N GLY P 66 -47.24 -35.28 -59.48
CA GLY P 66 -46.36 -35.90 -58.50
C GLY P 66 -46.82 -35.64 -57.09
N SER P 67 -46.39 -36.51 -56.19
CA SER P 67 -46.71 -36.41 -54.77
C SER P 67 -45.77 -37.32 -54.00
N LEU P 68 -45.89 -37.29 -52.68
CA LEU P 68 -45.09 -38.11 -51.78
C LEU P 68 -45.96 -39.21 -51.20
N ILE P 69 -45.45 -40.44 -51.24
CA ILE P 69 -46.15 -41.61 -50.73
C ILE P 69 -45.29 -42.22 -49.63
N GLY P 70 -45.75 -42.10 -48.39
CA GLY P 70 -44.98 -42.63 -47.28
C GLY P 70 -43.62 -41.99 -47.17
N ASP P 71 -42.58 -42.81 -47.18
CA ASP P 71 -41.20 -42.33 -47.12
C ASP P 71 -40.56 -42.18 -48.48
N LYS P 72 -41.31 -42.40 -49.56
CA LYS P 72 -40.77 -42.38 -50.92
C LYS P 72 -41.45 -41.31 -51.74
N ALA P 73 -40.69 -40.66 -52.61
CA ALA P 73 -41.22 -39.70 -53.56
C ALA P 73 -41.69 -40.43 -54.81
N ALA P 74 -42.82 -39.97 -55.37
CA ALA P 74 -43.48 -40.67 -56.47
C ALA P 74 -43.84 -39.68 -57.57
N LEU P 75 -43.73 -40.15 -58.81
CA LEU P 75 -44.17 -39.40 -60.00
C LEU P 75 -45.12 -40.29 -60.78
N THR P 76 -46.34 -39.82 -61.00
CA THR P 76 -47.37 -40.58 -61.67
C THR P 76 -47.71 -39.95 -63.02
N ILE P 77 -47.79 -40.78 -64.05
CA ILE P 77 -48.10 -40.35 -65.42
C ILE P 77 -49.28 -41.16 -65.92
N THR P 78 -50.32 -40.48 -66.37
CA THR P 78 -51.52 -41.14 -66.89
C THR P 78 -51.53 -41.09 -68.41
N GLY P 79 -52.32 -42.00 -69.00
CA GLY P 79 -52.45 -42.06 -70.44
C GLY P 79 -51.14 -42.35 -71.16
N ALA P 80 -50.40 -43.33 -70.67
CA ALA P 80 -49.08 -43.62 -71.20
C ALA P 80 -49.16 -44.05 -72.66
N GLN P 81 -48.23 -43.53 -73.47
CA GLN P 81 -48.13 -43.86 -74.88
C GLN P 81 -46.68 -44.21 -75.21
N THR P 82 -46.46 -44.68 -76.43
CA THR P 82 -45.12 -45.05 -76.86
C THR P 82 -44.18 -43.85 -76.89
N GLU P 83 -44.72 -42.63 -76.98
CA GLU P 83 -43.90 -41.42 -76.95
C GLU P 83 -43.25 -41.18 -75.60
N ASP P 84 -43.68 -41.89 -74.56
CA ASP P 84 -43.16 -41.71 -73.21
C ASP P 84 -41.95 -42.58 -72.91
N GLU P 85 -41.45 -43.33 -73.89
CA GLU P 85 -40.29 -44.21 -73.70
C GLU P 85 -39.03 -43.35 -73.65
N ALA P 86 -38.82 -42.71 -72.49
CA ALA P 86 -37.66 -41.87 -72.27
C ALA P 86 -36.97 -42.23 -70.97
N ILE P 87 -36.06 -41.38 -70.51
CA ILE P 87 -35.33 -41.59 -69.26
C ILE P 87 -35.80 -40.54 -68.26
N TYR P 88 -36.14 -40.98 -67.06
CA TYR P 88 -36.63 -40.12 -66.00
C TYR P 88 -35.64 -40.14 -64.83
N PHE P 89 -35.49 -38.99 -64.17
CA PHE P 89 -34.51 -38.83 -63.11
C PHE P 89 -35.14 -38.18 -61.89
N CYS P 90 -34.56 -38.45 -60.73
CA CYS P 90 -35.05 -37.95 -59.44
C CYS P 90 -33.90 -37.26 -58.73
N ALA P 91 -34.17 -36.08 -58.18
CA ALA P 91 -33.16 -35.25 -57.55
C ALA P 91 -33.66 -34.73 -56.21
N LEU P 92 -32.77 -34.72 -55.23
CA LEU P 92 -33.12 -34.36 -53.86
C LEU P 92 -32.07 -33.42 -53.28
N TRP P 93 -32.52 -32.49 -52.44
CA TRP P 93 -31.67 -31.45 -51.87
C TRP P 93 -31.62 -31.62 -50.35
N TYR P 94 -30.41 -31.81 -49.82
CA TYR P 94 -30.20 -31.94 -48.38
C TYR P 94 -29.06 -31.00 -47.99
N ASN P 95 -29.37 -30.05 -47.09
CA ASN P 95 -28.38 -29.14 -46.52
C ASN P 95 -27.68 -28.40 -47.66
N ASN P 96 -26.34 -28.41 -47.73
CA ASN P 96 -25.62 -27.51 -48.62
C ASN P 96 -25.85 -27.87 -50.09
N LEU P 97 -25.93 -29.16 -50.42
CA LEU P 97 -25.78 -29.59 -51.81
C LEU P 97 -26.96 -30.45 -52.26
N TRP P 98 -27.06 -30.60 -53.58
CA TRP P 98 -28.03 -31.45 -54.24
C TRP P 98 -27.60 -32.91 -54.19
N VAL P 99 -28.54 -33.80 -54.53
CA VAL P 99 -28.26 -35.22 -54.73
C VAL P 99 -29.03 -35.68 -55.96
N PHE P 100 -28.34 -36.37 -56.87
CA PHE P 100 -28.93 -36.85 -58.11
C PHE P 100 -29.19 -38.35 -58.05
N GLY P 101 -30.15 -38.79 -58.85
CA GLY P 101 -30.53 -40.19 -58.91
C GLY P 101 -29.86 -40.94 -60.05
N GLY P 102 -30.25 -42.20 -60.20
CA GLY P 102 -29.67 -43.07 -61.21
C GLY P 102 -30.43 -43.18 -62.51
N GLY P 103 -31.68 -42.74 -62.53
CA GLY P 103 -32.46 -42.76 -63.75
C GLY P 103 -33.20 -44.06 -63.96
N THR P 104 -34.20 -44.00 -64.85
CA THR P 104 -35.02 -45.17 -65.17
C THR P 104 -35.51 -45.05 -66.62
N LYS P 105 -35.84 -46.20 -67.20
CA LYS P 105 -36.29 -46.29 -68.58
C LYS P 105 -37.72 -46.82 -68.64
N LEU P 106 -38.54 -46.19 -69.47
CA LEU P 106 -39.95 -46.56 -69.59
C LEU P 106 -40.18 -47.33 -70.88
N THR P 107 -40.88 -48.46 -70.78
CA THR P 107 -41.21 -49.30 -71.92
C THR P 107 -42.72 -49.44 -72.02
N VAL P 108 -43.28 -49.14 -73.19
CA VAL P 108 -44.70 -49.23 -73.44
C VAL P 108 -44.92 -50.27 -74.53
N LEU P 109 -45.75 -51.27 -74.25
CA LEU P 109 -46.02 -52.33 -75.21
C LEU P 109 -47.51 -52.49 -75.45
N GLN Q 1 -105.57 -27.72 36.57
CA GLN Q 1 -105.72 -27.52 35.13
C GLN Q 1 -105.12 -26.19 34.69
N ILE Q 2 -104.20 -26.25 33.72
CA ILE Q 2 -103.58 -25.05 33.19
C ILE Q 2 -104.53 -24.40 32.20
N GLN Q 3 -104.75 -23.09 32.36
CA GLN Q 3 -105.62 -22.34 31.47
C GLN Q 3 -104.99 -21.00 31.15
N LEU Q 4 -105.07 -20.61 29.88
CA LEU Q 4 -104.62 -19.31 29.42
C LEU Q 4 -105.81 -18.50 28.95
N VAL Q 5 -105.93 -17.27 29.46
CA VAL Q 5 -107.05 -16.39 29.16
C VAL Q 5 -106.51 -15.15 28.45
N GLN Q 6 -107.08 -14.86 27.27
CA GLN Q 6 -106.70 -13.70 26.48
C GLN Q 6 -107.83 -12.68 26.48
N SER Q 7 -107.54 -11.51 25.93
CA SER Q 7 -108.52 -10.43 25.85
C SER Q 7 -109.49 -10.66 24.69
N GLY Q 8 -110.50 -9.81 24.62
CA GLY Q 8 -111.54 -9.92 23.60
C GLY Q 8 -111.22 -9.10 22.36
N ARG Q 9 -112.19 -9.07 21.45
CA ARG Q 9 -112.03 -8.39 20.18
C ARG Q 9 -112.17 -6.87 20.35
N GLU Q 10 -111.47 -6.14 19.50
CA GLU Q 10 -111.55 -4.68 19.50
C GLU Q 10 -111.28 -4.18 18.08
N VAL Q 11 -111.86 -3.02 17.77
CA VAL Q 11 -111.75 -2.42 16.45
C VAL Q 11 -110.99 -1.10 16.59
N LYS Q 12 -109.99 -0.92 15.73
CA LYS Q 12 -109.08 0.21 15.84
C LYS Q 12 -109.03 0.97 14.52
N ASN Q 13 -108.55 2.20 14.59
CA ASN Q 13 -108.30 3.07 13.45
C ASN Q 13 -106.80 3.29 13.27
N PRO Q 14 -106.35 3.64 12.07
CA PRO Q 14 -104.92 3.85 11.84
C PRO Q 14 -104.35 4.92 12.76
N GLY Q 15 -103.14 4.68 13.25
CA GLY Q 15 -102.47 5.60 14.15
C GLY Q 15 -102.72 5.35 15.63
N GLU Q 16 -103.59 4.40 15.97
CA GLU Q 16 -103.94 4.13 17.36
C GLU Q 16 -103.03 3.02 17.92
N THR Q 17 -103.33 2.56 19.13
CA THR Q 17 -102.61 1.47 19.76
C THR Q 17 -103.60 0.47 20.33
N VAL Q 18 -103.18 -0.79 20.42
CA VAL Q 18 -104.01 -1.86 20.95
C VAL Q 18 -103.16 -2.72 21.88
N LYS Q 19 -103.78 -3.17 22.98
CA LYS Q 19 -103.11 -3.99 23.98
C LYS Q 19 -103.83 -5.34 24.08
N ILE Q 20 -103.07 -6.42 24.00
CA ILE Q 20 -103.60 -7.77 24.08
C ILE Q 20 -103.03 -8.42 25.33
N SER Q 21 -103.92 -8.95 26.18
CA SER Q 21 -103.55 -9.56 27.44
C SER Q 21 -103.52 -11.08 27.32
N CYS Q 22 -102.80 -11.71 28.26
CA CYS Q 22 -102.70 -13.17 28.30
C CYS Q 22 -102.57 -13.57 29.77
N LYS Q 23 -103.65 -14.06 30.35
CA LYS Q 23 -103.68 -14.42 31.76
C LYS Q 23 -103.19 -15.86 31.94
N ALA Q 24 -102.43 -16.08 33.02
CA ALA Q 24 -101.89 -17.39 33.35
C ALA Q 24 -102.53 -17.91 34.64
N SER Q 25 -102.82 -19.20 34.67
CA SER Q 25 -103.43 -19.82 35.83
C SER Q 25 -103.12 -21.30 35.84
N GLY Q 26 -102.96 -21.85 37.05
CA GLY Q 26 -102.74 -23.26 37.23
C GLY Q 26 -101.29 -23.71 37.34
N TYR Q 27 -100.33 -22.79 37.19
CA TYR Q 27 -98.92 -23.17 37.25
C TYR Q 27 -98.12 -21.98 37.76
N THR Q 28 -96.89 -22.26 38.21
CA THR Q 28 -96.00 -21.21 38.67
C THR Q 28 -95.51 -20.39 37.48
N PHE Q 29 -95.70 -19.07 37.56
CA PHE Q 29 -95.52 -18.21 36.40
C PHE Q 29 -94.06 -18.11 35.98
N THR Q 30 -93.13 -18.13 36.93
CA THR Q 30 -91.74 -17.82 36.67
C THR Q 30 -90.91 -19.04 36.27
N GLU Q 31 -91.52 -20.22 36.16
CA GLU Q 31 -90.76 -21.44 35.90
C GLU Q 31 -90.59 -21.76 34.42
N TYR Q 32 -91.35 -21.11 33.54
CA TYR Q 32 -91.27 -21.40 32.11
C TYR Q 32 -91.48 -20.10 31.34
N PRO Q 33 -90.97 -20.00 30.12
CA PRO Q 33 -91.14 -18.77 29.33
C PRO Q 33 -92.53 -18.67 28.73
N MET Q 34 -92.85 -17.47 28.27
CA MET Q 34 -94.09 -17.19 27.56
C MET Q 34 -93.80 -16.89 26.10
N LEU Q 35 -94.49 -17.58 25.20
CA LEU Q 35 -94.28 -17.46 23.77
C LEU Q 35 -95.54 -16.89 23.10
N TRP Q 36 -95.33 -16.20 21.99
CA TRP Q 36 -96.38 -15.55 21.24
C TRP Q 36 -96.33 -15.99 19.79
N VAL Q 37 -97.50 -16.17 19.18
CA VAL Q 37 -97.59 -16.56 17.77
C VAL Q 37 -98.65 -15.69 17.11
N LYS Q 38 -98.40 -15.35 15.84
CA LYS Q 38 -99.30 -14.49 15.08
C LYS Q 38 -99.79 -15.24 13.85
N GLN Q 39 -101.08 -15.12 13.55
CA GLN Q 39 -101.70 -15.73 12.39
C GLN Q 39 -102.47 -14.68 11.61
N ALA Q 40 -101.95 -14.27 10.45
CA ALA Q 40 -102.65 -13.32 9.62
C ALA Q 40 -103.87 -13.98 8.98
N PRO Q 41 -104.90 -13.19 8.64
CA PRO Q 41 -106.08 -13.77 7.99
C PRO Q 41 -105.73 -14.35 6.63
N GLY Q 42 -106.07 -15.62 6.44
CA GLY Q 42 -105.77 -16.32 5.21
C GLY Q 42 -104.35 -16.81 5.08
N LYS Q 43 -103.52 -16.64 6.11
CA LYS Q 43 -102.13 -17.05 6.09
C LYS Q 43 -101.84 -17.94 7.29
N GLY Q 44 -100.62 -18.48 7.32
CA GLY Q 44 -100.20 -19.34 8.40
C GLY Q 44 -99.69 -18.56 9.60
N PHE Q 45 -99.12 -19.30 10.55
CA PHE Q 45 -98.59 -18.70 11.76
C PHE Q 45 -97.20 -18.13 11.51
N ARG Q 46 -96.88 -17.05 12.23
CA ARG Q 46 -95.57 -16.41 12.13
C ARG Q 46 -95.01 -16.14 13.51
N TRP Q 47 -93.76 -16.53 13.73
CA TRP Q 47 -93.08 -16.35 15.01
C TRP Q 47 -92.42 -14.97 15.10
N MET Q 48 -92.58 -14.32 16.24
CA MET Q 48 -92.00 -12.99 16.45
C MET Q 48 -91.02 -12.93 17.62
N GLY Q 49 -91.13 -13.82 18.60
CA GLY Q 49 -90.22 -13.80 19.73
C GLY Q 49 -90.84 -14.17 21.07
N LEU Q 50 -90.03 -14.15 22.12
CA LEU Q 50 -90.48 -14.54 23.45
C LEU Q 50 -89.77 -13.69 24.49
N ILE Q 51 -90.18 -13.87 25.75
CA ILE Q 51 -89.62 -13.13 26.88
C ILE Q 51 -89.41 -14.09 28.04
N TYR Q 52 -88.31 -13.90 28.77
CA TYR Q 52 -87.98 -14.73 29.92
C TYR Q 52 -88.69 -14.18 31.16
N THR Q 53 -89.55 -14.99 31.76
CA THR Q 53 -90.29 -14.55 32.94
C THR Q 53 -89.40 -14.35 34.15
N ASN Q 54 -88.23 -14.98 34.19
CA ASN Q 54 -87.35 -14.85 35.36
C ASN Q 54 -86.56 -13.55 35.33
N THR Q 55 -86.21 -13.05 34.15
CA THR Q 55 -85.40 -11.84 34.04
C THR Q 55 -86.10 -10.69 33.32
N GLY Q 56 -87.14 -10.96 32.53
CA GLY Q 56 -87.88 -9.89 31.88
C GLY Q 56 -87.25 -9.34 30.62
N GLU Q 57 -86.17 -9.95 30.13
CA GLU Q 57 -85.49 -9.46 28.94
C GLU Q 57 -86.12 -10.10 27.71
N PRO Q 58 -86.68 -9.32 26.78
CA PRO Q 58 -87.33 -9.90 25.61
C PRO Q 58 -86.41 -10.00 24.40
N THR Q 59 -86.71 -10.99 23.56
CA THR Q 59 -86.00 -11.21 22.30
C THR Q 59 -86.99 -11.16 21.16
N TYR Q 60 -86.66 -10.42 20.10
CA TYR Q 60 -87.54 -10.20 18.97
C TYR Q 60 -87.00 -10.89 17.72
N ALA Q 61 -87.91 -11.32 16.85
CA ALA Q 61 -87.54 -11.87 15.56
C ALA Q 61 -87.19 -10.75 14.58
N GLU Q 62 -86.61 -11.14 13.45
CA GLU Q 62 -86.13 -10.17 12.48
C GLU Q 62 -87.27 -9.32 11.92
N GLU Q 63 -88.39 -9.95 11.58
CA GLU Q 63 -89.49 -9.25 10.92
C GLU Q 63 -90.22 -8.28 11.83
N PHE Q 64 -90.04 -8.37 13.16
CA PHE Q 64 -90.81 -7.56 14.10
C PHE Q 64 -89.92 -6.79 15.06
N LYS Q 65 -88.68 -6.49 14.70
CA LYS Q 65 -87.81 -5.63 15.50
C LYS Q 65 -88.17 -4.16 15.28
N GLY Q 66 -89.41 -3.83 15.65
CA GLY Q 66 -89.95 -2.51 15.40
C GLY Q 66 -90.85 -1.99 16.50
N ARG Q 67 -92.04 -1.54 16.12
CA ARG Q 67 -92.96 -0.90 17.07
C ARG Q 67 -93.42 -1.85 18.17
N PHE Q 68 -93.28 -3.16 17.98
CA PHE Q 68 -93.78 -4.12 18.96
C PHE Q 68 -92.96 -4.05 20.24
N VAL Q 69 -93.66 -4.10 21.38
CA VAL Q 69 -93.02 -4.07 22.69
C VAL Q 69 -93.65 -5.16 23.55
N PHE Q 70 -92.81 -5.89 24.27
CA PHE Q 70 -93.25 -6.91 25.22
C PHE Q 70 -93.18 -6.36 26.64
N SER Q 71 -94.06 -6.86 27.50
CA SER Q 71 -94.09 -6.44 28.89
C SER Q 71 -94.62 -7.58 29.75
N LEU Q 72 -94.30 -7.53 31.04
CA LEU Q 72 -94.69 -8.57 31.98
C LEU Q 72 -95.12 -7.94 33.29
N GLU Q 73 -96.02 -8.62 33.99
CA GLU Q 73 -96.44 -8.25 35.34
C GLU Q 73 -96.39 -9.50 36.20
N ILE Q 74 -95.30 -9.63 36.98
CA ILE Q 74 -95.10 -10.82 37.80
C ILE Q 74 -96.18 -10.93 38.87
N SER Q 75 -96.51 -9.82 39.52
CA SER Q 75 -97.47 -9.85 40.62
C SER Q 75 -98.86 -10.26 40.17
N ALA Q 76 -99.19 -10.03 38.91
CA ALA Q 76 -100.50 -10.38 38.37
C ALA Q 76 -100.50 -11.69 37.58
N SER Q 77 -99.33 -12.30 37.38
CA SER Q 77 -99.21 -13.53 36.58
C SER Q 77 -99.83 -13.36 35.20
N THR Q 78 -99.55 -12.21 34.57
CA THR Q 78 -100.13 -11.86 33.29
C THR Q 78 -99.06 -11.32 32.36
N ALA Q 79 -99.10 -11.74 31.11
CA ALA Q 79 -98.23 -11.23 30.06
C ALA Q 79 -99.03 -10.36 29.10
N TYR Q 80 -98.35 -9.38 28.51
CA TYR Q 80 -99.00 -8.42 27.63
C TYR Q 80 -98.30 -8.35 26.29
N LEU Q 81 -99.06 -8.02 25.25
CA LEU Q 81 -98.54 -7.77 23.92
C LEU Q 81 -99.01 -6.41 23.46
N GLN Q 82 -98.07 -5.54 23.08
CA GLN Q 82 -98.38 -4.17 22.68
C GLN Q 82 -97.96 -3.96 21.24
N ILE Q 83 -98.89 -3.44 20.44
CA ILE Q 83 -98.63 -3.04 19.06
C ILE Q 83 -98.97 -1.56 18.92
N ASN Q 84 -98.02 -0.79 18.41
CA ASN Q 84 -98.17 0.65 18.31
C ASN Q 84 -98.16 1.09 16.85
N ASN Q 85 -98.74 2.25 16.59
CA ASN Q 85 -98.84 2.83 15.25
C ASN Q 85 -99.51 1.86 14.28
N LEU Q 86 -100.76 1.52 14.61
CA LEU Q 86 -101.48 0.51 13.86
C LEU Q 86 -101.78 0.98 12.43
N THR Q 87 -101.72 0.04 11.50
CA THR Q 87 -102.09 0.28 10.11
C THR Q 87 -103.12 -0.78 9.71
N ASN Q 88 -103.71 -0.58 8.52
CA ASN Q 88 -104.72 -1.52 8.04
C ASN Q 88 -104.15 -2.91 7.77
N GLU Q 89 -102.83 -3.03 7.62
CA GLU Q 89 -102.19 -4.32 7.43
C GLU Q 89 -101.98 -5.09 8.73
N ASP Q 90 -102.29 -4.49 9.87
CA ASP Q 90 -102.03 -5.11 11.17
C ASP Q 90 -103.14 -6.01 11.66
N THR Q 91 -104.24 -6.14 10.91
CA THR Q 91 -105.33 -6.99 11.34
C THR Q 91 -104.91 -8.47 11.26
N ALA Q 92 -105.15 -9.20 12.34
CA ALA Q 92 -104.74 -10.60 12.46
C ALA Q 92 -105.33 -11.17 13.73
N THR Q 93 -105.05 -12.45 13.97
CA THR Q 93 -105.39 -13.14 15.20
C THR Q 93 -104.12 -13.57 15.92
N TYR Q 94 -104.07 -13.35 17.23
CA TYR Q 94 -102.87 -13.59 18.02
C TYR Q 94 -103.15 -14.60 19.12
N PHE Q 95 -102.12 -15.35 19.50
CA PHE Q 95 -102.20 -16.35 20.55
C PHE Q 95 -100.95 -16.29 21.42
N CYS Q 96 -101.09 -16.73 22.66
CA CYS Q 96 -99.98 -16.86 23.58
C CYS Q 96 -99.84 -18.32 23.99
N VAL Q 97 -98.60 -18.82 24.02
CA VAL Q 97 -98.32 -20.23 24.21
C VAL Q 97 -97.15 -20.39 25.17
N ARG Q 98 -97.18 -21.45 25.96
CA ARG Q 98 -96.14 -21.77 26.94
C ARG Q 98 -95.16 -22.79 26.36
N ASP Q 99 -93.99 -22.88 27.01
CA ASP Q 99 -92.94 -23.78 26.59
C ASP Q 99 -92.55 -24.68 27.76
N TYR Q 100 -92.76 -25.98 27.62
CA TYR Q 100 -92.40 -26.97 28.62
C TYR Q 100 -91.28 -27.82 28.02
N PHE Q 101 -90.03 -27.51 28.40
CA PHE Q 101 -88.83 -28.11 27.81
C PHE Q 101 -88.89 -27.81 26.31
N ILE Q 102 -88.72 -28.81 25.44
CA ILE Q 102 -88.76 -28.54 24.00
C ILE Q 102 -90.18 -28.53 23.45
N SER Q 103 -91.12 -29.22 24.11
CA SER Q 103 -92.47 -29.37 23.60
C SER Q 103 -93.35 -28.20 24.02
N LEU Q 104 -94.38 -27.94 23.21
CA LEU Q 104 -95.44 -26.99 23.53
C LEU Q 104 -96.72 -27.76 23.78
N ASP Q 105 -97.39 -27.46 24.89
CA ASP Q 105 -98.52 -28.27 25.35
C ASP Q 105 -99.84 -27.53 25.45
N TYR Q 106 -99.86 -26.20 25.56
CA TYR Q 106 -101.09 -25.46 25.76
C TYR Q 106 -101.14 -24.26 24.82
N TRP Q 107 -102.36 -23.87 24.47
CA TRP Q 107 -102.61 -22.73 23.60
C TRP Q 107 -103.71 -21.86 24.20
N GLY Q 108 -103.69 -20.57 23.85
CA GLY Q 108 -104.73 -19.66 24.28
C GLY Q 108 -105.95 -19.69 23.37
N GLN Q 109 -107.01 -19.01 23.81
CA GLN Q 109 -108.24 -18.99 23.03
C GLN Q 109 -108.21 -17.98 21.88
N GLY Q 110 -107.28 -17.03 21.91
CA GLY Q 110 -107.08 -16.14 20.79
C GLY Q 110 -107.74 -14.78 20.99
N THR Q 111 -107.20 -13.80 20.28
CA THR Q 111 -107.76 -12.45 20.25
C THR Q 111 -107.75 -11.95 18.81
N THR Q 112 -108.85 -11.31 18.41
CA THR Q 112 -109.01 -10.82 17.04
C THR Q 112 -108.87 -9.32 17.01
N LEU Q 113 -108.00 -8.83 16.12
CA LEU Q 113 -107.77 -7.40 15.94
C LEU Q 113 -108.23 -6.99 14.54
N THR Q 114 -109.10 -5.99 14.48
CA THR Q 114 -109.63 -5.47 13.22
C THR Q 114 -109.26 -3.99 13.11
N VAL Q 115 -108.60 -3.63 12.02
CA VAL Q 115 -108.17 -2.26 11.77
C VAL Q 115 -108.72 -1.82 10.42
N SER Q 116 -109.40 -0.67 10.40
CA SER Q 116 -109.98 -0.16 9.17
C SER Q 116 -110.00 1.36 9.23
N SER Q 117 -110.09 1.98 8.06
CA SER Q 117 -110.14 3.44 7.96
C SER Q 117 -111.57 3.95 8.06
N GLN R 1 -86.22 -18.18 2.25
CA GLN R 1 -87.26 -18.44 3.25
C GLN R 1 -87.66 -19.91 3.26
N ALA R 2 -87.46 -20.56 4.41
CA ALA R 2 -87.79 -21.97 4.54
C ALA R 2 -89.27 -22.17 4.81
N VAL R 3 -89.86 -23.18 4.15
CA VAL R 3 -91.25 -23.56 4.37
C VAL R 3 -91.31 -25.08 4.49
N VAL R 4 -92.38 -25.55 5.12
CA VAL R 4 -92.63 -26.97 5.34
C VAL R 4 -93.77 -27.40 4.42
N THR R 5 -93.52 -28.45 3.63
CA THR R 5 -94.50 -28.96 2.68
C THR R 5 -95.27 -30.12 3.30
N GLN R 6 -96.60 -30.05 3.21
CA GLN R 6 -97.47 -31.11 3.70
C GLN R 6 -98.53 -31.41 2.66
N GLU R 7 -99.05 -32.64 2.70
CA GLU R 7 -100.08 -33.04 1.78
C GLU R 7 -101.41 -32.37 2.12
N SER R 8 -102.27 -32.23 1.11
CA SER R 8 -103.54 -31.53 1.28
C SER R 8 -104.46 -32.30 2.23
N ALA R 9 -104.65 -33.59 1.99
CA ALA R 9 -105.55 -34.38 2.81
C ALA R 9 -105.22 -35.86 2.64
N LEU R 10 -105.70 -36.67 3.59
CA LEU R 10 -105.53 -38.10 3.57
C LEU R 10 -106.84 -38.78 3.94
N THR R 11 -107.14 -39.88 3.27
CA THR R 11 -108.37 -40.63 3.51
C THR R 11 -108.02 -42.03 4.00
N THR R 12 -108.69 -42.48 5.06
CA THR R 12 -108.42 -43.78 5.65
C THR R 12 -109.77 -44.42 6.02
N SER R 13 -109.69 -45.54 6.74
CA SER R 13 -110.84 -46.29 7.21
C SER R 13 -110.64 -46.63 8.67
N PRO R 14 -111.74 -46.82 9.42
CA PRO R 14 -111.61 -47.06 10.86
C PRO R 14 -110.80 -48.32 11.16
N GLY R 15 -109.99 -48.25 12.22
CA GLY R 15 -109.16 -49.35 12.64
C GLY R 15 -107.80 -49.40 12.00
N GLU R 16 -107.52 -48.54 11.03
CA GLU R 16 -106.27 -48.57 10.29
C GLU R 16 -105.24 -47.64 10.95
N THR R 17 -104.04 -47.63 10.37
CA THR R 17 -102.94 -46.79 10.86
C THR R 17 -102.68 -45.68 9.85
N VAL R 18 -102.58 -44.45 10.35
CA VAL R 18 -102.39 -43.27 9.52
C VAL R 18 -101.01 -42.69 9.80
N THR R 19 -100.24 -42.46 8.74
CA THR R 19 -98.92 -41.85 8.84
C THR R 19 -98.89 -40.58 7.99
N LEU R 20 -98.47 -39.48 8.61
CA LEU R 20 -98.35 -38.19 7.94
C LEU R 20 -96.89 -37.77 7.90
N THR R 21 -96.52 -37.10 6.80
CA THR R 21 -95.12 -36.71 6.59
C THR R 21 -95.03 -35.22 6.29
N CYS R 22 -93.89 -34.64 6.65
CA CYS R 22 -93.60 -33.25 6.33
C CYS R 22 -92.10 -33.12 6.09
N ARG R 23 -91.73 -32.21 5.19
CA ARG R 23 -90.34 -32.03 4.82
C ARG R 23 -90.11 -30.59 4.37
N SER R 24 -89.03 -29.98 4.86
CA SER R 24 -88.72 -28.61 4.52
C SER R 24 -88.17 -28.51 3.10
N ASN R 25 -88.11 -27.29 2.58
CA ASN R 25 -87.65 -27.02 1.22
C ASN R 25 -86.18 -26.63 1.15
N ILE R 26 -85.46 -26.65 2.26
CA ILE R 26 -84.06 -26.21 2.30
C ILE R 26 -83.09 -27.33 2.60
N GLY R 27 -83.57 -28.52 2.93
CA GLY R 27 -82.69 -29.63 3.22
C GLY R 27 -83.42 -30.74 3.95
N ALA R 28 -82.63 -31.72 4.39
CA ALA R 28 -83.17 -32.87 5.09
C ALA R 28 -83.42 -32.53 6.57
N VAL R 29 -84.32 -33.29 7.18
CA VAL R 29 -84.66 -33.14 8.58
C VAL R 29 -83.84 -34.12 9.40
N THR R 30 -83.15 -33.61 10.42
CA THR R 30 -82.31 -34.41 11.29
C THR R 30 -82.76 -34.25 12.74
N SER R 31 -82.07 -34.96 13.64
CA SER R 31 -82.49 -35.02 15.04
C SER R 31 -82.40 -33.67 15.75
N SER R 32 -81.66 -32.70 15.19
CA SER R 32 -81.46 -31.42 15.85
C SER R 32 -82.54 -30.39 15.52
N ASN R 33 -83.47 -30.71 14.61
CA ASN R 33 -84.48 -29.73 14.21
C ASN R 33 -85.63 -29.63 15.19
N CYS R 34 -85.79 -30.63 16.08
CA CYS R 34 -86.85 -30.64 17.10
C CYS R 34 -88.23 -30.46 16.46
N ALA R 35 -88.61 -31.48 15.68
CA ALA R 35 -89.90 -31.45 15.00
C ALA R 35 -91.04 -31.49 16.01
N ASN R 36 -92.08 -30.70 15.75
CA ASN R 36 -93.27 -30.65 16.59
C ASN R 36 -94.51 -30.89 15.75
N TRP R 37 -95.49 -31.58 16.33
CA TRP R 37 -96.77 -31.85 15.68
C TRP R 37 -97.90 -31.37 16.58
N VAL R 38 -98.81 -30.58 16.01
CA VAL R 38 -99.94 -30.03 16.74
C VAL R 38 -101.22 -30.32 15.96
N GLN R 39 -102.35 -30.26 16.67
CA GLN R 39 -103.65 -30.54 16.09
C GLN R 39 -104.60 -29.39 16.36
N GLU R 40 -105.38 -29.03 15.34
CA GLU R 40 -106.33 -27.93 15.44
C GLU R 40 -107.74 -28.51 15.65
N LYS R 41 -108.38 -28.08 16.74
CA LYS R 41 -109.74 -28.53 17.03
C LYS R 41 -110.71 -27.94 16.01
N PRO R 42 -111.76 -28.68 15.65
CA PRO R 42 -112.76 -28.12 14.72
C PRO R 42 -113.39 -26.82 15.21
N ASP R 43 -113.43 -26.61 16.53
CA ASP R 43 -113.96 -25.38 17.10
C ASP R 43 -112.95 -24.23 17.03
N HIS R 44 -111.93 -24.34 16.19
CA HIS R 44 -110.86 -23.34 16.05
C HIS R 44 -110.08 -23.21 17.36
N PHE R 45 -109.70 -24.35 17.92
CA PHE R 45 -108.81 -24.43 19.07
C PHE R 45 -107.61 -25.29 18.70
N PHE R 46 -106.49 -25.05 19.39
CA PHE R 46 -105.23 -25.70 19.05
C PHE R 46 -104.67 -26.44 20.27
N THR R 47 -104.17 -27.65 20.02
CA THR R 47 -103.50 -28.45 21.03
C THR R 47 -102.35 -29.21 20.37
N GLY R 48 -101.28 -29.42 21.13
CA GLY R 48 -100.12 -30.10 20.62
C GLY R 48 -100.16 -31.60 20.87
N LEU R 49 -99.55 -32.35 19.96
CA LEU R 49 -99.54 -33.81 20.03
C LEU R 49 -98.15 -34.36 20.28
N ILE R 50 -97.18 -34.04 19.42
CA ILE R 50 -95.83 -34.59 19.49
C ILE R 50 -94.85 -33.44 19.58
N GLY R 51 -93.95 -33.51 20.56
CA GLY R 51 -92.91 -32.52 20.72
C GLY R 51 -91.55 -33.17 20.78
N ASP R 52 -90.56 -32.50 20.18
CA ASP R 52 -89.18 -32.97 20.14
C ASP R 52 -89.10 -34.38 19.56
N THR R 53 -89.61 -34.50 18.33
CA THR R 53 -89.44 -35.69 17.49
C THR R 53 -90.21 -36.90 18.01
N ASN R 54 -89.82 -37.42 19.18
CA ASN R 54 -90.32 -38.72 19.63
C ASN R 54 -90.86 -38.68 21.05
N ASN R 55 -91.39 -37.54 21.49
CA ASN R 55 -91.96 -37.40 22.82
C ASN R 55 -93.44 -37.05 22.68
N ARG R 56 -94.29 -37.86 23.30
CA ARG R 56 -95.73 -37.66 23.24
C ARG R 56 -96.21 -36.85 24.43
N ARG R 57 -97.15 -35.93 24.16
CA ARG R 57 -97.71 -35.08 25.21
C ARG R 57 -98.45 -35.92 26.23
N SER R 58 -98.37 -35.51 27.50
CA SER R 58 -99.13 -36.16 28.55
C SER R 58 -100.63 -36.02 28.32
N GLY R 59 -101.36 -37.10 28.55
CA GLY R 59 -102.78 -37.15 28.28
C GLY R 59 -103.15 -37.65 26.90
N VAL R 60 -102.18 -37.71 25.99
CA VAL R 60 -102.42 -38.22 24.64
C VAL R 60 -102.34 -39.75 24.69
N PRO R 61 -103.34 -40.47 24.16
CA PRO R 61 -103.38 -41.93 24.34
C PRO R 61 -102.24 -42.65 23.64
N ALA R 62 -102.19 -43.98 23.79
CA ALA R 62 -101.06 -44.76 23.33
C ALA R 62 -101.01 -44.90 21.81
N ARG R 63 -102.04 -44.46 21.08
CA ARG R 63 -102.08 -44.64 19.64
C ARG R 63 -101.28 -43.58 18.88
N PHE R 64 -100.70 -42.60 19.58
CA PHE R 64 -99.94 -41.53 18.95
C PHE R 64 -98.46 -41.74 19.18
N SER R 65 -97.68 -41.64 18.11
CA SER R 65 -96.22 -41.72 18.21
C SER R 65 -95.63 -41.10 16.95
N GLY R 66 -94.34 -40.77 17.03
CA GLY R 66 -93.66 -40.15 15.92
C GLY R 66 -92.20 -40.56 15.85
N SER R 67 -91.64 -40.43 14.64
CA SER R 67 -90.25 -40.76 14.38
C SER R 67 -89.85 -40.15 13.05
N LEU R 68 -88.59 -40.32 12.69
CA LEU R 68 -88.03 -39.79 11.45
C LEU R 68 -87.79 -40.93 10.48
N ILE R 69 -88.27 -40.76 9.24
CA ILE R 69 -88.11 -41.75 8.19
C ILE R 69 -87.31 -41.12 7.07
N GLY R 70 -86.07 -41.56 6.90
CA GLY R 70 -85.22 -40.99 5.86
C GLY R 70 -85.00 -39.51 6.08
N ASP R 71 -85.29 -38.72 5.05
CA ASP R 71 -85.13 -37.27 5.09
C ASP R 71 -86.41 -36.54 5.47
N LYS R 72 -87.47 -37.27 5.80
CA LYS R 72 -88.76 -36.67 6.11
C LYS R 72 -89.18 -37.07 7.53
N ALA R 73 -89.82 -36.12 8.22
CA ALA R 73 -90.39 -36.41 9.53
C ALA R 73 -91.76 -37.06 9.36
N ALA R 74 -92.08 -37.96 10.28
CA ALA R 74 -93.31 -38.75 10.19
C ALA R 74 -94.05 -38.74 11.51
N LEU R 75 -95.38 -38.73 11.43
CA LEU R 75 -96.25 -38.90 12.59
C LEU R 75 -97.23 -40.01 12.28
N THR R 76 -97.22 -41.06 13.11
CA THR R 76 -98.04 -42.24 12.89
C THR R 76 -99.11 -42.34 13.98
N ILE R 77 -100.34 -42.64 13.55
CA ILE R 77 -101.47 -42.79 14.45
C ILE R 77 -102.14 -44.12 14.16
N THR R 78 -102.31 -44.95 15.19
CA THR R 78 -102.98 -46.23 15.06
C THR R 78 -104.41 -46.14 15.59
N GLY R 79 -105.23 -47.12 15.20
CA GLY R 79 -106.60 -47.17 15.65
C GLY R 79 -107.41 -45.96 15.24
N ALA R 80 -107.29 -45.55 13.98
CA ALA R 80 -107.96 -44.34 13.52
C ALA R 80 -109.47 -44.48 13.63
N GLN R 81 -110.12 -43.41 14.08
CA GLN R 81 -111.55 -43.34 14.24
C GLN R 81 -112.08 -42.05 13.63
N THR R 82 -113.40 -41.92 13.58
CA THR R 82 -114.01 -40.72 13.03
C THR R 82 -113.72 -39.48 13.88
N GLU R 83 -113.35 -39.66 15.15
CA GLU R 83 -113.00 -38.54 16.01
C GLU R 83 -111.67 -37.91 15.65
N ASP R 84 -110.87 -38.55 14.80
CA ASP R 84 -109.57 -38.05 14.41
C ASP R 84 -109.60 -37.14 13.20
N GLU R 85 -110.79 -36.84 12.66
CA GLU R 85 -110.93 -36.01 11.47
C GLU R 85 -110.66 -34.56 11.86
N ALA R 86 -109.38 -34.25 12.04
CA ALA R 86 -108.96 -32.90 12.43
C ALA R 86 -107.86 -32.39 11.51
N ILE R 87 -107.24 -31.27 11.87
CA ILE R 87 -106.17 -30.66 11.09
C ILE R 87 -104.87 -30.84 11.85
N TYR R 88 -103.85 -31.34 11.15
CA TYR R 88 -102.55 -31.62 11.73
C TYR R 88 -101.50 -30.72 11.11
N PHE R 89 -100.56 -30.25 11.92
CA PHE R 89 -99.54 -29.31 11.50
C PHE R 89 -98.17 -29.81 11.91
N CYS R 90 -97.15 -29.37 11.18
CA CYS R 90 -95.78 -29.78 11.40
C CYS R 90 -94.89 -28.54 11.48
N ALA R 91 -93.96 -28.53 12.43
CA ALA R 91 -93.15 -27.36 12.72
C ALA R 91 -91.69 -27.75 12.88
N LEU R 92 -90.80 -26.90 12.39
CA LEU R 92 -89.37 -27.14 12.44
C LEU R 92 -88.65 -25.83 12.75
N TRP R 93 -87.55 -25.92 13.51
CA TRP R 93 -86.83 -24.75 13.99
C TRP R 93 -85.42 -24.76 13.40
N TYR R 94 -85.09 -23.72 12.64
CA TYR R 94 -83.78 -23.56 12.01
C TYR R 94 -83.20 -22.22 12.41
N ASN R 95 -81.94 -22.22 12.83
CA ASN R 95 -81.20 -21.00 13.19
C ASN R 95 -81.99 -20.30 14.31
N ASN R 96 -82.29 -19.01 14.19
CA ASN R 96 -82.95 -18.27 15.25
C ASN R 96 -84.47 -18.23 15.10
N LEU R 97 -85.03 -18.87 14.09
CA LEU R 97 -86.45 -18.73 13.77
C LEU R 97 -87.10 -20.10 13.64
N TRP R 98 -88.41 -20.14 13.91
CA TRP R 98 -89.23 -21.32 13.67
C TRP R 98 -89.75 -21.32 12.23
N VAL R 99 -90.20 -22.49 11.79
CA VAL R 99 -90.83 -22.66 10.49
C VAL R 99 -92.11 -23.47 10.67
N PHE R 100 -93.21 -22.99 10.10
CA PHE R 100 -94.52 -23.61 10.24
C PHE R 100 -94.92 -24.29 8.93
N GLY R 101 -95.77 -25.32 9.05
CA GLY R 101 -96.25 -26.06 7.90
C GLY R 101 -97.57 -25.54 7.37
N GLY R 102 -98.09 -26.24 6.36
CA GLY R 102 -99.32 -25.85 5.72
C GLY R 102 -100.57 -26.55 6.23
N GLY R 103 -100.39 -27.62 7.00
CA GLY R 103 -101.51 -28.35 7.55
C GLY R 103 -102.02 -29.45 6.63
N THR R 104 -102.79 -30.37 7.22
CA THR R 104 -103.37 -31.48 6.47
C THR R 104 -104.68 -31.88 7.14
N LYS R 105 -105.55 -32.50 6.34
CA LYS R 105 -106.87 -32.94 6.79
C LYS R 105 -106.96 -34.45 6.73
N LEU R 106 -107.56 -35.05 7.75
CA LEU R 106 -107.74 -36.49 7.84
C LEU R 106 -109.20 -36.85 7.59
N THR R 107 -109.43 -37.81 6.71
CA THR R 107 -110.77 -38.30 6.40
C THR R 107 -110.86 -39.78 6.74
N VAL R 108 -111.86 -40.16 7.52
CA VAL R 108 -112.07 -41.54 7.94
C VAL R 108 -113.42 -42.00 7.40
N LEU R 109 -113.42 -43.08 6.62
CA LEU R 109 -114.63 -43.60 6.02
C LEU R 109 -114.82 -45.07 6.35
N GLN S 1 1.29 -99.69 15.05
CA GLN S 1 -0.06 -99.68 15.62
C GLN S 1 -0.15 -98.72 16.81
N ILE S 2 -1.08 -97.78 16.73
CA ILE S 2 -1.27 -96.80 17.79
C ILE S 2 -2.07 -97.44 18.92
N GLN S 3 -1.62 -97.23 20.16
CA GLN S 3 -2.30 -97.75 21.32
C GLN S 3 -2.26 -96.72 22.44
N LEU S 4 -3.39 -96.57 23.14
CA LEU S 4 -3.49 -95.73 24.31
C LEU S 4 -3.74 -96.59 25.53
N VAL S 5 -2.94 -96.39 26.58
CA VAL S 5 -3.01 -97.18 27.80
C VAL S 5 -3.40 -96.27 28.96
N GLN S 6 -4.46 -96.64 29.66
CA GLN S 6 -4.96 -95.90 30.81
C GLN S 6 -4.72 -96.69 32.09
N SER S 7 -4.97 -96.03 33.22
CA SER S 7 -4.77 -96.65 34.52
C SER S 7 -5.95 -97.56 34.87
N GLY S 8 -5.80 -98.30 35.97
CA GLY S 8 -6.81 -99.23 36.42
C GLY S 8 -7.81 -98.60 37.36
N ARG S 9 -8.68 -99.46 37.90
CA ARG S 9 -9.75 -99.01 38.78
C ARG S 9 -9.21 -98.70 40.18
N GLU S 10 -9.86 -97.75 40.84
CA GLU S 10 -9.51 -97.38 42.20
C GLU S 10 -10.76 -96.89 42.91
N VAL S 11 -10.76 -97.02 44.24
CA VAL S 11 -11.89 -96.61 45.07
C VAL S 11 -11.40 -95.53 46.03
N LYS S 12 -12.15 -94.44 46.12
CA LYS S 12 -11.77 -93.29 46.92
C LYS S 12 -12.87 -92.94 47.91
N ASN S 13 -12.51 -92.12 48.89
CA ASN S 13 -13.41 -91.55 49.87
C ASN S 13 -13.53 -90.05 49.66
N PRO S 14 -14.62 -89.44 50.13
CA PRO S 14 -14.78 -87.99 49.93
C PRO S 14 -13.64 -87.20 50.56
N GLY S 15 -13.22 -86.15 49.86
CA GLY S 15 -12.12 -85.31 50.29
C GLY S 15 -10.76 -85.73 49.80
N GLU S 16 -10.65 -86.84 49.08
CA GLU S 16 -9.38 -87.35 48.60
C GLU S 16 -9.10 -86.84 47.19
N THR S 17 -8.05 -87.37 46.56
CA THR S 17 -7.71 -87.04 45.19
C THR S 17 -7.41 -88.32 44.42
N VAL S 18 -7.62 -88.29 43.11
CA VAL S 18 -7.38 -89.43 42.24
C VAL S 18 -6.70 -88.94 40.97
N LYS S 19 -5.76 -89.75 40.46
CA LYS S 19 -4.99 -89.43 39.27
C LYS S 19 -5.22 -90.51 38.22
N ILE S 20 -5.57 -90.09 37.00
CA ILE S 20 -5.83 -90.99 35.90
C ILE S 20 -4.78 -90.74 34.82
N SER S 21 -4.10 -91.81 34.39
CA SER S 21 -3.03 -91.73 33.42
C SER S 21 -3.50 -92.15 32.03
N CYS S 22 -2.75 -91.74 31.02
CA CYS S 22 -3.06 -92.08 29.63
C CYS S 22 -1.74 -92.18 28.87
N LYS S 23 -1.28 -93.41 28.64
CA LYS S 23 0.00 -93.66 27.99
C LYS S 23 -0.17 -93.68 26.47
N ALA S 24 0.76 -93.07 25.76
CA ALA S 24 0.74 -92.99 24.31
C ALA S 24 1.90 -93.79 23.73
N SER S 25 1.64 -94.47 22.61
CA SER S 25 2.68 -95.27 21.97
C SER S 25 2.34 -95.42 20.49
N GLY S 26 3.39 -95.47 19.66
CA GLY S 26 3.25 -95.70 18.24
C GLY S 26 3.20 -94.46 17.37
N TYR S 27 3.23 -93.28 17.95
CA TYR S 27 3.17 -92.04 17.17
C TYR S 27 3.95 -90.95 17.89
N THR S 28 4.28 -89.89 17.15
CA THR S 28 4.99 -88.76 17.73
C THR S 28 4.06 -87.99 18.65
N PHE S 29 4.48 -87.82 19.91
CA PHE S 29 3.59 -87.32 20.95
C PHE S 29 3.21 -85.85 20.72
N THR S 30 4.15 -85.05 20.21
CA THR S 30 3.99 -83.60 20.16
C THR S 30 3.27 -83.11 18.91
N GLU S 31 2.86 -83.99 18.02
CA GLU S 31 2.30 -83.58 16.74
C GLU S 31 0.78 -83.41 16.74
N TYR S 32 0.08 -83.90 17.75
CA TYR S 32 -1.38 -83.84 17.76
C TYR S 32 -1.88 -83.62 19.18
N PRO S 33 -3.05 -83.02 19.35
CA PRO S 33 -3.55 -82.73 20.70
C PRO S 33 -4.11 -83.96 21.39
N MET S 34 -4.27 -83.82 22.72
CA MET S 34 -4.89 -84.83 23.57
C MET S 34 -6.23 -84.33 24.09
N LEU S 35 -7.27 -85.13 23.93
CA LEU S 35 -8.63 -84.78 24.31
C LEU S 35 -9.13 -85.74 25.39
N TRP S 36 -10.03 -85.24 26.23
CA TRP S 36 -10.60 -86.02 27.32
C TRP S 36 -12.12 -85.96 27.27
N VAL S 37 -12.76 -87.09 27.58
CA VAL S 37 -14.22 -87.18 27.60
C VAL S 37 -14.66 -87.94 28.85
N LYS S 38 -15.79 -87.54 29.42
CA LYS S 38 -16.33 -88.12 30.64
C LYS S 38 -17.70 -88.72 30.35
N GLN S 39 -17.95 -89.91 30.90
CA GLN S 39 -19.24 -90.58 30.77
C GLN S 39 -19.72 -90.97 32.16
N ALA S 40 -20.75 -90.28 32.64
CA ALA S 40 -21.32 -90.59 33.94
C ALA S 40 -22.09 -91.91 33.87
N PRO S 41 -22.21 -92.63 34.98
CA PRO S 41 -23.00 -93.86 34.99
C PRO S 41 -24.47 -93.57 34.66
N GLY S 42 -24.98 -94.28 33.65
CA GLY S 42 -26.34 -94.08 33.21
C GLY S 42 -26.56 -92.87 32.33
N LYS S 43 -25.50 -92.13 31.99
CA LYS S 43 -25.60 -90.93 31.18
C LYS S 43 -24.64 -91.02 30.00
N GLY S 44 -24.73 -90.03 29.11
CA GLY S 44 -23.90 -89.98 27.93
C GLY S 44 -22.56 -89.32 28.19
N PHE S 45 -21.84 -89.09 27.10
CA PHE S 45 -20.51 -88.49 27.19
C PHE S 45 -20.61 -86.97 27.35
N ARG S 46 -19.63 -86.41 28.04
CA ARG S 46 -19.55 -84.96 28.27
C ARG S 46 -18.14 -84.48 27.96
N TRP S 47 -18.05 -83.37 27.21
CA TRP S 47 -16.79 -82.79 26.80
C TRP S 47 -16.24 -81.84 27.87
N MET S 48 -14.95 -81.94 28.17
CA MET S 48 -14.34 -81.16 29.23
C MET S 48 -13.26 -80.18 28.76
N GLY S 49 -12.60 -80.46 27.65
CA GLY S 49 -11.54 -79.59 27.18
C GLY S 49 -10.37 -80.39 26.63
N LEU S 50 -9.33 -79.70 26.18
CA LEU S 50 -8.16 -80.37 25.63
C LEU S 50 -6.92 -79.57 25.97
N ILE S 51 -5.76 -80.16 25.69
CA ILE S 51 -4.47 -79.52 25.98
C ILE S 51 -3.56 -79.69 24.77
N TYR S 52 -2.79 -78.65 24.46
CA TYR S 52 -1.89 -78.63 23.32
C TYR S 52 -0.55 -79.23 23.73
N THR S 53 -0.15 -80.32 23.05
CA THR S 53 1.10 -80.98 23.39
C THR S 53 2.32 -80.16 23.05
N ASN S 54 2.22 -79.24 22.09
CA ASN S 54 3.37 -78.43 21.70
C ASN S 54 3.67 -77.32 22.70
N THR S 55 2.64 -76.77 23.35
CA THR S 55 2.82 -75.69 24.30
C THR S 55 2.42 -76.02 25.72
N GLY S 56 1.55 -77.00 25.93
CA GLY S 56 1.16 -77.38 27.28
C GLY S 56 0.11 -76.51 27.91
N GLU S 57 -0.49 -75.59 27.17
CA GLU S 57 -1.51 -74.70 27.73
C GLU S 57 -2.89 -75.35 27.59
N PRO S 58 -3.59 -75.62 28.68
CA PRO S 58 -4.88 -76.31 28.59
C PRO S 58 -6.06 -75.34 28.52
N THR S 59 -7.16 -75.84 27.94
CA THR S 59 -8.42 -75.13 27.87
C THR S 59 -9.50 -75.99 28.50
N TYR S 60 -10.32 -75.38 29.36
CA TYR S 60 -11.35 -76.09 30.09
C TYR S 60 -12.73 -75.67 29.62
N ALA S 61 -13.69 -76.60 29.73
CA ALA S 61 -15.07 -76.30 29.41
C ALA S 61 -15.74 -75.57 30.58
N GLU S 62 -16.91 -74.99 30.29
CA GLU S 62 -17.58 -74.14 31.27
C GLU S 62 -17.96 -74.92 32.52
N GLU S 63 -18.49 -76.14 32.34
CA GLU S 63 -18.96 -76.92 33.49
C GLU S 63 -17.83 -77.41 34.37
N PHE S 64 -16.59 -77.38 33.89
CA PHE S 64 -15.47 -77.99 34.61
C PHE S 64 -14.32 -77.00 34.82
N LYS S 65 -14.62 -75.71 34.85
CA LYS S 65 -13.61 -74.69 35.19
C LYS S 65 -13.46 -74.59 36.71
N GLY S 66 -13.01 -75.69 37.31
CA GLY S 66 -12.92 -75.78 38.74
C GLY S 66 -11.72 -76.57 39.24
N ARG S 67 -11.97 -77.53 40.13
CA ARG S 67 -10.90 -78.31 40.75
C ARG S 67 -10.08 -79.11 39.74
N PHE S 68 -10.62 -79.34 38.54
CA PHE S 68 -9.93 -80.17 37.58
C PHE S 68 -8.66 -79.47 37.07
N VAL S 69 -7.58 -80.24 36.98
CA VAL S 69 -6.27 -79.73 36.56
C VAL S 69 -5.70 -80.69 35.53
N PHE S 70 -5.14 -80.14 34.46
CA PHE S 70 -4.48 -80.91 33.42
C PHE S 70 -2.96 -80.80 33.56
N SER S 71 -2.27 -81.84 33.08
CA SER S 71 -0.81 -81.87 33.14
C SER S 71 -0.29 -82.73 32.00
N LEU S 72 0.99 -82.53 31.67
CA LEU S 72 1.63 -83.28 30.61
C LEU S 72 3.07 -83.62 31.01
N GLU S 73 3.56 -84.73 30.47
CA GLU S 73 4.95 -85.16 30.62
C GLU S 73 5.47 -85.53 29.25
N ILE S 74 6.20 -84.61 28.61
CA ILE S 74 6.68 -84.84 27.24
C ILE S 74 7.68 -85.99 27.21
N SER S 75 8.60 -86.03 28.18
CA SER S 75 9.65 -87.05 28.15
C SER S 75 9.08 -88.46 28.30
N ALA S 76 7.91 -88.60 28.92
CA ALA S 76 7.32 -89.90 29.15
C ALA S 76 6.21 -90.25 28.16
N SER S 77 5.88 -89.34 27.25
CA SER S 77 4.79 -89.54 26.29
C SER S 77 3.49 -89.92 27.00
N THR S 78 3.21 -89.24 28.11
CA THR S 78 2.07 -89.58 28.94
C THR S 78 1.34 -88.30 29.37
N ALA S 79 0.02 -88.34 29.32
CA ALA S 79 -0.83 -87.27 29.80
C ALA S 79 -1.57 -87.74 31.05
N TYR S 80 -1.89 -86.79 31.92
CA TYR S 80 -2.53 -87.09 33.19
C TYR S 80 -3.80 -86.27 33.36
N LEU S 81 -4.76 -86.85 34.07
CA LEU S 81 -6.00 -86.20 34.44
C LEU S 81 -6.12 -86.22 35.95
N GLN S 82 -6.30 -85.05 36.56
CA GLN S 82 -6.36 -84.92 38.01
C GLN S 82 -7.70 -84.35 38.43
N ILE S 83 -8.34 -85.01 39.39
CA ILE S 83 -9.58 -84.54 40.00
C ILE S 83 -9.35 -84.43 41.49
N ASN S 84 -9.62 -83.25 42.04
CA ASN S 84 -9.35 -82.95 43.43
C ASN S 84 -10.65 -82.69 44.19
N ASN S 85 -10.59 -82.89 45.51
CA ASN S 85 -11.73 -82.71 46.40
C ASN S 85 -12.92 -83.56 45.94
N LEU S 86 -12.69 -84.86 45.91
CA LEU S 86 -13.67 -85.79 45.38
C LEU S 86 -14.95 -85.81 46.22
N THR S 87 -16.08 -85.97 45.55
CA THR S 87 -17.37 -86.16 46.20
C THR S 87 -18.03 -87.41 45.64
N ASN S 88 -19.12 -87.82 46.28
CA ASN S 88 -19.83 -89.02 45.85
C ASN S 88 -20.42 -88.89 44.45
N GLU S 89 -20.61 -87.66 43.96
CA GLU S 89 -21.12 -87.44 42.62
C GLU S 89 -20.06 -87.58 41.54
N ASP S 90 -18.79 -87.74 41.91
CA ASP S 90 -17.69 -87.76 40.96
C ASP S 90 -17.44 -89.13 40.35
N THR S 91 -18.18 -90.16 40.76
CA THR S 91 -17.97 -91.49 40.20
C THR S 91 -18.43 -91.52 38.74
N ALA S 92 -17.57 -92.05 37.88
CA ALA S 92 -17.81 -92.07 36.44
C ALA S 92 -16.73 -92.92 35.78
N THR S 93 -16.82 -93.03 34.45
CA THR S 93 -15.80 -93.65 33.63
C THR S 93 -15.21 -92.62 32.68
N TYR S 94 -13.89 -92.61 32.55
CA TYR S 94 -13.19 -91.58 31.82
C TYR S 94 -12.35 -92.21 30.71
N PHE S 95 -12.21 -91.46 29.60
CA PHE S 95 -11.46 -91.91 28.44
C PHE S 95 -10.60 -90.76 27.92
N CYS S 96 -9.48 -91.12 27.30
CA CYS S 96 -8.61 -90.17 26.62
C CYS S 96 -8.57 -90.50 25.14
N VAL S 97 -8.65 -89.46 24.30
CA VAL S 97 -8.82 -89.63 22.86
C VAL S 97 -7.92 -88.64 22.13
N ARG S 98 -7.41 -89.07 20.98
CA ARG S 98 -6.57 -88.25 20.12
C ARG S 98 -7.41 -87.64 19.00
N ASP S 99 -6.92 -86.52 18.47
CA ASP S 99 -7.62 -85.80 17.41
C ASP S 99 -6.70 -85.72 16.19
N TYR S 100 -7.16 -86.28 15.08
CA TYR S 100 -6.48 -86.14 13.79
C TYR S 100 -7.40 -85.31 12.91
N PHE S 101 -6.99 -84.06 12.63
CA PHE S 101 -7.85 -83.10 11.95
C PHE S 101 -9.17 -83.00 12.69
N ILE S 102 -10.29 -82.93 11.95
CA ILE S 102 -11.60 -82.94 12.60
C ILE S 102 -11.88 -84.31 13.22
N SER S 103 -11.50 -85.38 12.53
CA SER S 103 -11.92 -86.72 12.91
C SER S 103 -11.18 -87.21 14.15
N LEU S 104 -11.83 -88.14 14.87
CA LEU S 104 -11.22 -88.85 15.98
C LEU S 104 -11.07 -90.32 15.60
N ASP S 105 -9.86 -90.86 15.76
CA ASP S 105 -9.54 -92.17 15.20
C ASP S 105 -9.28 -93.26 16.23
N TYR S 106 -8.99 -92.91 17.48
CA TYR S 106 -8.68 -93.93 18.48
C TYR S 106 -9.28 -93.54 19.82
N TRP S 107 -9.57 -94.57 20.64
CA TRP S 107 -10.10 -94.40 21.97
C TRP S 107 -9.30 -95.24 22.96
N GLY S 108 -9.27 -94.79 24.22
CA GLY S 108 -8.64 -95.56 25.27
C GLY S 108 -9.55 -96.66 25.79
N GLN S 109 -8.96 -97.52 26.64
CA GLN S 109 -9.73 -98.61 27.20
C GLN S 109 -10.59 -98.19 28.38
N GLY S 110 -10.32 -97.02 28.96
CA GLY S 110 -11.17 -96.47 30.00
C GLY S 110 -10.63 -96.72 31.38
N THR S 111 -11.05 -95.87 32.32
CA THR S 111 -10.73 -96.00 33.73
C THR S 111 -11.98 -95.75 34.55
N THR S 112 -12.22 -96.59 35.55
CA THR S 112 -13.40 -96.50 36.39
C THR S 112 -13.04 -95.93 37.75
N LEU S 113 -13.79 -94.90 38.17
CA LEU S 113 -13.59 -94.26 39.46
C LEU S 113 -14.86 -94.45 40.30
N THR S 114 -14.68 -95.01 41.49
CA THR S 114 -15.79 -95.22 42.43
C THR S 114 -15.51 -94.46 43.71
N VAL S 115 -16.47 -93.62 44.11
CA VAL S 115 -16.37 -92.82 45.33
C VAL S 115 -17.57 -93.14 46.20
N SER S 116 -17.32 -93.46 47.46
CA SER S 116 -18.39 -93.77 48.40
C SER S 116 -17.95 -93.35 49.81
N SER S 117 -18.94 -93.16 50.68
CA SER S 117 -18.68 -92.78 52.05
C SER S 117 -18.46 -94.00 52.93
N GLN T 1 -29.59 -75.79 26.26
CA GLN T 1 -28.69 -76.93 26.08
C GLN T 1 -29.05 -77.73 24.84
N ALA T 2 -28.11 -77.82 23.90
CA ALA T 2 -28.35 -78.54 22.66
C ALA T 2 -28.13 -80.04 22.86
N VAL T 3 -29.03 -80.84 22.28
CA VAL T 3 -28.91 -82.29 22.28
C VAL T 3 -29.18 -82.81 20.88
N VAL T 4 -28.66 -84.00 20.61
CA VAL T 4 -28.82 -84.66 19.32
C VAL T 4 -29.79 -85.82 19.49
N THR T 5 -30.82 -85.85 18.64
CA THR T 5 -31.87 -86.87 18.70
C THR T 5 -31.56 -87.98 17.71
N GLN T 6 -31.61 -89.22 18.20
CA GLN T 6 -31.39 -90.40 17.36
C GLN T 6 -32.49 -91.42 17.65
N GLU T 7 -32.76 -92.27 16.66
CA GLU T 7 -33.77 -93.30 16.81
C GLU T 7 -33.28 -94.39 17.75
N SER T 8 -34.24 -95.09 18.37
CA SER T 8 -33.90 -96.11 19.35
C SER T 8 -33.16 -97.28 18.71
N ALA T 9 -33.72 -97.83 17.63
CA ALA T 9 -33.11 -98.96 16.96
C ALA T 9 -33.68 -99.09 15.56
N LEU T 10 -32.95 -99.83 14.72
CA LEU T 10 -33.36 -100.07 13.33
C LEU T 10 -33.13 -101.54 13.02
N THR T 11 -34.06 -102.13 12.27
CA THR T 11 -34.01 -103.53 11.89
C THR T 11 -33.87 -103.65 10.38
N THR T 12 -32.92 -104.47 9.93
CA THR T 12 -32.66 -104.66 8.51
C THR T 12 -32.45 -106.14 8.24
N SER T 13 -32.06 -106.44 7.01
CA SER T 13 -31.79 -107.79 6.54
C SER T 13 -30.46 -107.82 5.82
N PRO T 14 -29.78 -108.97 5.78
CA PRO T 14 -28.45 -109.02 5.17
C PRO T 14 -28.47 -108.64 3.70
N GLY T 15 -27.43 -107.93 3.27
CA GLY T 15 -27.30 -107.50 1.89
C GLY T 15 -27.94 -106.17 1.57
N GLU T 16 -28.67 -105.57 2.50
CA GLU T 16 -29.37 -104.32 2.25
C GLU T 16 -28.51 -103.13 2.68
N THR T 17 -29.04 -101.93 2.48
CA THR T 17 -28.36 -100.68 2.82
C THR T 17 -29.06 -100.03 3.99
N VAL T 18 -28.29 -99.62 5.00
CA VAL T 18 -28.82 -99.04 6.22
C VAL T 18 -28.39 -97.58 6.29
N THR T 19 -29.35 -96.68 6.50
CA THR T 19 -29.09 -95.26 6.63
C THR T 19 -29.62 -94.76 7.97
N LEU T 20 -28.76 -94.11 8.74
CA LEU T 20 -29.11 -93.57 10.05
C LEU T 20 -29.06 -92.05 10.01
N THR T 21 -29.94 -91.41 10.77
CA THR T 21 -30.07 -89.97 10.78
C THR T 21 -29.96 -89.43 12.20
N CYS T 22 -29.47 -88.19 12.31
CA CYS T 22 -29.42 -87.48 13.59
C CYS T 22 -29.62 -86.00 13.31
N ARG T 23 -30.19 -85.30 14.29
CA ARG T 23 -30.49 -83.88 14.13
C ARG T 23 -30.56 -83.23 15.49
N SER T 24 -29.96 -82.04 15.60
CA SER T 24 -29.95 -81.31 16.85
C SER T 24 -31.29 -80.65 17.10
N ASN T 25 -31.49 -80.20 18.35
CA ASN T 25 -32.74 -79.59 18.77
C ASN T 25 -32.71 -78.07 18.72
N ILE T 26 -31.64 -77.47 18.20
CA ILE T 26 -31.50 -76.02 18.18
C ILE T 26 -31.50 -75.45 16.78
N GLY T 27 -31.47 -76.27 15.74
CA GLY T 27 -31.48 -75.77 14.39
C GLY T 27 -31.04 -76.85 13.41
N ALA T 28 -30.87 -76.42 12.16
CA ALA T 28 -30.47 -77.33 11.10
C ALA T 28 -28.97 -77.57 11.13
N VAL T 29 -28.58 -78.71 10.54
CA VAL T 29 -27.18 -79.10 10.45
C VAL T 29 -26.64 -78.67 9.11
N THR T 30 -25.53 -77.94 9.12
CA THR T 30 -24.87 -77.45 7.91
C THR T 30 -23.44 -77.95 7.86
N SER T 31 -22.75 -77.58 6.78
CA SER T 31 -21.40 -78.10 6.53
C SER T 31 -20.39 -77.64 7.59
N SER T 32 -20.72 -76.61 8.36
CA SER T 32 -19.78 -76.08 9.34
C SER T 32 -19.85 -76.79 10.69
N ASN T 33 -20.80 -77.69 10.89
CA ASN T 33 -20.97 -78.35 12.17
C ASN T 33 -19.98 -79.49 12.39
N CYS T 34 -19.38 -80.01 11.33
CA CYS T 34 -18.38 -81.08 11.41
C CYS T 34 -18.94 -82.30 12.16
N ALA T 35 -19.97 -82.90 11.59
CA ALA T 35 -20.60 -84.06 12.19
C ALA T 35 -19.64 -85.24 12.23
N ASN T 36 -19.69 -86.00 13.33
CA ASN T 36 -18.86 -87.18 13.51
C ASN T 36 -19.74 -88.38 13.84
N TRP T 37 -19.35 -89.55 13.33
CA TRP T 37 -20.03 -90.81 13.60
C TRP T 37 -19.02 -91.81 14.17
N VAL T 38 -19.40 -92.44 15.28
CA VAL T 38 -18.55 -93.44 15.94
C VAL T 38 -19.38 -94.68 16.22
N GLN T 39 -18.68 -95.79 16.45
CA GLN T 39 -19.32 -97.08 16.71
C GLN T 39 -18.77 -97.67 17.99
N GLU T 40 -19.67 -98.25 18.80
CA GLU T 40 -19.31 -98.87 20.06
C GLU T 40 -19.24 -100.37 19.89
N LYS T 41 -18.09 -100.95 20.22
CA LYS T 41 -17.93 -102.39 20.19
C LYS T 41 -18.78 -103.04 21.28
N PRO T 42 -19.32 -104.24 21.03
CA PRO T 42 -20.08 -104.93 22.08
C PRO T 42 -19.28 -105.18 23.35
N ASP T 43 -17.95 -105.25 23.26
CA ASP T 43 -17.09 -105.40 24.43
C ASP T 43 -16.88 -104.11 25.20
N HIS T 44 -17.74 -103.11 24.99
CA HIS T 44 -17.63 -101.79 25.61
C HIS T 44 -16.34 -101.09 25.19
N PHE T 45 -16.06 -101.13 23.89
CA PHE T 45 -14.96 -100.41 23.28
C PHE T 45 -15.49 -99.51 22.18
N PHE T 46 -14.76 -98.42 21.90
CA PHE T 46 -15.24 -97.38 21.01
C PHE T 46 -14.24 -97.15 19.88
N THR T 47 -14.77 -97.02 18.67
CA THR T 47 -13.98 -96.67 17.49
C THR T 47 -14.79 -95.75 16.60
N GLY T 48 -14.12 -94.82 15.95
CA GLY T 48 -14.79 -93.87 15.08
C GLY T 48 -14.96 -94.40 13.67
N LEU T 49 -16.04 -93.96 13.01
CA LEU T 49 -16.33 -94.38 11.65
C LEU T 49 -16.24 -93.24 10.65
N ILE T 50 -17.00 -92.16 10.85
CA ILE T 50 -17.07 -91.05 9.91
C ILE T 50 -16.68 -89.77 10.63
N GLY T 51 -15.73 -89.05 10.05
CA GLY T 51 -15.29 -87.78 10.61
C GLY T 51 -15.37 -86.69 9.57
N ASP T 52 -15.78 -85.49 10.02
CA ASP T 52 -15.92 -84.32 9.16
C ASP T 52 -16.84 -84.62 7.98
N THR T 53 -18.06 -85.05 8.31
CA THR T 53 -19.17 -85.18 7.38
C THR T 53 -18.97 -86.29 6.36
N ASN T 54 -17.96 -86.14 5.49
CA ASN T 54 -17.84 -87.01 4.32
C ASN T 54 -16.43 -87.60 4.18
N ASN T 55 -15.74 -87.81 5.30
CA ASN T 55 -14.40 -88.41 5.28
C ASN T 55 -14.44 -89.70 6.10
N ARG T 56 -14.07 -90.80 5.48
CA ARG T 56 -14.10 -92.11 6.11
C ARG T 56 -12.76 -92.42 6.77
N ARG T 57 -12.82 -93.05 7.94
CA ARG T 57 -11.61 -93.43 8.66
C ARG T 57 -10.83 -94.48 7.88
N SER T 58 -9.51 -94.37 7.92
CA SER T 58 -8.65 -95.36 7.29
C SER T 58 -8.82 -96.72 7.95
N GLY T 59 -8.88 -97.77 7.13
CA GLY T 59 -9.17 -99.10 7.60
C GLY T 59 -10.64 -99.47 7.60
N VAL T 60 -11.52 -98.49 7.50
CA VAL T 60 -12.96 -98.76 7.40
C VAL T 60 -13.28 -99.09 5.94
N PRO T 61 -13.95 -100.22 5.67
CA PRO T 61 -14.13 -100.66 4.28
C PRO T 61 -15.01 -99.71 3.48
N ALA T 62 -15.15 -99.99 2.18
CA ALA T 62 -15.80 -99.06 1.26
C ALA T 62 -17.30 -99.00 1.44
N ARG T 63 -17.89 -99.86 2.29
CA ARG T 63 -19.33 -99.88 2.47
C ARG T 63 -19.82 -98.80 3.42
N PHE T 64 -18.94 -98.00 4.00
CA PHE T 64 -19.30 -96.93 4.90
C PHE T 64 -19.12 -95.58 4.20
N SER T 65 -20.13 -94.74 4.28
CA SER T 65 -20.07 -93.39 3.74
C SER T 65 -21.12 -92.53 4.42
N GLY T 66 -20.94 -91.22 4.34
CA GLY T 66 -21.86 -90.29 4.97
C GLY T 66 -22.00 -89.01 4.18
N SER T 67 -23.10 -88.32 4.42
CA SER T 67 -23.42 -87.05 3.76
C SER T 67 -24.54 -86.40 4.55
N LEU T 68 -24.94 -85.20 4.09
CA LEU T 68 -26.02 -84.44 4.71
C LEU T 68 -27.25 -84.48 3.81
N ILE T 69 -28.39 -84.79 4.41
CA ILE T 69 -29.67 -84.84 3.69
C ILE T 69 -30.58 -83.79 4.31
N GLY T 70 -30.84 -82.72 3.57
CA GLY T 70 -31.70 -81.66 4.07
C GLY T 70 -31.12 -81.04 5.33
N ASP T 71 -31.92 -81.03 6.40
CA ASP T 71 -31.51 -80.47 7.68
C ASP T 71 -30.98 -81.53 8.64
N LYS T 72 -30.84 -82.77 8.19
CA LYS T 72 -30.40 -83.86 9.05
C LYS T 72 -29.13 -84.48 8.49
N ALA T 73 -28.25 -84.92 9.37
CA ALA T 73 -27.05 -85.64 8.97
C ALA T 73 -27.36 -87.11 8.79
N ALA T 74 -26.72 -87.74 7.82
CA ALA T 74 -27.01 -89.11 7.45
C ALA T 74 -25.74 -89.94 7.31
N LEU T 75 -25.79 -91.17 7.81
CA LEU T 75 -24.72 -92.14 7.64
C LEU T 75 -25.30 -93.39 6.99
N THR T 76 -24.79 -93.76 5.84
CA THR T 76 -25.30 -94.88 5.06
C THR T 76 -24.27 -96.01 5.03
N ILE T 77 -24.75 -97.23 5.24
CA ILE T 77 -23.91 -98.42 5.22
C ILE T 77 -24.53 -99.42 4.25
N THR T 78 -23.73 -99.90 3.31
CA THR T 78 -24.17 -100.89 2.34
C THR T 78 -23.63 -102.27 2.71
N GLY T 79 -24.26 -103.30 2.14
CA GLY T 79 -23.84 -104.67 2.38
C GLY T 79 -23.94 -105.07 3.84
N ALA T 80 -25.06 -104.74 4.47
CA ALA T 80 -25.21 -105.01 5.90
C ALA T 80 -25.13 -106.50 6.20
N GLN T 81 -24.45 -106.82 7.29
CA GLN T 81 -24.28 -108.20 7.75
C GLN T 81 -24.55 -108.26 9.25
N THR T 82 -24.61 -109.48 9.77
CA THR T 82 -24.87 -109.66 11.20
C THR T 82 -23.75 -109.09 12.07
N GLU T 83 -22.54 -108.93 11.51
CA GLU T 83 -21.45 -108.33 12.25
C GLU T 83 -21.64 -106.85 12.52
N ASP T 84 -22.62 -106.22 11.87
CA ASP T 84 -22.85 -104.79 12.01
C ASP T 84 -23.81 -104.44 13.14
N GLU T 85 -24.28 -105.43 13.90
CA GLU T 85 -25.23 -105.19 14.99
C GLU T 85 -24.47 -104.57 16.16
N ALA T 86 -24.17 -103.28 16.02
CA ALA T 86 -23.44 -102.54 17.04
C ALA T 86 -24.17 -101.24 17.37
N ILE T 87 -23.54 -100.38 18.16
CA ILE T 87 -24.14 -99.13 18.61
C ILE T 87 -23.45 -97.99 17.89
N TYR T 88 -24.23 -97.13 17.26
CA TYR T 88 -23.73 -96.01 16.48
C TYR T 88 -24.11 -94.70 17.15
N PHE T 89 -23.20 -93.73 17.10
CA PHE T 89 -23.40 -92.44 17.75
C PHE T 89 -23.12 -91.32 16.77
N CYS T 90 -23.75 -90.17 17.01
CA CYS T 90 -23.61 -88.99 16.17
C CYS T 90 -23.26 -87.80 17.05
N ALA T 91 -22.30 -86.99 16.58
CA ALA T 91 -21.75 -85.89 17.37
C ALA T 91 -21.69 -84.63 16.53
N LEU T 92 -22.04 -83.50 17.14
CA LEU T 92 -22.06 -82.21 16.46
C LEU T 92 -21.24 -81.20 17.27
N TRP T 93 -20.65 -80.25 16.55
CA TRP T 93 -19.85 -79.19 17.15
C TRP T 93 -20.59 -77.86 17.01
N TYR T 94 -20.88 -77.22 18.14
CA TYR T 94 -21.47 -75.89 18.16
C TYR T 94 -20.71 -75.01 19.15
N ASN T 95 -20.12 -73.94 18.63
CA ASN T 95 -19.49 -72.89 19.46
C ASN T 95 -18.45 -73.53 20.36
N ASN T 96 -18.48 -73.28 21.67
CA ASN T 96 -17.36 -73.63 22.54
C ASN T 96 -17.20 -75.15 22.69
N LEU T 97 -18.31 -75.89 22.74
CA LEU T 97 -18.27 -77.29 23.14
C LEU T 97 -18.95 -78.18 22.10
N TRP T 98 -18.64 -79.47 22.17
CA TRP T 98 -19.28 -80.48 21.35
C TRP T 98 -20.69 -80.77 21.86
N VAL T 99 -21.43 -81.55 21.08
CA VAL T 99 -22.74 -82.07 21.48
C VAL T 99 -22.79 -83.55 21.10
N PHE T 100 -23.20 -84.40 22.05
CA PHE T 100 -23.24 -85.83 21.85
C PHE T 100 -24.67 -86.32 21.65
N GLY T 101 -24.80 -87.44 20.93
CA GLY T 101 -26.09 -88.03 20.65
C GLY T 101 -26.47 -89.11 21.64
N GLY T 102 -27.63 -89.73 21.37
CA GLY T 102 -28.16 -90.76 22.24
C GLY T 102 -27.82 -92.19 21.84
N GLY T 103 -27.36 -92.40 20.61
CA GLY T 103 -27.00 -93.71 20.16
C GLY T 103 -28.17 -94.47 19.53
N THR T 104 -27.82 -95.50 18.77
CA THR T 104 -28.81 -96.34 18.10
C THR T 104 -28.26 -97.75 17.95
N LYS T 105 -29.17 -98.72 17.90
CA LYS T 105 -28.81 -100.14 17.80
C LYS T 105 -29.30 -100.71 16.48
N LEU T 106 -28.44 -101.47 15.81
CA LEU T 106 -28.75 -102.04 14.51
C LEU T 106 -29.05 -103.52 14.66
N THR T 107 -30.15 -103.97 14.05
CA THR T 107 -30.56 -105.36 14.06
C THR T 107 -30.61 -105.90 12.64
N VAL T 108 -29.95 -107.03 12.42
CA VAL T 108 -29.89 -107.67 11.10
C VAL T 108 -30.56 -109.03 11.22
N LEU T 109 -31.58 -109.26 10.40
CA LEU T 109 -32.31 -110.52 10.41
C LEU T 109 -32.36 -111.16 9.03
C1 NAG U . -57.57 12.10 53.86
C2 NAG U . -56.07 11.95 53.54
C3 NAG U . -55.38 11.15 54.65
C4 NAG U . -55.70 11.73 56.02
C5 NAG U . -57.20 11.86 56.20
C6 NAG U . -57.60 12.51 57.50
C7 NAG U . -54.70 11.29 51.62
C8 NAG U . -54.69 10.59 50.29
N2 NAG U . -55.88 11.31 52.25
O3 NAG U . -53.97 11.16 54.44
O4 NAG U . -55.17 10.89 57.04
O5 NAG U . -57.73 12.68 55.15
O6 NAG U . -59.00 12.44 57.71
O7 NAG U . -53.69 11.82 52.08
C1 NAG V . 28.92 -43.60 33.46
C2 NAG V . 28.52 -42.21 33.00
C3 NAG V . 29.31 -41.84 31.75
C4 NAG V . 30.80 -42.00 31.99
C5 NAG V . 31.10 -43.40 32.51
C6 NAG V . 32.55 -43.60 32.89
C7 NAG V . 26.40 -41.00 32.67
C8 NAG V . 24.93 -41.13 32.39
N2 NAG V . 27.08 -42.15 32.73
O3 NAG V . 29.03 -40.48 31.39
O4 NAG V . 31.52 -41.79 30.78
O5 NAG V . 30.33 -43.65 33.70
O6 NAG V . 32.80 -44.93 33.30
O7 NAG V . 26.94 -39.91 32.84
C1 NAG W . -9.09 23.40 -38.35
C2 NAG W . -9.09 23.79 -36.87
C3 NAG W . -10.29 24.69 -36.57
C4 NAG W . -10.35 25.87 -37.53
C5 NAG W . -10.29 25.37 -38.97
C6 NAG W . -10.23 26.50 -39.97
C7 NAG W . -8.86 22.64 -34.71
C8 NAG W . -8.93 21.33 -34.00
N2 NAG W . -9.10 22.61 -36.02
O3 NAG W . -10.21 25.17 -35.22
O4 NAG W . -11.55 26.60 -37.33
O5 NAG W . -9.11 24.58 -39.16
O6 NAG W . -10.23 26.00 -41.31
O7 NAG W . -8.62 23.69 -34.11
C1 NAG X . 44.81 -28.73 -12.75
C2 NAG X . 45.57 -27.57 -13.40
C3 NAG X . 47.06 -27.91 -13.53
C4 NAG X . 47.63 -28.39 -12.20
C5 NAG X . 46.76 -29.51 -11.64
C6 NAG X . 47.21 -29.98 -10.27
C7 NAG X . 45.19 -26.08 -15.32
C8 NAG X . 44.53 -25.94 -16.66
N2 NAG X . 45.01 -27.25 -14.71
O3 NAG X . 47.78 -26.76 -13.98
O4 NAG X . 48.96 -28.86 -12.38
O5 NAG X . 45.42 -29.05 -11.50
O6 NAG X . 46.53 -31.16 -9.88
O7 NAG X . 45.85 -25.18 -14.82
C1 NAG Y . -52.65 5.80 12.55
C2 NAG Y . -51.57 6.82 12.91
C3 NAG Y . -52.01 8.22 12.48
C4 NAG Y . -52.47 8.23 11.02
C5 NAG Y . -53.48 7.12 10.76
C6 NAG Y . -53.87 7.00 9.31
C7 NAG Y . -50.07 6.50 14.82
C8 NAG Y . -49.95 6.51 16.31
N2 NAG Y . -51.28 6.78 14.33
O3 NAG Y . -50.93 9.13 12.66
O4 NAG Y . -53.06 9.49 10.71
O5 NAG Y . -52.92 5.86 11.16
O6 NAG Y . -54.03 5.64 8.93
O7 NAG Y . -49.12 6.23 14.09
C1 NAG Z . -16.21 8.51 58.96
C2 NAG Z . -15.93 8.72 57.47
C3 NAG Z . -16.23 7.44 56.69
C4 NAG Z . -15.52 6.25 57.31
C5 NAG Z . -15.83 6.16 58.80
C6 NAG Z . -15.07 5.06 59.50
C7 NAG Z . -18.01 9.94 56.93
C8 NAG Z . -18.57 11.20 56.33
N2 NAG Z . -16.68 9.85 56.93
O3 NAG Z . -15.83 7.60 55.33
O4 NAG Z . -15.94 5.04 56.67
O5 NAG Z . -15.47 7.39 59.45
O6 NAG Z . -15.48 3.78 59.06
O7 NAG Z . -18.74 9.06 57.38
C1 NAG AA . -13.64 -38.41 36.37
C2 NAG AA . -13.00 -37.25 37.12
C3 NAG AA . -13.23 -37.43 38.62
C4 NAG AA . -14.70 -37.62 38.93
C5 NAG AA . -15.32 -38.71 38.06
C6 NAG AA . -16.81 -38.82 38.19
C7 NAG AA . -11.10 -36.35 35.85
C8 NAG AA . -9.61 -36.35 35.68
N2 NAG AA . -11.58 -37.13 36.82
O3 NAG AA . -12.70 -36.31 39.33
O4 NAG AA . -14.87 -37.97 40.30
O5 NAG AA . -15.04 -38.46 36.66
O6 NAG AA . -17.36 -39.57 37.13
O7 NAG AA . -11.83 -35.66 35.14
C1 NAG BA . 31.29 -5.67 15.34
C2 NAG BA . 29.88 -5.32 15.85
C3 NAG BA . 28.82 -5.98 14.97
C4 NAG BA . 29.05 -5.60 13.51
C5 NAG BA . 30.48 -5.94 13.09
C6 NAG BA . 30.81 -5.50 11.69
C7 NAG BA . 29.83 -6.97 17.70
C8 NAG BA . 29.63 -7.15 19.18
N2 NAG BA . 29.72 -5.71 17.24
O3 NAG BA . 27.53 -5.54 15.39
O4 NAG BA . 28.14 -6.33 12.68
O5 NAG BA . 31.41 -5.28 13.96
O6 NAG BA . 30.39 -6.47 10.73
O7 NAG BA . 30.09 -7.92 16.96
C1 NAG CA . -3.04 -14.54 -21.66
C2 NAG CA . -2.12 -13.60 -20.88
C3 NAG CA . -0.69 -13.80 -21.35
C4 NAG CA . -0.29 -15.27 -21.26
C5 NAG CA . -1.33 -16.15 -21.95
C6 NAG CA . -1.07 -17.63 -21.73
C7 NAG CA . -3.29 -11.57 -20.15
C8 NAG CA . -3.61 -10.14 -20.48
N2 NAG CA . -2.53 -12.21 -21.05
O3 NAG CA . 0.18 -13.00 -20.56
O4 NAG CA . 0.98 -15.46 -21.88
O5 NAG CA . -2.64 -15.89 -21.44
O6 NAG CA . -2.18 -18.42 -22.15
O7 NAG CA . -3.68 -12.11 -19.12
C1 NAG DA . -15.78 38.99 0.43
C2 NAG DA . -15.20 37.93 1.36
C3 NAG DA . -16.12 36.71 1.40
C4 NAG DA . -17.55 37.13 1.76
C5 NAG DA . -18.02 38.24 0.82
C6 NAG DA . -19.38 38.79 1.19
C7 NAG DA . -13.53 37.04 -0.23
C8 NAG DA . -12.08 36.72 -0.44
N2 NAG DA . -13.86 37.54 0.96
O3 NAG DA . -15.64 35.78 2.37
O4 NAG DA . -18.42 36.02 1.65
O5 NAG DA . -17.09 39.34 0.86
O6 NAG DA . -20.40 37.84 0.95
O7 NAG DA . -14.37 36.83 -1.11
C1 NAG EA . 23.83 -14.37 -46.83
C2 NAG EA . 24.36 -13.19 -46.03
C3 NAG EA . 23.25 -12.61 -45.16
C4 NAG EA . 22.02 -12.29 -46.01
C5 NAG EA . 21.63 -13.48 -46.89
C6 NAG EA . 20.53 -13.14 -47.88
C7 NAG EA . 26.57 -12.80 -45.05
C8 NAG EA . 27.66 -13.34 -44.18
N2 NAG EA . 25.50 -13.57 -45.21
O3 NAG EA . 23.71 -11.44 -44.51
O4 NAG EA . 20.93 -11.94 -45.17
O5 NAG EA . 22.75 -13.94 -47.66
O6 NAG EA . 20.38 -14.19 -48.85
O7 NAG EA . 26.68 -11.71 -45.61
C1 NAG FA . 77.53 -3.88 -22.84
C2 NAG FA . 76.78 -2.96 -23.81
C3 NAG FA . 76.50 -3.68 -25.12
C4 NAG FA . 77.79 -4.25 -25.70
C5 NAG FA . 78.51 -5.11 -24.65
C6 NAG FA . 79.85 -5.61 -25.11
C7 NAG FA . 74.55 -3.23 -22.79
C8 NAG FA . 73.37 -2.50 -22.20
N2 NAG FA . 75.55 -2.45 -23.22
O3 NAG FA . 75.91 -2.77 -26.04
O4 NAG FA . 77.51 -5.04 -26.84
O5 NAG FA . 78.73 -4.34 -23.46
O6 NAG FA . 79.75 -6.30 -26.35
O7 NAG FA . 74.57 -4.46 -22.86
#